data_7YFR
#
_entry.id   7YFR
#
_cell.length_a   1.00
_cell.length_b   1.00
_cell.length_c   1.00
_cell.angle_alpha   90.00
_cell.angle_beta   90.00
_cell.angle_gamma   90.00
#
_symmetry.space_group_name_H-M   'P 1'
#
loop_
_entity.id
_entity.type
_entity.pdbx_description
1 polymer 'Glutamate receptor ionotropic, NMDA 1'
2 polymer 'Glutamate receptor ionotropic, NMDA 2D'
3 branched 2-acetamido-2-deoxy-beta-D-glucopyranose-(1-4)-2-acetamido-2-deoxy-beta-D-glucopyranose
4 non-polymer GLYCINE
5 non-polymer 2-acetamido-2-deoxy-beta-D-glucopyranose
6 non-polymer 'GLUTAMIC ACID'
#
loop_
_entity_poly.entity_id
_entity_poly.type
_entity_poly.pdbx_seq_one_letter_code
_entity_poly.pdbx_strand_id
1 'polypeptide(L)'
;MSTMRLLTLALLFSCSVARAACDPKIVNIGAVLSTRKHEQMFREAVNQANKRHGSWKIQLNATSVTHKPNAIQMALSVCE
DLISSQVYAILVSHPPTPNDHFTPTPVSYTAGFYRIPVLGLTTRMSIYSDKSIHLSFLRTVPPYSHQSSVWFEMMRVYSW
NHIILLVSDDHEGRAAQKRLETLLEERESKAEKVLQFDPGTKNVTALLMEAKELEARVIILSASEDDAATVYRAAAMLNM
TGSGYVWLVGEREISGNALRYAPDGILGLQLINGKNESAHISDAVGVVAQAVHELLEKENITDPPRGCVGNTNIWKTGPL
FKRVLMSSKYADGVTGRVEFNEDGDRKFANYSIMNLQNRKLVQVGIYNGTHVIPNDRKIIWPGGETEKPRGYQMSTRLKI
VTIHQEPFVYVKPTLSDGTCKEEFTVNGDPVKKVICTGPNDTSPGSPRHTVPQCCYGFCIDLLIKLARTMNFTYEVHLVA
DGKFGTQERVNNSNKKEWNGMMGELLSGQADMIVAPLTINNERAQYIEFSKPFKYQGLTILVKKEIPRSTLDSFMQPFQS
TLWLLVGLSVHVVAVMLYLLDRFSPFGRFKVNSEEEEEDALTLSSAMWFSWGVLLNSGIGEGAPRSFSARILGMVWAGFA
MIIVASYTANLAAFLVLDRPEERITGINDPRLRNPSDKFIYATVKQSSVDIYFRRQVCLSTMYRHMEKHNYESAAEAIQA
VRDNKLHAFIWDSAVLEFEASQKCDLVTTGELFFRSGFGIGMRKDSPWKQNVSLSILKSHENGFMEDLDKTWVRYQECDS
RSNAPATLTFENMAGVFMLVAGGIVAGIFLIFIEIAYKRHKDARRKQ
;
A,C
2 'polypeptide(L)'
;MRGAGGPRGPRGPAKMLLLLALACASPFPEEAPGPGGAGGPGGGLGGARPLNVALVFSGPAYAAEAARLGPAVAAAVRSP
GLDVRPVALVLNGSDPRSLVLQLCDLLSGLRVHGVVFEDDSRAPAVAPILDFLSAQTSLPIVAVHGGAALVLTPKEKGST
FLQLGSSTEQQLQVIFEVLEEYDWTSFVAVTTRAPGHRAFLSYIEVLTDGSLVGWEHRGALTLDPGAGEAVLSAQLRSVS
AQIRLLFCAREEAEPVFRAAEEAGLTGSGYVWFMVGPQLAGGGGSGAPGEPPLLPGGAPLPAGLFAVRSAGWRDDLARRV
AAGVAVVARGAQALLRDYGFLPELGHDCRAQNRTHRGESLHRYFMNITWDNRDYSFNEDGFLVNPSLVVISLTRDRTWEV
VGSWEQQTLRLKYPLWSRYGRFLQPVDDTQHLTVATLEERPFVIVEPADPISGTCIRDSVPCRSQLNRTHSPPPDAPRPE
KRCCKGFCIDILKRLAHTIGFSYDLYLVTNGKHGKKIDGVWNGMIGEVFYQRADMAIGSLTINEERSEIVDFSVPFVETG
ISVMVARSNGTVSPSAFLEPYSPAVWVMMFVMCLTVVAVTVFIFEYLSPVGYNRSLATGKRPGGSTFTIGKSIWLLWALV
FNNSVPVENPRGTTSKIMVLVFAFFAVIFLASYTANLAAFMIQEEYVDTVSGLSDRKFQRPQEQYPPLKFGTVPNGSTEK
NIRSNYPDMHSYMVRYNQPRVEEALTQLKAGKLDAFIYDAAVLNYMARKDEGCKLVTIGSGKVFATTGYGIALHKGSRWK
RPIDLALLQFLGDDEIEMLERLWLSGICHNDKIEVMSSKLDIDNMAGVFYMLLVAMGLSLLVFAWEHLVYWRLRHCLGPA
ASAWSHPQFEK
;
B,D
#
loop_
_chem_comp.id
_chem_comp.type
_chem_comp.name
_chem_comp.formula
NAG D-saccharide, beta linking 2-acetamido-2-deoxy-beta-D-glucopyranose 'C8 H15 N O6'
#
# COMPACT_ATOMS: atom_id res chain seq x y z
N ILE A 29 37.19 -48.31 -5.91
CA ILE A 29 36.04 -48.00 -6.75
C ILE A 29 35.86 -49.07 -7.81
N GLY A 30 34.61 -49.34 -8.18
CA GLY A 30 34.34 -50.30 -9.23
C GLY A 30 32.88 -50.65 -9.44
N ALA A 31 32.47 -50.68 -10.71
CA ALA A 31 31.11 -51.07 -11.04
C ALA A 31 30.95 -52.58 -10.94
N VAL A 32 29.83 -53.00 -10.36
CA VAL A 32 29.58 -54.43 -10.19
C VAL A 32 29.27 -55.08 -11.53
N LEU A 33 28.41 -54.45 -12.32
CA LEU A 33 28.04 -54.93 -13.66
C LEU A 33 27.58 -56.38 -13.65
N LYS A 37 33.25 -60.50 -18.60
CA LYS A 37 33.70 -59.66 -19.71
C LYS A 37 33.76 -58.20 -19.29
N HIS A 38 32.84 -57.81 -18.40
CA HIS A 38 32.82 -56.43 -17.93
C HIS A 38 34.06 -56.07 -17.12
N GLU A 39 34.76 -57.06 -16.57
CA GLU A 39 36.02 -56.79 -15.89
C GLU A 39 37.06 -56.24 -16.86
N GLN A 40 37.12 -56.79 -18.08
CA GLN A 40 38.03 -56.26 -19.08
C GLN A 40 37.65 -54.84 -19.49
N MET A 41 36.34 -54.57 -19.60
CA MET A 41 35.88 -53.22 -19.89
C MET A 41 36.30 -52.25 -18.79
N PHE A 42 36.17 -52.67 -17.53
CA PHE A 42 36.62 -51.83 -16.43
C PHE A 42 38.12 -51.61 -16.47
N ARG A 43 38.88 -52.64 -16.82
CA ARG A 43 40.33 -52.51 -16.89
C ARG A 43 40.73 -51.49 -17.96
N GLU A 44 40.12 -51.59 -19.15
CA GLU A 44 40.46 -50.65 -20.21
C GLU A 44 39.98 -49.24 -19.88
N ALA A 45 38.83 -49.11 -19.21
CA ALA A 45 38.37 -47.79 -18.78
C ALA A 45 39.34 -47.18 -17.78
N VAL A 46 39.83 -48.00 -16.83
CA VAL A 46 40.79 -47.50 -15.86
C VAL A 46 42.08 -47.08 -16.53
N ASN A 47 42.56 -47.87 -17.49
CA ASN A 47 43.77 -47.51 -18.22
C ASN A 47 43.58 -46.20 -18.99
N GLN A 48 42.44 -46.05 -19.66
CA GLN A 48 42.18 -44.82 -20.41
C GLN A 48 42.10 -43.61 -19.48
N ALA A 49 41.45 -43.77 -18.33
CA ALA A 49 41.36 -42.68 -17.37
C ALA A 49 42.73 -42.30 -16.82
N ASN A 50 43.56 -43.31 -16.52
CA ASN A 50 44.91 -43.05 -16.06
C ASN A 50 45.72 -42.31 -17.12
N LYS A 51 45.57 -42.70 -18.38
CA LYS A 51 46.23 -41.99 -19.46
C LYS A 51 45.75 -40.55 -19.56
N ARG A 52 44.45 -40.34 -19.40
CA ARG A 52 43.87 -39.00 -19.44
C ARG A 52 44.31 -38.18 -18.23
N LYS A 57 47.91 -39.17 -5.23
CA LYS A 57 48.55 -38.87 -6.52
C LYS A 57 48.16 -39.92 -7.56
N ILE A 58 47.84 -41.12 -7.09
CA ILE A 58 47.44 -42.19 -8.00
C ILE A 58 46.16 -41.81 -8.72
N GLN A 59 46.04 -42.24 -9.97
CA GLN A 59 44.89 -41.92 -10.81
C GLN A 59 44.25 -43.20 -11.33
N LEU A 60 42.93 -43.30 -11.16
CA LEU A 60 42.13 -44.34 -11.78
C LEU A 60 42.57 -45.75 -11.40
N ASN A 61 42.41 -46.13 -10.14
CA ASN A 61 42.64 -47.50 -9.69
C ASN A 61 41.28 -48.21 -9.71
N ALA A 62 41.26 -49.41 -10.27
CA ALA A 62 40.02 -50.14 -10.50
C ALA A 62 39.90 -51.30 -9.51
N THR A 63 38.74 -51.39 -8.83
CA THR A 63 38.44 -52.48 -7.89
C THR A 63 36.97 -52.84 -8.05
N SER A 64 36.70 -53.86 -8.87
CA SER A 64 35.33 -54.26 -9.17
C SER A 64 35.06 -55.68 -8.67
N VAL A 65 33.79 -55.98 -8.44
CA VAL A 65 33.32 -57.29 -8.01
C VAL A 65 32.11 -57.69 -8.84
N THR A 66 31.54 -58.84 -8.51
CA THR A 66 30.41 -59.40 -9.22
C THR A 66 29.15 -59.33 -8.36
N HIS A 67 28.00 -59.45 -9.02
CA HIS A 67 26.72 -59.42 -8.34
C HIS A 67 26.54 -60.67 -7.48
N LYS A 68 25.78 -60.52 -6.41
CA LYS A 68 25.48 -61.65 -5.56
C LYS A 68 24.02 -62.06 -5.70
N PRO A 69 23.71 -63.36 -5.64
CA PRO A 69 22.30 -63.77 -5.70
C PRO A 69 21.46 -63.21 -4.57
N ASN A 70 22.05 -63.03 -3.38
CA ASN A 70 21.36 -62.46 -2.24
C ASN A 70 21.90 -61.05 -2.00
N ALA A 71 20.99 -60.09 -1.82
CA ALA A 71 21.40 -58.71 -1.59
C ALA A 71 22.24 -58.58 -0.32
N ILE A 72 21.98 -59.43 0.68
CA ILE A 72 22.81 -59.41 1.88
C ILE A 72 24.25 -59.78 1.54
N GLN A 73 24.44 -60.80 0.70
CA GLN A 73 25.77 -61.16 0.25
C GLN A 73 26.41 -60.04 -0.54
N MET A 74 25.61 -59.33 -1.35
CA MET A 74 26.13 -58.19 -2.10
C MET A 74 26.62 -57.10 -1.16
N ALA A 75 25.85 -56.81 -0.10
CA ALA A 75 26.28 -55.82 0.88
C ALA A 75 27.53 -56.28 1.61
N LEU A 76 27.62 -57.57 1.91
CA LEU A 76 28.81 -58.11 2.56
C LEU A 76 30.04 -57.92 1.68
N SER A 77 29.91 -58.22 0.38
CA SER A 77 31.03 -58.01 -0.54
C SER A 77 31.38 -56.54 -0.65
N VAL A 78 30.37 -55.67 -0.68
CA VAL A 78 30.61 -54.24 -0.80
C VAL A 78 31.39 -53.71 0.40
N CYS A 79 30.96 -54.08 1.61
CA CYS A 79 31.69 -53.63 2.79
C CYS A 79 33.07 -54.27 2.86
N GLU A 80 33.20 -55.52 2.41
CA GLU A 80 34.50 -56.18 2.44
C GLU A 80 35.50 -55.46 1.55
N ASP A 81 35.15 -55.21 0.29
CA ASP A 81 36.09 -54.55 -0.60
C ASP A 81 36.14 -53.04 -0.40
N LEU A 82 35.22 -52.47 0.38
CA LEU A 82 35.41 -51.10 0.85
C LEU A 82 36.44 -51.04 1.97
N ILE A 83 36.40 -52.00 2.89
CA ILE A 83 37.41 -52.07 3.93
C ILE A 83 38.78 -52.41 3.34
N SER A 84 38.80 -53.25 2.30
CA SER A 84 40.06 -53.69 1.73
C SER A 84 40.82 -52.52 1.10
N SER A 85 40.21 -51.86 0.12
CA SER A 85 40.88 -50.80 -0.61
C SER A 85 40.24 -49.44 -0.34
N GLN A 86 41.01 -48.39 -0.60
CA GLN A 86 40.49 -47.03 -0.54
C GLN A 86 39.67 -46.74 -1.79
N VAL A 87 38.40 -46.41 -1.59
CA VAL A 87 37.46 -46.28 -2.70
C VAL A 87 37.09 -44.83 -2.90
N TYR A 88 38.00 -43.93 -2.57
CA TYR A 88 37.83 -42.49 -2.77
C TYR A 88 36.57 -41.96 -2.10
N ILE A 90 32.39 -46.68 -5.65
CA ILE A 90 31.59 -45.51 -5.99
C ILE A 90 30.65 -45.81 -7.15
N LEU A 91 31.20 -46.33 -8.24
CA LEU A 91 30.44 -46.59 -9.44
C LEU A 91 29.75 -47.94 -9.36
N VAL A 92 28.56 -48.02 -9.97
CA VAL A 92 27.79 -49.26 -9.99
C VAL A 92 26.79 -49.18 -11.14
N SER A 93 26.58 -50.31 -11.79
CA SER A 93 25.71 -50.40 -12.96
C SER A 93 24.59 -51.40 -12.71
N HIS A 94 23.45 -51.13 -13.32
CA HIS A 94 22.28 -51.98 -13.14
C HIS A 94 22.40 -53.23 -14.00
N PRO A 95 22.32 -54.42 -13.42
CA PRO A 95 22.33 -55.65 -14.21
C PRO A 95 21.03 -55.80 -14.99
N PRO A 96 21.00 -56.65 -16.02
CA PRO A 96 19.79 -56.74 -16.85
C PRO A 96 18.54 -57.15 -16.07
N THR A 97 18.68 -58.03 -15.08
CA THR A 97 17.53 -58.46 -14.29
C THR A 97 17.78 -58.22 -12.81
N HIS A 101 13.54 -57.56 -11.70
CA HIS A 101 14.06 -56.27 -11.29
C HIS A 101 15.16 -56.42 -10.23
N PHE A 102 16.34 -55.89 -10.53
CA PHE A 102 17.46 -55.90 -9.60
C PHE A 102 17.47 -54.58 -8.82
N THR A 103 18.35 -54.50 -7.83
CA THR A 103 18.38 -53.33 -6.97
C THR A 103 19.79 -52.94 -6.61
N PRO A 104 20.28 -51.78 -7.08
CA PRO A 104 21.53 -51.22 -6.57
C PRO A 104 21.40 -50.53 -5.22
N THR A 105 20.28 -50.73 -4.53
CA THR A 105 20.08 -50.10 -3.23
C THR A 105 21.16 -50.43 -2.20
N PRO A 106 21.62 -51.68 -2.04
CA PRO A 106 22.60 -51.94 -0.96
C PRO A 106 23.86 -51.09 -1.04
N VAL A 107 24.42 -50.91 -2.23
CA VAL A 107 25.65 -50.12 -2.34
C VAL A 107 25.38 -48.66 -2.03
N SER A 108 24.23 -48.14 -2.46
CA SER A 108 23.88 -46.77 -2.13
C SER A 108 23.69 -46.59 -0.63
N TYR A 109 23.05 -47.56 0.02
CA TYR A 109 22.85 -47.48 1.47
C TYR A 109 24.18 -47.53 2.21
N THR A 110 25.09 -48.40 1.78
CA THR A 110 26.41 -48.45 2.40
C THR A 110 27.16 -47.14 2.20
N ALA A 111 27.10 -46.58 0.98
CA ALA A 111 27.76 -45.32 0.71
C ALA A 111 27.20 -44.21 1.58
N GLY A 112 25.88 -44.17 1.75
CA GLY A 112 25.28 -43.19 2.63
C GLY A 112 25.70 -43.38 4.07
N PHE A 113 25.77 -44.64 4.53
CA PHE A 113 26.25 -44.94 5.87
C PHE A 113 27.69 -44.50 6.06
N TYR A 114 28.47 -44.44 4.97
CA TYR A 114 29.81 -43.89 5.01
C TYR A 114 29.88 -42.48 4.43
N ARG A 115 28.75 -41.94 3.97
CA ARG A 115 28.65 -40.62 3.34
C ARG A 115 29.55 -40.46 2.12
N ILE A 116 30.13 -41.55 1.63
CA ILE A 116 31.02 -41.45 0.46
C ILE A 116 30.17 -41.26 -0.79
N PRO A 117 30.63 -40.50 -1.78
CA PRO A 117 29.84 -40.30 -2.99
C PRO A 117 29.64 -41.61 -3.74
N VAL A 118 28.45 -41.77 -4.30
CA VAL A 118 28.09 -42.94 -5.10
C VAL A 118 27.37 -42.47 -6.36
N LEU A 119 27.76 -43.03 -7.50
CA LEU A 119 27.21 -42.65 -8.80
C LEU A 119 26.73 -43.91 -9.51
N GLY A 120 25.42 -44.00 -9.75
CA GLY A 120 24.87 -45.10 -10.51
C GLY A 120 25.04 -44.89 -12.01
N LEU A 121 24.79 -45.96 -12.76
CA LEU A 121 25.01 -45.94 -14.21
C LEU A 121 23.72 -46.11 -15.00
N THR A 122 22.94 -47.15 -14.74
CA THR A 122 21.80 -47.50 -15.59
C THR A 122 20.57 -47.82 -14.76
N THR A 123 20.30 -47.02 -13.74
CA THR A 123 19.13 -47.22 -12.88
C THR A 123 18.09 -46.15 -13.19
N ARG A 124 16.85 -46.58 -13.41
CA ARG A 124 15.80 -45.70 -13.91
C ARG A 124 14.77 -45.30 -12.86
N MET A 125 14.57 -46.12 -11.83
CA MET A 125 13.53 -45.85 -10.84
C MET A 125 13.79 -44.51 -10.16
N SER A 126 12.74 -43.68 -10.08
CA SER A 126 12.87 -42.32 -9.55
C SER A 126 13.08 -42.30 -8.03
N ILE A 127 12.90 -43.42 -7.34
CA ILE A 127 13.09 -43.44 -5.89
C ILE A 127 14.52 -43.08 -5.54
N TYR A 128 15.48 -43.54 -6.35
CA TYR A 128 16.88 -43.20 -6.14
C TYR A 128 17.15 -41.72 -6.35
N SER A 129 16.28 -41.01 -7.06
CA SER A 129 16.46 -39.58 -7.26
C SER A 129 16.40 -38.83 -5.94
N ASP A 130 15.48 -39.22 -5.06
CA ASP A 130 15.32 -38.53 -3.78
C ASP A 130 16.58 -38.68 -2.94
N LYS A 131 16.96 -37.59 -2.28
CA LYS A 131 18.12 -37.58 -1.39
C LYS A 131 17.75 -37.78 0.07
N SER A 132 16.47 -37.96 0.40
CA SER A 132 16.07 -38.20 1.78
C SER A 132 16.67 -39.50 2.30
N ILE A 133 16.67 -40.55 1.47
CA ILE A 133 17.29 -41.82 1.82
C ILE A 133 18.55 -42.10 1.01
N HIS A 134 18.86 -41.28 0.02
CA HIS A 134 20.01 -41.46 -0.86
C HIS A 134 20.75 -40.14 -1.04
N LEU A 135 21.04 -39.47 0.08
CA LEU A 135 21.66 -38.13 0.02
C LEU A 135 23.01 -38.15 -0.70
N SER A 136 23.69 -39.30 -0.70
CA SER A 136 24.98 -39.41 -1.36
C SER A 136 24.90 -39.91 -2.78
N PHE A 137 23.70 -40.15 -3.30
CA PHE A 137 23.54 -40.83 -4.59
C PHE A 137 23.36 -39.82 -5.72
N LEU A 138 24.08 -40.05 -6.81
CA LEU A 138 23.88 -39.34 -8.06
C LEU A 138 23.72 -40.37 -9.17
N ARG A 139 23.08 -39.97 -10.27
CA ARG A 139 22.86 -40.88 -11.37
C ARG A 139 23.14 -40.16 -12.69
N THR A 140 23.66 -40.93 -13.66
CA THR A 140 24.00 -40.41 -14.96
C THR A 140 22.96 -40.73 -16.03
N VAL A 141 21.79 -41.23 -15.64
CA VAL A 141 20.71 -41.49 -16.57
C VAL A 141 19.41 -40.90 -16.00
N PRO A 142 18.71 -40.06 -16.76
CA PRO A 142 17.47 -39.44 -16.25
C PRO A 142 16.40 -40.48 -16.00
N PRO A 143 15.63 -40.32 -14.92
CA PRO A 143 14.49 -41.22 -14.68
C PRO A 143 13.27 -40.86 -15.51
N TYR A 144 12.16 -41.58 -15.28
CA TYR A 144 10.96 -41.41 -16.09
C TYR A 144 10.27 -40.07 -15.86
N SER A 145 10.67 -39.32 -14.84
CA SER A 145 10.11 -37.99 -14.63
C SER A 145 10.41 -37.08 -15.82
N HIS A 146 11.64 -37.14 -16.33
CA HIS A 146 11.95 -36.36 -17.53
C HIS A 146 11.27 -36.95 -18.76
N GLN A 147 10.91 -38.23 -18.73
CA GLN A 147 10.03 -38.77 -19.76
C GLN A 147 8.68 -38.06 -19.73
N SER A 148 8.15 -37.82 -18.53
CA SER A 148 6.92 -37.05 -18.40
C SER A 148 7.10 -35.63 -18.90
N SER A 149 8.26 -35.03 -18.61
CA SER A 149 8.54 -33.69 -19.10
C SER A 149 8.54 -33.65 -20.63
N VAL A 150 9.16 -34.64 -21.27
CA VAL A 150 9.15 -34.70 -22.73
C VAL A 150 7.73 -34.94 -23.24
N TRP A 151 6.92 -35.71 -22.51
CA TRP A 151 5.52 -35.85 -22.87
C TRP A 151 4.81 -34.51 -22.90
N PHE A 152 5.05 -33.69 -21.86
CA PHE A 152 4.48 -32.35 -21.84
C PHE A 152 4.96 -31.53 -23.02
N GLU A 153 6.26 -31.62 -23.33
CA GLU A 153 6.80 -30.87 -24.46
C GLU A 153 6.13 -31.26 -25.76
N MET A 154 5.96 -32.57 -25.99
CA MET A 154 5.32 -33.04 -27.21
C MET A 154 3.87 -32.59 -27.29
N MET A 155 3.15 -32.67 -26.16
CA MET A 155 1.76 -32.23 -26.14
C MET A 155 1.65 -30.73 -26.45
N ARG A 156 2.56 -29.94 -25.90
CA ARG A 156 2.57 -28.51 -26.21
C ARG A 156 2.88 -28.27 -27.68
N VAL A 157 3.81 -29.05 -28.24
CA VAL A 157 4.18 -28.88 -29.64
C VAL A 157 3.00 -29.19 -30.56
N TYR A 158 2.27 -30.26 -30.26
CA TYR A 158 1.17 -30.69 -31.12
C TYR A 158 -0.18 -30.07 -30.74
N SER A 159 -0.19 -29.15 -29.78
CA SER A 159 -1.39 -28.38 -29.43
C SER A 159 -2.50 -29.28 -28.89
N TRP A 160 -2.14 -30.41 -28.29
CA TRP A 160 -3.11 -31.30 -27.66
C TRP A 160 -3.35 -30.80 -26.24
N ASN A 161 -4.26 -29.83 -26.14
CA ASN A 161 -4.48 -29.15 -24.86
C ASN A 161 -5.09 -30.09 -23.83
N HIS A 162 -6.04 -30.92 -24.23
CA HIS A 162 -6.68 -31.84 -23.30
C HIS A 162 -5.83 -33.09 -23.13
N ILE A 163 -5.94 -33.71 -21.95
CA ILE A 163 -5.01 -34.76 -21.56
C ILE A 163 -5.67 -35.69 -20.55
N ILE A 164 -5.30 -36.97 -20.63
CA ILE A 164 -5.72 -38.00 -19.68
C ILE A 164 -4.48 -38.75 -19.23
N LEU A 165 -4.41 -39.08 -17.94
CA LEU A 165 -3.31 -39.85 -17.40
C LEU A 165 -3.83 -41.16 -16.83
N LEU A 166 -3.19 -42.26 -17.22
CA LEU A 166 -3.42 -43.58 -16.63
C LEU A 166 -2.10 -43.99 -15.98
N VAL A 167 -2.00 -43.83 -14.66
CA VAL A 167 -0.73 -43.96 -13.97
C VAL A 167 -0.85 -45.03 -12.89
N SER A 168 0.17 -45.88 -12.81
CA SER A 168 0.22 -46.87 -11.75
C SER A 168 0.39 -46.21 -10.40
N ASP A 169 -0.11 -46.87 -9.36
CA ASP A 169 -0.05 -46.34 -8.00
C ASP A 169 1.33 -46.47 -7.38
N ASP A 170 2.33 -46.88 -8.14
CA ASP A 170 3.68 -47.03 -7.62
C ASP A 170 4.32 -45.65 -7.42
N HIS A 171 5.47 -45.66 -6.73
CA HIS A 171 6.13 -44.41 -6.39
C HIS A 171 6.63 -43.69 -7.64
N GLU A 172 7.22 -44.43 -8.58
CA GLU A 172 7.71 -43.80 -9.81
C GLU A 172 6.57 -43.17 -10.59
N GLY A 173 5.44 -43.88 -10.70
CA GLY A 173 4.29 -43.32 -11.37
C GLY A 173 3.76 -42.07 -10.68
N ARG A 174 3.70 -42.10 -9.35
CA ARG A 174 3.23 -40.93 -8.60
C ARG A 174 4.14 -39.73 -8.82
N ALA A 175 5.45 -39.95 -8.80
CA ALA A 175 6.38 -38.85 -9.04
C ALA A 175 6.23 -38.31 -10.46
N ALA A 176 6.09 -39.20 -11.44
CA ALA A 176 5.89 -38.75 -12.81
C ALA A 176 4.61 -37.94 -12.95
N GLN A 177 3.53 -38.38 -12.30
CA GLN A 177 2.27 -37.66 -12.36
C GLN A 177 2.40 -36.29 -11.72
N LYS A 178 3.08 -36.21 -10.57
CA LYS A 178 3.28 -34.92 -9.91
C LYS A 178 4.09 -33.98 -10.79
N ARG A 179 5.16 -34.48 -11.42
CA ARG A 179 5.95 -33.64 -12.29
C ARG A 179 5.16 -33.17 -13.50
N LEU A 180 4.32 -34.06 -14.06
CA LEU A 180 3.48 -33.66 -15.18
C LEU A 180 2.47 -32.60 -14.77
N GLU A 181 1.88 -32.74 -13.59
CA GLU A 181 0.91 -31.76 -13.12
C GLU A 181 1.58 -30.40 -12.89
N THR A 182 2.76 -30.41 -12.27
CA THR A 182 3.42 -29.13 -11.99
C THR A 182 4.00 -28.51 -13.24
N LEU A 183 4.37 -29.32 -14.23
CA LEU A 183 4.82 -28.77 -15.51
C LEU A 183 3.65 -28.23 -16.31
N LEU A 184 2.44 -28.75 -16.06
CA LEU A 184 1.22 -28.22 -16.63
C LEU A 184 0.58 -27.16 -15.73
N GLU A 185 1.21 -26.84 -14.60
CA GLU A 185 0.63 -25.87 -13.68
C GLU A 185 0.73 -24.45 -14.22
N GLU A 186 1.88 -24.08 -14.78
CA GLU A 186 2.05 -22.71 -15.27
C GLU A 186 1.09 -22.40 -16.41
N ARG A 187 0.90 -23.35 -17.33
CA ARG A 187 -0.18 -23.22 -18.28
C ARG A 187 -1.51 -23.40 -17.57
N GLU A 188 -2.48 -22.54 -17.88
CA GLU A 188 -3.76 -22.55 -17.19
C GLU A 188 -4.65 -23.68 -17.71
N SER A 189 -4.12 -24.90 -17.63
CA SER A 189 -4.84 -26.11 -17.98
C SER A 189 -4.39 -27.22 -17.06
N LYS A 190 -5.33 -28.07 -16.66
CA LYS A 190 -5.06 -29.19 -15.77
C LYS A 190 -5.39 -30.50 -16.47
N ALA A 191 -4.95 -31.60 -15.87
CA ALA A 191 -5.31 -32.91 -16.38
C ALA A 191 -6.82 -33.10 -16.25
N GLU A 192 -7.44 -33.58 -17.32
CA GLU A 192 -8.90 -33.74 -17.32
C GLU A 192 -9.34 -34.74 -16.27
N LYS A 193 -8.68 -35.89 -16.20
CA LYS A 193 -8.97 -36.89 -15.18
C LYS A 193 -7.79 -37.84 -15.08
N VAL A 194 -7.14 -37.85 -13.92
CA VAL A 194 -6.03 -38.78 -13.68
C VAL A 194 -6.60 -40.04 -13.04
N LEU A 195 -6.16 -41.20 -13.54
CA LEU A 195 -6.67 -42.48 -13.10
C LEU A 195 -5.54 -43.30 -12.51
N GLN A 196 -5.68 -43.66 -11.23
CA GLN A 196 -4.70 -44.49 -10.55
C GLN A 196 -5.04 -45.97 -10.79
N PHE A 197 -4.11 -46.70 -11.36
CA PHE A 197 -4.27 -48.12 -11.63
C PHE A 197 -3.37 -48.88 -10.67
N ASP A 198 -3.98 -49.56 -9.70
CA ASP A 198 -3.20 -50.30 -8.71
C ASP A 198 -2.47 -51.46 -9.39
N PRO A 199 -1.23 -51.73 -9.00
CA PRO A 199 -0.49 -52.83 -9.63
C PRO A 199 -1.15 -54.17 -9.40
N GLY A 200 -1.06 -55.04 -10.40
CA GLY A 200 -1.65 -56.35 -10.33
C GLY A 200 -3.08 -56.39 -10.83
N ASN A 203 -8.59 -56.28 -13.53
CA ASN A 203 -8.71 -55.59 -14.81
C ASN A 203 -8.94 -54.10 -14.61
N VAL A 204 -8.37 -53.30 -15.52
CA VAL A 204 -8.52 -51.85 -15.47
C VAL A 204 -9.68 -51.43 -16.36
N THR A 205 -10.55 -52.38 -16.70
CA THR A 205 -11.63 -52.13 -17.64
C THR A 205 -12.56 -51.03 -17.14
N ALA A 206 -12.74 -50.93 -15.82
CA ALA A 206 -13.55 -49.84 -15.27
C ALA A 206 -12.91 -48.49 -15.58
N LEU A 207 -11.60 -48.38 -15.36
CA LEU A 207 -10.88 -47.15 -15.68
C LEU A 207 -10.89 -46.88 -17.18
N LEU A 208 -10.78 -47.94 -17.98
CA LEU A 208 -10.84 -47.77 -19.43
C LEU A 208 -12.19 -47.21 -19.86
N MET A 209 -13.28 -47.74 -19.29
CA MET A 209 -14.62 -47.23 -19.58
C MET A 209 -14.75 -45.77 -19.14
N GLU A 210 -14.24 -45.47 -17.95
CA GLU A 210 -14.26 -44.10 -17.46
C GLU A 210 -13.57 -43.15 -18.42
N ALA A 211 -12.37 -43.53 -18.87
CA ALA A 211 -11.65 -42.70 -19.83
C ALA A 211 -12.41 -42.59 -21.16
N LYS A 212 -13.07 -43.68 -21.57
CA LYS A 212 -13.83 -43.66 -22.81
C LYS A 212 -14.99 -42.68 -22.75
N GLU A 213 -15.65 -42.57 -21.59
CA GLU A 213 -16.87 -41.79 -21.51
C GLU A 213 -16.62 -40.28 -21.33
N LEU A 214 -15.37 -39.85 -21.18
CA LEU A 214 -15.08 -38.42 -21.11
C LEU A 214 -14.98 -37.82 -22.51
N GLU A 215 -14.63 -36.53 -22.55
CA GLU A 215 -14.52 -35.80 -23.81
C GLU A 215 -13.11 -35.84 -24.39
N ALA A 216 -12.09 -35.89 -23.54
CA ALA A 216 -10.73 -35.99 -24.03
C ALA A 216 -10.45 -37.40 -24.51
N ARG A 217 -9.70 -37.52 -25.61
CA ARG A 217 -9.38 -38.80 -26.22
C ARG A 217 -7.92 -39.20 -26.08
N VAL A 218 -7.00 -38.25 -26.13
CA VAL A 218 -5.59 -38.57 -26.02
C VAL A 218 -5.23 -38.87 -24.57
N ILE A 219 -4.59 -40.00 -24.34
CA ILE A 219 -4.22 -40.44 -23.01
C ILE A 219 -2.71 -40.72 -22.98
N ILE A 220 -2.18 -40.80 -21.77
CA ILE A 220 -0.77 -41.11 -21.54
C ILE A 220 -0.68 -42.14 -20.43
N LEU A 221 0.03 -43.22 -20.68
CA LEU A 221 0.11 -44.34 -19.76
C LEU A 221 1.48 -44.39 -19.11
N SER A 222 1.52 -44.80 -17.84
CA SER A 222 2.80 -44.95 -17.14
C SER A 222 2.63 -45.99 -16.05
N ALA A 223 3.19 -47.18 -16.26
CA ALA A 223 3.06 -48.28 -15.31
C ALA A 223 4.17 -49.29 -15.59
N SER A 224 4.11 -50.42 -14.88
CA SER A 224 5.06 -51.50 -15.11
C SER A 224 4.77 -52.20 -16.42
N GLU A 225 5.76 -52.95 -16.92
CA GLU A 225 5.62 -53.63 -18.20
C GLU A 225 4.48 -54.63 -18.18
N ASP A 226 4.38 -55.43 -17.12
CA ASP A 226 3.30 -56.41 -17.02
C ASP A 226 1.94 -55.72 -16.87
N ASP A 227 1.88 -54.69 -16.02
CA ASP A 227 0.66 -53.90 -15.91
C ASP A 227 0.34 -53.22 -17.24
N ALA A 228 1.37 -52.79 -17.96
CA ALA A 228 1.15 -52.21 -19.28
C ALA A 228 0.52 -53.22 -20.23
N ALA A 229 1.01 -54.47 -20.22
CA ALA A 229 0.42 -55.50 -21.07
C ALA A 229 -1.02 -55.78 -20.67
N THR A 230 -1.29 -55.83 -19.37
CA THR A 230 -2.65 -56.08 -18.90
C THR A 230 -3.60 -54.99 -19.38
N VAL A 231 -3.24 -53.73 -19.17
CA VAL A 231 -4.12 -52.64 -19.59
C VAL A 231 -4.18 -52.57 -21.12
N TYR A 232 -3.13 -52.98 -21.82
CA TYR A 232 -3.18 -53.02 -23.28
C TYR A 232 -4.21 -54.03 -23.75
N ARG A 233 -4.23 -55.22 -23.14
CA ARG A 233 -5.28 -56.19 -23.46
C ARG A 233 -6.65 -55.64 -23.13
N ALA A 234 -6.79 -54.98 -21.98
CA ALA A 234 -8.07 -54.42 -21.58
C ALA A 234 -8.57 -53.40 -22.59
N ALA A 235 -7.68 -52.53 -23.06
CA ALA A 235 -8.06 -51.53 -24.05
C ALA A 235 -8.35 -52.16 -25.40
N ALA A 236 -7.59 -53.19 -25.78
CA ALA A 236 -7.82 -53.86 -27.06
C ALA A 236 -9.16 -54.56 -27.08
N MET A 237 -9.56 -55.17 -25.96
CA MET A 237 -10.86 -55.82 -25.90
C MET A 237 -11.99 -54.83 -26.16
N LEU A 238 -11.90 -53.65 -25.57
CA LEU A 238 -12.85 -52.58 -25.88
C LEU A 238 -12.49 -51.92 -27.20
N ASN A 239 -13.37 -51.03 -27.65
CA ASN A 239 -13.13 -50.24 -28.84
C ASN A 239 -12.38 -48.95 -28.56
N MET A 240 -11.63 -48.91 -27.46
CA MET A 240 -10.90 -47.71 -27.05
C MET A 240 -9.51 -47.63 -27.67
N THR A 241 -9.15 -48.55 -28.56
CA THR A 241 -7.86 -48.52 -29.23
C THR A 241 -7.98 -48.13 -30.70
N GLY A 242 -9.15 -47.62 -31.12
CA GLY A 242 -9.39 -47.28 -32.50
C GLY A 242 -8.89 -45.90 -32.86
N SER A 243 -9.35 -45.43 -34.03
CA SER A 243 -8.96 -44.12 -34.51
C SER A 243 -9.47 -43.04 -33.56
N GLY A 244 -8.68 -41.97 -33.40
CA GLY A 244 -8.97 -40.94 -32.43
C GLY A 244 -8.49 -41.24 -31.04
N TYR A 245 -7.96 -42.44 -30.80
CA TYR A 245 -7.40 -42.83 -29.51
C TYR A 245 -5.89 -42.96 -29.70
N VAL A 246 -5.19 -41.83 -29.57
CA VAL A 246 -3.74 -41.78 -29.69
C VAL A 246 -3.14 -41.70 -28.30
N TRP A 247 -2.11 -42.51 -28.06
CA TRP A 247 -1.43 -42.48 -26.78
C TRP A 247 0.01 -42.92 -26.94
N LEU A 248 0.80 -42.62 -25.91
CA LEU A 248 2.23 -42.84 -25.91
C LEU A 248 2.69 -43.16 -24.48
N VAL A 249 3.58 -44.12 -24.36
CA VAL A 249 3.98 -44.65 -23.06
C VAL A 249 5.48 -44.52 -22.88
N GLY A 250 5.99 -45.01 -21.75
CA GLY A 250 7.40 -44.96 -21.46
C GLY A 250 8.18 -46.06 -22.16
N GLU A 251 9.49 -46.07 -21.92
CA GLU A 251 10.37 -46.99 -22.61
C GLU A 251 10.04 -48.45 -22.27
N ARG A 252 9.98 -48.76 -20.97
CA ARG A 252 9.77 -50.16 -20.59
C ARG A 252 8.37 -50.64 -20.93
N GLU A 253 7.37 -49.76 -20.90
CA GLU A 253 6.03 -50.14 -21.34
C GLU A 253 6.04 -50.51 -22.82
N ILE A 254 6.72 -49.70 -23.65
CA ILE A 254 6.82 -50.00 -25.07
C ILE A 254 7.55 -51.31 -25.29
N SER A 255 8.64 -51.54 -24.55
CA SER A 255 9.38 -52.80 -24.71
C SER A 255 8.53 -54.00 -24.34
N GLY A 256 7.81 -53.92 -23.22
CA GLY A 256 6.95 -55.03 -22.83
C GLY A 256 5.82 -55.26 -23.81
N ASN A 257 5.22 -54.18 -24.32
CA ASN A 257 4.16 -54.32 -25.32
C ASN A 257 4.68 -55.00 -26.57
N ALA A 258 5.84 -54.57 -27.06
CA ALA A 258 6.45 -55.24 -28.21
C ALA A 258 6.77 -56.69 -27.90
N LEU A 259 7.12 -56.99 -26.65
CA LEU A 259 7.35 -58.37 -26.26
C LEU A 259 6.08 -59.19 -26.34
N ARG A 260 4.94 -58.63 -25.92
CA ARG A 260 3.72 -59.41 -25.78
C ARG A 260 2.63 -59.00 -26.76
N TYR A 261 2.21 -57.74 -26.75
CA TYR A 261 1.04 -57.34 -27.52
C TYR A 261 1.30 -56.19 -28.50
N ALA A 262 1.80 -55.06 -28.01
CA ALA A 262 2.14 -53.90 -28.83
C ALA A 262 0.99 -53.45 -29.72
N PRO A 263 -0.02 -52.77 -29.17
CA PRO A 263 -1.08 -52.22 -30.03
C PRO A 263 -0.51 -51.34 -31.13
N ASP A 264 -0.79 -51.72 -32.37
CA ASP A 264 -0.17 -51.07 -33.51
C ASP A 264 -0.60 -49.60 -33.62
N GLY A 265 0.33 -48.77 -34.06
CA GLY A 265 0.08 -47.36 -34.28
C GLY A 265 0.32 -46.45 -33.10
N ILE A 266 0.55 -47.00 -31.90
CA ILE A 266 0.79 -46.17 -30.74
C ILE A 266 2.19 -45.55 -30.83
N LEU A 267 2.33 -44.33 -30.32
CA LEU A 267 3.62 -43.70 -30.23
C LEU A 267 4.42 -44.30 -29.07
N GLY A 268 5.66 -43.85 -28.92
CA GLY A 268 6.48 -44.33 -27.82
C GLY A 268 7.76 -43.54 -27.73
N LEU A 269 8.39 -43.64 -26.56
CA LEU A 269 9.60 -42.88 -26.27
C LEU A 269 10.67 -43.82 -25.75
N GLN A 270 11.91 -43.56 -26.14
CA GLN A 270 13.05 -44.34 -25.66
C GLN A 270 14.23 -43.41 -25.43
N LEU A 271 15.20 -43.90 -24.66
CA LEU A 271 16.45 -43.18 -24.53
C LEU A 271 17.22 -43.27 -25.85
N ILE A 272 17.86 -42.16 -26.22
CA ILE A 272 18.60 -42.13 -27.49
C ILE A 272 19.70 -43.18 -27.49
N ASN A 273 20.46 -43.27 -26.39
CA ASN A 273 21.53 -44.25 -26.30
C ASN A 273 21.05 -45.63 -25.87
N GLY A 274 19.86 -45.73 -25.28
CA GLY A 274 19.39 -47.00 -24.77
C GLY A 274 20.17 -47.46 -23.56
N LYS A 275 20.50 -48.75 -23.48
CA LYS A 275 21.31 -49.25 -22.38
C LYS A 275 22.68 -48.56 -22.41
N ASN A 276 23.45 -48.82 -23.46
CA ASN A 276 24.67 -48.08 -23.77
C ASN A 276 25.59 -47.97 -22.56
N GLU A 277 25.98 -49.14 -22.04
CA GLU A 277 26.77 -49.18 -20.81
C GLU A 277 28.16 -48.58 -21.00
N SER A 278 28.81 -48.86 -22.13
CA SER A 278 30.21 -48.52 -22.29
C SER A 278 30.44 -47.01 -22.30
N ALA A 279 29.62 -46.27 -23.05
CA ALA A 279 29.82 -44.83 -23.14
C ALA A 279 29.51 -44.15 -21.81
N HIS A 280 28.51 -44.64 -21.08
CA HIS A 280 28.24 -44.13 -19.74
C HIS A 280 29.41 -44.42 -18.82
N ILE A 281 30.02 -45.60 -18.93
CA ILE A 281 31.20 -45.91 -18.14
C ILE A 281 32.32 -44.92 -18.44
N SER A 282 32.55 -44.65 -19.72
CA SER A 282 33.61 -43.73 -20.12
C SER A 282 33.36 -42.33 -19.59
N ASP A 283 32.14 -41.83 -19.76
CA ASP A 283 31.83 -40.49 -19.27
C ASP A 283 31.88 -40.42 -17.75
N ALA A 284 31.46 -41.49 -17.07
CA ALA A 284 31.50 -41.52 -15.62
C ALA A 284 32.93 -41.47 -15.11
N VAL A 285 33.81 -42.30 -15.67
CA VAL A 285 35.19 -42.27 -15.22
C VAL A 285 35.85 -40.94 -15.57
N GLY A 286 35.48 -40.35 -16.72
CA GLY A 286 36.02 -39.04 -17.05
C GLY A 286 35.62 -37.97 -16.06
N VAL A 287 34.33 -37.94 -15.69
CA VAL A 287 33.88 -36.93 -14.74
C VAL A 287 34.43 -37.21 -13.35
N VAL A 288 34.63 -38.48 -12.99
CA VAL A 288 35.27 -38.81 -11.72
C VAL A 288 36.70 -38.28 -11.69
N ALA A 289 37.44 -38.48 -12.78
CA ALA A 289 38.79 -37.94 -12.86
C ALA A 289 38.78 -36.41 -12.78
N GLN A 290 37.83 -35.78 -13.46
CA GLN A 290 37.72 -34.32 -13.42
C GLN A 290 37.47 -33.84 -11.99
N ALA A 291 36.54 -34.49 -11.28
CA ALA A 291 36.23 -34.10 -9.91
C ALA A 291 37.43 -34.35 -8.98
N VAL A 292 38.13 -35.47 -9.17
CA VAL A 292 39.29 -35.77 -8.35
C VAL A 292 40.38 -34.73 -8.54
N HIS A 293 40.62 -34.31 -9.79
CA HIS A 293 41.59 -33.26 -10.05
C HIS A 293 41.13 -31.94 -9.45
N GLU A 294 39.83 -31.64 -9.53
CA GLU A 294 39.32 -30.40 -8.96
C GLU A 294 39.51 -30.37 -7.44
N LEU A 295 39.28 -31.51 -6.78
CA LEU A 295 39.47 -31.58 -5.33
C LEU A 295 40.92 -31.32 -4.97
N LEU A 296 41.85 -31.88 -5.73
CA LEU A 296 43.28 -31.68 -5.48
C LEU A 296 43.76 -30.39 -6.12
N ASN A 300 42.30 -29.03 -1.26
CA ASN A 300 42.00 -29.78 -0.04
C ASN A 300 41.69 -31.23 -0.36
N ILE A 301 42.34 -32.15 0.36
CA ILE A 301 42.14 -33.58 0.16
C ILE A 301 41.49 -34.26 1.35
N THR A 302 41.48 -33.63 2.53
CA THR A 302 40.91 -34.20 3.74
C THR A 302 41.42 -35.61 4.00
N ASP A 303 40.54 -36.59 3.99
CA ASP A 303 40.95 -37.96 4.25
C ASP A 303 39.97 -38.95 3.62
N PRO A 304 40.28 -39.49 2.44
CA PRO A 304 39.46 -40.55 1.86
C PRO A 304 39.53 -41.81 2.72
N PRO A 305 38.43 -42.20 3.34
CA PRO A 305 38.48 -43.30 4.30
C PRO A 305 38.83 -44.63 3.64
N ARG A 306 39.54 -45.46 4.41
CA ARG A 306 39.89 -46.81 3.98
C ARG A 306 40.02 -47.69 5.21
N GLY A 307 39.69 -48.96 5.04
CA GLY A 307 39.68 -49.87 6.18
C GLY A 307 38.66 -49.49 7.24
N CYS A 308 37.48 -49.07 6.81
CA CYS A 308 36.41 -48.67 7.74
C CYS A 308 35.59 -49.87 8.19
N VAL A 309 36.29 -50.85 8.76
CA VAL A 309 35.61 -52.03 9.28
C VAL A 309 34.71 -51.67 10.46
N GLY A 310 35.14 -50.72 11.28
CA GLY A 310 34.34 -50.25 12.40
C GLY A 310 34.42 -48.75 12.56
N ASN A 311 34.92 -48.06 11.53
CA ASN A 311 35.10 -46.61 11.57
C ASN A 311 33.73 -45.95 11.39
N THR A 312 33.01 -45.83 12.49
CA THR A 312 31.68 -45.23 12.50
C THR A 312 31.83 -43.72 12.53
N ASN A 313 32.21 -43.15 11.39
CA ASN A 313 32.38 -41.71 11.26
C ASN A 313 32.31 -41.35 9.79
N ILE A 314 31.79 -40.15 9.51
CA ILE A 314 31.67 -39.66 8.15
C ILE A 314 33.02 -39.17 7.67
N TRP A 315 33.15 -38.95 6.37
CA TRP A 315 34.35 -38.37 5.77
C TRP A 315 33.93 -37.13 5.01
N LYS A 316 34.31 -35.96 5.53
CA LYS A 316 33.89 -34.68 4.94
C LYS A 316 34.30 -34.55 3.49
N THR A 317 35.36 -35.24 3.07
CA THR A 317 35.74 -35.24 1.66
C THR A 317 34.61 -35.74 0.78
N GLY A 318 33.78 -36.65 1.29
CA GLY A 318 32.65 -37.16 0.56
C GLY A 318 31.65 -36.09 0.18
N PRO A 319 31.05 -35.44 1.18
CA PRO A 319 30.15 -34.31 0.89
C PRO A 319 30.82 -33.19 0.12
N LEU A 320 32.10 -32.90 0.39
CA LEU A 320 32.79 -31.84 -0.35
C LEU A 320 32.86 -32.17 -1.83
N PHE A 321 33.27 -33.39 -2.16
CA PHE A 321 33.35 -33.80 -3.56
C PHE A 321 31.96 -33.89 -4.19
N LYS A 322 30.96 -34.30 -3.41
CA LYS A 322 29.60 -34.34 -3.93
C LYS A 322 29.11 -32.94 -4.29
N ARG A 323 29.36 -31.96 -3.42
CA ARG A 323 28.98 -30.58 -3.72
C ARG A 323 29.75 -30.05 -4.94
N VAL A 324 31.03 -30.39 -5.03
CA VAL A 324 31.81 -29.97 -6.19
C VAL A 324 31.25 -30.58 -7.47
N LEU A 325 30.91 -31.87 -7.44
CA LEU A 325 30.33 -32.53 -8.61
C LEU A 325 29.00 -31.90 -8.99
N MET A 326 28.18 -31.57 -8.00
CA MET A 326 26.93 -30.87 -8.28
C MET A 326 27.19 -29.53 -8.94
N SER A 327 28.21 -28.81 -8.46
CA SER A 327 28.63 -27.58 -9.12
C SER A 327 29.40 -27.85 -10.40
N SER A 328 29.93 -29.06 -10.58
CA SER A 328 30.74 -29.37 -11.74
C SER A 328 29.90 -29.44 -13.01
N LYS A 329 30.55 -29.20 -14.15
CA LYS A 329 29.94 -29.32 -15.47
C LYS A 329 30.95 -29.99 -16.39
N TYR A 330 30.88 -31.31 -16.46
CA TYR A 330 31.76 -32.05 -17.36
C TYR A 330 31.50 -31.65 -18.80
N ALA A 331 32.58 -31.43 -19.55
CA ALA A 331 32.49 -30.95 -20.92
C ALA A 331 33.17 -31.91 -21.87
N ASP A 332 32.75 -31.86 -23.13
CA ASP A 332 33.33 -32.67 -24.21
C ASP A 332 33.24 -34.16 -23.89
N GLY A 333 32.13 -34.57 -23.28
CA GLY A 333 31.90 -35.97 -22.99
C GLY A 333 31.43 -36.74 -24.20
N VAL A 334 31.27 -38.05 -24.00
CA VAL A 334 30.80 -38.90 -25.09
C VAL A 334 29.35 -38.58 -25.43
N THR A 335 28.52 -38.35 -24.42
CA THR A 335 27.10 -38.07 -24.61
C THR A 335 26.80 -36.59 -24.74
N GLY A 336 27.82 -35.73 -24.71
CA GLY A 336 27.61 -34.30 -24.84
C GLY A 336 28.00 -33.53 -23.60
N ARG A 337 27.35 -32.39 -23.37
CA ARG A 337 27.60 -31.57 -22.20
C ARG A 337 26.96 -32.24 -20.99
N VAL A 338 27.73 -33.10 -20.33
CA VAL A 338 27.22 -33.88 -19.20
C VAL A 338 27.13 -32.93 -18.00
N GLU A 339 25.93 -32.44 -17.72
CA GLU A 339 25.67 -31.57 -16.58
C GLU A 339 24.75 -32.30 -15.61
N PHE A 340 25.05 -32.17 -14.32
CA PHE A 340 24.29 -32.85 -13.28
C PHE A 340 23.24 -31.90 -12.70
N ASN A 341 22.00 -32.37 -12.64
CA ASN A 341 20.90 -31.56 -12.14
C ASN A 341 21.05 -31.36 -10.63
N GLU A 342 20.29 -30.40 -10.10
CA GLU A 342 20.38 -30.07 -8.69
C GLU A 342 20.03 -31.27 -7.82
N ASP A 343 18.99 -32.01 -8.18
CA ASP A 343 18.64 -33.22 -7.45
C ASP A 343 19.62 -34.36 -7.68
N GLY A 344 20.43 -34.26 -8.74
CA GLY A 344 21.37 -35.32 -9.05
C GLY A 344 20.99 -36.09 -10.30
N ASP A 345 20.40 -35.40 -11.27
CA ASP A 345 19.97 -36.00 -12.53
C ASP A 345 20.79 -35.41 -13.67
N ARG A 346 20.44 -35.80 -14.90
CA ARG A 346 21.12 -35.31 -16.09
C ARG A 346 20.31 -34.20 -16.75
N LYS A 347 21.01 -33.19 -17.23
CA LYS A 347 20.40 -32.05 -17.92
C LYS A 347 20.75 -32.11 -19.40
N PHE A 348 19.77 -31.79 -20.25
CA PHE A 348 19.95 -31.75 -21.70
C PHE A 348 20.40 -33.11 -22.24
N ALA A 349 19.52 -34.09 -22.09
CA ALA A 349 19.73 -35.43 -22.61
C ALA A 349 19.09 -35.55 -23.99
N ASN A 350 19.15 -36.75 -24.55
CA ASN A 350 18.60 -37.03 -25.87
C ASN A 350 17.68 -38.23 -25.81
N TYR A 351 16.59 -38.18 -26.58
CA TYR A 351 15.58 -39.24 -26.59
C TYR A 351 15.15 -39.51 -28.03
N SER A 352 14.73 -40.75 -28.27
CA SER A 352 14.20 -41.16 -29.56
C SER A 352 12.69 -41.29 -29.46
N ILE A 353 11.97 -40.47 -30.21
CA ILE A 353 10.51 -40.55 -30.30
C ILE A 353 10.22 -41.54 -31.42
N MET A 354 9.82 -42.75 -31.05
CA MET A 354 9.59 -43.82 -32.00
C MET A 354 8.09 -44.10 -32.12
N ASN A 355 7.74 -44.85 -33.16
CA ASN A 355 6.36 -45.22 -33.42
C ASN A 355 6.28 -46.73 -33.66
N LEU A 356 5.21 -47.34 -33.16
CA LEU A 356 4.99 -48.77 -33.34
C LEU A 356 4.26 -49.01 -34.65
N GLN A 357 4.85 -49.82 -35.52
CA GLN A 357 4.27 -50.14 -36.84
C GLN A 357 4.45 -51.64 -37.07
N ASN A 358 3.46 -52.41 -36.64
CA ASN A 358 3.43 -53.86 -36.85
C ASN A 358 4.70 -54.53 -36.31
N ARG A 359 4.88 -54.40 -35.00
CA ARG A 359 6.03 -54.97 -34.29
C ARG A 359 7.35 -54.44 -34.83
N LYS A 360 7.33 -53.22 -35.35
CA LYS A 360 8.54 -52.56 -35.85
C LYS A 360 8.51 -51.11 -35.41
N LEU A 361 9.58 -50.66 -34.76
CA LEU A 361 9.67 -49.32 -34.22
C LEU A 361 10.43 -48.43 -35.18
N VAL A 362 9.80 -47.34 -35.61
CA VAL A 362 10.41 -46.37 -36.51
C VAL A 362 10.59 -45.06 -35.76
N GLN A 363 11.80 -44.53 -35.81
CA GLN A 363 12.15 -43.32 -35.06
C GLN A 363 11.53 -42.12 -35.76
N VAL A 364 10.39 -41.66 -35.23
CA VAL A 364 9.70 -40.52 -35.84
C VAL A 364 10.50 -39.24 -35.64
N GLY A 365 11.12 -39.07 -34.48
CA GLY A 365 11.86 -37.85 -34.22
C GLY A 365 12.86 -38.02 -33.09
N ILE A 366 13.54 -36.92 -32.79
CA ILE A 366 14.54 -36.89 -31.72
C ILE A 366 14.17 -35.77 -30.76
N TYR A 367 13.93 -36.12 -29.50
CA TYR A 367 13.59 -35.17 -28.46
C TYR A 367 14.85 -34.81 -27.68
N ASN A 368 15.39 -33.63 -27.95
CA ASN A 368 16.57 -33.16 -27.24
C ASN A 368 16.22 -32.85 -25.78
N GLY A 369 17.23 -32.45 -25.01
CA GLY A 369 16.99 -32.05 -23.64
C GLY A 369 16.15 -30.80 -23.52
N THR A 370 16.05 -30.01 -24.59
CA THR A 370 15.21 -28.82 -24.63
C THR A 370 13.95 -29.02 -25.45
N HIS A 371 14.08 -29.46 -26.70
CA HIS A 371 12.94 -29.60 -27.58
C HIS A 371 12.98 -30.93 -28.32
N VAL A 372 12.12 -31.09 -29.32
CA VAL A 372 11.99 -32.34 -30.06
C VAL A 372 12.16 -32.05 -31.55
N ILE A 373 12.88 -32.93 -32.24
CA ILE A 373 12.97 -32.82 -33.70
C ILE A 373 11.58 -32.99 -34.29
N PRO A 374 11.12 -32.10 -35.18
CA PRO A 374 9.72 -32.15 -35.63
C PRO A 374 9.32 -33.46 -36.27
N ASN A 375 9.99 -33.86 -37.35
CA ASN A 375 9.63 -35.09 -38.05
C ASN A 375 10.81 -35.55 -38.88
N ASP A 376 11.42 -36.68 -38.51
CA ASP A 376 12.43 -37.29 -39.34
C ASP A 376 11.81 -38.05 -40.51
N ARG A 377 10.65 -38.67 -40.29
CA ARG A 377 10.00 -39.48 -41.30
C ARG A 377 8.49 -39.38 -41.11
N LYS A 378 7.75 -40.29 -41.74
CA LYS A 378 6.30 -40.30 -41.62
C LYS A 378 5.87 -41.05 -40.36
N ILE A 379 4.80 -40.57 -39.75
CA ILE A 379 4.28 -41.14 -38.51
C ILE A 379 2.91 -41.75 -38.79
N ILE A 380 2.67 -42.93 -38.21
CA ILE A 380 1.41 -43.63 -38.37
C ILE A 380 0.59 -43.48 -37.09
N TRP A 381 -0.68 -43.87 -37.17
CA TRP A 381 -1.61 -43.77 -36.07
C TRP A 381 -2.34 -45.08 -35.89
N PRO A 382 -2.81 -45.38 -34.67
CA PRO A 382 -3.47 -46.67 -34.43
C PRO A 382 -4.69 -46.90 -35.30
N GLY A 383 -5.45 -45.86 -35.62
CA GLY A 383 -6.59 -45.97 -36.51
C GLY A 383 -6.27 -45.79 -37.98
N GLY A 384 -5.00 -45.68 -38.34
CA GLY A 384 -4.61 -45.45 -39.72
C GLY A 384 -4.72 -44.02 -40.19
N GLU A 385 -5.04 -43.08 -39.31
CA GLU A 385 -5.14 -41.69 -39.70
C GLU A 385 -3.78 -41.15 -40.11
N THR A 386 -3.78 -40.34 -41.17
CA THR A 386 -2.54 -39.81 -41.74
C THR A 386 -2.12 -38.48 -41.16
N GLU A 387 -2.85 -37.97 -40.17
CA GLU A 387 -2.55 -36.68 -39.56
C GLU A 387 -2.63 -36.82 -38.03
N LYS A 388 -2.49 -35.69 -37.34
CA LYS A 388 -2.62 -35.65 -35.89
C LYS A 388 -4.05 -35.27 -35.52
N PRO A 389 -4.89 -36.23 -35.16
CA PRO A 389 -6.28 -35.91 -34.85
C PRO A 389 -6.40 -35.09 -33.58
N ARG A 390 -7.51 -34.35 -33.49
CA ARG A 390 -7.78 -33.56 -32.31
C ARG A 390 -7.94 -34.47 -31.10
N GLY A 391 -7.29 -34.09 -29.99
CA GLY A 391 -7.32 -34.90 -28.79
C GLY A 391 -8.61 -34.86 -28.01
N TYR A 392 -9.46 -33.86 -28.28
CA TYR A 392 -10.75 -33.75 -27.62
C TYR A 392 -11.81 -34.46 -28.45
N GLN A 393 -13.05 -34.41 -27.97
CA GLN A 393 -14.19 -34.92 -28.72
C GLN A 393 -15.43 -34.22 -28.20
N MET A 394 -15.98 -33.31 -29.01
CA MET A 394 -17.14 -32.52 -28.60
C MET A 394 -18.33 -33.44 -28.33
N SER A 395 -18.74 -33.50 -27.06
CA SER A 395 -19.86 -34.37 -26.68
C SER A 395 -21.18 -33.76 -27.14
N THR A 396 -22.00 -34.57 -27.82
CA THR A 396 -23.33 -34.11 -28.20
C THR A 396 -24.27 -34.13 -27.01
N ARG A 397 -24.00 -34.97 -26.02
CA ARG A 397 -24.83 -35.06 -24.82
C ARG A 397 -24.26 -34.16 -23.73
N LEU A 398 -25.13 -33.34 -23.13
CA LEU A 398 -24.75 -32.43 -22.06
C LEU A 398 -25.62 -32.71 -20.85
N LYS A 399 -25.01 -32.73 -19.67
CA LYS A 399 -25.72 -32.83 -18.41
C LYS A 399 -25.87 -31.42 -17.86
N ILE A 400 -27.11 -30.95 -17.78
CA ILE A 400 -27.42 -29.58 -17.36
C ILE A 400 -28.08 -29.64 -15.99
N VAL A 401 -27.55 -28.87 -15.05
CA VAL A 401 -28.11 -28.73 -13.72
C VAL A 401 -28.85 -27.40 -13.65
N THR A 402 -29.93 -27.36 -12.88
CA THR A 402 -30.73 -26.15 -12.74
C THR A 402 -31.43 -26.17 -11.40
N ILE A 403 -31.43 -25.03 -10.72
CA ILE A 403 -32.06 -24.90 -9.42
C ILE A 403 -33.48 -24.38 -9.61
N HIS A 404 -34.36 -24.76 -8.70
CA HIS A 404 -35.71 -24.21 -8.71
C HIS A 404 -35.68 -22.77 -8.19
N GLN A 405 -36.05 -21.84 -9.07
CA GLN A 405 -36.15 -20.43 -8.70
C GLN A 405 -37.36 -19.88 -9.43
N GLU A 406 -38.19 -19.11 -8.73
CA GLU A 406 -39.56 -18.90 -9.15
C GLU A 406 -39.67 -18.40 -10.59
N PRO A 407 -39.27 -17.18 -10.93
CA PRO A 407 -39.66 -16.63 -12.24
C PRO A 407 -38.85 -17.19 -13.39
N PHE A 408 -37.93 -18.10 -13.15
CA PHE A 408 -37.03 -18.60 -14.18
C PHE A 408 -37.16 -20.09 -14.42
N VAL A 409 -37.25 -20.90 -13.37
CA VAL A 409 -37.36 -22.35 -13.49
C VAL A 409 -38.59 -22.78 -12.69
N TYR A 410 -39.73 -22.86 -13.36
CA TYR A 410 -40.89 -23.52 -12.76
C TYR A 410 -40.67 -25.02 -12.69
N VAL A 411 -40.95 -25.61 -11.54
CA VAL A 411 -40.90 -27.06 -11.36
C VAL A 411 -42.25 -27.52 -10.79
N LYS A 412 -42.85 -28.51 -11.44
CA LYS A 412 -44.14 -29.06 -11.05
C LYS A 412 -44.07 -30.58 -11.08
N PRO A 413 -44.91 -31.26 -10.31
CA PRO A 413 -44.98 -32.72 -10.40
C PRO A 413 -45.52 -33.15 -11.76
N THR A 414 -45.08 -34.34 -12.19
CA THR A 414 -45.53 -34.88 -13.45
C THR A 414 -46.98 -35.34 -13.34
N LEU A 415 -47.54 -35.74 -14.48
CA LEU A 415 -48.92 -36.22 -14.53
C LEU A 415 -48.99 -37.65 -14.00
N SER A 416 -50.17 -38.26 -14.09
CA SER A 416 -50.34 -39.63 -13.62
C SER A 416 -49.47 -40.60 -14.42
N ASP A 417 -49.40 -40.41 -15.73
CA ASP A 417 -48.60 -41.28 -16.59
C ASP A 417 -47.12 -40.88 -16.62
N GLY A 418 -46.74 -39.83 -15.90
CA GLY A 418 -45.38 -39.33 -15.94
C GLY A 418 -45.11 -38.31 -17.03
N THR A 419 -46.13 -37.94 -17.80
CA THR A 419 -45.98 -36.94 -18.86
C THR A 419 -46.24 -35.56 -18.30
N CYS A 420 -46.37 -34.57 -19.18
CA CYS A 420 -46.57 -33.18 -18.79
C CYS A 420 -47.88 -32.68 -19.38
N LYS A 421 -48.61 -31.90 -18.57
CA LYS A 421 -49.87 -31.31 -19.04
C LYS A 421 -49.59 -30.36 -20.19
N GLU A 422 -50.38 -30.49 -21.27
CA GLU A 422 -50.20 -29.67 -22.47
C GLU A 422 -51.04 -28.41 -22.37
N GLU A 423 -50.60 -27.51 -21.49
CA GLU A 423 -51.27 -26.23 -21.31
C GLU A 423 -50.85 -25.26 -22.41
N PHE A 424 -51.50 -24.10 -22.43
CA PHE A 424 -51.22 -23.06 -23.40
C PHE A 424 -51.13 -21.71 -22.70
N THR A 425 -50.41 -20.79 -23.33
CA THR A 425 -50.32 -19.43 -22.81
C THR A 425 -51.60 -18.66 -23.12
N VAL A 426 -51.67 -17.43 -22.59
CA VAL A 426 -52.81 -16.57 -22.89
C VAL A 426 -52.85 -16.21 -24.37
N ASN A 427 -51.70 -16.11 -25.01
CA ASN A 427 -51.62 -15.82 -26.44
C ASN A 427 -51.88 -17.03 -27.31
N GLY A 428 -52.40 -18.12 -26.74
CA GLY A 428 -52.66 -19.32 -27.49
C GLY A 428 -51.42 -20.01 -28.02
N ASP A 429 -50.38 -20.10 -27.20
CA ASP A 429 -49.15 -20.76 -27.60
C ASP A 429 -48.76 -21.79 -26.54
N PRO A 430 -48.13 -22.89 -26.95
CA PRO A 430 -47.73 -23.90 -25.98
C PRO A 430 -46.53 -23.47 -25.17
N VAL A 431 -46.37 -24.11 -24.02
CA VAL A 431 -45.20 -23.92 -23.16
C VAL A 431 -44.30 -25.13 -23.38
N LYS A 432 -43.12 -24.89 -23.95
CA LYS A 432 -42.20 -25.98 -24.29
C LYS A 432 -41.54 -26.49 -23.02
N LYS A 433 -42.28 -27.32 -22.29
CA LYS A 433 -41.78 -27.90 -21.05
C LYS A 433 -40.77 -28.99 -21.33
N VAL A 434 -40.02 -29.35 -20.29
CA VAL A 434 -39.08 -30.47 -20.34
C VAL A 434 -39.30 -31.31 -19.08
N ILE A 435 -38.79 -32.54 -19.14
CA ILE A 435 -38.93 -33.51 -18.05
C ILE A 435 -37.55 -33.76 -17.47
N CYS A 436 -37.42 -33.62 -16.15
CA CYS A 436 -36.15 -33.73 -15.47
C CYS A 436 -36.35 -34.26 -14.06
N THR A 437 -35.39 -35.05 -13.59
CA THR A 437 -35.47 -35.63 -12.26
C THR A 437 -34.69 -34.77 -11.27
N GLY A 438 -34.59 -35.25 -10.03
CA GLY A 438 -33.81 -34.57 -9.02
C GLY A 438 -34.53 -34.23 -7.72
N PRO A 439 -35.77 -33.75 -7.79
CA PRO A 439 -36.49 -33.45 -6.54
C PRO A 439 -36.77 -34.70 -5.72
N ASN A 440 -37.20 -34.48 -4.48
CA ASN A 440 -37.52 -35.57 -3.57
C ASN A 440 -38.66 -36.42 -4.10
N PRO A 447 -32.01 -37.25 0.21
CA PRO A 447 -32.30 -38.58 0.78
C PRO A 447 -33.47 -39.27 0.08
N ARG A 448 -34.55 -38.53 -0.16
CA ARG A 448 -35.68 -39.09 -0.89
C ARG A 448 -35.28 -39.36 -2.34
N HIS A 449 -35.95 -40.34 -2.94
CA HIS A 449 -35.58 -40.79 -4.27
C HIS A 449 -35.85 -39.70 -5.31
N THR A 450 -35.22 -39.86 -6.48
CA THR A 450 -35.22 -38.85 -7.52
C THR A 450 -36.48 -39.00 -8.37
N VAL A 451 -37.54 -38.32 -7.96
CA VAL A 451 -38.82 -38.36 -8.66
C VAL A 451 -38.75 -37.45 -9.89
N PRO A 452 -39.00 -37.95 -11.10
CA PRO A 452 -39.06 -37.07 -12.26
C PRO A 452 -40.19 -36.08 -12.15
N GLN A 453 -39.98 -34.89 -12.72
CA GLN A 453 -40.92 -33.79 -12.64
C GLN A 453 -40.76 -32.91 -13.87
N CYS A 454 -41.79 -32.10 -14.14
CA CYS A 454 -41.82 -31.26 -15.33
C CYS A 454 -41.37 -29.85 -14.98
N CYS A 455 -40.35 -29.36 -15.69
CA CYS A 455 -39.85 -28.01 -15.50
C CYS A 455 -40.08 -27.19 -16.76
N TYR A 456 -40.42 -25.93 -16.56
CA TYR A 456 -40.67 -24.99 -17.65
C TYR A 456 -40.53 -23.58 -17.12
N GLY A 457 -40.01 -22.70 -17.96
CA GLY A 457 -39.81 -21.32 -17.56
C GLY A 457 -38.93 -20.58 -18.55
N PHE A 458 -38.51 -19.39 -18.12
CA PHE A 458 -37.68 -18.53 -18.96
C PHE A 458 -36.34 -19.19 -19.26
N CYS A 459 -35.69 -19.75 -18.24
CA CYS A 459 -34.44 -20.46 -18.44
C CYS A 459 -34.65 -21.67 -19.35
N ILE A 460 -35.75 -22.40 -19.17
CA ILE A 460 -36.04 -23.54 -20.02
C ILE A 460 -36.22 -23.10 -21.47
N ASP A 461 -36.94 -22.00 -21.69
CA ASP A 461 -37.11 -21.48 -23.04
C ASP A 461 -35.77 -21.10 -23.66
N LEU A 462 -34.92 -20.44 -22.89
CA LEU A 462 -33.59 -20.08 -23.39
C LEU A 462 -32.78 -21.32 -23.74
N LEU A 463 -32.87 -22.35 -22.90
CA LEU A 463 -32.17 -23.60 -23.17
C LEU A 463 -32.69 -24.25 -24.45
N ILE A 464 -34.00 -24.22 -24.66
CA ILE A 464 -34.57 -24.75 -25.90
C ILE A 464 -34.03 -24.00 -27.10
N LYS A 465 -34.01 -22.67 -27.02
CA LYS A 465 -33.52 -21.87 -28.13
C LYS A 465 -32.05 -22.18 -28.42
N LEU A 466 -31.24 -22.30 -27.37
CA LEU A 466 -29.83 -22.63 -27.55
C LEU A 466 -29.66 -24.01 -28.17
N ALA A 467 -30.41 -24.99 -27.67
CA ALA A 467 -30.33 -26.34 -28.21
C ALA A 467 -30.68 -26.38 -29.68
N ARG A 468 -31.64 -25.54 -30.09
CA ARG A 468 -31.91 -25.42 -31.53
C ARG A 468 -30.76 -24.73 -32.25
N THR A 469 -30.15 -23.73 -31.62
CA THR A 469 -29.07 -22.99 -32.29
C THR A 469 -27.85 -23.86 -32.52
N MET A 470 -27.38 -24.54 -31.48
CA MET A 470 -26.24 -25.45 -31.57
C MET A 470 -26.74 -26.86 -31.27
N ASN A 471 -26.45 -27.81 -32.15
CA ASN A 471 -26.98 -29.15 -32.02
C ASN A 471 -26.62 -29.76 -30.69
N PHE A 472 -27.64 -29.99 -29.86
CA PHE A 472 -27.48 -30.58 -28.55
C PHE A 472 -28.38 -31.79 -28.42
N THR A 473 -28.01 -32.68 -27.50
CA THR A 473 -28.97 -33.55 -26.85
C THR A 473 -28.74 -33.40 -25.35
N TYR A 474 -29.80 -33.07 -24.63
CA TYR A 474 -29.65 -32.57 -23.27
C TYR A 474 -30.60 -33.31 -22.34
N GLU A 475 -30.12 -33.61 -21.13
CA GLU A 475 -30.98 -34.11 -20.08
C GLU A 475 -30.79 -33.20 -18.86
N VAL A 476 -31.89 -32.74 -18.30
CA VAL A 476 -31.88 -31.80 -17.20
C VAL A 476 -32.09 -32.58 -15.91
N HIS A 477 -31.54 -32.06 -14.81
CA HIS A 477 -31.82 -32.60 -13.49
C HIS A 477 -31.46 -31.55 -12.46
N LEU A 478 -32.39 -31.28 -11.53
CA LEU A 478 -32.14 -30.29 -10.50
C LEU A 478 -31.09 -30.83 -9.51
N VAL A 479 -30.49 -29.90 -8.78
CA VAL A 479 -29.45 -30.26 -7.83
C VAL A 479 -30.10 -30.83 -6.57
N ALA A 480 -29.52 -31.93 -6.07
CA ALA A 480 -30.06 -32.57 -4.88
C ALA A 480 -29.98 -31.66 -3.66
N ASP A 481 -28.87 -30.92 -3.53
CA ASP A 481 -28.70 -30.07 -2.37
C ASP A 481 -29.74 -28.95 -2.32
N GLY A 482 -30.14 -28.43 -3.48
CA GLY A 482 -31.12 -27.35 -3.51
C GLY A 482 -30.61 -26.05 -2.94
N LYS A 483 -29.33 -25.74 -3.14
CA LYS A 483 -28.75 -24.48 -2.70
C LYS A 483 -27.87 -23.94 -3.82
N PHE A 484 -27.72 -22.63 -3.85
CA PHE A 484 -27.05 -21.96 -4.96
C PHE A 484 -25.56 -22.27 -5.03
N GLY A 485 -25.00 -22.94 -4.03
CA GLY A 485 -23.68 -23.51 -4.18
C GLY A 485 -22.51 -22.54 -4.18
N THR A 486 -22.23 -21.93 -3.04
CA THR A 486 -21.02 -21.14 -2.89
C THR A 486 -19.81 -22.04 -2.65
N GLN A 487 -18.69 -21.43 -2.30
CA GLN A 487 -17.48 -22.15 -1.94
C GLN A 487 -17.32 -22.09 -0.42
N GLU A 488 -17.21 -23.26 0.21
CA GLU A 488 -17.23 -23.36 1.66
C GLU A 488 -16.02 -24.14 2.16
N ARG A 489 -15.54 -23.77 3.34
CA ARG A 489 -14.45 -24.49 3.99
C ARG A 489 -15.01 -25.76 4.63
N VAL A 490 -14.54 -26.92 4.15
CA VAL A 490 -15.05 -28.18 4.66
C VAL A 490 -14.70 -28.33 6.14
N ASN A 491 -15.50 -29.13 6.83
CA ASN A 491 -15.27 -29.38 8.25
C ASN A 491 -13.94 -30.09 8.46
N ASN A 492 -13.37 -29.89 9.65
CA ASN A 492 -12.13 -30.51 10.12
C ASN A 492 -11.03 -30.52 9.06
N SER A 493 -10.92 -29.43 8.28
CA SER A 493 -9.82 -29.31 7.33
C SER A 493 -9.72 -27.86 6.90
N ASN A 494 -8.50 -27.46 6.49
CA ASN A 494 -8.27 -26.11 6.01
C ASN A 494 -8.75 -25.92 4.58
N LYS A 495 -8.64 -26.96 3.76
CA LYS A 495 -9.03 -26.85 2.35
C LYS A 495 -10.53 -26.62 2.21
N LYS A 496 -10.89 -25.88 1.16
CA LYS A 496 -12.28 -25.56 0.87
C LYS A 496 -12.71 -26.22 -0.44
N GLU A 497 -14.02 -26.27 -0.66
CA GLU A 497 -14.57 -26.95 -1.82
C GLU A 497 -15.86 -26.26 -2.24
N TRP A 498 -16.24 -26.51 -3.50
CA TRP A 498 -17.42 -25.89 -4.10
C TRP A 498 -18.68 -26.57 -3.57
N ASN A 499 -19.37 -25.91 -2.65
CA ASN A 499 -20.61 -26.43 -2.09
C ASN A 499 -21.72 -26.39 -3.14
N GLY A 500 -22.78 -27.14 -2.87
CA GLY A 500 -24.07 -27.00 -3.54
C GLY A 500 -24.03 -27.33 -5.03
N MET A 501 -24.88 -26.61 -5.78
CA MET A 501 -25.07 -26.91 -7.19
C MET A 501 -23.79 -26.75 -7.99
N MET A 502 -22.88 -25.88 -7.55
CA MET A 502 -21.59 -25.77 -8.21
C MET A 502 -20.76 -27.03 -8.09
N GLY A 503 -21.01 -27.86 -7.08
CA GLY A 503 -20.41 -29.18 -7.06
C GLY A 503 -20.85 -30.01 -8.25
N GLU A 504 -22.08 -29.82 -8.72
CA GLU A 504 -22.53 -30.51 -9.90
C GLU A 504 -21.79 -30.14 -11.16
N LEU A 505 -21.14 -28.97 -11.18
CA LEU A 505 -20.37 -28.55 -12.35
C LEU A 505 -18.87 -28.82 -12.20
N LEU A 506 -18.29 -28.45 -11.05
CA LEU A 506 -16.86 -28.67 -10.86
C LEU A 506 -16.52 -30.15 -10.79
N SER A 507 -17.33 -30.94 -10.10
CA SER A 507 -17.07 -32.37 -9.93
C SER A 507 -17.45 -33.19 -11.16
N GLY A 508 -17.78 -32.54 -12.28
CA GLY A 508 -18.12 -33.24 -13.49
C GLY A 508 -19.50 -33.87 -13.51
N GLN A 509 -20.32 -33.64 -12.49
CA GLN A 509 -21.67 -34.18 -12.48
C GLN A 509 -22.48 -33.62 -13.66
N ALA A 510 -22.34 -32.33 -13.92
CA ALA A 510 -22.98 -31.66 -15.04
C ALA A 510 -21.91 -31.08 -15.97
N ASP A 511 -22.36 -30.37 -17.00
CA ASP A 511 -21.47 -29.73 -17.94
C ASP A 511 -21.85 -28.31 -18.33
N MET A 512 -22.98 -27.80 -17.85
CA MET A 512 -23.42 -26.44 -18.15
C MET A 512 -24.45 -26.03 -17.12
N ILE A 513 -24.13 -25.01 -16.32
CA ILE A 513 -25.01 -24.56 -15.26
C ILE A 513 -25.95 -23.51 -15.84
N VAL A 514 -27.22 -23.87 -16.01
CA VAL A 514 -28.24 -22.94 -16.47
C VAL A 514 -29.17 -22.66 -15.30
N ALA A 515 -29.13 -21.43 -14.80
CA ALA A 515 -29.87 -21.05 -13.62
C ALA A 515 -29.79 -19.54 -13.46
N PRO A 516 -30.54 -18.94 -12.53
CA PRO A 516 -30.32 -17.53 -12.22
C PRO A 516 -28.99 -17.31 -11.51
N LEU A 517 -27.89 -17.56 -12.20
CA LEU A 517 -26.57 -17.46 -11.60
C LEU A 517 -26.07 -16.03 -11.64
N THR A 518 -25.63 -15.53 -10.49
CA THR A 518 -25.12 -14.16 -10.38
C THR A 518 -23.61 -14.18 -10.51
N ILE A 519 -23.07 -13.20 -11.22
CA ILE A 519 -21.64 -13.14 -11.48
C ILE A 519 -20.93 -12.50 -10.29
N ASN A 520 -19.94 -13.20 -9.74
CA ASN A 520 -19.16 -12.70 -8.62
C ASN A 520 -17.73 -13.23 -8.78
N ASN A 521 -16.89 -13.00 -7.76
CA ASN A 521 -15.45 -13.10 -7.94
C ASN A 521 -14.97 -14.56 -8.00
N GLU A 522 -15.14 -15.30 -6.91
CA GLU A 522 -14.56 -16.63 -6.85
C GLU A 522 -15.21 -17.57 -7.85
N ARG A 523 -16.50 -17.37 -8.14
CA ARG A 523 -17.15 -18.18 -9.16
C ARG A 523 -16.50 -17.97 -10.52
N ALA A 524 -16.23 -16.72 -10.88
CA ALA A 524 -15.48 -16.47 -12.10
C ALA A 524 -14.06 -17.00 -12.01
N GLN A 525 -13.53 -17.12 -10.79
CA GLN A 525 -12.17 -17.65 -10.63
C GLN A 525 -12.11 -19.13 -10.96
N TYR A 526 -13.04 -19.92 -10.41
CA TYR A 526 -12.98 -21.36 -10.58
C TYR A 526 -13.54 -21.80 -11.94
N ILE A 527 -14.74 -21.32 -12.29
CA ILE A 527 -15.38 -21.71 -13.53
C ILE A 527 -15.44 -20.49 -14.44
N GLU A 528 -15.86 -20.73 -15.68
CA GLU A 528 -15.97 -19.69 -16.69
C GLU A 528 -17.43 -19.34 -16.95
N PHE A 529 -17.66 -18.11 -17.37
CA PHE A 529 -18.99 -17.58 -17.61
C PHE A 529 -19.15 -17.22 -19.09
N SER A 530 -20.28 -16.60 -19.42
CA SER A 530 -20.52 -16.05 -20.73
C SER A 530 -21.01 -14.62 -20.56
N LYS A 531 -21.34 -13.98 -21.68
CA LYS A 531 -21.94 -12.66 -21.60
C LYS A 531 -23.30 -12.76 -20.92
N PRO A 532 -23.65 -11.80 -20.07
CA PRO A 532 -24.91 -11.90 -19.33
C PRO A 532 -26.11 -11.78 -20.25
N PHE A 533 -27.19 -12.47 -19.88
CA PHE A 533 -28.44 -12.41 -20.61
C PHE A 533 -29.55 -11.68 -19.87
N LYS A 534 -29.29 -11.20 -18.66
CA LYS A 534 -30.30 -10.44 -17.92
C LYS A 534 -29.57 -9.64 -16.84
N TYR A 535 -29.69 -8.32 -16.92
CA TYR A 535 -29.06 -7.46 -15.94
C TYR A 535 -30.00 -7.22 -14.78
N GLN A 536 -29.47 -7.17 -13.57
CA GLN A 536 -30.29 -7.03 -12.37
C GLN A 536 -29.39 -6.75 -11.19
N GLY A 537 -29.99 -6.24 -10.12
CA GLY A 537 -29.26 -5.92 -8.91
C GLY A 537 -29.82 -6.59 -7.67
N LEU A 538 -29.44 -6.10 -6.49
CA LEU A 538 -29.95 -6.63 -5.23
C LEU A 538 -30.88 -5.59 -4.61
N THR A 539 -31.99 -6.06 -4.05
CA THR A 539 -33.11 -5.18 -3.73
C THR A 539 -33.78 -5.68 -2.46
N ILE A 540 -34.56 -4.79 -1.84
CA ILE A 540 -35.18 -5.03 -0.55
C ILE A 540 -36.65 -5.37 -0.77
N LEU A 541 -37.12 -6.43 -0.15
CA LEU A 541 -38.53 -6.80 -0.13
C LEU A 541 -39.06 -6.67 1.28
N VAL A 542 -40.13 -5.89 1.44
CA VAL A 542 -40.75 -5.66 2.75
C VAL A 542 -42.26 -5.65 2.58
N LYS A 543 -42.97 -6.31 3.50
CA LYS A 543 -44.42 -6.23 3.52
C LYS A 543 -44.88 -4.84 3.89
N LYS A 544 -45.91 -4.35 3.19
CA LYS A 544 -46.43 -3.01 3.45
C LYS A 544 -47.92 -2.96 3.17
N GLU A 545 -48.66 -2.35 4.08
CA GLU A 545 -50.09 -2.12 3.92
C GLU A 545 -50.33 -0.65 3.56
N ILE A 546 -50.87 -0.43 2.37
CA ILE A 546 -51.08 0.92 1.84
C ILE A 546 -52.33 1.59 2.41
N PRO A 547 -53.53 1.00 2.30
CA PRO A 547 -54.75 1.77 2.57
C PRO A 547 -54.91 2.14 4.04
N ARG A 548 -55.67 3.20 4.26
CA ARG A 548 -56.06 3.66 5.59
C ARG A 548 -57.56 3.88 5.60
N SER A 549 -58.24 3.26 6.55
CA SER A 549 -59.69 3.37 6.63
C SER A 549 -60.10 4.78 7.03
N THR A 550 -61.12 5.30 6.36
CA THR A 550 -61.65 6.63 6.60
C THR A 550 -62.79 6.62 7.61
N LEU A 551 -62.54 6.03 8.78
CA LEU A 551 -63.52 5.94 9.85
C LEU A 551 -62.87 6.34 11.16
N ASP A 552 -63.47 7.31 11.85
CA ASP A 552 -63.00 7.79 13.15
C ASP A 552 -61.54 8.24 13.07
N SER A 553 -61.16 8.80 11.92
CA SER A 553 -59.81 9.27 11.70
C SER A 553 -59.64 10.77 11.90
N PHE A 554 -60.73 11.50 12.10
CA PHE A 554 -60.69 12.96 12.16
C PHE A 554 -61.32 13.54 13.41
N MET A 555 -62.37 12.91 13.94
CA MET A 555 -63.13 13.48 15.05
C MET A 555 -62.50 13.16 16.40
N GLN A 556 -61.21 13.42 16.55
CA GLN A 556 -60.55 13.23 17.83
C GLN A 556 -60.87 14.39 18.78
N PRO A 557 -60.63 15.66 18.41
CA PRO A 557 -60.94 16.75 19.34
C PRO A 557 -62.29 17.41 19.07
N PHE A 558 -62.96 17.02 17.99
CA PHE A 558 -64.16 17.73 17.55
C PHE A 558 -65.29 17.60 18.56
N GLN A 559 -65.59 16.37 18.99
CA GLN A 559 -66.69 16.17 19.91
C GLN A 559 -66.37 16.74 21.30
N SER A 560 -65.10 16.78 21.67
CA SER A 560 -64.72 17.37 22.95
C SER A 560 -65.00 18.87 22.97
N THR A 561 -64.68 19.57 21.88
CA THR A 561 -64.88 21.01 21.81
C THR A 561 -66.27 21.39 21.31
N LEU A 562 -67.09 20.42 20.88
CA LEU A 562 -68.43 20.73 20.40
C LEU A 562 -69.32 21.30 21.51
N TRP A 563 -68.99 21.05 22.78
CA TRP A 563 -69.77 21.57 23.88
C TRP A 563 -69.47 23.05 24.14
N LEU A 601 -86.84 31.61 18.24
CA LEU A 601 -86.45 31.52 16.84
C LEU A 601 -84.96 31.22 16.71
N THR A 602 -84.21 31.55 17.77
CA THR A 602 -82.77 31.34 17.74
C THR A 602 -82.39 29.87 17.76
N LEU A 603 -83.24 29.03 18.38
CA LEU A 603 -82.90 27.61 18.50
C LEU A 603 -82.81 26.95 17.13
N SER A 604 -83.71 27.28 16.22
CA SER A 604 -83.64 26.72 14.87
C SER A 604 -82.56 27.42 14.04
N SER A 605 -82.35 28.71 14.27
CA SER A 605 -81.35 29.45 13.50
C SER A 605 -79.94 28.93 13.79
N ALA A 606 -79.65 28.58 15.04
CA ALA A 606 -78.34 28.03 15.36
C ALA A 606 -78.07 26.75 14.61
N MET A 607 -79.05 25.83 14.59
CA MET A 607 -78.87 24.58 13.86
C MET A 607 -78.77 24.83 12.36
N TRP A 608 -79.56 25.78 11.84
CA TRP A 608 -79.55 26.04 10.41
C TRP A 608 -78.20 26.61 9.96
N PHE A 609 -77.69 27.62 10.68
CA PHE A 609 -76.41 28.22 10.29
C PHE A 609 -75.25 27.30 10.60
N SER A 610 -75.37 26.44 11.61
CA SER A 610 -74.36 25.40 11.81
C SER A 610 -74.32 24.46 10.63
N TRP A 611 -75.48 24.14 10.07
CA TRP A 611 -75.58 23.29 8.89
C TRP A 611 -75.63 24.08 7.59
N GLY A 612 -75.48 25.40 7.65
CA GLY A 612 -75.51 26.23 6.46
C GLY A 612 -74.33 26.03 5.54
N PHE A 627 -80.61 45.91 14.61
CA PHE A 627 -80.29 45.71 16.02
C PHE A 627 -79.04 44.85 16.17
N SER A 628 -78.52 44.77 17.39
CA SER A 628 -77.30 44.00 17.64
C SER A 628 -77.52 42.50 17.57
N ALA A 629 -78.78 42.04 17.64
CA ALA A 629 -79.04 40.61 17.57
C ALA A 629 -78.65 40.05 16.20
N ARG A 630 -78.99 40.77 15.13
CA ARG A 630 -78.62 40.32 13.79
C ARG A 630 -77.12 40.36 13.58
N ILE A 631 -76.45 41.37 14.14
CA ILE A 631 -74.99 41.45 14.04
C ILE A 631 -74.35 40.28 14.77
N LEU A 632 -74.86 39.96 15.95
CA LEU A 632 -74.33 38.81 16.69
C LEU A 632 -74.57 37.51 15.94
N GLY A 633 -75.74 37.36 15.32
CA GLY A 633 -76.01 36.17 14.52
C GLY A 633 -75.07 36.05 13.34
N MET A 634 -74.83 37.17 12.65
CA MET A 634 -73.92 37.14 11.50
C MET A 634 -72.49 36.79 11.94
N VAL A 635 -72.03 37.38 13.05
CA VAL A 635 -70.71 37.06 13.55
C VAL A 635 -70.61 35.60 13.97
N TRP A 636 -71.66 35.07 14.60
CA TRP A 636 -71.67 33.66 14.98
C TRP A 636 -71.64 32.75 13.76
N ALA A 637 -72.37 33.12 12.70
CA ALA A 637 -72.33 32.34 11.46
C ALA A 637 -70.94 32.37 10.84
N GLY A 638 -70.30 33.55 10.84
CA GLY A 638 -68.94 33.63 10.34
C GLY A 638 -67.97 32.80 11.15
N PHE A 639 -68.12 32.80 12.47
CA PHE A 639 -67.27 31.97 13.32
C PHE A 639 -67.49 30.50 13.03
N ALA A 640 -68.74 30.07 12.84
CA ALA A 640 -69.02 28.68 12.51
C ALA A 640 -68.40 28.30 11.17
N MET A 641 -68.48 29.20 10.18
CA MET A 641 -67.87 28.93 8.89
C MET A 641 -66.35 28.81 9.02
N ILE A 642 -65.73 29.68 9.82
CA ILE A 642 -64.29 29.58 10.04
C ILE A 642 -63.96 28.26 10.72
N ILE A 643 -64.80 27.83 11.66
CA ILE A 643 -64.55 26.59 12.39
C ILE A 643 -64.63 25.39 11.44
N VAL A 644 -65.65 25.35 10.57
CA VAL A 644 -65.75 24.22 9.67
C VAL A 644 -64.64 24.24 8.62
N ALA A 645 -64.20 25.42 8.20
CA ALA A 645 -63.05 25.50 7.31
C ALA A 645 -61.79 24.98 8.00
N SER A 646 -61.60 25.33 9.27
CA SER A 646 -60.48 24.80 10.03
C SER A 646 -60.58 23.28 10.14
N TYR A 647 -61.79 22.75 10.34
CA TYR A 647 -61.97 21.31 10.43
C TYR A 647 -61.59 20.61 9.14
N THR A 648 -62.03 21.16 8.01
CA THR A 648 -61.72 20.51 6.73
C THR A 648 -60.22 20.62 6.42
N ALA A 649 -59.59 21.75 6.77
CA ALA A 649 -58.15 21.85 6.59
C ALA A 649 -57.40 20.88 7.51
N ASN A 650 -57.91 20.69 8.73
CA ASN A 650 -57.30 19.72 9.64
C ASN A 650 -57.39 18.31 9.06
N LEU A 651 -58.54 17.94 8.51
CA LEU A 651 -58.68 16.62 7.92
C LEU A 651 -57.75 16.48 6.71
N ALA A 652 -57.63 17.54 5.91
CA ALA A 652 -56.71 17.51 4.78
C ALA A 652 -55.27 17.31 5.23
N ALA A 653 -54.85 18.04 6.26
CA ALA A 653 -53.48 17.90 6.76
C ALA A 653 -53.26 16.50 7.35
N PHE A 654 -54.23 15.98 8.08
CA PHE A 654 -54.11 14.64 8.63
C PHE A 654 -54.00 13.59 7.54
N LEU A 655 -54.78 13.74 6.47
CA LEU A 655 -54.69 12.82 5.34
C LEU A 655 -53.33 12.93 4.66
N VAL A 656 -52.83 14.15 4.48
CA VAL A 656 -51.50 14.34 3.93
C VAL A 656 -50.44 13.79 4.87
N LEU A 657 -50.65 13.93 6.18
CA LEU A 657 -49.74 13.40 7.17
C LEU A 657 -50.21 12.02 7.64
N ILE A 664 -38.05 2.84 5.32
CA ILE A 664 -37.80 1.88 4.24
C ILE A 664 -36.87 2.48 3.18
N THR A 665 -35.63 2.00 3.16
CA THR A 665 -34.64 2.46 2.19
C THR A 665 -33.62 1.34 2.00
N GLY A 666 -32.68 1.57 1.08
CA GLY A 666 -31.71 0.56 0.71
C GLY A 666 -30.68 0.24 1.78
N ILE A 667 -29.53 -0.28 1.35
CA ILE A 667 -28.47 -0.66 2.28
C ILE A 667 -27.94 0.51 3.10
N ASN A 668 -28.31 1.74 2.73
CA ASN A 668 -27.92 2.91 3.50
C ASN A 668 -28.67 3.04 4.82
N ASP A 669 -29.69 2.21 5.05
CA ASP A 669 -30.47 2.33 6.28
C ASP A 669 -29.59 2.05 7.49
N PRO A 670 -29.70 2.87 8.55
CA PRO A 670 -28.87 2.61 9.74
C PRO A 670 -29.14 1.26 10.38
N ARG A 671 -30.39 0.80 10.35
CA ARG A 671 -30.67 -0.55 10.84
C ARG A 671 -29.99 -1.59 9.98
N LEU A 672 -29.93 -1.35 8.66
CA LEU A 672 -29.24 -2.25 7.75
C LEU A 672 -27.72 -2.13 7.85
N ARG A 673 -27.22 -1.06 8.47
CA ARG A 673 -25.78 -0.89 8.69
C ARG A 673 -25.36 -1.23 10.12
N ASN A 674 -26.18 -0.87 11.10
CA ASN A 674 -25.94 -1.25 12.49
C ASN A 674 -26.94 -2.32 12.88
N PRO A 675 -26.50 -3.52 13.26
CA PRO A 675 -27.44 -4.62 13.53
C PRO A 675 -28.43 -4.25 14.62
N SER A 676 -29.68 -4.67 14.43
CA SER A 676 -30.76 -4.38 15.35
C SER A 676 -31.60 -5.62 15.56
N ASP A 677 -32.05 -5.83 16.79
CA ASP A 677 -32.87 -6.99 17.11
C ASP A 677 -34.33 -6.81 16.74
N LYS A 678 -34.77 -5.58 16.47
CA LYS A 678 -36.15 -5.35 16.04
C LYS A 678 -36.38 -5.79 14.60
N PHE A 679 -35.32 -5.91 13.81
CA PHE A 679 -35.41 -6.30 12.42
C PHE A 679 -34.62 -7.58 12.18
N ILE A 680 -35.23 -8.51 11.45
CA ILE A 680 -34.56 -9.76 11.07
C ILE A 680 -34.21 -9.62 9.59
N TYR A 681 -33.00 -9.13 9.32
CA TYR A 681 -32.51 -8.97 7.96
C TYR A 681 -31.92 -10.29 7.51
N ALA A 682 -32.75 -11.12 6.88
CA ALA A 682 -32.37 -12.47 6.50
C ALA A 682 -32.31 -12.59 4.98
N THR A 683 -31.46 -13.50 4.52
CA THR A 683 -31.26 -13.75 3.10
C THR A 683 -31.23 -15.25 2.85
N VAL A 684 -30.91 -15.63 1.62
CA VAL A 684 -30.79 -17.04 1.26
C VAL A 684 -29.40 -17.52 1.63
N LYS A 685 -29.33 -18.61 2.39
CA LYS A 685 -28.04 -19.15 2.81
C LYS A 685 -27.25 -19.64 1.61
N GLN A 686 -25.93 -19.44 1.67
CA GLN A 686 -24.96 -19.91 0.68
C GLN A 686 -25.18 -19.31 -0.71
N SER A 687 -26.05 -18.32 -0.84
CA SER A 687 -26.32 -17.71 -2.13
C SER A 687 -25.29 -16.62 -2.43
N SER A 688 -25.48 -15.94 -3.56
CA SER A 688 -24.57 -14.88 -3.96
C SER A 688 -24.62 -13.70 -3.00
N VAL A 689 -25.79 -13.44 -2.41
CA VAL A 689 -25.91 -12.32 -1.48
C VAL A 689 -25.03 -12.51 -0.27
N ASP A 690 -24.90 -13.76 0.20
CA ASP A 690 -23.99 -14.03 1.31
C ASP A 690 -22.55 -13.73 0.92
N ILE A 691 -22.16 -14.07 -0.31
CA ILE A 691 -20.80 -13.76 -0.76
C ILE A 691 -20.60 -12.25 -0.80
N TYR A 692 -21.57 -11.52 -1.33
CA TYR A 692 -21.40 -10.07 -1.41
C TYR A 692 -21.28 -9.47 -0.01
N PHE A 693 -22.05 -9.98 0.94
CA PHE A 693 -21.99 -9.47 2.30
C PHE A 693 -20.70 -9.86 3.02
N ARG A 694 -20.11 -11.00 2.66
CA ARG A 694 -18.93 -11.50 3.36
C ARG A 694 -17.69 -10.65 3.15
N ARG A 695 -17.63 -9.82 2.10
CA ARG A 695 -16.36 -9.18 1.76
C ARG A 695 -16.25 -7.78 2.37
N GLN A 696 -17.33 -7.01 2.38
CA GLN A 696 -17.27 -5.66 2.91
C GLN A 696 -17.04 -5.69 4.43
N VAL A 697 -16.57 -4.56 4.96
CA VAL A 697 -16.02 -4.52 6.31
C VAL A 697 -17.13 -4.43 7.35
N CYS A 698 -17.90 -3.34 7.34
CA CYS A 698 -19.04 -3.25 8.23
C CYS A 698 -20.11 -4.27 7.85
N LEU A 699 -20.25 -4.51 6.54
CA LEU A 699 -21.15 -5.56 6.08
C LEU A 699 -20.71 -6.92 6.57
N SER A 700 -19.45 -7.09 7.00
CA SER A 700 -19.07 -8.33 7.66
C SER A 700 -19.81 -8.52 8.97
N THR A 701 -19.89 -7.45 9.78
CA THR A 701 -20.68 -7.52 11.00
C THR A 701 -22.17 -7.71 10.69
N MET A 702 -22.65 -7.01 9.66
CA MET A 702 -24.04 -7.20 9.27
C MET A 702 -24.32 -8.64 8.84
N TYR A 703 -23.40 -9.25 8.09
CA TYR A 703 -23.53 -10.64 7.69
C TYR A 703 -23.49 -11.58 8.88
N ARG A 704 -22.62 -11.29 9.86
CA ARG A 704 -22.57 -12.12 11.05
C ARG A 704 -23.89 -12.06 11.79
N HIS A 705 -24.54 -10.90 11.81
CA HIS A 705 -25.89 -10.81 12.34
C HIS A 705 -26.88 -11.62 11.50
N MET A 706 -26.81 -11.47 10.18
CA MET A 706 -27.82 -12.02 9.28
C MET A 706 -27.76 -13.55 9.23
N GLU A 707 -26.59 -14.13 9.44
CA GLU A 707 -26.43 -15.57 9.29
C GLU A 707 -27.19 -16.37 10.34
N LYS A 708 -27.69 -15.71 11.39
CA LYS A 708 -28.50 -16.40 12.39
C LYS A 708 -29.96 -16.54 11.98
N HIS A 709 -30.35 -16.01 10.82
CA HIS A 709 -31.73 -16.10 10.35
C HIS A 709 -31.82 -16.45 8.88
N ASN A 710 -30.70 -16.79 8.23
CA ASN A 710 -30.72 -17.11 6.81
C ASN A 710 -31.55 -18.35 6.54
N TYR A 711 -32.42 -18.26 5.53
CA TYR A 711 -33.28 -19.38 5.16
C TYR A 711 -32.53 -20.28 4.17
N GLU A 712 -33.24 -21.23 3.57
CA GLU A 712 -32.63 -22.19 2.66
C GLU A 712 -33.10 -22.07 1.22
N SER A 713 -34.20 -21.38 0.93
CA SER A 713 -34.68 -21.24 -0.43
C SER A 713 -35.59 -20.03 -0.53
N ALA A 714 -35.91 -19.65 -1.77
CA ALA A 714 -36.63 -18.40 -2.01
C ALA A 714 -38.10 -18.51 -1.61
N ALA A 715 -38.75 -19.63 -1.93
CA ALA A 715 -40.19 -19.73 -1.74
C ALA A 715 -40.58 -19.61 -0.27
N GLU A 716 -39.84 -20.31 0.60
CA GLU A 716 -40.12 -20.21 2.03
C GLU A 716 -39.88 -18.80 2.55
N ALA A 717 -38.84 -18.14 2.05
CA ALA A 717 -38.58 -16.76 2.44
C ALA A 717 -39.74 -15.85 2.05
N ILE A 718 -40.24 -16.01 0.83
CA ILE A 718 -41.36 -15.20 0.36
C ILE A 718 -42.59 -15.45 1.22
N GLN A 719 -42.88 -16.74 1.50
CA GLN A 719 -44.04 -17.06 2.32
C GLN A 719 -43.92 -16.48 3.72
N ALA A 720 -42.74 -16.58 4.32
CA ALA A 720 -42.53 -16.02 5.66
C ALA A 720 -42.68 -14.50 5.64
N VAL A 721 -42.19 -13.85 4.58
CA VAL A 721 -42.35 -12.41 4.45
C VAL A 721 -43.83 -12.06 4.31
N ARG A 722 -44.60 -12.92 3.66
CA ARG A 722 -46.06 -12.73 3.63
C ARG A 722 -46.64 -12.82 5.02
N ASP A 723 -46.13 -13.75 5.84
CA ASP A 723 -46.67 -14.01 7.17
C ASP A 723 -46.07 -13.12 8.24
N ASN A 724 -45.24 -12.15 7.86
CA ASN A 724 -44.61 -11.19 8.77
C ASN A 724 -43.74 -11.87 9.82
N LYS A 725 -43.27 -13.10 9.53
CA LYS A 725 -42.30 -13.74 10.41
C LYS A 725 -40.91 -13.12 10.29
N LEU A 726 -40.69 -12.27 9.30
CA LEU A 726 -39.41 -11.61 9.09
C LEU A 726 -39.66 -10.13 8.83
N HIS A 727 -38.64 -9.31 9.09
CA HIS A 727 -38.75 -7.87 8.94
C HIS A 727 -38.43 -7.42 7.52
N ALA A 728 -37.21 -7.72 7.05
CA ALA A 728 -36.74 -7.28 5.74
C ALA A 728 -36.07 -8.41 5.00
N PHE A 729 -36.26 -8.46 3.69
CA PHE A 729 -35.65 -9.48 2.84
C PHE A 729 -34.73 -8.82 1.82
N ILE A 730 -33.60 -9.45 1.55
CA ILE A 730 -32.62 -8.96 0.58
C ILE A 730 -32.44 -10.04 -0.47
N TRP A 731 -32.71 -9.71 -1.74
CA TRP A 731 -32.58 -10.73 -2.76
C TRP A 731 -32.53 -10.08 -4.14
N ASP A 732 -32.44 -10.92 -5.17
CA ASP A 732 -32.20 -10.45 -6.53
C ASP A 732 -33.35 -9.59 -7.04
N SER A 733 -33.02 -8.70 -7.98
CA SER A 733 -33.99 -7.71 -8.43
C SER A 733 -35.05 -8.33 -9.33
N ALA A 734 -34.64 -9.23 -10.24
CA ALA A 734 -35.60 -9.77 -11.21
C ALA A 734 -36.66 -10.62 -10.53
N VAL A 735 -36.23 -11.55 -9.66
CA VAL A 735 -37.18 -12.43 -8.98
C VAL A 735 -38.14 -11.62 -8.14
N LEU A 736 -37.63 -10.63 -7.39
CA LEU A 736 -38.50 -9.85 -6.53
C LEU A 736 -39.41 -8.93 -7.34
N GLU A 737 -38.94 -8.42 -8.47
CA GLU A 737 -39.80 -7.65 -9.34
C GLU A 737 -40.98 -8.49 -9.83
N PHE A 738 -40.69 -9.72 -10.25
CA PHE A 738 -41.76 -10.61 -10.67
C PHE A 738 -42.71 -10.93 -9.51
N GLU A 739 -42.15 -11.16 -8.32
CA GLU A 739 -42.98 -11.49 -7.16
C GLU A 739 -43.91 -10.33 -6.81
N ALA A 740 -43.38 -9.10 -6.81
CA ALA A 740 -44.23 -7.94 -6.55
C ALA A 740 -45.26 -7.76 -7.66
N SER A 741 -44.90 -8.12 -8.89
CA SER A 741 -45.86 -8.06 -9.98
C SER A 741 -46.95 -9.12 -9.86
N GLN A 742 -46.70 -10.19 -9.09
CA GLN A 742 -47.70 -11.23 -8.88
C GLN A 742 -48.43 -11.07 -7.54
N LYS A 743 -47.69 -11.10 -6.44
CA LYS A 743 -48.27 -11.14 -5.10
C LYS A 743 -48.30 -9.71 -4.55
N CYS A 744 -49.33 -8.97 -4.94
CA CYS A 744 -49.43 -7.55 -4.61
C CYS A 744 -49.84 -7.38 -3.14
N ASP A 745 -48.93 -7.81 -2.28
CA ASP A 745 -49.03 -7.63 -0.84
C ASP A 745 -47.77 -7.01 -0.25
N LEU A 746 -46.61 -7.36 -0.80
CA LEU A 746 -45.33 -6.80 -0.36
C LEU A 746 -44.91 -5.68 -1.31
N VAL A 747 -43.73 -5.13 -1.08
CA VAL A 747 -43.22 -4.04 -1.90
C VAL A 747 -41.71 -4.17 -2.01
N THR A 748 -41.19 -3.73 -3.16
CA THR A 748 -39.77 -3.69 -3.45
C THR A 748 -39.26 -2.27 -3.25
N THR A 749 -38.03 -2.15 -2.76
CA THR A 749 -37.48 -0.83 -2.43
C THR A 749 -35.96 -0.92 -2.37
N GLY A 750 -35.34 0.23 -2.22
CA GLY A 750 -33.90 0.34 -2.13
C GLY A 750 -33.24 0.53 -3.47
N GLU A 751 -32.14 1.27 -3.50
CA GLU A 751 -31.36 1.39 -4.72
C GLU A 751 -30.63 0.07 -4.97
N LEU A 752 -30.45 -0.25 -6.26
CA LEU A 752 -29.73 -1.45 -6.62
C LEU A 752 -28.30 -1.37 -6.11
N PHE A 753 -27.87 -2.42 -5.39
CA PHE A 753 -26.60 -2.40 -4.69
C PHE A 753 -25.52 -3.26 -5.33
N PHE A 754 -25.86 -4.11 -6.30
CA PHE A 754 -24.88 -4.98 -6.93
C PHE A 754 -25.36 -5.18 -8.37
N ARG A 755 -24.83 -4.36 -9.27
CA ARG A 755 -25.35 -4.27 -10.64
C ARG A 755 -24.55 -5.18 -11.57
N SER A 756 -24.60 -6.48 -11.27
CA SER A 756 -23.99 -7.51 -12.10
C SER A 756 -25.09 -8.40 -12.64
N GLY A 757 -25.10 -8.59 -13.96
CA GLY A 757 -26.14 -9.37 -14.58
C GLY A 757 -25.99 -10.86 -14.31
N PHE A 758 -26.98 -11.62 -14.76
CA PHE A 758 -26.96 -13.06 -14.60
C PHE A 758 -25.95 -13.68 -15.57
N GLY A 759 -25.93 -15.00 -15.61
CA GLY A 759 -25.05 -15.70 -16.54
C GLY A 759 -25.34 -17.18 -16.64
N ILE A 760 -25.02 -17.76 -17.79
CA ILE A 760 -25.18 -19.18 -18.04
C ILE A 760 -23.82 -19.83 -17.83
N GLY A 761 -23.63 -20.41 -16.65
CA GLY A 761 -22.32 -20.90 -16.28
C GLY A 761 -21.95 -22.20 -16.98
N MET A 762 -20.65 -22.45 -17.07
CA MET A 762 -20.13 -23.65 -17.70
C MET A 762 -18.73 -23.92 -17.18
N ARG A 763 -18.25 -25.13 -17.44
CA ARG A 763 -16.94 -25.54 -16.94
C ARG A 763 -15.83 -24.74 -17.61
N LYS A 764 -14.74 -24.56 -16.87
CA LYS A 764 -13.65 -23.69 -17.32
C LYS A 764 -13.04 -24.19 -18.63
N ASP A 765 -12.81 -23.26 -19.55
CA ASP A 765 -12.13 -23.51 -20.81
C ASP A 765 -12.85 -24.53 -21.69
N SER A 766 -14.13 -24.75 -21.46
CA SER A 766 -14.89 -25.63 -22.32
C SER A 766 -14.99 -25.03 -23.72
N PRO A 767 -14.99 -25.87 -24.76
CA PRO A 767 -15.03 -25.32 -26.13
C PRO A 767 -16.29 -24.56 -26.45
N TRP A 768 -17.35 -24.72 -25.66
CA TRP A 768 -18.63 -24.09 -25.95
C TRP A 768 -18.70 -22.63 -25.55
N LYS A 769 -17.74 -22.13 -24.77
CA LYS A 769 -17.86 -20.79 -24.20
C LYS A 769 -18.07 -19.74 -25.28
N GLN A 770 -17.24 -19.76 -26.31
CA GLN A 770 -17.37 -18.77 -27.37
C GLN A 770 -18.72 -18.87 -28.06
N ASN A 771 -19.14 -20.09 -28.41
CA ASN A 771 -20.40 -20.25 -29.13
C ASN A 771 -21.60 -19.94 -28.25
N VAL A 772 -21.60 -20.42 -27.01
CA VAL A 772 -22.72 -20.15 -26.12
C VAL A 772 -22.86 -18.66 -25.87
N SER A 773 -21.73 -18.00 -25.58
CA SER A 773 -21.77 -16.56 -25.33
C SER A 773 -22.21 -15.80 -26.57
N LEU A 774 -21.70 -16.17 -27.75
CA LEU A 774 -22.05 -15.48 -28.97
C LEU A 774 -23.53 -15.66 -29.30
N SER A 775 -24.06 -16.88 -29.15
CA SER A 775 -25.46 -17.11 -29.43
C SER A 775 -26.36 -16.36 -28.45
N ILE A 776 -25.99 -16.36 -27.16
CA ILE A 776 -26.76 -15.61 -26.18
C ILE A 776 -26.76 -14.13 -26.52
N LEU A 777 -25.59 -13.60 -26.91
CA LEU A 777 -25.49 -12.19 -27.26
C LEU A 777 -26.31 -11.87 -28.50
N LYS A 778 -26.28 -12.75 -29.50
CA LYS A 778 -27.05 -12.49 -30.72
C LYS A 778 -28.54 -12.52 -30.44
N SER A 779 -29.02 -13.52 -29.69
CA SER A 779 -30.43 -13.60 -29.35
C SER A 779 -30.85 -12.40 -28.51
N HIS A 780 -29.99 -11.98 -27.58
CA HIS A 780 -30.29 -10.80 -26.78
C HIS A 780 -30.35 -9.54 -27.64
N GLU A 781 -29.42 -9.42 -28.59
CA GLU A 781 -29.44 -8.31 -29.54
C GLU A 781 -30.67 -8.36 -30.43
N ASN A 782 -31.07 -9.56 -30.85
CA ASN A 782 -32.28 -9.74 -31.62
C ASN A 782 -33.50 -9.54 -30.72
N GLY A 783 -34.69 -9.68 -31.30
CA GLY A 783 -35.90 -9.56 -30.52
C GLY A 783 -36.26 -10.77 -29.69
N PHE A 784 -35.49 -11.85 -29.81
CA PHE A 784 -35.83 -13.08 -29.12
C PHE A 784 -35.82 -12.89 -27.61
N MET A 785 -34.81 -12.21 -27.08
CA MET A 785 -34.71 -12.05 -25.63
C MET A 785 -35.88 -11.23 -25.10
N GLU A 786 -36.18 -10.11 -25.76
CA GLU A 786 -37.29 -9.27 -25.32
C GLU A 786 -38.61 -10.02 -25.40
N ASP A 787 -38.79 -10.79 -26.48
CA ASP A 787 -40.03 -11.58 -26.62
C ASP A 787 -40.14 -12.61 -25.50
N LEU A 788 -39.09 -13.38 -25.26
CA LEU A 788 -39.10 -14.35 -24.18
C LEU A 788 -39.27 -13.69 -22.82
N ASP A 789 -38.88 -12.43 -22.68
CA ASP A 789 -39.04 -11.72 -21.43
C ASP A 789 -40.48 -11.28 -21.21
N LYS A 790 -41.08 -10.64 -22.22
CA LYS A 790 -42.40 -10.06 -22.04
C LYS A 790 -43.46 -11.12 -21.77
N THR A 791 -43.42 -12.23 -22.50
CA THR A 791 -44.42 -13.28 -22.31
C THR A 791 -44.22 -14.05 -21.01
N TRP A 792 -43.10 -13.88 -20.33
CA TRP A 792 -42.80 -14.68 -19.16
C TRP A 792 -42.63 -13.88 -17.89
N VAL A 793 -42.17 -12.63 -17.97
CA VAL A 793 -42.03 -11.76 -16.81
C VAL A 793 -42.53 -10.37 -17.18
N ARG A 794 -42.88 -9.59 -16.15
CA ARG A 794 -43.41 -8.23 -16.30
C ARG A 794 -44.70 -8.20 -17.08
N TYR A 795 -45.41 -9.34 -17.15
CA TYR A 795 -46.68 -9.43 -17.84
C TYR A 795 -47.87 -9.15 -16.95
N GLN A 796 -47.66 -8.96 -15.65
CA GLN A 796 -48.73 -8.68 -14.71
C GLN A 796 -48.42 -7.40 -13.94
N GLU A 797 -49.45 -6.60 -13.70
CA GLU A 797 -49.30 -5.36 -12.96
C GLU A 797 -50.37 -5.15 -11.89
N CYS A 798 -51.20 -6.14 -11.62
CA CYS A 798 -52.33 -6.01 -10.70
C CYS A 798 -53.25 -4.86 -11.10
N LEU B 51 9.41 -65.89 17.65
CA LEU B 51 8.63 -65.83 18.89
C LEU B 51 9.27 -64.86 19.88
N ASN B 52 10.55 -65.05 20.15
CA ASN B 52 11.26 -64.21 21.10
C ASN B 52 11.50 -62.82 20.50
N VAL B 53 12.03 -61.92 21.34
CA VAL B 53 12.32 -60.55 20.95
C VAL B 53 13.82 -60.33 21.11
N ALA B 54 14.47 -59.89 20.05
CA ALA B 54 15.91 -59.63 20.07
C ALA B 54 16.17 -58.16 20.34
N LEU B 55 17.05 -57.88 21.29
CA LEU B 55 17.39 -56.52 21.69
C LEU B 55 18.83 -56.24 21.29
N VAL B 56 19.03 -55.22 20.46
CA VAL B 56 20.34 -54.85 19.96
C VAL B 56 20.58 -53.37 20.26
N PHE B 57 21.78 -53.05 20.72
CA PHE B 57 22.14 -51.68 21.09
C PHE B 57 23.54 -51.38 20.59
N SER B 58 23.72 -50.19 20.01
CA SER B 58 25.01 -49.76 19.49
C SER B 58 25.87 -49.06 20.52
N GLY B 59 25.37 -48.87 21.74
CA GLY B 59 26.12 -48.22 22.79
C GLY B 59 27.40 -48.93 23.13
N PRO B 60 28.50 -48.18 23.21
CA PRO B 60 29.79 -48.80 23.54
C PRO B 60 29.92 -49.14 25.02
N ALA B 61 29.41 -48.26 25.89
CA ALA B 61 29.54 -48.43 27.33
C ALA B 61 28.21 -48.58 28.04
N TYR B 62 27.26 -47.65 27.82
CA TYR B 62 26.00 -47.69 28.56
C TYR B 62 25.18 -48.91 28.16
N ALA B 63 25.35 -49.42 26.94
CA ALA B 63 24.59 -50.59 26.52
C ALA B 63 24.91 -51.81 27.36
N ALA B 64 26.11 -51.87 27.94
CA ALA B 64 26.44 -52.99 28.82
C ALA B 64 25.53 -53.02 30.04
N GLU B 65 25.43 -51.89 30.76
CA GLU B 65 24.54 -51.81 31.90
C GLU B 65 23.08 -51.94 31.49
N ALA B 66 22.73 -51.40 30.31
CA ALA B 66 21.37 -51.52 29.82
C ALA B 66 20.99 -52.99 29.64
N ALA B 67 21.88 -53.77 29.01
CA ALA B 67 21.63 -55.19 28.84
C ALA B 67 21.65 -55.94 30.17
N ARG B 68 22.50 -55.51 31.11
CA ARG B 68 22.53 -56.13 32.42
C ARG B 68 21.19 -55.97 33.13
N LEU B 69 20.60 -54.77 33.06
CA LEU B 69 19.29 -54.54 33.65
C LEU B 69 18.14 -54.97 32.74
N GLY B 70 18.44 -55.37 31.50
CA GLY B 70 17.44 -55.75 30.54
C GLY B 70 16.40 -56.75 30.99
N PRO B 71 16.83 -57.99 31.28
CA PRO B 71 15.85 -59.07 31.46
C PRO B 71 14.77 -58.79 32.50
N ALA B 72 15.13 -58.16 33.62
CA ALA B 72 14.14 -57.83 34.63
C ALA B 72 13.09 -56.86 34.09
N VAL B 73 13.54 -55.82 33.38
CA VAL B 73 12.60 -54.85 32.82
C VAL B 73 11.73 -55.50 31.75
N ALA B 74 12.35 -56.33 30.89
CA ALA B 74 11.59 -56.99 29.83
C ALA B 74 10.52 -57.91 30.41
N ALA B 75 10.87 -58.68 31.44
CA ALA B 75 9.87 -59.52 32.10
C ALA B 75 8.80 -58.68 32.77
N ALA B 76 9.19 -57.57 33.38
CA ALA B 76 8.23 -56.72 34.09
C ALA B 76 7.19 -56.14 33.12
N VAL B 77 7.62 -55.69 31.95
CA VAL B 77 6.72 -55.10 30.97
C VAL B 77 5.78 -56.15 30.40
N ASP B 83 0.43 -62.03 26.40
CA ASP B 83 1.62 -62.57 25.78
C ASP B 83 2.52 -63.25 26.79
N VAL B 84 3.19 -64.33 26.37
CA VAL B 84 4.08 -65.08 27.24
C VAL B 84 5.42 -65.28 26.55
N ARG B 85 5.63 -64.56 25.44
CA ARG B 85 6.84 -64.75 24.65
C ARG B 85 8.07 -64.27 25.42
N PRO B 86 9.22 -64.93 25.22
CA PRO B 86 10.43 -64.55 25.96
C PRO B 86 11.13 -63.33 25.39
N VAL B 87 12.30 -63.00 25.94
CA VAL B 87 13.10 -61.86 25.51
C VAL B 87 14.52 -62.33 25.22
N ALA B 88 15.36 -61.38 24.81
CA ALA B 88 16.76 -61.65 24.51
C ALA B 88 17.52 -60.33 24.53
N LEU B 89 18.84 -60.42 24.46
CA LEU B 89 19.69 -59.23 24.50
C LEU B 89 21.06 -59.56 23.94
N VAL B 90 21.42 -58.93 22.82
CA VAL B 90 22.75 -59.07 22.21
C VAL B 90 23.19 -57.69 21.73
N LEU B 91 24.42 -57.31 22.06
CA LEU B 91 24.93 -56.02 21.65
C LEU B 91 26.42 -56.11 21.39
N ASN B 92 26.87 -55.44 20.33
CA ASN B 92 28.27 -55.33 19.98
C ASN B 92 28.72 -53.89 19.75
N GLY B 93 27.86 -53.05 19.18
CA GLY B 93 28.21 -51.68 18.89
C GLY B 93 29.01 -51.51 17.63
N ASP B 95 29.10 -48.83 12.05
CA ASP B 95 29.91 -49.88 11.44
C ASP B 95 29.05 -50.86 10.66
N PRO B 96 28.77 -50.53 9.38
CA PRO B 96 27.90 -51.41 8.58
C PRO B 96 28.41 -52.84 8.49
N ARG B 97 29.73 -53.03 8.38
CA ARG B 97 30.31 -54.36 8.44
C ARG B 97 29.87 -55.08 9.72
N SER B 98 30.21 -54.49 10.87
CA SER B 98 29.89 -55.10 12.15
C SER B 98 28.38 -55.22 12.35
N LEU B 99 27.63 -54.18 11.98
CA LEU B 99 26.18 -54.22 12.15
C LEU B 99 25.58 -55.39 11.39
N VAL B 100 25.89 -55.50 10.09
CA VAL B 100 25.30 -56.55 9.26
C VAL B 100 25.73 -57.93 9.77
N LEU B 101 27.02 -58.10 10.03
CA LEU B 101 27.50 -59.40 10.47
C LEU B 101 26.85 -59.82 11.78
N GLN B 102 26.82 -58.92 12.76
CA GLN B 102 26.25 -59.26 14.06
C GLN B 102 24.75 -59.54 13.95
N LEU B 103 24.01 -58.71 13.22
CA LEU B 103 22.57 -58.92 13.13
C LEU B 103 22.25 -60.22 12.40
N CYS B 104 22.97 -60.52 11.32
CA CYS B 104 22.71 -61.76 10.60
C CYS B 104 23.05 -62.97 11.46
N ASP B 105 24.17 -62.92 12.18
CA ASP B 105 24.52 -64.03 13.07
C ASP B 105 23.47 -64.21 14.16
N LEU B 106 23.02 -63.11 14.76
CA LEU B 106 22.03 -63.21 15.83
C LEU B 106 20.71 -63.77 15.33
N LEU B 107 20.25 -63.31 14.16
CA LEU B 107 18.99 -63.79 13.63
C LEU B 107 19.08 -65.24 13.16
N SER B 108 20.24 -65.64 12.64
CA SER B 108 20.42 -67.05 12.28
C SER B 108 20.42 -67.93 13.51
N GLY B 109 21.18 -67.56 14.54
CA GLY B 109 21.25 -68.37 15.74
C GLY B 109 19.96 -68.38 16.53
N LEU B 110 19.31 -67.23 16.66
CA LEU B 110 18.13 -67.08 17.50
C LEU B 110 16.89 -66.89 16.64
N ARG B 111 15.88 -67.73 16.88
CA ARG B 111 14.60 -67.59 16.21
C ARG B 111 13.75 -66.60 17.00
N VAL B 112 13.48 -65.43 16.40
CA VAL B 112 12.79 -64.34 17.09
C VAL B 112 11.64 -63.86 16.22
N HIS B 113 10.69 -63.19 16.87
CA HIS B 113 9.52 -62.62 16.20
C HIS B 113 9.77 -61.19 15.75
N GLY B 114 10.09 -60.31 16.71
CA GLY B 114 10.38 -58.93 16.39
C GLY B 114 11.65 -58.49 17.10
N VAL B 115 12.26 -57.44 16.56
CA VAL B 115 13.55 -56.97 17.04
C VAL B 115 13.47 -55.46 17.31
N VAL B 116 14.03 -55.05 18.44
CA VAL B 116 14.03 -53.66 18.87
C VAL B 116 15.48 -53.19 18.98
N PHE B 117 15.78 -52.08 18.33
CA PHE B 117 17.11 -51.48 18.36
C PHE B 117 17.01 -50.11 19.03
N GLU B 118 17.85 -49.88 20.03
CA GLU B 118 17.84 -48.65 20.80
C GLU B 118 19.23 -48.04 20.83
N ASP B 119 19.32 -46.77 20.42
CA ASP B 119 20.57 -46.02 20.44
C ASP B 119 20.25 -44.56 20.13
N ASP B 120 20.96 -43.66 20.80
CA ASP B 120 20.89 -42.22 20.52
C ASP B 120 22.31 -41.74 20.23
N SER B 121 22.75 -41.93 18.99
CA SER B 121 24.07 -41.50 18.55
C SER B 121 24.18 -41.62 17.04
N ARG B 122 24.61 -40.55 16.37
CA ARG B 122 24.79 -40.52 14.92
C ARG B 122 23.50 -40.96 14.22
N ALA B 123 22.46 -40.15 14.41
CA ALA B 123 21.12 -40.50 13.93
C ALA B 123 21.04 -40.70 12.42
N PRO B 124 21.55 -39.81 11.56
CA PRO B 124 21.19 -39.90 10.13
C PRO B 124 21.91 -40.99 9.36
N ALA B 125 22.53 -41.94 10.05
CA ALA B 125 23.33 -42.98 9.38
C ALA B 125 22.74 -44.37 9.49
N VAL B 126 22.32 -44.78 10.70
CA VAL B 126 21.97 -46.18 10.92
C VAL B 126 20.65 -46.55 10.22
N ALA B 127 19.69 -45.64 10.24
CA ALA B 127 18.32 -45.95 9.83
C ALA B 127 18.20 -46.59 8.45
N PRO B 128 18.83 -46.08 7.38
CA PRO B 128 18.61 -46.69 6.06
C PRO B 128 19.06 -48.14 5.97
N ILE B 129 20.27 -48.45 6.42
CA ILE B 129 20.78 -49.82 6.30
C ILE B 129 20.00 -50.77 7.20
N LEU B 130 19.61 -50.31 8.39
CA LEU B 130 18.79 -51.13 9.26
C LEU B 130 17.44 -51.43 8.61
N ASP B 131 16.83 -50.42 7.99
CA ASP B 131 15.56 -50.63 7.29
C ASP B 131 15.73 -51.60 6.13
N PHE B 132 16.84 -51.48 5.40
CA PHE B 132 17.11 -52.40 4.31
C PHE B 132 17.27 -53.84 4.81
N LEU B 133 17.99 -54.02 5.92
CA LEU B 133 18.13 -55.35 6.49
C LEU B 133 16.79 -55.92 6.91
N SER B 134 15.95 -55.10 7.53
CA SER B 134 14.62 -55.56 7.93
C SER B 134 13.79 -55.95 6.72
N ALA B 135 13.83 -55.13 5.66
CA ALA B 135 13.08 -55.45 4.45
C ALA B 135 13.57 -56.74 3.81
N GLN B 136 14.90 -56.93 3.76
CA GLN B 136 15.46 -58.14 3.18
C GLN B 136 15.04 -59.37 3.98
N THR B 137 15.05 -59.28 5.32
CA THR B 137 14.61 -60.39 6.14
C THR B 137 13.10 -60.46 6.29
N SER B 138 12.40 -59.34 6.09
CA SER B 138 10.96 -59.26 6.31
C SER B 138 10.62 -59.58 7.77
N LEU B 139 11.24 -58.83 8.68
CA LEU B 139 11.02 -58.92 10.11
C LEU B 139 10.66 -57.55 10.68
N PRO B 140 9.86 -57.50 11.74
CA PRO B 140 9.50 -56.21 12.34
C PRO B 140 10.61 -55.66 13.22
N ILE B 141 11.28 -54.62 12.73
CA ILE B 141 12.24 -53.84 13.49
C ILE B 141 11.52 -52.64 14.09
N VAL B 142 11.92 -52.26 15.30
CA VAL B 142 11.45 -51.03 15.93
C VAL B 142 12.66 -50.28 16.46
N ALA B 143 12.87 -49.06 15.97
CA ALA B 143 13.96 -48.23 16.45
C ALA B 143 13.43 -47.30 17.53
N VAL B 144 14.17 -47.17 18.63
CA VAL B 144 13.71 -46.40 19.77
C VAL B 144 14.83 -45.50 20.28
N HIS B 145 14.45 -44.50 21.06
CA HIS B 145 15.37 -43.62 21.76
C HIS B 145 16.26 -42.85 20.78
N GLY B 146 15.60 -42.18 19.84
CA GLY B 146 16.34 -41.38 18.88
C GLY B 146 17.20 -42.24 17.97
N GLY B 147 18.24 -41.61 17.43
CA GLY B 147 19.15 -42.28 16.54
C GLY B 147 18.52 -42.73 15.25
N ALA B 148 18.34 -44.05 15.09
CA ALA B 148 17.73 -44.57 13.87
C ALA B 148 16.29 -44.09 13.73
N ALA B 149 15.52 -44.11 14.82
CA ALA B 149 14.13 -43.68 14.75
C ALA B 149 13.98 -42.21 14.44
N LEU B 150 15.02 -41.40 14.68
CA LEU B 150 14.91 -39.97 14.45
C LEU B 150 14.72 -39.66 12.97
N VAL B 151 15.43 -40.38 12.11
CA VAL B 151 15.33 -40.16 10.67
C VAL B 151 14.04 -40.78 10.15
N LEU B 152 13.25 -40.00 9.41
CA LEU B 152 12.02 -40.47 8.79
C LEU B 152 12.14 -40.29 7.28
N THR B 153 11.89 -41.36 6.54
CA THR B 153 12.00 -41.36 5.09
C THR B 153 10.86 -42.18 4.52
N PRO B 154 10.46 -41.90 3.27
CA PRO B 154 9.49 -42.78 2.60
C PRO B 154 10.05 -44.20 2.49
N LYS B 155 9.17 -45.18 2.70
CA LYS B 155 9.58 -46.57 2.85
C LYS B 155 9.63 -47.27 1.50
N GLU B 156 9.79 -48.59 1.52
CA GLU B 156 9.94 -49.42 0.35
C GLU B 156 8.79 -50.42 0.28
N LYS B 157 8.88 -51.36 -0.67
CA LYS B 157 7.79 -52.31 -0.89
C LYS B 157 7.59 -53.21 0.32
N GLY B 158 8.60 -54.02 0.65
CA GLY B 158 8.54 -54.92 1.78
C GLY B 158 9.03 -54.35 3.08
N SER B 159 9.34 -53.06 3.12
CA SER B 159 9.93 -52.46 4.30
C SER B 159 8.93 -52.43 5.46
N THR B 160 9.44 -52.66 6.66
CA THR B 160 8.66 -52.50 7.90
C THR B 160 9.65 -52.04 8.96
N PHE B 161 9.74 -50.72 9.14
CA PHE B 161 10.75 -50.13 10.01
C PHE B 161 10.20 -49.65 11.34
N LEU B 162 8.95 -49.19 11.37
CA LEU B 162 8.29 -48.78 12.61
C LEU B 162 9.10 -47.73 13.37
N GLN B 163 9.55 -46.72 12.64
CA GLN B 163 10.32 -45.64 13.26
C GLN B 163 9.47 -44.93 14.32
N LEU B 164 10.06 -44.71 15.49
CA LEU B 164 9.35 -44.13 16.63
C LEU B 164 9.55 -42.62 16.74
N GLY B 165 10.22 -42.00 15.78
CA GLY B 165 10.42 -40.57 15.82
C GLY B 165 9.18 -39.78 15.49
N SER B 166 9.36 -38.52 15.10
CA SER B 166 8.26 -37.64 14.76
C SER B 166 8.51 -37.02 13.39
N SER B 167 7.52 -37.09 12.52
CA SER B 167 7.64 -36.52 11.19
C SER B 167 7.72 -34.99 11.26
N THR B 168 8.41 -34.41 10.29
CA THR B 168 8.51 -32.95 10.25
C THR B 168 7.15 -32.30 10.07
N GLU B 169 6.21 -32.99 9.41
CA GLU B 169 4.86 -32.45 9.27
C GLU B 169 4.20 -32.29 10.64
N GLN B 170 4.32 -33.30 11.50
CA GLN B 170 3.77 -33.18 12.85
C GLN B 170 4.48 -32.09 13.63
N GLN B 171 5.80 -31.98 13.46
CA GLN B 171 6.54 -30.93 14.15
C GLN B 171 6.03 -29.55 13.75
N LEU B 172 5.83 -29.32 12.45
CA LEU B 172 5.34 -28.05 11.98
C LEU B 172 3.91 -27.80 12.45
N GLN B 173 3.08 -28.85 12.46
CA GLN B 173 1.71 -28.69 12.96
C GLN B 173 1.72 -28.25 14.43
N VAL B 174 2.56 -28.89 15.25
CA VAL B 174 2.62 -28.50 16.66
C VAL B 174 3.17 -27.10 16.82
N ILE B 175 4.21 -26.74 16.05
CA ILE B 175 4.79 -25.42 16.15
C ILE B 175 3.76 -24.36 15.77
N PHE B 176 2.98 -24.61 14.73
CA PHE B 176 1.97 -23.65 14.32
C PHE B 176 0.80 -23.60 15.30
N GLU B 177 0.50 -24.73 15.97
CA GLU B 177 -0.47 -24.69 17.04
C GLU B 177 0.02 -23.83 18.20
N VAL B 178 1.31 -23.92 18.53
CA VAL B 178 1.89 -23.02 19.52
C VAL B 178 1.80 -21.58 19.04
N LEU B 179 2.11 -21.36 17.76
CA LEU B 179 1.81 -20.08 17.14
C LEU B 179 0.31 -19.89 17.03
N GLU B 180 -0.10 -18.72 16.52
CA GLU B 180 -1.50 -18.29 16.54
C GLU B 180 -1.99 -18.16 17.97
N GLU B 181 -1.07 -18.37 18.92
CA GLU B 181 -1.26 -18.10 20.34
C GLU B 181 -0.19 -17.18 20.90
N TYR B 182 0.96 -17.08 20.23
CA TYR B 182 2.03 -16.17 20.58
C TYR B 182 2.22 -15.10 19.51
N ASP B 183 2.44 -15.51 18.26
CA ASP B 183 2.49 -14.61 17.12
C ASP B 183 1.57 -15.12 16.02
N TRP B 184 0.86 -14.19 15.37
CA TRP B 184 0.04 -14.54 14.22
C TRP B 184 0.85 -14.69 12.94
N THR B 185 2.10 -14.24 12.92
CA THR B 185 2.92 -14.26 11.73
C THR B 185 4.02 -15.31 11.83
N SER B 186 4.14 -16.13 10.80
CA SER B 186 5.30 -17.01 10.60
C SER B 186 6.30 -16.30 9.70
N PHE B 187 6.86 -15.21 10.23
CA PHE B 187 7.44 -14.17 9.39
C PHE B 187 8.63 -14.68 8.58
N VAL B 188 9.60 -15.29 9.24
CA VAL B 188 10.83 -15.72 8.57
C VAL B 188 10.85 -17.24 8.53
N ALA B 189 10.95 -17.80 7.32
CA ALA B 189 11.11 -19.24 7.13
C ALA B 189 12.44 -19.47 6.41
N VAL B 190 13.46 -19.92 7.13
CA VAL B 190 14.79 -20.07 6.56
C VAL B 190 15.16 -21.55 6.52
N THR B 191 15.72 -21.97 5.39
CA THR B 191 16.14 -23.35 5.19
C THR B 191 17.59 -23.39 4.74
N THR B 192 18.24 -24.54 4.98
CA THR B 192 19.65 -24.72 4.66
C THR B 192 19.86 -25.54 3.40
N ARG B 193 18.82 -25.68 2.57
CA ARG B 193 18.86 -26.53 1.37
C ARG B 193 19.13 -27.99 1.74
N ALA B 194 18.53 -28.41 2.84
CA ALA B 194 18.61 -29.79 3.31
C ALA B 194 17.74 -30.70 2.45
N PRO B 195 17.93 -32.02 2.54
CA PRO B 195 17.10 -32.92 1.72
C PRO B 195 15.61 -32.75 1.92
N GLY B 196 15.16 -32.44 3.13
CA GLY B 196 13.75 -32.27 3.41
C GLY B 196 13.20 -30.87 3.22
N HIS B 197 13.99 -29.96 2.64
CA HIS B 197 13.57 -28.56 2.55
C HIS B 197 12.37 -28.40 1.62
N ARG B 198 12.30 -29.17 0.54
CA ARG B 198 11.20 -29.02 -0.41
C ARG B 198 9.87 -29.37 0.25
N ALA B 199 9.80 -30.54 0.90
CA ALA B 199 8.59 -30.90 1.62
C ALA B 199 8.32 -29.92 2.76
N PHE B 200 9.37 -29.37 3.37
CA PHE B 200 9.21 -28.36 4.41
C PHE B 200 8.45 -27.15 3.89
N LEU B 201 8.91 -26.58 2.77
CA LEU B 201 8.23 -25.43 2.20
C LEU B 201 6.84 -25.78 1.71
N SER B 202 6.67 -26.98 1.16
CA SER B 202 5.34 -27.41 0.72
C SER B 202 4.36 -27.46 1.88
N TYR B 203 4.79 -28.02 3.01
CA TYR B 203 3.92 -28.09 4.18
C TYR B 203 3.65 -26.71 4.74
N ILE B 204 4.64 -25.82 4.73
CA ILE B 204 4.42 -24.45 5.17
C ILE B 204 3.35 -23.79 4.32
N GLU B 205 3.45 -23.94 2.99
CA GLU B 205 2.43 -23.38 2.11
C GLU B 205 1.07 -24.03 2.33
N VAL B 206 1.05 -25.31 2.68
CA VAL B 206 -0.21 -26.00 2.95
C VAL B 206 -0.88 -25.40 4.18
N LEU B 207 -0.12 -25.19 5.26
CA LEU B 207 -0.69 -24.73 6.51
C LEU B 207 -0.87 -23.22 6.57
N THR B 208 -0.39 -22.47 5.58
CA THR B 208 -0.51 -21.02 5.61
C THR B 208 -1.80 -20.51 4.98
N ASP B 209 -2.58 -21.38 4.34
CA ASP B 209 -3.82 -20.96 3.72
C ASP B 209 -4.94 -20.88 4.75
N GLY B 210 -5.98 -20.12 4.39
CA GLY B 210 -7.15 -20.00 5.24
C GLY B 210 -6.94 -19.08 6.43
N SER B 211 -7.86 -19.19 7.38
CA SER B 211 -7.86 -18.38 8.60
C SER B 211 -7.86 -16.90 8.28
N VAL B 213 -2.68 -16.82 7.97
CA VAL B 213 -1.77 -16.30 8.97
C VAL B 213 -0.88 -15.23 8.37
N GLY B 214 -0.34 -14.35 9.21
CA GLY B 214 0.65 -13.40 8.74
C GLY B 214 1.91 -14.11 8.31
N TRP B 215 2.63 -13.50 7.37
CA TRP B 215 3.77 -14.18 6.77
C TRP B 215 4.58 -13.15 5.99
N GLU B 216 5.90 -13.19 6.17
CA GLU B 216 6.78 -12.15 5.62
C GLU B 216 7.66 -12.68 4.50
N HIS B 217 8.49 -13.69 4.76
CA HIS B 217 9.39 -14.16 3.71
C HIS B 217 9.95 -15.52 4.06
N ARG B 218 10.45 -16.20 3.02
CA ARG B 218 11.15 -17.47 3.12
C ARG B 218 12.42 -17.39 2.31
N GLY B 219 13.51 -17.92 2.86
CA GLY B 219 14.80 -17.86 2.20
C GLY B 219 15.62 -19.10 2.48
N ALA B 220 16.64 -19.28 1.65
CA ALA B 220 17.58 -20.39 1.78
C ALA B 220 18.99 -19.84 1.93
N LEU B 221 19.74 -20.40 2.88
CA LEU B 221 21.10 -19.98 3.16
C LEU B 221 22.06 -21.07 2.71
N THR B 222 23.13 -20.66 2.02
CA THR B 222 24.11 -21.60 1.47
C THR B 222 25.12 -21.93 2.57
N LEU B 223 24.75 -22.90 3.39
CA LEU B 223 25.61 -23.37 4.48
C LEU B 223 25.19 -24.75 4.95
N GLY B 228 31.31 -17.17 2.13
CA GLY B 228 31.61 -16.35 3.29
C GLY B 228 30.41 -16.16 4.20
N GLU B 229 30.65 -16.18 5.51
CA GLU B 229 29.56 -16.01 6.46
C GLU B 229 28.95 -14.61 6.38
N ALA B 230 29.73 -13.62 5.94
CA ALA B 230 29.19 -12.27 5.79
C ALA B 230 28.11 -12.20 4.73
N VAL B 231 28.32 -12.89 3.61
CA VAL B 231 27.35 -12.85 2.52
C VAL B 231 26.03 -13.47 2.96
N LEU B 232 26.09 -14.66 3.58
CA LEU B 232 24.87 -15.32 4.01
C LEU B 232 24.22 -14.57 5.17
N SER B 233 25.02 -13.94 6.04
CA SER B 233 24.43 -13.13 7.11
C SER B 233 23.70 -11.92 6.55
N ALA B 234 24.27 -11.28 5.54
CA ALA B 234 23.59 -10.15 4.90
C ALA B 234 22.31 -10.60 4.21
N GLN B 235 22.36 -11.76 3.54
CA GLN B 235 21.15 -12.29 2.91
C GLN B 235 20.09 -12.61 3.94
N LEU B 236 20.49 -13.18 5.08
CA LEU B 236 19.54 -13.51 6.14
C LEU B 236 18.92 -12.25 6.73
N ARG B 237 19.74 -11.23 7.00
CA ARG B 237 19.23 -9.98 7.55
C ARG B 237 18.47 -9.15 6.53
N SER B 238 18.53 -9.52 5.25
CA SER B 238 17.80 -8.78 4.22
C SER B 238 16.29 -8.87 4.40
N VAL B 239 15.82 -9.82 5.20
CA VAL B 239 14.40 -9.97 5.51
C VAL B 239 14.19 -9.56 6.95
N SER B 240 13.28 -8.61 7.17
CA SER B 240 12.99 -8.11 8.52
C SER B 240 11.86 -8.95 9.10
N ALA B 241 12.14 -9.60 10.23
CA ALA B 241 11.19 -10.50 10.85
C ALA B 241 11.58 -10.82 12.28
N GLN B 242 10.65 -10.61 13.22
CA GLN B 242 10.95 -10.90 14.62
C GLN B 242 11.05 -12.41 14.86
N ILE B 243 10.19 -13.20 14.22
CA ILE B 243 10.14 -14.63 14.43
C ILE B 243 10.72 -15.35 13.23
N ARG B 244 11.72 -16.18 13.47
CA ARG B 244 12.38 -16.96 12.42
C ARG B 244 12.34 -18.42 12.80
N LEU B 245 11.94 -19.26 11.85
CA LEU B 245 11.99 -20.71 12.01
C LEU B 245 12.95 -21.29 10.98
N LEU B 246 13.89 -22.10 11.45
CA LEU B 246 15.01 -22.57 10.65
C LEU B 246 14.97 -24.08 10.51
N PHE B 247 15.26 -24.56 9.31
CA PHE B 247 15.33 -25.98 9.02
C PHE B 247 16.77 -26.32 8.64
N CYS B 248 17.50 -26.96 9.55
CA CYS B 248 18.90 -27.26 9.29
C CYS B 248 19.36 -28.40 10.19
N ALA B 249 20.48 -29.01 9.80
CA ALA B 249 21.15 -30.01 10.59
C ALA B 249 22.23 -29.37 11.46
N ARG B 250 22.73 -30.14 12.43
CA ARG B 250 23.62 -29.60 13.45
C ARG B 250 24.88 -29.02 12.83
N GLU B 251 25.51 -29.76 11.90
CA GLU B 251 26.73 -29.29 11.27
C GLU B 251 26.51 -28.00 10.50
N GLU B 252 25.29 -27.77 10.03
CA GLU B 252 24.93 -26.46 9.48
C GLU B 252 24.31 -25.55 10.53
N ALA B 253 23.74 -26.11 11.60
CA ALA B 253 23.11 -25.28 12.62
C ALA B 253 24.12 -24.39 13.33
N GLU B 254 25.27 -24.94 13.70
CA GLU B 254 26.25 -24.15 14.45
C GLU B 254 26.79 -22.97 13.65
N PRO B 255 27.29 -23.13 12.41
CA PRO B 255 27.75 -21.94 11.67
C PRO B 255 26.65 -20.93 11.41
N VAL B 256 25.42 -21.38 11.19
CA VAL B 256 24.31 -20.45 11.00
C VAL B 256 24.07 -19.65 12.27
N PHE B 257 24.15 -20.31 13.43
CA PHE B 257 23.99 -19.60 14.69
C PHE B 257 25.09 -18.56 14.89
N ARG B 258 26.34 -18.94 14.58
CA ARG B 258 27.44 -17.99 14.71
C ARG B 258 27.27 -16.80 13.78
N ALA B 259 26.84 -17.06 12.54
CA ALA B 259 26.63 -15.98 11.58
C ALA B 259 25.50 -15.06 12.02
N ALA B 260 24.42 -15.64 12.56
CA ALA B 260 23.32 -14.83 13.06
C ALA B 260 23.77 -13.98 14.25
N GLU B 261 24.59 -14.54 15.14
CA GLU B 261 25.13 -13.76 16.25
C GLU B 261 25.98 -12.60 15.73
N GLU B 262 26.80 -12.86 14.71
CA GLU B 262 27.55 -11.79 14.07
C GLU B 262 26.64 -10.78 13.37
N ALA B 263 25.44 -11.19 12.98
CA ALA B 263 24.49 -10.32 12.31
C ALA B 263 23.56 -9.60 13.28
N GLY B 264 23.65 -9.89 14.58
CA GLY B 264 22.86 -9.19 15.56
C GLY B 264 21.43 -9.64 15.70
N LEU B 265 21.06 -10.80 15.16
CA LEU B 265 19.71 -11.31 15.26
C LEU B 265 19.51 -12.29 16.41
N THR B 266 20.55 -12.52 17.22
CA THR B 266 20.48 -13.48 18.32
C THR B 266 20.06 -12.84 19.64
N GLY B 267 19.70 -11.56 19.62
CA GLY B 267 19.24 -10.91 20.84
C GLY B 267 17.89 -11.45 21.29
N SER B 268 17.51 -11.05 22.50
CA SER B 268 16.26 -11.52 23.10
C SER B 268 15.04 -11.04 22.34
N GLY B 269 15.17 -10.04 21.47
CA GLY B 269 14.03 -9.59 20.69
C GLY B 269 13.51 -10.66 19.74
N TYR B 270 14.40 -11.40 19.12
CA TYR B 270 14.02 -12.42 18.16
C TYR B 270 13.89 -13.79 18.82
N VAL B 271 13.09 -14.65 18.21
CA VAL B 271 12.88 -16.02 18.69
C VAL B 271 13.08 -16.96 17.51
N TRP B 272 13.91 -17.99 17.72
CA TRP B 272 14.19 -19.00 16.71
C TRP B 272 13.43 -20.28 17.04
N PHE B 273 12.69 -20.80 16.07
CA PHE B 273 11.96 -22.06 16.21
C PHE B 273 12.64 -23.08 15.30
N MET B 274 13.67 -23.73 15.83
CA MET B 274 14.41 -24.72 15.05
C MET B 274 13.61 -26.01 14.98
N VAL B 275 13.35 -26.48 13.75
CA VAL B 275 12.54 -27.66 13.52
C VAL B 275 13.28 -28.78 12.81
N GLY B 276 14.53 -28.56 12.41
CA GLY B 276 15.29 -29.57 11.70
C GLY B 276 15.50 -30.81 12.55
N PRO B 277 15.68 -31.96 11.90
CA PRO B 277 15.80 -33.21 12.66
C PRO B 277 17.10 -33.28 13.44
N GLN B 278 17.00 -33.07 14.76
CA GLN B 278 18.15 -33.07 15.66
C GLN B 278 17.63 -32.93 17.08
N LEU B 279 18.44 -33.37 18.04
CA LEU B 279 18.10 -33.30 19.46
C LEU B 279 16.77 -33.98 19.77
N PRO B 299 27.37 -17.65 21.56
CA PRO B 299 27.36 -18.54 20.39
C PRO B 299 25.99 -19.16 20.15
N LEU B 300 25.09 -19.00 21.11
CA LEU B 300 23.75 -19.55 21.03
C LEU B 300 22.72 -18.44 21.17
N PRO B 301 21.72 -18.38 20.29
CA PRO B 301 20.70 -17.34 20.39
C PRO B 301 19.85 -17.52 21.64
N ALA B 302 19.08 -16.48 21.95
CA ALA B 302 18.19 -16.48 23.11
C ALA B 302 16.76 -16.65 22.61
N GLY B 303 16.14 -17.78 22.95
CA GLY B 303 14.76 -18.04 22.56
C GLY B 303 14.59 -19.19 21.61
N LEU B 304 15.51 -20.16 21.66
CA LEU B 304 15.38 -21.35 20.82
C LEU B 304 14.15 -22.15 21.24
N PHE B 305 13.39 -22.60 20.25
CA PHE B 305 12.22 -23.43 20.48
C PHE B 305 12.25 -24.62 19.54
N ALA B 306 11.97 -25.80 20.08
CA ALA B 306 11.94 -27.02 19.29
C ALA B 306 10.85 -27.93 19.83
N VAL B 307 10.68 -29.08 19.20
CA VAL B 307 9.65 -30.03 19.58
C VAL B 307 10.24 -31.43 19.56
N ARG B 308 9.81 -32.26 20.52
CA ARG B 308 10.25 -33.64 20.61
C ARG B 308 9.09 -34.51 21.07
N SER B 309 9.30 -35.82 21.09
CA SER B 309 8.23 -36.72 21.53
C SER B 309 8.23 -36.88 23.05
N ALA B 310 9.31 -37.45 23.60
CA ALA B 310 9.43 -37.72 25.03
C ALA B 310 10.81 -38.28 25.35
N GLY B 311 11.07 -38.55 26.63
CA GLY B 311 12.29 -39.19 27.05
C GLY B 311 13.07 -38.31 28.02
N TRP B 312 14.40 -38.44 27.96
CA TRP B 312 15.35 -37.74 28.82
C TRP B 312 14.87 -37.62 30.26
N ASP B 315 13.67 -41.72 29.52
CA ASP B 315 14.34 -42.88 30.12
C ASP B 315 14.57 -43.97 29.08
N LEU B 316 15.76 -44.57 29.11
CA LEU B 316 16.05 -45.67 28.20
C LEU B 316 15.27 -46.93 28.58
N ALA B 317 15.14 -47.21 29.88
CA ALA B 317 14.39 -48.38 30.31
C ALA B 317 12.92 -48.26 29.94
N ARG B 318 12.33 -47.07 30.15
CA ARG B 318 10.94 -46.88 29.77
C ARG B 318 10.75 -46.98 28.27
N ARG B 319 11.69 -46.46 27.49
CA ARG B 319 11.62 -46.58 26.04
C ARG B 319 11.68 -48.04 25.60
N VAL B 320 12.58 -48.82 26.21
CA VAL B 320 12.67 -50.23 25.88
C VAL B 320 11.37 -50.95 26.25
N ALA B 321 10.81 -50.61 27.42
CA ALA B 321 9.56 -51.23 27.85
C ALA B 321 8.43 -50.92 26.85
N ALA B 322 8.34 -49.66 26.42
CA ALA B 322 7.32 -49.29 25.44
C ALA B 322 7.52 -50.03 24.13
N GLY B 323 8.77 -50.12 23.66
CA GLY B 323 9.03 -50.80 22.41
C GLY B 323 8.67 -52.28 22.47
N VAL B 324 9.09 -52.96 23.54
CA VAL B 324 8.78 -54.37 23.66
C VAL B 324 7.28 -54.58 23.86
N ALA B 325 6.60 -53.67 24.55
CA ALA B 325 5.16 -53.79 24.69
C ALA B 325 4.46 -53.67 23.33
N VAL B 326 4.90 -52.71 22.50
CA VAL B 326 4.33 -52.56 21.18
C VAL B 326 4.59 -53.80 20.34
N VAL B 327 5.81 -54.33 20.39
CA VAL B 327 6.16 -55.52 19.62
C VAL B 327 5.30 -56.70 20.07
N ALA B 328 5.14 -56.88 21.38
CA ALA B 328 4.35 -57.98 21.89
C ALA B 328 2.88 -57.85 21.50
N ARG B 329 2.35 -56.63 21.57
CA ARG B 329 0.96 -56.43 21.16
C ARG B 329 0.77 -56.73 19.68
N GLY B 330 1.70 -56.28 18.85
CA GLY B 330 1.62 -56.59 17.42
C GLY B 330 1.70 -58.08 17.15
N ALA B 331 2.62 -58.77 17.84
CA ALA B 331 2.76 -60.21 17.64
C ALA B 331 1.52 -60.95 18.09
N GLN B 332 0.94 -60.54 19.22
CA GLN B 332 -0.29 -61.19 19.70
C GLN B 332 -1.44 -60.95 18.73
N ALA B 333 -1.54 -59.73 18.19
CA ALA B 333 -2.57 -59.47 17.18
C ALA B 333 -2.36 -60.33 15.95
N LEU B 334 -1.11 -60.48 15.52
CA LEU B 334 -0.81 -61.32 14.36
C LEU B 334 -1.20 -62.77 14.62
N LEU B 335 -0.86 -63.30 15.79
CA LEU B 335 -1.19 -64.67 16.11
C LEU B 335 -2.69 -64.88 16.30
N ARG B 336 -3.40 -63.82 16.70
CA ARG B 336 -4.86 -63.92 16.80
C ARG B 336 -5.51 -63.89 15.42
N ASP B 337 -4.94 -63.11 14.49
CA ASP B 337 -5.54 -62.98 13.17
C ASP B 337 -5.39 -64.27 12.36
N TYR B 338 -4.20 -64.84 12.34
CA TYR B 338 -3.97 -66.03 11.53
C TYR B 338 -3.40 -67.20 12.34
N GLY B 339 -2.49 -66.94 13.26
CA GLY B 339 -1.92 -68.02 14.07
C GLY B 339 -0.76 -68.73 13.42
N PHE B 340 0.29 -67.98 13.07
CA PHE B 340 1.47 -68.56 12.46
C PHE B 340 2.71 -67.81 12.92
N LEU B 341 3.85 -68.47 12.83
CA LEU B 341 5.10 -67.87 13.26
C LEU B 341 5.48 -66.70 12.36
N PRO B 342 6.02 -65.61 12.94
CA PRO B 342 6.14 -64.37 12.16
C PRO B 342 7.22 -64.40 11.09
N GLU B 343 8.40 -64.96 11.40
CA GLU B 343 9.50 -64.92 10.45
C GLU B 343 9.19 -65.72 9.20
N LEU B 344 9.79 -65.30 8.08
CA LEU B 344 9.71 -66.05 6.82
C LEU B 344 11.15 -66.29 6.35
N GLY B 345 11.78 -67.33 6.89
CA GLY B 345 13.13 -67.70 6.51
C GLY B 345 14.10 -66.55 6.39
N HIS B 346 14.57 -66.31 5.16
CA HIS B 346 15.40 -65.16 4.82
C HIS B 346 16.67 -65.09 5.67
N ASP B 347 17.27 -66.25 5.93
CA ASP B 347 18.61 -66.28 6.50
C ASP B 347 19.66 -66.38 5.41
N CYS B 348 19.44 -67.25 4.42
CA CYS B 348 20.29 -67.35 3.23
C CYS B 348 19.34 -67.59 2.05
N ARG B 349 18.92 -66.51 1.39
CA ARG B 349 17.97 -66.63 0.30
C ARG B 349 18.58 -67.35 -0.89
N ALA B 350 17.77 -68.17 -1.55
CA ALA B 350 18.22 -68.92 -2.71
C ALA B 350 17.04 -69.31 -3.60
N SER B 359 6.44 -56.18 4.20
CA SER B 359 5.08 -55.90 3.77
C SER B 359 4.07 -56.31 4.84
N LEU B 360 4.32 -55.89 6.08
CA LEU B 360 3.42 -56.22 7.18
C LEU B 360 3.16 -55.01 8.10
N HIS B 361 3.51 -53.80 7.67
CA HIS B 361 3.34 -52.63 8.50
C HIS B 361 1.91 -52.13 8.46
N ARG B 362 0.96 -53.03 8.75
CA ARG B 362 -0.45 -52.68 8.81
C ARG B 362 -1.14 -53.17 10.08
N TYR B 363 -0.50 -54.01 10.88
CA TYR B 363 -1.05 -54.49 12.13
C TYR B 363 -0.56 -53.67 13.33
N PHE B 364 -0.03 -52.48 13.07
CA PHE B 364 0.45 -51.58 14.13
C PHE B 364 1.51 -52.24 14.99
N ASN B 366 -4.02 -49.56 16.43
CA ASN B 366 -4.80 -49.59 17.66
C ASN B 366 -3.96 -50.11 18.82
N ILE B 367 -2.96 -49.32 19.22
CA ILE B 367 -2.06 -49.67 20.31
C ILE B 367 -2.13 -48.55 21.36
N THR B 368 -2.28 -48.96 22.62
CA THR B 368 -2.28 -48.02 23.73
C THR B 368 -1.30 -48.50 24.80
N TRP B 369 -0.53 -47.56 25.34
CA TRP B 369 0.47 -47.87 26.35
C TRP B 369 0.99 -46.58 26.97
N ASP B 370 1.20 -46.62 28.29
CA ASP B 370 1.78 -45.50 29.03
C ASP B 370 1.00 -44.21 28.83
N ASN B 371 -0.33 -44.33 28.72
CA ASN B 371 -1.24 -43.19 28.55
C ASN B 371 -0.85 -42.35 27.34
N ARG B 372 -0.40 -43.01 26.27
CA ARG B 372 -0.02 -42.33 25.05
C ARG B 372 -0.44 -43.18 23.86
N ASP B 373 -0.81 -42.51 22.77
CA ASP B 373 -1.19 -43.21 21.55
C ASP B 373 0.03 -43.85 20.89
N TYR B 374 -0.16 -45.05 20.36
CA TYR B 374 0.93 -45.76 19.72
C TYR B 374 0.51 -46.40 18.39
N SER B 375 -0.58 -45.93 17.79
CA SER B 375 -0.97 -46.40 16.47
C SER B 375 0.00 -45.86 15.42
N PHE B 376 0.05 -46.54 14.27
CA PHE B 376 1.00 -46.22 13.23
C PHE B 376 0.31 -46.12 11.88
N ASN B 377 0.91 -45.34 10.98
CA ASN B 377 0.40 -45.18 9.62
C ASN B 377 1.09 -46.18 8.71
N GLU B 378 0.82 -46.08 7.40
CA GLU B 378 1.44 -46.98 6.44
C GLU B 378 2.95 -46.81 6.41
N ASP B 379 3.43 -45.56 6.47
CA ASP B 379 4.86 -45.30 6.41
C ASP B 379 5.60 -45.72 7.68
N GLY B 380 4.89 -46.09 8.73
CA GLY B 380 5.54 -46.58 9.93
C GLY B 380 5.93 -45.52 10.94
N PHE B 381 5.31 -44.35 10.90
CA PHE B 381 5.57 -43.30 11.88
C PHE B 381 4.34 -43.12 12.78
N LEU B 382 4.59 -42.59 13.97
CA LEU B 382 3.53 -42.48 14.97
C LEU B 382 2.42 -41.55 14.51
N VAL B 383 1.19 -41.93 14.81
CA VAL B 383 -0.01 -41.17 14.46
C VAL B 383 -0.62 -40.62 15.73
N ASN B 384 -0.94 -39.33 15.73
CA ASN B 384 -1.44 -38.63 16.91
C ASN B 384 -0.51 -38.83 18.12
N PRO B 385 0.74 -38.39 18.03
CA PRO B 385 1.69 -38.67 19.11
C PRO B 385 1.47 -37.73 20.29
N SER B 386 2.15 -38.04 21.38
CA SER B 386 2.20 -37.20 22.57
C SER B 386 3.51 -36.41 22.51
N LEU B 387 3.44 -35.15 22.11
CA LEU B 387 4.62 -34.35 21.85
C LEU B 387 4.76 -33.25 22.89
N VAL B 388 5.99 -32.77 23.05
CA VAL B 388 6.29 -31.67 23.96
C VAL B 388 7.11 -30.65 23.20
N VAL B 389 7.00 -29.39 23.61
CA VAL B 389 7.77 -28.29 23.05
C VAL B 389 8.76 -27.81 24.11
N ILE B 390 10.02 -27.63 23.69
CA ILE B 390 11.09 -27.29 24.60
C ILE B 390 11.68 -25.96 24.18
N SER B 391 12.23 -25.23 25.15
CA SER B 391 12.80 -23.92 24.92
C SER B 391 14.11 -23.81 25.71
N LEU B 392 14.84 -22.74 25.43
CA LEU B 392 16.14 -22.49 26.04
C LEU B 392 15.99 -21.56 27.24
N THR B 393 16.70 -21.87 28.31
CA THR B 393 16.77 -21.06 29.51
C THR B 393 18.17 -20.44 29.60
N ARG B 394 18.28 -19.35 30.37
CA ARG B 394 19.58 -18.70 30.54
C ARG B 394 20.61 -19.63 31.14
N ASP B 395 20.20 -20.70 31.81
CA ASP B 395 21.11 -21.73 32.28
C ASP B 395 21.49 -22.72 31.18
N ARG B 396 21.09 -22.45 29.93
CA ARG B 396 21.41 -23.30 28.78
C ARG B 396 20.91 -24.72 28.99
N THR B 397 19.66 -24.85 29.43
CA THR B 397 19.03 -26.14 29.65
C THR B 397 17.65 -26.14 29.01
N TRP B 398 17.17 -27.33 28.66
CA TRP B 398 15.90 -27.49 27.98
C TRP B 398 14.79 -27.74 29.00
N GLU B 399 13.75 -26.92 28.96
CA GLU B 399 12.62 -27.03 29.86
C GLU B 399 11.33 -27.20 29.05
N VAL B 400 10.47 -28.11 29.50
CA VAL B 400 9.19 -28.32 28.84
C VAL B 400 8.31 -27.10 29.01
N VAL B 401 7.72 -26.65 27.91
CA VAL B 401 6.89 -25.45 27.90
C VAL B 401 5.42 -25.78 27.64
N GLY B 402 5.15 -26.75 26.78
CA GLY B 402 3.79 -27.12 26.44
C GLY B 402 3.72 -28.52 25.92
N SER B 403 2.54 -29.12 26.07
CA SER B 403 2.29 -30.50 25.68
C SER B 403 1.15 -30.56 24.69
N TRP B 404 1.34 -31.33 23.62
CA TRP B 404 0.32 -31.56 22.60
C TRP B 404 -0.05 -33.03 22.60
N GLU B 405 -1.35 -33.31 22.76
CA GLU B 405 -1.86 -34.67 22.76
C GLU B 405 -3.32 -34.63 22.39
N GLN B 406 -3.77 -35.68 21.69
CA GLN B 406 -5.15 -35.81 21.23
C GLN B 406 -5.58 -34.59 20.42
N GLN B 407 -4.65 -34.07 19.61
CA GLN B 407 -4.87 -32.88 18.80
C GLN B 407 -5.31 -31.70 19.66
N THR B 408 -4.71 -31.56 20.84
CA THR B 408 -5.00 -30.46 21.75
C THR B 408 -3.71 -30.00 22.42
N LEU B 409 -3.67 -28.72 22.75
CA LEU B 409 -2.49 -28.10 23.36
C LEU B 409 -2.77 -27.69 24.80
N ARG B 410 -1.74 -27.78 25.64
CA ARG B 410 -1.78 -27.27 27.00
C ARG B 410 -0.41 -26.68 27.30
N LEU B 411 -0.34 -25.38 27.50
CA LEU B 411 0.93 -24.69 27.71
C LEU B 411 0.98 -24.11 29.13
N LYS B 412 2.07 -23.39 29.42
CA LYS B 412 2.28 -22.74 30.70
C LYS B 412 2.33 -21.23 30.49
N TYR B 413 1.81 -20.50 31.48
CA TYR B 413 1.60 -19.04 31.42
C TYR B 413 1.08 -18.66 30.04
N PRO B 414 -0.17 -19.02 29.73
CA PRO B 414 -0.67 -18.86 28.35
C PRO B 414 -0.65 -17.42 27.86
N LEU B 415 -0.84 -16.44 28.73
CA LEU B 415 -0.84 -15.05 28.30
C LEU B 415 0.53 -14.68 27.76
N TRP B 416 0.54 -13.91 26.67
CA TRP B 416 1.79 -13.50 26.04
C TRP B 416 1.59 -12.14 25.40
N SER B 417 2.70 -11.46 25.16
CA SER B 417 2.68 -10.11 24.60
C SER B 417 3.89 -9.94 23.71
N ARG B 418 3.70 -9.22 22.61
CA ARG B 418 4.76 -8.97 21.63
C ARG B 418 5.64 -7.85 22.15
N TYR B 419 6.80 -8.20 22.70
CA TYR B 419 7.69 -7.19 23.27
C TYR B 419 8.23 -6.26 22.19
N GLY B 420 8.58 -6.81 21.03
CA GLY B 420 8.97 -6.02 19.89
C GLY B 420 10.34 -5.36 19.98
N ARG B 421 11.07 -5.58 21.07
CA ARG B 421 12.39 -4.98 21.21
C ARG B 421 13.40 -6.01 21.71
N THR B 429 10.34 3.44 20.51
CA THR B 429 10.03 2.03 20.35
C THR B 429 8.74 1.84 19.56
N GLN B 430 8.12 0.67 19.71
CA GLN B 430 6.87 0.39 19.01
C GLN B 430 5.86 -0.33 19.90
N HIS B 431 6.02 -0.27 21.22
CA HIS B 431 5.11 -0.91 22.16
C HIS B 431 4.35 0.17 22.92
N LEU B 432 3.04 0.25 22.68
CA LEU B 432 2.17 1.23 23.34
C LEU B 432 1.04 0.46 24.00
N THR B 433 0.86 0.69 25.31
CA THR B 433 -0.18 0.00 26.07
C THR B 433 -1.42 0.88 26.10
N VAL B 434 -2.33 0.66 25.16
CA VAL B 434 -3.56 1.44 25.09
C VAL B 434 -4.50 1.01 26.20
N ALA B 435 -4.97 1.97 26.99
CA ALA B 435 -5.94 1.73 28.05
C ALA B 435 -7.23 2.48 27.74
N THR B 436 -8.33 1.75 27.70
CA THR B 436 -9.63 2.32 27.38
C THR B 436 -10.63 1.96 28.48
N LEU B 437 -11.81 2.55 28.39
CA LEU B 437 -12.94 2.18 29.22
C LEU B 437 -14.08 1.69 28.33
N GLU B 438 -15.22 1.42 28.94
CA GLU B 438 -16.38 0.93 28.21
C GLU B 438 -17.41 2.05 28.08
N GLU B 439 -17.71 2.41 26.84
CA GLU B 439 -18.75 3.39 26.54
C GLU B 439 -19.43 2.92 25.26
N ARG B 440 -20.67 2.45 25.39
CA ARG B 440 -21.33 1.72 24.31
C ARG B 440 -21.33 2.44 22.97
N PRO B 441 -21.62 3.73 22.86
CA PRO B 441 -21.58 4.38 21.54
C PRO B 441 -20.22 4.30 20.86
N PHE B 442 -19.13 4.38 21.62
CA PHE B 442 -17.79 4.47 21.04
C PHE B 442 -17.05 3.15 21.06
N VAL B 443 -16.88 2.53 22.22
CA VAL B 443 -16.14 1.29 22.37
C VAL B 443 -17.11 0.21 22.82
N ILE B 444 -17.20 -0.86 22.05
CA ILE B 444 -18.06 -2.00 22.36
C ILE B 444 -17.18 -3.21 22.60
N VAL B 445 -17.35 -3.83 23.77
CA VAL B 445 -16.68 -5.08 24.10
C VAL B 445 -17.71 -6.20 24.02
N GLU B 446 -17.36 -7.25 23.30
CA GLU B 446 -18.24 -8.39 23.10
C GLU B 446 -17.50 -9.67 23.44
N PRO B 447 -18.21 -10.71 23.85
CA PRO B 447 -17.55 -12.01 24.08
C PRO B 447 -16.90 -12.50 22.79
N ALA B 448 -15.73 -13.12 22.95
CA ALA B 448 -15.03 -13.66 21.79
C ALA B 448 -15.89 -14.73 21.12
N ASP B 449 -15.76 -14.83 19.80
CA ASP B 449 -16.55 -15.81 19.06
C ASP B 449 -16.06 -17.21 19.41
N PRO B 450 -16.91 -18.06 20.00
CA PRO B 450 -16.42 -19.36 20.47
C PRO B 450 -16.27 -20.40 19.38
N ILE B 451 -16.94 -20.24 18.24
CA ILE B 451 -16.81 -21.20 17.14
C ILE B 451 -15.37 -21.22 16.64
N SER B 452 -14.80 -20.04 16.40
CA SER B 452 -13.40 -19.91 16.03
C SER B 452 -12.49 -19.68 17.23
N GLY B 453 -13.07 -19.50 18.43
CA GLY B 453 -12.27 -19.27 19.62
C GLY B 453 -11.39 -18.04 19.53
N THR B 454 -11.89 -16.98 18.90
CA THR B 454 -11.11 -15.77 18.69
C THR B 454 -12.06 -14.64 18.33
N CYS B 455 -11.51 -13.44 18.23
CA CYS B 455 -12.30 -12.27 17.85
C CYS B 455 -12.60 -12.29 16.36
N ILE B 456 -13.81 -11.83 16.02
CA ILE B 456 -14.24 -11.77 14.62
C ILE B 456 -13.49 -10.64 13.92
N ARG B 457 -13.59 -10.60 12.59
CA ARG B 457 -12.97 -9.54 11.82
C ARG B 457 -13.59 -8.19 12.18
N ASP B 458 -12.90 -7.12 11.78
CA ASP B 458 -13.29 -5.75 12.10
C ASP B 458 -13.37 -5.55 13.61
N SER B 459 -12.41 -6.10 14.33
CA SER B 459 -12.34 -5.96 15.78
C SER B 459 -10.90 -6.17 16.21
N VAL B 460 -10.65 -5.96 17.50
CA VAL B 460 -9.32 -6.10 18.06
C VAL B 460 -9.41 -6.88 19.37
N PRO B 461 -8.49 -7.81 19.63
CA PRO B 461 -8.51 -8.52 20.93
C PRO B 461 -8.26 -7.56 22.07
N CYS B 462 -8.93 -7.81 23.20
CA CYS B 462 -8.80 -6.98 24.38
C CYS B 462 -8.74 -7.87 25.61
N ARG B 463 -7.69 -7.70 26.41
CA ARG B 463 -7.53 -8.45 27.65
C ARG B 463 -7.90 -7.54 28.82
N SER B 464 -8.72 -8.06 29.73
CA SER B 464 -9.17 -7.28 30.87
C SER B 464 -8.07 -7.23 31.92
N GLN B 465 -8.36 -6.64 33.07
CA GLN B 465 -7.40 -6.55 34.16
C GLN B 465 -8.11 -6.36 35.50
N PRO B 479 -7.30 -11.90 32.17
CA PRO B 479 -6.80 -13.13 31.53
C PRO B 479 -7.57 -13.49 30.26
N GLU B 480 -8.88 -13.65 30.38
CA GLU B 480 -9.69 -14.01 29.21
C GLU B 480 -9.74 -12.85 28.22
N LYS B 481 -10.09 -13.19 26.98
CA LYS B 481 -10.04 -12.26 25.86
C LYS B 481 -11.44 -11.93 25.38
N ARG B 482 -11.69 -10.64 25.15
CA ARG B 482 -12.92 -10.16 24.53
C ARG B 482 -12.56 -9.47 23.22
N CYS B 483 -13.58 -9.10 22.45
CA CYS B 483 -13.39 -8.41 21.18
C CYS B 483 -13.88 -6.98 21.32
N CYS B 484 -13.00 -6.01 21.10
CA CYS B 484 -13.33 -4.60 21.18
C CYS B 484 -13.44 -4.02 19.78
N LYS B 485 -14.47 -3.21 19.55
CA LYS B 485 -14.70 -2.65 18.23
C LYS B 485 -15.54 -1.39 18.35
N GLY B 486 -15.57 -0.61 17.27
CA GLY B 486 -16.40 0.57 17.24
C GLY B 486 -15.71 1.80 16.69
N PHE B 487 -15.90 2.93 17.36
CA PHE B 487 -15.32 4.19 16.90
C PHE B 487 -13.86 4.30 17.35
N CYS B 488 -13.62 4.25 18.66
CA CYS B 488 -12.27 4.45 19.16
C CYS B 488 -11.34 3.33 18.70
N ILE B 489 -11.83 2.09 18.66
CA ILE B 489 -11.00 0.99 18.19
C ILE B 489 -10.59 1.21 16.75
N ASP B 490 -11.53 1.60 15.90
CA ASP B 490 -11.22 1.83 14.49
C ASP B 490 -10.25 2.98 14.30
N ILE B 491 -10.46 4.08 15.02
CA ILE B 491 -9.54 5.21 14.87
C ILE B 491 -8.16 4.85 15.40
N LEU B 492 -8.09 4.06 16.47
CA LEU B 492 -6.80 3.64 17.00
C LEU B 492 -6.07 2.73 16.02
N LYS B 493 -6.78 1.79 15.39
CA LYS B 493 -6.11 0.91 14.44
C LYS B 493 -5.68 1.69 13.19
N ARG B 494 -6.47 2.67 12.76
CA ARG B 494 -6.04 3.51 11.64
C ARG B 494 -4.80 4.30 12.01
N LEU B 495 -4.76 4.84 13.23
CA LEU B 495 -3.58 5.56 13.70
C LEU B 495 -2.36 4.65 13.74
N ALA B 496 -2.54 3.42 14.24
CA ALA B 496 -1.43 2.47 14.29
C ALA B 496 -0.94 2.13 12.89
N HIS B 497 -1.85 1.96 11.94
CA HIS B 497 -1.45 1.69 10.57
C HIS B 497 -0.67 2.87 10.00
N THR B 498 -1.10 4.09 10.28
CA THR B 498 -0.44 5.26 9.71
C THR B 498 0.82 5.67 10.47
N ILE B 499 1.10 5.06 11.62
CA ILE B 499 2.32 5.33 12.38
C ILE B 499 3.16 4.07 12.54
N GLY B 500 2.57 3.01 13.09
CA GLY B 500 3.28 1.76 13.25
C GLY B 500 3.77 1.52 14.66
N PHE B 501 3.04 0.69 15.41
CA PHE B 501 3.46 0.29 16.75
C PHE B 501 2.61 -0.91 17.16
N SER B 502 3.03 -1.55 18.25
CA SER B 502 2.31 -2.68 18.81
C SER B 502 1.41 -2.18 19.93
N TYR B 503 0.10 -2.30 19.74
CA TYR B 503 -0.88 -1.79 20.68
C TYR B 503 -1.63 -2.95 21.34
N ASP B 504 -1.79 -2.87 22.65
CA ASP B 504 -2.54 -3.85 23.42
C ASP B 504 -3.69 -3.15 24.12
N LEU B 505 -4.87 -3.78 24.07
CA LEU B 505 -6.09 -3.20 24.63
C LEU B 505 -6.21 -3.59 26.10
N TYR B 506 -5.36 -2.97 26.91
CA TYR B 506 -5.36 -3.14 28.36
C TYR B 506 -6.53 -2.38 28.97
N LEU B 507 -7.64 -3.08 29.20
CA LEU B 507 -8.81 -2.45 29.80
C LEU B 507 -8.53 -2.08 31.26
N VAL B 508 -9.48 -1.37 31.86
CA VAL B 508 -9.31 -0.84 33.20
C VAL B 508 -10.51 -1.23 34.06
N THR B 509 -10.28 -1.36 35.35
CA THR B 509 -11.30 -1.67 36.33
C THR B 509 -11.34 -0.68 37.48
N ASN B 510 -10.19 -0.15 37.90
CA ASN B 510 -10.11 0.76 39.04
C ASN B 510 -10.53 2.15 38.59
N GLY B 511 -11.84 2.40 38.61
CA GLY B 511 -12.38 3.69 38.24
C GLY B 511 -12.99 3.67 36.86
N LYS B 512 -13.55 4.82 36.48
CA LYS B 512 -14.19 4.97 35.18
C LYS B 512 -13.47 5.99 34.29
N HIS B 513 -13.31 7.22 34.75
CA HIS B 513 -12.69 8.25 33.91
C HIS B 513 -11.65 9.06 34.67
N GLY B 514 -11.71 9.05 35.99
CA GLY B 514 -10.73 9.76 36.78
C GLY B 514 -11.31 10.68 37.84
N LYS B 515 -10.74 10.62 39.04
CA LYS B 515 -11.16 11.50 40.13
C LYS B 515 -9.96 11.73 41.05
N LYS B 516 -9.89 12.92 41.61
CA LYS B 516 -8.82 13.24 42.55
C LYS B 516 -9.17 12.71 43.93
N ILE B 517 -9.48 11.42 44.02
CA ILE B 517 -9.85 10.82 45.30
C ILE B 517 -8.60 10.73 46.17
N ASP B 518 -8.66 11.35 47.36
CA ASP B 518 -7.53 11.40 48.29
C ASP B 518 -6.29 11.96 47.59
N GLY B 519 -6.51 12.95 46.72
CA GLY B 519 -5.43 13.51 45.94
C GLY B 519 -4.76 12.54 45.00
N VAL B 520 -5.42 11.43 44.68
CA VAL B 520 -4.85 10.38 43.85
C VAL B 520 -5.80 10.10 42.69
N TRP B 521 -5.26 10.08 41.48
CA TRP B 521 -6.07 9.81 40.29
C TRP B 521 -6.41 8.33 40.19
N ASN B 522 -7.48 8.05 39.44
CA ASN B 522 -7.89 6.68 39.16
C ASN B 522 -8.38 6.63 37.71
N GLY B 523 -9.01 5.51 37.34
CA GLY B 523 -9.52 5.37 35.99
C GLY B 523 -8.40 5.34 34.96
N MET B 524 -8.77 5.68 33.72
CA MET B 524 -7.78 5.73 32.65
C MET B 524 -6.76 6.81 32.91
N ILE B 525 -7.19 7.95 33.46
CA ILE B 525 -6.25 9.02 33.80
C ILE B 525 -5.26 8.53 34.85
N GLY B 526 -5.76 7.82 35.86
CA GLY B 526 -4.86 7.24 36.85
C GLY B 526 -3.89 6.24 36.24
N GLU B 527 -4.37 5.42 35.31
CA GLU B 527 -3.49 4.44 34.66
C GLU B 527 -2.40 5.13 33.86
N VAL B 528 -2.74 6.19 33.14
CA VAL B 528 -1.75 6.90 32.34
C VAL B 528 -0.76 7.65 33.21
N PHE B 529 -1.26 8.27 34.29
CA PHE B 529 -0.42 9.14 35.10
C PHE B 529 0.74 8.37 35.73
N TYR B 530 0.46 7.17 36.25
CA TYR B 530 1.47 6.36 36.91
C TYR B 530 2.20 5.43 35.96
N GLN B 531 2.26 5.77 34.67
CA GLN B 531 3.05 5.08 33.66
C GLN B 531 2.62 3.64 33.45
N ARG B 532 1.55 3.18 34.11
CA ARG B 532 1.08 1.83 33.90
C ARG B 532 0.63 1.61 32.47
N ALA B 533 -0.05 2.60 31.89
CA ALA B 533 -0.52 2.55 30.52
C ALA B 533 0.17 3.64 29.72
N ASP B 534 0.69 3.27 28.54
CA ASP B 534 1.45 4.21 27.74
C ASP B 534 0.58 5.37 27.26
N MET B 535 -0.64 5.08 26.81
CA MET B 535 -1.55 6.12 26.35
C MET B 535 -2.97 5.61 26.45
N ALA B 536 -3.92 6.54 26.52
CA ALA B 536 -5.33 6.23 26.69
C ALA B 536 -6.12 6.78 25.51
N ILE B 537 -7.02 5.96 24.97
CA ILE B 537 -7.92 6.35 23.91
C ILE B 537 -9.33 5.93 24.31
N GLY B 538 -10.31 6.45 23.57
CA GLY B 538 -11.69 6.13 23.86
C GLY B 538 -12.44 7.30 24.45
N SER B 539 -13.52 7.03 25.17
CA SER B 539 -14.36 8.08 25.74
C SER B 539 -13.59 8.75 26.88
N LEU B 540 -13.16 9.99 26.64
CA LEU B 540 -12.46 10.76 27.66
C LEU B 540 -12.55 12.23 27.29
N THR B 541 -13.13 13.03 28.19
CA THR B 541 -13.29 14.46 27.95
C THR B 541 -12.08 15.21 28.49
N ILE B 542 -11.86 16.41 27.97
CA ILE B 542 -10.70 17.23 28.35
C ILE B 542 -11.16 18.31 29.30
N ASN B 543 -10.51 18.38 30.46
CA ASN B 543 -10.77 19.42 31.45
C ASN B 543 -9.45 20.07 31.84
N GLU B 544 -9.55 21.17 32.61
CA GLU B 544 -8.36 21.92 32.98
C GLU B 544 -7.40 21.09 33.82
N GLU B 545 -7.91 20.45 34.87
CA GLU B 545 -7.06 19.64 35.73
C GLU B 545 -6.47 18.47 34.95
N ARG B 546 -7.28 17.82 34.11
CA ARG B 546 -6.77 16.73 33.29
C ARG B 546 -5.71 17.23 32.32
N SER B 547 -5.94 18.39 31.70
CA SER B 547 -5.00 18.90 30.73
C SER B 547 -3.67 19.25 31.38
N GLU B 548 -3.69 19.83 32.58
CA GLU B 548 -2.44 20.18 33.23
C GLU B 548 -1.74 18.95 33.81
N ILE B 549 -2.48 17.98 34.33
CA ILE B 549 -1.86 16.78 34.88
C ILE B 549 -1.25 15.93 33.77
N VAL B 550 -1.99 15.72 32.69
CA VAL B 550 -1.58 14.85 31.60
C VAL B 550 -1.82 15.57 30.28
N ASP B 551 -0.89 15.41 29.34
CA ASP B 551 -1.01 16.07 28.05
C ASP B 551 -2.16 15.47 27.25
N PHE B 552 -2.60 16.22 26.24
CA PHE B 552 -3.75 15.81 25.43
C PHE B 552 -3.47 16.08 23.97
N SER B 553 -3.98 15.22 23.10
CA SER B 553 -3.87 15.39 21.67
C SER B 553 -4.94 16.37 21.18
N VAL B 554 -5.04 16.51 19.86
CA VAL B 554 -6.02 17.42 19.27
C VAL B 554 -7.40 16.78 19.37
N PRO B 555 -8.41 17.50 19.87
CA PRO B 555 -9.76 16.94 19.89
C PRO B 555 -10.30 16.74 18.50
N PHE B 556 -11.12 15.70 18.34
CA PHE B 556 -11.72 15.39 17.05
C PHE B 556 -13.24 15.37 17.08
N VAL B 557 -13.85 14.86 18.14
CA VAL B 557 -15.30 14.82 18.27
C VAL B 557 -15.68 15.80 19.37
N GLU B 558 -16.23 16.94 18.99
CA GLU B 558 -16.58 17.96 19.97
C GLU B 558 -17.80 17.53 20.77
N THR B 559 -17.79 17.91 22.05
CA THR B 559 -18.84 17.51 22.98
C THR B 559 -18.81 18.46 24.18
N GLY B 560 -19.75 18.26 25.09
CA GLY B 560 -19.85 19.09 26.27
C GLY B 560 -20.90 18.61 27.25
N ILE B 561 -21.67 19.55 27.81
CA ILE B 561 -22.74 19.24 28.76
C ILE B 561 -24.07 19.47 28.06
N SER B 562 -24.92 18.45 28.08
CA SER B 562 -26.18 18.49 27.35
C SER B 562 -27.32 17.98 28.22
N VAL B 563 -28.53 18.39 27.84
CA VAL B 563 -29.74 18.13 28.59
C VAL B 563 -30.63 17.24 27.73
N MET B 564 -31.00 16.08 28.27
CA MET B 564 -31.91 15.15 27.62
C MET B 564 -33.22 15.12 28.39
N VAL B 565 -34.33 15.25 27.68
CA VAL B 565 -35.65 15.32 28.31
C VAL B 565 -36.52 14.18 27.83
N ALA B 566 -37.78 14.16 28.29
CA ALA B 566 -38.70 13.07 28.00
C ALA B 566 -39.27 13.24 26.60
N ARG B 567 -40.31 12.47 26.29
CA ARG B 567 -40.92 12.51 24.96
C ARG B 567 -41.42 13.90 24.64
N SER B 568 -41.26 14.28 23.38
CA SER B 568 -41.71 15.60 22.91
C SER B 568 -41.71 15.63 21.38
N VAL B 661 -70.60 40.55 -7.17
CA VAL B 661 -69.69 41.65 -6.87
C VAL B 661 -69.05 41.45 -5.51
N PHE B 662 -69.72 41.95 -4.46
CA PHE B 662 -69.20 41.80 -3.11
C PHE B 662 -69.15 40.34 -2.68
N ALA B 663 -70.20 39.58 -3.01
CA ALA B 663 -70.28 38.20 -2.54
C ALA B 663 -69.31 37.29 -3.28
N PHE B 664 -69.10 37.54 -4.58
CA PHE B 664 -68.13 36.75 -5.33
C PHE B 664 -66.72 36.97 -4.78
N PHE B 665 -66.36 38.24 -4.53
CA PHE B 665 -65.07 38.52 -3.92
C PHE B 665 -64.98 37.92 -2.53
N ALA B 666 -66.09 37.91 -1.79
CA ALA B 666 -66.10 37.34 -0.44
C ALA B 666 -65.82 35.84 -0.48
N VAL B 667 -66.48 35.12 -1.40
CA VAL B 667 -66.26 33.67 -1.47
C VAL B 667 -64.86 33.38 -2.00
N ILE B 668 -64.35 34.18 -2.93
CA ILE B 668 -62.98 33.99 -3.39
C ILE B 668 -61.99 34.21 -2.24
N PHE B 669 -62.23 35.24 -1.42
CA PHE B 669 -61.36 35.49 -0.28
C PHE B 669 -61.45 34.36 0.74
N LEU B 670 -62.65 33.82 0.96
CA LEU B 670 -62.79 32.68 1.87
C LEU B 670 -62.03 31.46 1.34
N ALA B 671 -62.12 31.21 0.04
CA ALA B 671 -61.36 30.10 -0.56
C ALA B 671 -59.86 30.31 -0.40
N SER B 672 -59.39 31.54 -0.65
CA SER B 672 -57.97 31.83 -0.51
C SER B 672 -57.53 31.68 0.94
N TYR B 673 -58.35 32.12 1.88
CA TYR B 673 -58.01 31.97 3.29
C TYR B 673 -57.94 30.50 3.70
N THR B 674 -58.91 29.69 3.23
CA THR B 674 -58.88 28.27 3.55
C THR B 674 -57.61 27.61 3.02
N ALA B 675 -57.28 27.91 1.75
CA ALA B 675 -56.08 27.33 1.17
C ALA B 675 -54.81 27.81 1.88
N ASN B 676 -54.74 29.10 2.20
CA ASN B 676 -53.58 29.66 2.87
C ASN B 676 -53.39 29.05 4.25
N LEU B 677 -54.47 28.92 5.03
CA LEU B 677 -54.34 28.33 6.36
C LEU B 677 -54.02 26.85 6.27
N ALA B 678 -54.53 26.16 5.25
CA ALA B 678 -54.16 24.75 5.07
C ALA B 678 -52.66 24.62 4.80
N ALA B 679 -52.13 25.42 3.88
CA ALA B 679 -50.71 25.32 3.56
C ALA B 679 -49.85 25.79 4.73
N PHE B 680 -50.35 26.76 5.50
CA PHE B 680 -49.70 27.17 6.74
C PHE B 680 -49.62 26.01 7.72
N MET B 681 -50.74 25.37 8.00
CA MET B 681 -50.76 24.29 8.96
C MET B 681 -49.99 23.06 8.51
N ILE B 682 -49.78 22.91 7.20
CA ILE B 682 -49.04 21.76 6.68
C ILE B 682 -47.63 21.72 7.24
N GLN B 683 -47.13 22.84 7.76
CA GLN B 683 -45.75 22.94 8.21
C GLN B 683 -45.67 23.66 9.55
N GLU B 684 -46.54 23.27 10.49
CA GLU B 684 -46.55 23.87 11.82
C GLU B 684 -46.34 22.78 12.89
N GLU B 685 -46.35 23.23 14.16
CA GLU B 685 -46.40 22.37 15.32
C GLU B 685 -45.22 21.39 15.40
N TYR B 686 -44.02 21.94 15.64
CA TYR B 686 -42.80 21.16 15.81
C TYR B 686 -42.45 21.17 17.30
N VAL B 687 -41.28 20.63 17.65
CA VAL B 687 -40.91 20.34 19.03
C VAL B 687 -39.92 21.39 19.51
N ASP B 688 -40.14 21.90 20.73
CA ASP B 688 -39.23 22.82 21.40
C ASP B 688 -39.19 22.52 22.89
N THR B 689 -38.10 22.92 23.53
CA THR B 689 -37.87 22.68 24.95
C THR B 689 -37.38 23.98 25.59
N VAL B 690 -36.98 23.98 26.86
CA VAL B 690 -36.51 25.18 27.54
C VAL B 690 -35.01 25.33 27.28
N SER B 691 -34.48 26.51 27.63
CA SER B 691 -33.08 26.84 27.33
C SER B 691 -32.08 25.98 28.09
N GLY B 692 -32.38 25.54 29.29
CA GLY B 692 -31.47 24.71 30.05
C GLY B 692 -30.82 25.41 31.22
N LEU B 693 -29.53 25.11 31.42
CA LEU B 693 -28.81 25.59 32.60
C LEU B 693 -28.79 27.11 32.70
N SER B 694 -28.92 27.82 31.57
CA SER B 694 -29.00 29.27 31.62
C SER B 694 -30.27 29.75 32.31
N ASP B 695 -31.33 28.94 32.30
CA ASP B 695 -32.58 29.33 32.93
C ASP B 695 -32.43 29.38 34.45
N ARG B 696 -33.24 30.23 35.08
CA ARG B 696 -33.26 30.30 36.53
C ARG B 696 -33.86 29.03 37.14
N LYS B 697 -34.73 28.33 36.39
CA LYS B 697 -35.29 27.09 36.88
C LYS B 697 -34.21 26.05 37.14
N PHE B 698 -33.29 25.88 36.19
CA PHE B 698 -32.16 24.99 36.41
C PHE B 698 -31.20 25.56 37.46
N GLN B 699 -31.03 26.88 37.48
CA GLN B 699 -30.22 27.52 38.51
C GLN B 699 -30.85 27.37 39.89
N ARG B 700 -32.18 27.50 39.97
CA ARG B 700 -32.91 27.47 41.23
C ARG B 700 -33.93 26.34 41.17
N PRO B 701 -33.55 25.11 41.54
CA PRO B 701 -34.53 24.02 41.55
C PRO B 701 -35.69 24.24 42.51
N GLN B 702 -35.44 24.90 43.64
CA GLN B 702 -36.48 25.10 44.65
C GLN B 702 -37.53 26.06 44.10
N GLU B 703 -38.67 25.52 43.69
CA GLU B 703 -39.75 26.29 43.10
C GLU B 703 -41.07 25.77 43.63
N GLN B 704 -42.16 26.18 42.98
CA GLN B 704 -43.48 25.68 43.34
C GLN B 704 -43.59 24.17 43.09
N TYR B 705 -43.03 23.70 41.99
CA TYR B 705 -42.98 22.28 41.66
C TYR B 705 -41.53 21.95 41.32
N PRO B 706 -40.71 21.65 42.34
CA PRO B 706 -39.29 21.45 42.09
C PRO B 706 -39.07 20.27 41.17
N PRO B 707 -38.03 20.32 40.33
CA PRO B 707 -37.75 19.19 39.43
C PRO B 707 -37.49 17.91 40.21
N LEU B 708 -37.92 16.80 39.62
CA LEU B 708 -37.80 15.50 40.29
C LEU B 708 -36.35 15.18 40.62
N LYS B 709 -35.47 15.31 39.64
CA LYS B 709 -34.05 15.06 39.83
C LYS B 709 -33.31 15.51 38.58
N PHE B 710 -31.98 15.58 38.69
CA PHE B 710 -31.10 15.85 37.57
C PHE B 710 -30.11 14.71 37.46
N GLY B 711 -30.09 14.03 36.32
CA GLY B 711 -29.28 12.83 36.17
C GLY B 711 -27.83 13.13 35.86
N THR B 712 -27.08 13.59 36.85
CA THR B 712 -25.66 13.87 36.71
C THR B 712 -24.89 12.67 37.25
N VAL B 713 -24.53 11.77 36.36
CA VAL B 713 -23.77 10.58 36.79
C VAL B 713 -22.37 11.01 37.22
N PRO B 714 -21.96 10.72 38.46
CA PRO B 714 -20.68 11.24 38.95
C PRO B 714 -19.47 10.54 38.36
N ASN B 715 -18.28 10.91 38.84
CA ASN B 715 -16.99 10.43 38.36
C ASN B 715 -16.75 10.76 36.89
N GLY B 716 -17.26 11.90 36.43
CA GLY B 716 -17.01 12.34 35.07
C GLY B 716 -16.64 13.81 35.03
N SER B 717 -16.45 14.31 33.81
CA SER B 717 -16.18 15.74 33.63
C SER B 717 -17.41 16.57 33.94
N THR B 718 -18.60 16.04 33.66
CA THR B 718 -19.84 16.77 33.94
C THR B 718 -19.97 17.06 35.44
N GLU B 719 -19.67 16.07 36.28
CA GLU B 719 -19.77 16.27 37.72
C GLU B 719 -18.81 17.35 38.19
N LYS B 720 -17.56 17.30 37.72
CA LYS B 720 -16.58 18.31 38.14
C LYS B 720 -17.00 19.70 37.69
N ASN B 721 -17.45 19.82 36.44
CA ASN B 721 -17.87 21.12 35.93
C ASN B 721 -19.06 21.66 36.72
N ILE B 722 -20.07 20.82 36.96
CA ILE B 722 -21.26 21.30 37.65
C ILE B 722 -20.96 21.61 39.11
N ARG B 723 -20.01 20.89 39.73
CA ARG B 723 -19.63 21.20 41.09
C ARG B 723 -18.87 22.51 41.18
N SER B 724 -17.97 22.75 40.21
CA SER B 724 -17.17 23.97 40.23
C SER B 724 -17.91 25.17 39.63
N ASN B 725 -19.12 24.97 39.11
CA ASN B 725 -19.90 26.08 38.57
C ASN B 725 -21.04 26.50 39.49
N TYR B 726 -21.91 25.56 39.87
CA TYR B 726 -23.04 25.83 40.73
C TYR B 726 -23.04 24.84 41.89
N PRO B 727 -22.34 25.16 42.98
CA PRO B 727 -22.29 24.20 44.11
C PRO B 727 -23.66 23.84 44.65
N ASP B 728 -24.60 24.79 44.69
CA ASP B 728 -25.94 24.48 45.16
C ASP B 728 -26.61 23.46 44.25
N MET B 729 -26.48 23.62 42.94
CA MET B 729 -27.06 22.66 42.00
C MET B 729 -26.41 21.29 42.17
N HIS B 730 -25.10 21.24 42.35
CA HIS B 730 -24.41 19.97 42.53
C HIS B 730 -24.88 19.27 43.80
N SER B 731 -25.05 20.03 44.89
CA SER B 731 -25.55 19.44 46.12
C SER B 731 -26.99 18.95 45.94
N TYR B 732 -27.82 19.73 45.25
CA TYR B 732 -29.22 19.34 45.09
C TYR B 732 -29.37 18.11 44.21
N MET B 733 -28.47 17.94 43.24
CA MET B 733 -28.59 16.85 42.27
C MET B 733 -28.04 15.53 42.79
N VAL B 734 -27.97 15.35 44.12
CA VAL B 734 -27.47 14.12 44.68
C VAL B 734 -28.34 12.93 44.32
N ARG B 735 -29.60 13.16 43.95
CA ARG B 735 -30.50 12.09 43.52
C ARG B 735 -30.19 11.69 42.08
N TYR B 736 -28.96 11.23 41.87
CA TYR B 736 -28.45 10.89 40.54
C TYR B 736 -28.37 9.38 40.37
N ASN B 737 -28.39 8.95 39.12
CA ASN B 737 -28.34 7.53 38.78
C ASN B 737 -26.91 7.02 38.93
N GLN B 738 -26.73 6.04 39.80
CA GLN B 738 -25.43 5.44 40.05
C GLN B 738 -25.03 4.40 39.00
N PRO B 739 -25.87 3.38 38.69
CA PRO B 739 -25.37 2.22 37.93
C PRO B 739 -24.76 2.54 36.58
N ARG B 740 -25.53 3.16 35.68
CA ARG B 740 -25.03 3.40 34.33
C ARG B 740 -25.96 4.37 33.62
N VAL B 741 -25.59 4.69 32.38
CA VAL B 741 -26.39 5.60 31.57
C VAL B 741 -27.71 4.94 31.17
N GLU B 742 -27.67 3.65 30.82
CA GLU B 742 -28.86 3.00 30.30
C GLU B 742 -29.98 2.95 31.33
N GLU B 743 -29.63 2.70 32.60
CA GLU B 743 -30.63 2.69 33.66
C GLU B 743 -31.32 4.04 33.78
N ALA B 744 -30.54 5.12 33.70
CA ALA B 744 -31.11 6.46 33.77
C ALA B 744 -32.03 6.73 32.59
N LEU B 745 -31.62 6.31 31.39
CA LEU B 745 -32.48 6.49 30.22
C LEU B 745 -33.80 5.74 30.38
N THR B 746 -33.74 4.50 30.86
CA THR B 746 -34.96 3.74 31.07
C THR B 746 -35.85 4.40 32.11
N GLN B 747 -35.24 4.89 33.20
CA GLN B 747 -36.01 5.55 34.25
C GLN B 747 -36.68 6.83 33.72
N LEU B 748 -35.95 7.61 32.93
CA LEU B 748 -36.51 8.82 32.34
C LEU B 748 -37.64 8.48 31.37
N LYS B 749 -37.46 7.42 30.59
CA LYS B 749 -38.53 6.97 29.69
C LYS B 749 -39.77 6.57 30.48
N ALA B 750 -39.58 5.90 31.62
CA ALA B 750 -40.70 5.56 32.48
C ALA B 750 -41.34 6.82 33.06
N GLY B 751 -40.53 7.69 33.67
CA GLY B 751 -41.05 8.96 34.13
C GLY B 751 -40.55 9.45 35.49
N LYS B 752 -39.79 8.63 36.22
CA LYS B 752 -39.27 9.10 37.51
C LYS B 752 -38.31 10.26 37.35
N LEU B 753 -37.41 10.18 36.37
CA LEU B 753 -36.43 11.24 36.15
C LEU B 753 -37.06 12.40 35.40
N ASP B 754 -36.67 13.62 35.79
CA ASP B 754 -37.19 14.83 35.15
C ASP B 754 -36.33 15.22 33.94
N ALA B 755 -35.03 15.42 34.16
CA ALA B 755 -34.13 15.80 33.09
C ALA B 755 -32.77 15.18 33.34
N PHE B 756 -32.03 14.93 32.26
CA PHE B 756 -30.74 14.27 32.31
C PHE B 756 -29.65 15.25 31.89
N ILE B 757 -28.59 15.33 32.68
CA ILE B 757 -27.45 16.21 32.42
C ILE B 757 -26.25 15.32 32.20
N TYR B 758 -25.73 15.27 30.98
CA TYR B 758 -24.64 14.32 30.74
C TYR B 758 -23.81 14.77 29.55
N ASP B 759 -22.86 13.94 29.15
CA ASP B 759 -21.97 14.28 28.04
C ASP B 759 -22.78 14.45 26.75
N ALA B 760 -22.39 15.45 25.97
CA ALA B 760 -23.17 15.82 24.79
C ALA B 760 -23.15 14.72 23.74
N ALA B 761 -21.98 14.12 23.49
CA ALA B 761 -21.87 13.15 22.40
C ALA B 761 -22.66 11.88 22.71
N VAL B 762 -22.50 11.33 23.91
CA VAL B 762 -23.19 10.10 24.26
C VAL B 762 -24.69 10.32 24.29
N LEU B 763 -25.14 11.42 24.89
CA LEU B 763 -26.57 11.72 24.94
C LEU B 763 -27.14 11.92 23.53
N ASN B 764 -26.38 12.61 22.67
CA ASN B 764 -26.85 12.84 21.31
C ASN B 764 -26.97 11.53 20.53
N TYR B 765 -26.00 10.63 20.68
CA TYR B 765 -26.10 9.35 20.01
C TYR B 765 -27.29 8.54 20.56
N MET B 766 -27.49 8.58 21.88
CA MET B 766 -28.61 7.86 22.48
C MET B 766 -29.94 8.40 21.95
N ALA B 767 -30.04 9.72 21.81
CA ALA B 767 -31.25 10.29 21.23
C ALA B 767 -31.42 9.88 19.78
N ARG B 768 -30.35 9.94 18.99
CA ARG B 768 -30.44 9.60 17.58
C ARG B 768 -30.64 8.11 17.32
N LYS B 769 -30.43 7.26 18.32
CA LYS B 769 -30.61 5.82 18.16
C LYS B 769 -31.89 5.32 18.82
N ASP B 770 -32.17 5.76 20.05
CA ASP B 770 -33.34 5.29 20.76
C ASP B 770 -34.62 5.71 20.04
N GLU B 771 -35.62 4.84 20.08
CA GLU B 771 -36.89 5.08 19.40
C GLU B 771 -37.75 6.01 20.27
N GLY B 772 -39.02 6.15 19.90
CA GLY B 772 -39.92 6.98 20.66
C GLY B 772 -39.78 8.45 20.34
N CYS B 773 -40.47 9.26 21.13
CA CYS B 773 -40.51 10.71 20.94
C CYS B 773 -39.53 11.44 21.84
N LYS B 774 -38.63 10.73 22.50
CA LYS B 774 -37.64 11.39 23.35
C LYS B 774 -36.65 12.15 22.48
N LEU B 775 -36.41 13.42 22.83
CA LEU B 775 -35.51 14.28 22.09
C LEU B 775 -34.60 15.03 23.04
N VAL B 776 -33.37 15.28 22.60
CA VAL B 776 -32.48 16.16 23.33
C VAL B 776 -33.02 17.59 23.28
N THR B 777 -32.65 18.39 24.29
CA THR B 777 -33.11 19.77 24.33
C THR B 777 -32.56 20.55 23.14
N ILE B 778 -33.24 21.64 22.80
CA ILE B 778 -32.82 22.49 21.69
C ILE B 778 -31.45 23.11 21.93
N GLY B 779 -30.91 22.99 23.14
CA GLY B 779 -29.58 23.47 23.43
C GLY B 779 -28.47 22.56 22.91
N SER B 780 -28.80 21.74 21.90
CA SER B 780 -27.75 20.96 21.25
C SER B 780 -26.75 21.88 20.56
N GLY B 781 -27.24 22.83 19.77
CA GLY B 781 -26.36 23.84 19.20
C GLY B 781 -25.77 24.75 20.27
N LYS B 782 -26.56 25.09 21.27
CA LYS B 782 -26.08 25.88 22.42
C LYS B 782 -25.62 24.96 23.55
N VAL B 783 -24.74 24.02 23.21
CA VAL B 783 -24.22 23.09 24.19
C VAL B 783 -23.29 23.82 25.14
N PHE B 784 -23.31 23.44 26.41
CA PHE B 784 -22.57 24.16 27.44
C PHE B 784 -21.17 23.59 27.57
N ALA B 785 -20.17 24.48 27.54
CA ALA B 785 -18.77 24.13 27.74
C ALA B 785 -18.33 23.06 26.74
N THR B 786 -18.37 23.42 25.46
CA THR B 786 -18.00 22.49 24.40
C THR B 786 -16.48 22.33 24.34
N THR B 787 -15.98 21.18 24.76
CA THR B 787 -14.55 20.94 24.85
C THR B 787 -14.06 19.91 23.86
N GLY B 788 -14.76 18.78 23.73
CA GLY B 788 -14.37 17.76 22.79
C GLY B 788 -13.55 16.67 23.44
N TYR B 789 -13.54 15.51 22.78
CA TYR B 789 -12.83 14.34 23.28
C TYR B 789 -11.34 14.47 22.99
N GLY B 790 -10.59 13.39 23.17
CA GLY B 790 -9.18 13.42 22.89
C GLY B 790 -8.54 12.09 23.20
N ILE B 791 -7.29 11.95 22.78
CA ILE B 791 -6.50 10.75 23.02
C ILE B 791 -5.35 11.16 23.94
N ALA B 792 -5.56 10.99 25.24
CA ALA B 792 -4.54 11.39 26.21
C ALA B 792 -3.34 10.47 26.15
N LEU B 793 -2.14 11.05 26.20
CA LEU B 793 -0.90 10.31 26.23
C LEU B 793 -0.02 10.87 27.34
N HIS B 794 1.03 10.12 27.67
CA HIS B 794 1.84 10.42 28.84
C HIS B 794 2.44 11.81 28.77
N LYS B 795 2.64 12.42 29.94
CA LYS B 795 3.09 13.80 30.01
C LYS B 795 4.43 13.99 29.30
N GLY B 796 4.47 14.96 28.39
CA GLY B 796 5.70 15.27 27.68
C GLY B 796 6.22 14.16 26.80
N SER B 797 5.40 13.15 26.50
CA SER B 797 5.85 12.03 25.70
C SER B 797 6.12 12.46 24.27
N ARG B 798 7.13 11.82 23.65
CA ARG B 798 7.47 12.12 22.27
C ARG B 798 6.36 11.76 21.31
N TRP B 799 5.38 10.96 21.73
CA TRP B 799 4.27 10.58 20.88
C TRP B 799 3.31 11.73 20.59
N LYS B 800 3.44 12.86 21.30
CA LYS B 800 2.57 14.00 21.06
C LYS B 800 2.68 14.48 19.61
N ARG B 801 3.88 14.78 19.16
CA ARG B 801 4.05 15.39 17.85
C ARG B 801 3.51 14.55 16.70
N PRO B 802 3.77 13.23 16.63
CA PRO B 802 3.20 12.47 15.51
C PRO B 802 1.67 12.38 15.57
N ILE B 803 1.12 11.96 16.71
CA ILE B 803 -0.32 11.79 16.82
C ILE B 803 -1.03 13.11 16.53
N ASP B 804 -0.54 14.20 17.11
CA ASP B 804 -1.11 15.52 16.86
C ASP B 804 -1.21 15.76 15.36
N LEU B 805 -0.16 15.41 14.62
CA LEU B 805 -0.26 15.45 13.16
C LEU B 805 -1.30 14.46 12.66
N ALA B 806 -1.10 13.16 12.95
CA ALA B 806 -1.77 12.11 12.21
C ALA B 806 -3.28 12.20 12.37
N LEU B 807 -3.76 12.24 13.61
CA LEU B 807 -5.19 12.38 13.85
C LEU B 807 -5.73 13.62 13.15
N LEU B 808 -4.99 14.73 13.24
CA LEU B 808 -5.38 15.95 12.55
C LEU B 808 -5.44 15.71 11.05
N GLN B 809 -4.44 15.00 10.50
CA GLN B 809 -4.46 14.67 9.08
C GLN B 809 -5.69 13.82 8.75
N PHE B 810 -6.16 13.03 9.70
CA PHE B 810 -7.42 12.32 9.51
C PHE B 810 -8.59 13.27 9.37
N LEU B 811 -8.60 14.33 10.18
CA LEU B 811 -9.72 15.26 10.22
C LEU B 811 -9.83 16.09 8.95
N GLY B 812 -8.70 16.49 8.36
CA GLY B 812 -8.73 17.31 7.17
C GLY B 812 -8.99 16.53 5.91
N ASP B 813 -9.69 15.41 6.04
CA ASP B 813 -10.03 14.53 4.93
C ASP B 813 -11.45 14.02 5.17
N ASP B 814 -11.84 13.01 4.42
CA ASP B 814 -13.13 12.36 4.61
C ASP B 814 -13.05 11.19 5.58
N GLU B 815 -11.88 10.91 6.14
CA GLU B 815 -11.71 9.72 6.98
C GLU B 815 -12.61 9.77 8.20
N ILE B 816 -12.37 10.74 9.09
CA ILE B 816 -13.13 10.79 10.33
C ILE B 816 -14.60 11.10 10.06
N GLU B 817 -14.89 11.93 9.06
CA GLU B 817 -16.27 12.25 8.74
C GLU B 817 -17.04 11.00 8.33
N MET B 818 -16.48 10.23 7.38
CA MET B 818 -17.15 9.01 6.93
C MET B 818 -17.23 7.98 8.05
N LEU B 819 -16.18 7.88 8.86
CA LEU B 819 -16.20 6.91 9.97
C LEU B 819 -17.28 7.26 10.98
N GLU B 820 -17.44 8.55 11.28
CA GLU B 820 -18.51 8.98 12.17
C GLU B 820 -19.88 8.72 11.55
N ARG B 821 -20.02 8.97 10.24
CA ARG B 821 -21.26 8.63 9.57
C ARG B 821 -21.55 7.14 9.64
N LEU B 822 -20.51 6.32 9.71
CA LEU B 822 -20.68 4.87 9.76
C LEU B 822 -21.11 4.42 11.16
N TRP B 823 -20.29 4.72 12.16
CA TRP B 823 -20.52 4.14 13.49
C TRP B 823 -21.71 4.79 14.19
N LEU B 824 -21.63 6.09 14.45
CA LEU B 824 -22.69 6.78 15.17
C LEU B 824 -23.73 7.29 14.17
N SER B 825 -24.94 6.73 14.23
CA SER B 825 -25.96 7.00 13.24
C SER B 825 -27.35 6.70 13.78
N GLY B 826 -28.34 6.63 12.89
CA GLY B 826 -29.72 6.43 13.28
C GLY B 826 -30.53 7.65 12.95
N ILE B 827 -31.68 7.49 12.29
CA ILE B 827 -32.36 8.64 11.72
C ILE B 827 -33.00 9.46 12.83
N CYS B 828 -34.05 8.92 13.46
CA CYS B 828 -34.63 9.42 14.72
C CYS B 828 -34.53 10.94 14.83
N HIS B 829 -34.93 11.64 13.76
CA HIS B 829 -34.61 13.05 13.57
C HIS B 829 -34.98 13.90 14.78
N ASN B 830 -33.97 14.54 15.38
CA ASN B 830 -34.17 15.36 16.57
C ASN B 830 -34.62 16.75 16.15
N ASP B 831 -35.88 16.83 15.75
CA ASP B 831 -36.48 18.09 15.31
C ASP B 831 -36.81 18.98 16.51
N MET B 836 -47.65 18.52 17.29
CA MET B 836 -49.07 18.38 17.01
C MET B 836 -49.92 18.85 18.18
N SER B 837 -50.99 19.58 17.87
CA SER B 837 -51.85 20.16 18.90
C SER B 837 -53.20 20.49 18.27
N SER B 838 -54.20 20.65 19.15
CA SER B 838 -55.52 21.10 18.73
C SER B 838 -56.15 22.13 19.65
N LYS B 839 -55.61 22.34 20.86
CA LYS B 839 -56.24 23.23 21.82
C LYS B 839 -56.12 24.70 21.45
N LEU B 840 -55.26 25.04 20.49
CA LEU B 840 -55.18 26.43 20.05
C LEU B 840 -56.47 26.88 19.38
N ASP B 841 -57.18 25.97 18.73
CA ASP B 841 -58.49 26.30 18.16
C ASP B 841 -59.49 26.61 19.26
N ILE B 842 -59.48 25.84 20.35
CA ILE B 842 -60.35 26.12 21.48
C ILE B 842 -59.98 27.45 22.11
N ASP B 843 -58.69 27.75 22.19
CA ASP B 843 -58.26 29.06 22.70
C ASP B 843 -58.77 30.18 21.81
N ASN B 844 -58.71 29.99 20.49
CA ASN B 844 -59.20 30.99 19.56
C ASN B 844 -60.70 31.21 19.72
N MET B 845 -61.47 30.13 19.84
CA MET B 845 -62.91 30.29 19.98
C MET B 845 -63.27 30.94 21.32
N ALA B 846 -62.52 30.61 22.38
CA ALA B 846 -62.74 31.26 23.66
C ALA B 846 -62.42 32.76 23.58
N GLY B 847 -61.34 33.11 22.90
CA GLY B 847 -61.00 34.51 22.75
C GLY B 847 -62.00 35.29 21.92
N VAL B 848 -62.49 34.68 20.84
CA VAL B 848 -63.48 35.35 19.99
C VAL B 848 -64.80 35.51 20.72
N PHE B 849 -65.27 34.46 21.40
CA PHE B 849 -66.53 34.53 22.13
C PHE B 849 -66.43 35.44 23.35
N TYR B 850 -65.23 35.71 23.85
CA TYR B 850 -65.05 36.57 25.01
C TYR B 850 -65.44 38.01 24.70
N ILE C 29 60.22 10.71 3.37
CA ILE C 29 59.20 11.22 4.27
C ILE C 29 59.83 12.12 5.31
N GLY C 30 59.10 13.15 5.73
CA GLY C 30 59.60 14.03 6.77
C GLY C 30 58.76 15.26 7.05
N ALA C 31 58.53 15.55 8.33
CA ALA C 31 57.80 16.74 8.72
C ALA C 31 58.70 17.96 8.60
N VAL C 32 58.12 19.04 8.06
CA VAL C 32 58.89 20.27 7.88
C VAL C 32 59.16 20.94 9.23
N LEU C 33 58.14 21.03 10.07
CA LEU C 33 58.25 21.61 11.41
C LEU C 33 58.87 23.00 11.40
N LYS C 37 66.06 22.16 16.02
CA LYS C 37 65.89 21.22 17.11
C LYS C 37 64.92 20.10 16.72
N HIS C 38 63.95 20.44 15.88
CA HIS C 38 62.97 19.45 15.42
C HIS C 38 63.63 18.36 14.58
N GLU C 39 64.78 18.63 13.97
CA GLU C 39 65.50 17.60 13.24
C GLU C 39 65.94 16.47 14.18
N GLN C 40 66.41 16.82 15.37
CA GLN C 40 66.78 15.79 16.35
C GLN C 40 65.55 15.00 16.79
N MET C 41 64.42 15.67 16.97
CA MET C 41 63.18 14.97 17.30
C MET C 41 62.79 14.00 16.20
N PHE C 42 62.92 14.42 14.95
CA PHE C 42 62.64 13.51 13.84
C PHE C 42 63.60 12.34 13.83
N ARG C 43 64.87 12.59 14.11
CA ARG C 43 65.86 11.51 14.13
C ARG C 43 65.52 10.47 15.19
N GLU C 44 65.19 10.93 16.40
CA GLU C 44 64.86 9.99 17.46
C GLU C 44 63.53 9.27 17.18
N ALA C 45 62.57 9.96 16.57
CA ALA C 45 61.33 9.30 16.18
C ALA C 45 61.59 8.22 15.15
N VAL C 46 62.46 8.49 14.17
CA VAL C 46 62.79 7.51 13.15
C VAL C 46 63.49 6.32 13.78
N ASN C 47 64.41 6.57 14.71
CA ASN C 47 65.10 5.48 15.39
C ASN C 47 64.12 4.61 16.18
N GLN C 48 63.20 5.26 16.90
CA GLN C 48 62.21 4.51 17.68
C GLN C 48 61.31 3.69 16.78
N ALA C 49 60.88 4.26 15.65
CA ALA C 49 60.04 3.53 14.71
C ALA C 49 60.78 2.35 14.11
N ASN C 50 62.06 2.54 13.77
CA ASN C 50 62.86 1.44 13.24
C ASN C 50 63.01 0.33 14.28
N LYS C 51 63.22 0.70 15.55
CA LYS C 51 63.28 -0.29 16.61
C LYS C 51 61.95 -1.04 16.75
N ARG C 52 60.84 -0.31 16.65
CA ARG C 52 59.52 -0.92 16.74
C ARG C 52 59.23 -1.80 15.52
N LYS C 57 61.98 -3.25 2.37
CA LYS C 57 62.30 -3.92 3.62
C LYS C 57 62.76 -2.90 4.67
N ILE C 58 63.31 -1.78 4.19
CA ILE C 58 63.79 -0.75 5.10
C ILE C 58 62.61 -0.18 5.88
N GLN C 59 62.88 0.20 7.13
CA GLN C 59 61.86 0.72 8.02
C GLN C 59 62.28 2.09 8.55
N LEU C 60 61.38 3.06 8.45
CA LEU C 60 61.53 4.37 9.08
C LEU C 60 62.80 5.10 8.64
N ASN C 61 62.87 5.49 7.37
CA ASN C 61 63.93 6.37 6.88
C ASN C 61 63.39 7.80 6.93
N ALA C 62 64.20 8.70 7.49
CA ALA C 62 63.76 10.07 7.76
C ALA C 62 64.39 11.05 6.78
N THR C 63 63.58 11.89 6.14
CA THR C 63 64.04 12.92 5.20
C THR C 63 63.20 14.18 5.43
N SER C 64 63.70 15.10 6.24
CA SER C 64 62.99 16.31 6.60
C SER C 64 63.72 17.55 6.09
N VAL C 65 62.97 18.63 5.93
CA VAL C 65 63.49 19.92 5.48
C VAL C 65 62.89 21.01 6.36
N THR C 66 63.23 22.25 6.03
CA THR C 66 62.79 23.42 6.79
C THR C 66 61.79 24.23 5.99
N HIS C 67 61.05 25.07 6.71
CA HIS C 67 60.05 25.92 6.07
C HIS C 67 60.72 26.98 5.21
N LYS C 68 60.01 27.41 4.17
CA LYS C 68 60.50 28.46 3.31
C LYS C 68 59.70 29.73 3.52
N PRO C 69 60.34 30.90 3.44
CA PRO C 69 59.58 32.16 3.56
C PRO C 69 58.54 32.33 2.47
N ASN C 70 58.79 31.82 1.28
CA ASN C 70 57.84 31.88 0.18
C ASN C 70 57.29 30.48 -0.07
N ALA C 71 55.96 30.38 -0.19
CA ALA C 71 55.33 29.09 -0.41
C ALA C 71 55.80 28.45 -1.71
N ILE C 72 56.14 29.27 -2.71
CA ILE C 72 56.69 28.73 -3.95
C ILE C 72 58.01 28.02 -3.69
N GLN C 73 58.87 28.64 -2.87
CA GLN C 73 60.12 28.00 -2.50
C GLN C 73 59.87 26.71 -1.70
N MET C 74 58.85 26.73 -0.85
CA MET C 74 58.50 25.52 -0.11
C MET C 74 58.09 24.40 -1.05
N ALA C 75 57.28 24.72 -2.06
CA ALA C 75 56.88 23.72 -3.05
C ALA C 75 58.09 23.22 -3.84
N LEU C 76 59.02 24.13 -4.17
CA LEU C 76 60.23 23.73 -4.88
C LEU C 76 61.05 22.75 -4.05
N SER C 77 61.22 23.04 -2.76
CA SER C 77 61.94 22.13 -1.89
C SER C 77 61.21 20.79 -1.76
N VAL C 78 59.88 20.83 -1.68
CA VAL C 78 59.11 19.60 -1.54
C VAL C 78 59.27 18.72 -2.76
N CYS C 79 59.14 19.30 -3.96
CA CYS C 79 59.32 18.49 -5.16
C CYS C 79 60.78 18.05 -5.32
N GLU C 80 61.73 18.88 -4.89
CA GLU C 80 63.13 18.49 -4.98
C GLU C 80 63.44 17.27 -4.13
N ASP C 81 63.06 17.30 -2.85
CA ASP C 81 63.36 16.15 -2.00
C ASP C 81 62.37 15.00 -2.18
N LEU C 82 61.27 15.22 -2.90
CA LEU C 82 60.47 14.09 -3.37
C LEU C 82 61.14 13.37 -4.53
N ILE C 83 61.73 14.13 -5.46
CA ILE C 83 62.47 13.52 -6.55
C ILE C 83 63.74 12.85 -6.03
N SER C 84 64.36 13.44 -5.01
CA SER C 84 65.61 12.90 -4.50
C SER C 84 65.42 11.51 -3.88
N SER C 85 64.55 11.40 -2.89
CA SER C 85 64.35 10.16 -2.18
C SER C 85 62.94 9.62 -2.38
N GLN C 86 62.79 8.31 -2.19
CA GLN C 86 61.48 7.67 -2.20
C GLN C 86 60.77 7.99 -0.89
N VAL C 87 59.59 8.59 -1.00
CA VAL C 87 58.87 9.10 0.17
C VAL C 87 57.64 8.26 0.42
N TYR C 88 57.71 6.98 0.06
CA TYR C 88 56.62 6.02 0.31
C TYR C 88 55.30 6.49 -0.28
N ILE C 90 55.56 12.73 3.34
CA ILE C 90 54.21 12.39 3.75
C ILE C 90 53.76 13.24 4.94
N LEU C 91 54.56 13.21 6.00
CA LEU C 91 54.23 13.90 7.24
C LEU C 91 54.61 15.37 7.15
N VAL C 92 53.83 16.21 7.81
CA VAL C 92 54.08 17.64 7.85
C VAL C 92 53.34 18.24 9.04
N SER C 93 53.97 19.21 9.69
CA SER C 93 53.45 19.83 10.89
C SER C 93 53.28 21.33 10.68
N HIS C 94 52.29 21.89 11.34
CA HIS C 94 51.98 23.31 11.20
C HIS C 94 52.96 24.14 12.03
N PRO C 95 53.67 25.09 11.43
CA PRO C 95 54.54 25.98 12.21
C PRO C 95 53.70 26.94 13.03
N PRO C 96 54.30 27.57 14.05
CA PRO C 96 53.51 28.45 14.94
C PRO C 96 52.82 29.60 14.21
N THR C 97 53.47 30.18 13.20
CA THR C 97 52.87 31.28 12.45
C THR C 97 52.83 30.96 10.97
N HIS C 101 49.21 33.34 10.07
CA HIS C 101 48.70 32.03 9.65
C HIS C 101 49.57 31.43 8.54
N PHE C 102 50.10 30.24 8.79
CA PHE C 102 50.89 29.51 7.82
C PHE C 102 49.98 28.54 7.06
N THR C 103 50.54 27.92 6.03
CA THR C 103 49.73 27.04 5.19
C THR C 103 50.50 25.79 4.77
N PRO C 104 50.10 24.62 5.24
CA PRO C 104 50.62 23.37 4.69
C PRO C 104 50.00 22.97 3.36
N THR C 105 49.28 23.88 2.71
CA THR C 105 48.64 23.57 1.44
C THR C 105 49.62 23.11 0.34
N PRO C 106 50.79 23.72 0.15
CA PRO C 106 51.64 23.29 -0.98
C PRO C 106 52.01 21.81 -0.94
N VAL C 107 52.36 21.27 0.23
CA VAL C 107 52.75 19.87 0.29
C VAL C 107 51.54 18.96 0.02
N SER C 108 50.36 19.35 0.51
CA SER C 108 49.17 18.57 0.23
C SER C 108 48.84 18.59 -1.26
N TYR C 109 48.99 19.75 -1.90
CA TYR C 109 48.72 19.85 -3.34
C TYR C 109 49.70 19.01 -4.14
N THR C 110 50.98 19.04 -3.77
CA THR C 110 51.96 18.19 -4.45
C THR C 110 51.65 16.72 -4.25
N ALA C 111 51.29 16.32 -3.02
CA ALA C 111 50.94 14.94 -2.76
C ALA C 111 49.73 14.51 -3.59
N GLY C 112 48.72 15.37 -3.69
CA GLY C 112 47.58 15.07 -4.54
C GLY C 112 47.96 14.95 -6.01
N PHE C 113 48.83 15.84 -6.47
CA PHE C 113 49.33 15.75 -7.85
C PHE C 113 50.09 14.47 -8.09
N TYR C 114 50.67 13.88 -7.04
CA TYR C 114 51.30 12.56 -7.13
C TYR C 114 50.42 11.47 -6.53
N ARG C 115 49.26 11.83 -6.00
CA ARG C 115 48.32 10.91 -5.35
C ARG C 115 48.93 10.17 -4.18
N ILE C 116 50.11 10.57 -3.73
CA ILE C 116 50.76 9.89 -2.60
C ILE C 116 50.06 10.29 -1.30
N PRO C 117 49.93 9.40 -0.32
CA PRO C 117 49.27 9.76 0.93
C PRO C 117 50.03 10.85 1.66
N VAL C 118 49.27 11.77 2.27
CA VAL C 118 49.84 12.85 3.07
C VAL C 118 49.05 12.97 4.36
N LEU C 119 49.77 13.11 5.48
CA LEU C 119 49.17 13.18 6.81
C LEU C 119 49.70 14.41 7.52
N GLY C 120 48.79 15.35 7.81
CA GLY C 120 49.15 16.52 8.58
C GLY C 120 49.21 16.23 10.07
N LEU C 121 49.78 17.18 10.82
CA LEU C 121 49.99 17.00 12.24
C LEU C 121 49.18 17.96 13.10
N THR C 122 49.30 19.26 12.85
CA THR C 122 48.73 20.26 13.75
C THR C 122 48.00 21.35 12.97
N THR C 123 47.21 20.96 11.97
CA THR C 123 46.45 21.90 11.17
C THR C 123 44.97 21.80 11.54
N ARG C 124 44.36 22.96 11.81
CA ARG C 124 43.01 23.00 12.37
C ARG C 124 41.94 23.41 11.38
N MET C 125 42.29 24.17 10.34
CA MET C 125 41.29 24.67 9.41
C MET C 125 40.55 23.53 8.74
N SER C 126 39.21 23.62 8.72
CA SER C 126 38.38 22.55 8.20
C SER C 126 38.44 22.40 6.69
N ILE C 127 39.04 23.38 5.98
CA ILE C 127 39.12 23.29 4.53
C ILE C 127 39.93 22.07 4.12
N TYR C 128 40.98 21.75 4.88
CA TYR C 128 41.77 20.56 4.60
C TYR C 128 40.99 19.27 4.83
N SER C 129 39.91 19.32 5.60
CA SER C 129 39.09 18.14 5.81
C SER C 129 38.48 17.65 4.51
N ASP C 130 38.02 18.57 3.66
CA ASP C 130 37.38 18.18 2.41
C ASP C 130 38.37 17.47 1.49
N LYS C 131 37.90 16.42 0.84
CA LYS C 131 38.70 15.64 -0.09
C LYS C 131 38.51 16.07 -1.55
N SER C 132 37.66 17.07 -1.81
CA SER C 132 37.47 17.53 -3.18
C SER C 132 38.75 18.11 -3.75
N ILE C 133 39.49 18.86 -2.94
CA ILE C 133 40.79 19.39 -3.34
C ILE C 133 41.94 18.74 -2.59
N HIS C 134 41.67 17.91 -1.60
CA HIS C 134 42.68 17.25 -0.78
C HIS C 134 42.35 15.78 -0.61
N LEU C 135 42.06 15.11 -1.73
CA LEU C 135 41.63 13.71 -1.68
C LEU C 135 42.67 12.80 -1.03
N SER C 136 43.95 13.19 -1.06
CA SER C 136 45.00 12.39 -0.48
C SER C 136 45.35 12.79 0.95
N PHE C 137 44.65 13.77 1.51
CA PHE C 137 45.04 14.36 2.79
C PHE C 137 44.28 13.71 3.95
N LEU C 138 45.01 13.37 5.01
CA LEU C 138 44.45 12.96 6.28
C LEU C 138 45.07 13.81 7.36
N ARG C 139 44.38 13.92 8.50
CA ARG C 139 44.88 14.73 9.61
C ARG C 139 44.67 13.99 10.92
N THR C 140 45.60 14.19 11.85
CA THR C 140 45.57 13.55 13.15
C THR C 140 45.06 14.47 14.26
N VAL C 141 44.51 15.63 13.90
CA VAL C 141 43.92 16.53 14.88
C VAL C 141 42.54 16.98 14.39
N PRO C 142 41.49 16.81 15.19
CA PRO C 142 40.15 17.20 14.75
C PRO C 142 40.04 18.70 14.52
N PRO C 143 39.31 19.12 13.48
CA PRO C 143 39.07 20.55 13.27
C PRO C 143 37.96 21.09 14.16
N TYR C 144 37.61 22.36 13.98
CA TYR C 144 36.65 23.04 14.84
C TYR C 144 35.23 22.50 14.68
N SER C 145 34.98 21.70 13.64
CA SER C 145 33.66 21.10 13.49
C SER C 145 33.32 20.20 14.68
N HIS C 146 34.29 19.40 15.13
CA HIS C 146 34.06 18.61 16.32
C HIS C 146 34.00 19.48 17.58
N GLN C 147 34.60 20.67 17.54
CA GLN C 147 34.34 21.64 18.61
C GLN C 147 32.87 22.02 18.64
N SER C 148 32.27 22.23 17.47
CA SER C 148 30.84 22.49 17.42
C SER C 148 30.03 21.29 17.93
N SER C 149 30.49 20.08 17.59
CA SER C 149 29.81 18.89 18.10
C SER C 149 29.85 18.82 19.61
N VAL C 150 31.00 19.15 20.22
CA VAL C 150 31.10 19.17 21.67
C VAL C 150 30.24 20.28 22.25
N TRP C 151 30.12 21.41 21.54
CA TRP C 151 29.20 22.46 21.97
C TRP C 151 27.77 21.94 22.05
N PHE C 152 27.35 21.19 21.02
CA PHE C 152 26.03 20.57 21.03
C PHE C 152 25.89 19.63 22.21
N GLU C 153 26.92 18.82 22.46
CA GLU C 153 26.86 17.87 23.57
C GLU C 153 26.69 18.59 24.91
N MET C 154 27.46 19.67 25.11
CA MET C 154 27.36 20.42 26.36
C MET C 154 25.99 21.07 26.50
N MET C 155 25.46 21.63 25.41
CA MET C 155 24.13 22.24 25.47
C MET C 155 23.06 21.20 25.80
N ARG C 156 23.17 20.01 25.22
CA ARG C 156 22.24 18.94 25.56
C ARG C 156 22.37 18.52 27.01
N VAL C 157 23.61 18.48 27.52
CA VAL C 157 23.83 18.07 28.91
C VAL C 157 23.22 19.08 29.87
N TYR C 158 23.37 20.37 29.60
CA TYR C 158 22.89 21.41 30.49
C TYR C 158 21.47 21.86 30.18
N SER C 159 20.79 21.19 29.25
CA SER C 159 19.37 21.44 28.96
C SER C 159 19.13 22.86 28.45
N TRP C 160 20.13 23.47 27.82
CA TRP C 160 19.98 24.79 27.21
C TRP C 160 19.40 24.61 25.82
N ASN C 161 18.07 24.51 25.76
CA ASN C 161 17.39 24.19 24.52
C ASN C 161 17.54 25.31 23.49
N HIS C 162 17.43 26.56 23.93
CA HIS C 162 17.54 27.67 22.99
C HIS C 162 18.99 28.04 22.78
N ILE C 163 19.29 28.60 21.60
CA ILE C 163 20.66 28.74 21.14
C ILE C 163 20.74 29.89 20.15
N ILE C 164 21.87 30.60 20.20
CA ILE C 164 22.19 31.67 19.26
C ILE C 164 23.60 31.41 18.73
N LEU C 165 23.80 31.61 17.44
CA LEU C 165 25.11 31.45 16.82
C LEU C 165 25.57 32.78 16.25
N LEU C 166 26.80 33.16 16.58
CA LEU C 166 27.49 34.30 15.98
C LEU C 166 28.71 33.75 15.27
N VAL C 167 28.61 33.55 13.96
CA VAL C 167 29.60 32.80 13.21
C VAL C 167 30.20 33.70 12.13
N SER C 168 31.52 33.64 11.98
CA SER C 168 32.19 34.35 10.91
C SER C 168 31.79 33.78 9.56
N ASP C 169 31.83 34.63 8.54
CA ASP C 169 31.45 34.23 7.19
C ASP C 169 32.53 33.40 6.49
N ASP C 170 33.59 33.02 7.21
CA ASP C 170 34.66 32.23 6.62
C ASP C 170 34.20 30.79 6.41
N HIS C 171 35.02 30.04 5.66
CA HIS C 171 34.66 28.66 5.33
C HIS C 171 34.59 27.77 6.56
N GLU C 172 35.57 27.91 7.47
CA GLU C 172 35.57 27.10 8.68
C GLU C 172 34.34 27.38 9.52
N GLY C 173 33.99 28.66 9.67
CA GLY C 173 32.78 29.00 10.40
C GLY C 173 31.52 28.46 9.76
N ARG C 174 31.44 28.53 8.43
CA ARG C 174 30.27 28.00 7.73
C ARG C 174 30.15 26.50 7.93
N ALA C 175 31.26 25.78 7.84
CA ALA C 175 31.23 24.34 8.06
C ALA C 175 30.82 24.01 9.48
N ALA C 176 31.35 24.75 10.46
CA ALA C 176 30.97 24.53 11.85
C ALA C 176 29.47 24.77 12.06
N GLN C 177 28.95 25.85 11.46
CA GLN C 177 27.54 26.15 11.58
C GLN C 177 26.68 25.06 10.95
N LYS C 178 27.09 24.56 9.78
CA LYS C 178 26.34 23.50 9.13
C LYS C 178 26.33 22.23 9.98
N ARG C 179 27.49 21.88 10.56
CA ARG C 179 27.55 20.70 11.42
C ARG C 179 26.71 20.87 12.67
N LEU C 180 26.71 22.08 13.25
CA LEU C 180 25.87 22.34 14.41
C LEU C 180 24.39 22.23 14.06
N GLU C 181 24.00 22.75 12.91
CA GLU C 181 22.60 22.68 12.50
C GLU C 181 22.17 21.23 12.25
N THR C 182 23.03 20.45 11.59
CA THR C 182 22.65 19.07 11.29
C THR C 182 22.71 18.19 12.53
N LEU C 183 23.57 18.52 13.49
CA LEU C 183 23.58 17.80 14.76
C LEU C 183 22.40 18.19 15.63
N LEU C 184 21.85 19.38 15.44
CA LEU C 184 20.62 19.81 16.07
C LEU C 184 19.39 19.46 15.24
N GLU C 185 19.58 18.82 14.08
CA GLU C 185 18.47 18.52 13.20
C GLU C 185 17.60 17.38 13.75
N GLU C 186 18.24 16.32 14.26
CA GLU C 186 17.47 15.18 14.76
C GLU C 186 16.59 15.59 15.94
N ARG C 187 17.12 16.37 16.87
CA ARG C 187 16.28 17.00 17.87
C ARG C 187 15.38 18.04 17.20
N GLU C 188 14.11 18.04 17.58
CA GLU C 188 13.14 18.93 16.94
C GLU C 188 13.27 20.36 17.49
N SER C 189 14.47 20.91 17.34
CA SER C 189 14.77 22.28 17.73
C SER C 189 15.81 22.81 16.75
N LYS C 190 15.67 24.09 16.40
CA LYS C 190 16.59 24.75 15.48
C LYS C 190 17.26 25.93 16.18
N ALA C 191 18.31 26.44 15.55
CA ALA C 191 18.94 27.65 16.05
C ALA C 191 17.95 28.81 15.98
N GLU C 192 17.86 29.57 17.08
CA GLU C 192 16.87 30.65 17.14
C GLU C 192 17.17 31.71 16.08
N LYS C 193 18.43 32.11 15.96
CA LYS C 193 18.83 33.08 14.93
C LYS C 193 20.33 32.98 14.75
N VAL C 194 20.77 32.57 13.56
CA VAL C 194 22.19 32.53 13.24
C VAL C 194 22.59 33.86 12.61
N LEU C 195 23.73 34.39 13.04
CA LEU C 195 24.19 35.70 12.61
C LEU C 195 25.55 35.57 11.95
N GLN C 196 25.65 35.98 10.69
CA GLN C 196 26.89 35.94 9.95
C GLN C 196 27.64 37.24 10.16
N PHE C 197 28.83 37.15 10.75
CA PHE C 197 29.68 38.31 10.98
C PHE C 197 30.82 38.29 9.97
N ASP C 198 30.79 39.21 9.02
CA ASP C 198 31.80 39.25 7.98
C ASP C 198 33.16 39.61 8.61
N PRO C 199 34.25 38.98 8.15
CA PRO C 199 35.55 39.28 8.73
C PRO C 199 35.96 40.72 8.49
N GLY C 200 36.66 41.29 9.47
CA GLY C 200 37.10 42.67 9.41
C GLY C 200 36.07 43.65 9.96
N ASN C 203 32.21 47.46 12.90
CA ASN C 203 32.04 46.64 14.09
C ASN C 203 30.73 45.85 14.03
N VAL C 204 30.46 45.05 15.06
CA VAL C 204 29.32 44.14 15.03
C VAL C 204 28.00 44.90 14.99
N THR C 205 27.86 45.88 15.89
CA THR C 205 26.64 46.68 16.02
C THR C 205 25.36 45.85 15.98
N ALA C 206 24.64 45.95 14.86
CA ALA C 206 23.27 45.46 14.78
C ALA C 206 23.17 44.00 15.19
N LEU C 207 24.07 43.16 14.69
CA LEU C 207 24.04 41.75 15.06
C LEU C 207 24.04 41.58 16.57
N LEU C 208 25.00 42.21 17.26
CA LEU C 208 24.98 42.17 18.71
C LEU C 208 23.67 42.74 19.24
N MET C 209 23.27 43.91 18.72
CA MET C 209 21.99 44.49 19.11
C MET C 209 20.85 43.51 18.85
N GLU C 210 20.91 42.80 17.73
CA GLU C 210 19.90 41.78 17.46
C GLU C 210 19.85 40.78 18.59
N ALA C 211 21.01 40.24 18.98
CA ALA C 211 21.04 39.26 20.06
C ALA C 211 20.50 39.84 21.36
N LYS C 212 20.53 41.17 21.50
CA LYS C 212 20.01 41.79 22.70
C LYS C 212 18.50 41.63 22.81
N GLU C 213 17.80 41.65 21.67
CA GLU C 213 16.35 41.78 21.68
C GLU C 213 15.61 40.46 21.44
N LEU C 214 16.31 39.34 21.27
CA LEU C 214 15.62 38.07 21.15
C LEU C 214 15.29 37.49 22.53
N GLU C 215 14.68 36.32 22.54
CA GLU C 215 14.30 35.65 23.77
C GLU C 215 15.41 34.75 24.31
N ALA C 216 16.24 34.19 23.44
CA ALA C 216 17.35 33.37 23.89
C ALA C 216 18.52 34.25 24.32
N ARG C 217 19.21 33.83 25.37
CA ARG C 217 20.32 34.57 25.93
C ARG C 217 21.67 33.91 25.73
N VAL C 218 21.72 32.57 25.73
CA VAL C 218 22.99 31.87 25.55
C VAL C 218 23.38 31.90 24.08
N ILE C 219 24.62 32.32 23.80
CA ILE C 219 25.12 32.43 22.45
C ILE C 219 26.41 31.65 22.33
N ILE C 220 26.83 31.40 21.10
CA ILE C 220 28.08 30.71 20.80
C ILE C 220 28.78 31.46 19.68
N LEU C 221 30.02 31.87 19.93
CA LEU C 221 30.81 32.59 18.95
C LEU C 221 31.77 31.64 18.25
N SER C 222 32.01 31.89 16.97
CA SER C 222 33.00 31.13 16.22
C SER C 222 33.55 32.00 15.11
N ALA C 223 34.77 32.50 15.28
CA ALA C 223 35.38 33.42 14.31
C ALA C 223 36.89 33.42 14.53
N SER C 224 37.58 34.30 13.80
CA SER C 224 39.02 34.45 13.97
C SER C 224 39.33 35.16 15.28
N GLU C 225 40.58 35.04 15.71
CA GLU C 225 40.98 35.61 17.00
C GLU C 225 40.79 37.12 17.01
N ASP C 226 41.21 37.81 15.94
CA ASP C 226 41.05 39.26 15.89
C ASP C 226 39.58 39.65 15.80
N ASP C 227 38.81 38.93 14.97
CA ASP C 227 37.38 39.17 14.91
C ASP C 227 36.72 38.86 16.24
N ALA C 228 37.21 37.82 16.93
CA ALA C 228 36.69 37.50 18.25
C ALA C 228 36.93 38.64 19.23
N ALA C 229 38.14 39.23 19.19
CA ALA C 229 38.44 40.37 20.06
C ALA C 229 37.56 41.56 19.73
N THR C 230 37.34 41.82 18.43
CA THR C 230 36.47 42.93 18.04
C THR C 230 35.05 42.73 18.57
N VAL C 231 34.52 41.52 18.42
CA VAL C 231 33.18 41.23 18.93
C VAL C 231 33.16 41.31 20.45
N TYR C 232 34.25 40.90 21.11
CA TYR C 232 34.31 40.98 22.56
C TYR C 232 34.25 42.42 23.03
N ARG C 233 34.99 43.31 22.37
CA ARG C 233 34.89 44.74 22.70
C ARG C 233 33.49 45.26 22.44
N ALA C 234 32.89 44.89 21.31
CA ALA C 234 31.54 45.36 20.99
C ALA C 234 30.53 44.92 22.05
N ALA C 235 30.63 43.67 22.50
CA ALA C 235 29.71 43.18 23.52
C ALA C 235 30.00 43.81 24.88
N ALA C 236 31.28 44.05 25.19
CA ALA C 236 31.62 44.67 26.46
C ALA C 236 31.11 46.10 26.54
N MET C 237 31.15 46.84 25.43
CA MET C 237 30.63 48.20 25.42
C MET C 237 29.14 48.21 25.75
N LEU C 238 28.38 47.28 25.19
CA LEU C 238 26.99 47.12 25.56
C LEU C 238 26.87 46.35 26.87
N ASN C 239 25.65 46.29 27.40
CA ASN C 239 25.35 45.51 28.59
C ASN C 239 25.04 44.06 28.28
N MET C 240 25.48 43.56 27.13
CA MET C 240 25.20 42.20 26.70
C MET C 240 26.20 41.19 27.23
N THR C 241 27.14 41.61 28.08
CA THR C 241 28.11 40.72 28.70
C THR C 241 27.82 40.48 30.18
N GLY C 242 26.64 40.88 30.66
CA GLY C 242 26.30 40.77 32.06
C GLY C 242 25.74 39.40 32.42
N SER C 243 25.15 39.33 33.61
CA SER C 243 24.57 38.09 34.10
C SER C 243 23.42 37.66 33.20
N GLY C 244 23.29 36.34 33.03
CA GLY C 244 22.34 35.78 32.09
C GLY C 244 22.84 35.70 30.67
N TYR C 245 24.02 36.24 30.38
CA TYR C 245 24.64 36.17 29.07
C TYR C 245 25.84 35.25 29.18
N VAL C 246 25.60 33.96 29.03
CA VAL C 246 26.65 32.95 29.09
C VAL C 246 26.98 32.51 27.67
N TRP C 247 28.27 32.42 27.38
CA TRP C 247 28.69 31.96 26.06
C TRP C 247 30.06 31.32 26.14
N LEU C 248 30.39 30.58 25.08
CA LEU C 248 31.60 29.78 25.02
C LEU C 248 32.07 29.73 23.58
N VAL C 249 33.39 29.85 23.40
CA VAL C 249 33.97 30.00 22.06
C VAL C 249 34.99 28.90 21.81
N GLY C 250 35.64 28.94 20.66
CA GLY C 250 36.64 27.95 20.31
C GLY C 250 37.98 28.24 20.95
N GLU C 251 38.95 27.37 20.65
CA GLU C 251 40.26 27.45 21.28
C GLU C 251 40.97 28.76 20.94
N ARG C 252 41.08 29.06 19.63
CA ARG C 252 41.85 30.23 19.23
C ARG C 252 41.16 31.52 19.64
N GLU C 253 39.82 31.55 19.66
CA GLU C 253 39.11 32.72 20.17
C GLU C 253 39.42 32.95 21.63
N ILE C 254 39.43 31.89 22.44
CA ILE C 254 39.76 32.02 23.86
C ILE C 254 41.20 32.50 24.02
N SER C 255 42.12 31.95 23.23
CA SER C 255 43.52 32.37 23.32
C SER C 255 43.67 33.85 22.98
N GLY C 256 43.03 34.29 21.89
CA GLY C 256 43.13 35.69 21.53
C GLY C 256 42.49 36.61 22.55
N ASN C 257 41.36 36.20 23.11
CA ASN C 257 40.70 36.99 24.14
C ASN C 257 41.61 37.13 25.37
N ALA C 258 42.21 36.02 25.81
CA ALA C 258 43.15 36.09 26.92
C ALA C 258 44.35 36.96 26.56
N LEU C 259 44.75 36.96 25.30
CA LEU C 259 45.83 37.84 24.87
C LEU C 259 45.45 39.31 25.00
N ARG C 260 44.21 39.65 24.62
CA ARG C 260 43.82 41.06 24.53
C ARG C 260 42.78 41.47 25.58
N TYR C 261 41.62 40.82 25.61
CA TYR C 261 40.53 41.29 26.44
C TYR C 261 40.00 40.25 27.42
N ALA C 262 39.58 39.08 26.93
CA ALA C 262 39.10 37.98 27.77
C ALA C 262 37.98 38.41 28.71
N PRO C 263 36.75 38.57 28.23
CA PRO C 263 35.63 38.88 29.14
C PRO C 263 35.52 37.82 30.23
N ASP C 264 35.62 38.27 31.48
CA ASP C 264 35.69 37.35 32.61
C ASP C 264 34.40 36.55 32.75
N GLY C 265 34.54 35.29 33.15
CA GLY C 265 33.41 34.42 33.41
C GLY C 265 32.94 33.61 32.23
N ILE C 266 33.42 33.89 31.02
CA ILE C 266 32.99 33.13 29.86
C ILE C 266 33.62 31.74 29.89
N LEU C 267 32.87 30.75 29.39
CA LEU C 267 33.41 29.41 29.27
C LEU C 267 34.35 29.34 28.06
N GLY C 268 34.96 28.18 27.85
CA GLY C 268 35.83 28.00 26.71
C GLY C 268 36.24 26.56 26.57
N LEU C 269 36.72 26.23 25.38
CA LEU C 269 37.09 24.87 25.04
C LEU C 269 38.50 24.85 24.46
N GLN C 270 39.25 23.80 24.80
CA GLN C 270 40.59 23.64 24.26
C GLN C 270 40.84 22.16 23.99
N LEU C 271 41.85 21.88 23.16
CA LEU C 271 42.29 20.51 22.99
C LEU C 271 42.96 20.03 24.28
N ILE C 272 42.72 18.77 24.64
CA ILE C 272 43.30 18.23 25.86
C ILE C 272 44.82 18.27 25.80
N ASN C 273 45.39 17.86 24.66
CA ASN C 273 46.84 17.86 24.52
C ASN C 273 47.38 19.22 24.09
N GLY C 274 46.56 20.08 23.52
CA GLY C 274 47.04 21.35 23.00
C GLY C 274 47.88 21.17 21.75
N LYS C 275 48.98 21.93 21.63
CA LYS C 275 49.88 21.76 20.51
C LYS C 275 50.43 20.34 20.51
N ASN C 276 51.23 20.00 21.53
CA ASN C 276 51.64 18.63 21.82
C ASN C 276 52.20 17.93 20.58
N GLU C 277 53.23 18.55 20.00
CA GLU C 277 53.76 18.08 18.72
C GLU C 277 54.40 16.70 18.85
N SER C 278 55.15 16.47 19.93
CA SER C 278 55.96 15.26 20.03
C SER C 278 55.11 14.00 20.06
N ALA C 279 54.03 14.00 20.86
CA ALA C 279 53.20 12.80 20.96
C ALA C 279 52.46 12.52 19.65
N HIS C 280 52.01 13.57 18.96
CA HIS C 280 51.41 13.37 17.65
C HIS C 280 52.43 12.83 16.67
N ILE C 281 53.68 13.29 16.75
CA ILE C 281 54.73 12.75 15.89
C ILE C 281 54.90 11.25 16.16
N SER C 282 54.95 10.88 17.44
CA SER C 282 55.14 9.48 17.81
C SER C 282 53.99 8.62 17.30
N ASP C 283 52.75 9.06 17.54
CA ASP C 283 51.59 8.29 17.09
C ASP C 283 51.53 8.22 15.57
N ALA C 284 51.89 9.31 14.89
CA ALA C 284 51.87 9.32 13.44
C ALA C 284 52.89 8.35 12.87
N VAL C 285 54.12 8.36 13.39
CA VAL C 285 55.10 7.42 12.87
C VAL C 285 54.72 5.99 13.21
N GLY C 286 54.10 5.77 14.38
CA GLY C 286 53.63 4.44 14.72
C GLY C 286 52.57 3.93 13.76
N VAL C 287 51.58 4.78 13.45
CA VAL C 287 50.52 4.35 12.54
C VAL C 287 51.06 4.20 11.12
N VAL C 288 52.05 5.02 10.74
CA VAL C 288 52.67 4.86 9.43
C VAL C 288 53.38 3.50 9.35
N ALA C 289 54.11 3.13 10.40
CA ALA C 289 54.75 1.82 10.42
C ALA C 289 53.72 0.70 10.36
N GLN C 290 52.62 0.85 11.11
CA GLN C 290 51.56 -0.14 11.09
C GLN C 290 50.98 -0.30 9.69
N ALA C 291 50.69 0.81 9.01
CA ALA C 291 50.15 0.75 7.66
C ALA C 291 51.15 0.15 6.68
N VAL C 292 52.43 0.51 6.82
CA VAL C 292 53.46 -0.04 5.94
C VAL C 292 53.57 -1.54 6.10
N HIS C 293 53.53 -2.02 7.34
CA HIS C 293 53.55 -3.47 7.57
C HIS C 293 52.29 -4.13 7.02
N GLU C 294 51.14 -3.48 7.17
CA GLU C 294 49.89 -4.03 6.63
C GLU C 294 49.95 -4.17 5.12
N LEU C 295 50.52 -3.16 4.44
CA LEU C 295 50.63 -3.21 2.99
C LEU C 295 51.52 -4.37 2.55
N LEU C 296 52.62 -4.59 3.26
CA LEU C 296 53.53 -5.69 2.96
C LEU C 296 53.05 -6.98 3.59
N ASN C 300 50.84 -6.92 -1.17
CA ASN C 300 51.06 -6.15 -2.39
C ASN C 300 51.82 -4.86 -2.08
N ILE C 301 52.89 -4.61 -2.86
CA ILE C 301 53.70 -3.42 -2.66
C ILE C 301 53.63 -2.46 -3.84
N THR C 302 53.14 -2.91 -5.01
CA THR C 302 53.04 -2.07 -6.19
C THR C 302 54.36 -1.38 -6.51
N ASP C 303 54.37 -0.04 -6.46
CA ASP C 303 55.58 0.70 -6.76
C ASP C 303 55.55 2.07 -6.10
N PRO C 304 56.21 2.24 -4.95
CA PRO C 304 56.34 3.59 -4.37
C PRO C 304 57.19 4.47 -5.25
N PRO C 305 56.61 5.52 -5.83
CA PRO C 305 57.34 6.32 -6.82
C PRO C 305 58.53 7.04 -6.21
N ARG C 306 59.57 7.19 -7.02
CA ARG C 306 60.77 7.92 -6.64
C ARG C 306 61.39 8.53 -7.88
N GLY C 307 61.99 9.70 -7.71
CA GLY C 307 62.55 10.40 -8.85
C GLY C 307 61.50 10.83 -9.85
N CYS C 308 60.35 11.31 -9.36
CA CYS C 308 59.25 11.73 -10.24
C CYS C 308 59.43 13.18 -10.66
N VAL C 309 60.58 13.44 -11.30
CA VAL C 309 60.86 14.79 -11.80
C VAL C 309 59.89 15.14 -12.93
N GLY C 310 59.54 14.16 -13.76
CA GLY C 310 58.58 14.37 -14.83
C GLY C 310 57.63 13.21 -14.97
N ASN C 311 57.59 12.35 -13.96
CA ASN C 311 56.74 11.15 -13.97
C ASN C 311 55.29 11.58 -13.71
N THR C 312 54.62 12.00 -14.78
CA THR C 312 53.23 12.45 -14.70
C THR C 312 52.33 11.23 -14.73
N ASN C 313 52.30 10.53 -13.60
CA ASN C 313 51.45 9.35 -13.45
C ASN C 313 51.22 9.10 -11.96
N ILE C 314 50.04 8.56 -11.65
CA ILE C 314 49.68 8.26 -10.27
C ILE C 314 50.39 6.97 -9.84
N TRP C 315 50.38 6.70 -8.54
CA TRP C 315 50.91 5.46 -7.99
C TRP C 315 49.80 4.80 -7.18
N LYS C 316 49.27 3.69 -7.71
CA LYS C 316 48.13 3.02 -7.08
C LYS C 316 48.41 2.61 -5.64
N THR C 317 49.68 2.41 -5.28
CA THR C 317 50.03 2.13 -3.90
C THR C 317 49.56 3.25 -2.98
N GLY C 318 49.54 4.49 -3.46
CA GLY C 318 49.08 5.61 -2.70
C GLY C 318 47.63 5.47 -2.25
N PRO C 319 46.70 5.42 -3.22
CA PRO C 319 45.30 5.18 -2.86
C PRO C 319 45.08 3.89 -2.10
N LEU C 320 45.82 2.83 -2.43
CA LEU C 320 45.65 1.57 -1.70
C LEU C 320 45.99 1.73 -0.22
N PHE C 321 47.13 2.35 0.07
CA PHE C 321 47.53 2.58 1.45
C PHE C 321 46.59 3.56 2.14
N LYS C 322 46.08 4.56 1.40
CA LYS C 322 45.13 5.49 1.98
C LYS C 322 43.84 4.77 2.39
N ARG C 323 43.33 3.89 1.54
CA ARG C 323 42.14 3.13 1.87
C ARG C 323 42.40 2.19 3.05
N VAL C 324 43.59 1.59 3.09
CA VAL C 324 43.94 0.73 4.21
C VAL C 324 43.99 1.53 5.51
N LEU C 325 44.60 2.72 5.47
CA LEU C 325 44.67 3.57 6.65
C LEU C 325 43.28 3.99 7.10
N MET C 326 42.41 4.32 6.16
CA MET C 326 41.03 4.64 6.51
C MET C 326 40.35 3.46 7.18
N SER C 327 40.60 2.25 6.67
CA SER C 327 40.11 1.04 7.33
C SER C 327 40.92 0.70 8.57
N SER C 328 42.12 1.24 8.70
CA SER C 328 42.99 0.89 9.82
C SER C 328 42.48 1.50 11.13
N LYS C 329 42.85 0.86 12.23
CA LYS C 329 42.52 1.34 13.57
C LYS C 329 43.78 1.15 14.44
N TYR C 330 44.61 2.17 14.49
CA TYR C 330 45.80 2.11 15.33
C TYR C 330 45.41 1.96 16.79
N ALA C 331 46.09 1.06 17.50
CA ALA C 331 45.76 0.73 18.87
C ALA C 331 46.96 0.98 19.78
N ASP C 332 46.67 1.19 21.07
CA ASP C 332 47.69 1.40 22.09
C ASP C 332 48.61 2.57 21.76
N GLY C 333 48.04 3.62 21.19
CA GLY C 333 48.80 4.82 20.88
C GLY C 333 49.02 5.68 22.10
N VAL C 334 49.78 6.76 21.89
CA VAL C 334 50.05 7.69 22.98
C VAL C 334 48.77 8.42 23.39
N THR C 335 47.96 8.82 22.42
CA THR C 335 46.73 9.57 22.68
C THR C 335 45.52 8.66 22.85
N GLY C 336 45.69 7.35 22.78
CA GLY C 336 44.58 6.43 22.95
C GLY C 336 44.30 5.61 21.71
N ARG C 337 43.04 5.21 21.53
CA ARG C 337 42.62 4.45 20.35
C ARG C 337 42.54 5.41 19.17
N VAL C 338 43.66 5.55 18.46
CA VAL C 338 43.75 6.48 17.34
C VAL C 338 43.00 5.86 16.17
N GLU C 339 41.76 6.29 15.96
CA GLU C 339 40.94 5.85 14.85
C GLU C 339 40.70 7.02 13.91
N PHE C 340 40.79 6.76 12.60
CA PHE C 340 40.64 7.79 11.59
C PHE C 340 39.20 7.81 11.09
N ASN C 341 38.60 8.99 11.08
CA ASN C 341 37.22 9.14 10.63
C ASN C 341 37.12 8.92 9.12
N GLU C 342 35.88 8.73 8.65
CA GLU C 342 35.66 8.44 7.24
C GLU C 342 36.18 9.58 6.37
N ASP C 343 35.93 10.82 6.77
CA ASP C 343 36.43 11.96 6.01
C ASP C 343 37.94 12.14 6.18
N GLY C 344 38.53 11.51 7.20
CA GLY C 344 39.94 11.66 7.46
C GLY C 344 40.24 12.47 8.71
N ASP C 345 39.37 12.33 9.71
CA ASP C 345 39.49 13.03 10.97
C ASP C 345 39.77 12.03 12.08
N ARG C 346 39.81 12.53 13.32
CA ARG C 346 40.04 11.69 14.48
C ARG C 346 38.74 11.40 15.20
N LYS C 347 38.60 10.17 15.68
CA LYS C 347 37.43 9.73 16.41
C LYS C 347 37.80 9.51 17.88
N PHE C 348 36.90 9.92 18.77
CA PHE C 348 37.07 9.74 20.22
C PHE C 348 38.34 10.44 20.71
N ALA C 349 38.33 11.76 20.58
CA ALA C 349 39.41 12.60 21.07
C ALA C 349 39.08 13.10 22.47
N ASN C 350 39.96 13.93 23.02
CA ASN C 350 39.80 14.47 24.36
C ASN C 350 39.93 16.00 24.31
N TYR C 351 39.11 16.67 25.13
CA TYR C 351 39.09 18.13 25.16
C TYR C 351 39.02 18.59 26.61
N SER C 352 39.54 19.79 26.85
CA SER C 352 39.49 20.43 28.16
C SER C 352 38.45 21.56 28.12
N ILE C 353 37.40 21.41 28.91
CA ILE C 353 36.39 22.44 29.07
C ILE C 353 36.87 23.35 30.19
N MET C 354 37.39 24.53 29.82
CA MET C 354 37.98 25.47 30.75
C MET C 354 37.07 26.67 30.94
N ASN C 355 37.35 27.44 31.99
CA ASN C 355 36.59 28.65 32.29
C ASN C 355 37.56 29.80 32.51
N LEU C 356 37.16 30.99 32.05
CA LEU C 356 37.96 32.19 32.22
C LEU C 356 37.63 32.84 33.56
N GLN C 357 38.66 33.02 34.39
CA GLN C 357 38.51 33.62 35.72
C GLN C 357 39.65 34.61 35.91
N ASN C 358 39.43 35.86 35.52
CA ASN C 358 40.39 36.95 35.71
C ASN C 358 41.74 36.60 35.10
N ARG C 359 41.74 36.40 33.78
CA ARG C 359 42.94 36.06 33.01
C ARG C 359 43.58 34.77 33.50
N LYS C 360 42.77 33.86 34.05
CA LYS C 360 43.24 32.57 34.50
C LYS C 360 42.23 31.51 34.10
N LEU C 361 42.69 30.49 33.40
CA LEU C 361 41.83 29.45 32.87
C LEU C 361 41.84 28.25 33.82
N VAL C 362 40.66 27.86 34.29
CA VAL C 362 40.50 26.72 35.19
C VAL C 362 39.72 25.64 34.44
N GLN C 363 40.26 24.43 34.45
CA GLN C 363 39.67 23.32 33.70
C GLN C 363 38.43 22.83 34.44
N VAL C 364 37.26 23.27 33.98
CA VAL C 364 36.01 22.87 34.64
C VAL C 364 35.73 21.39 34.43
N GLY C 365 36.05 20.87 33.25
CA GLY C 365 35.76 19.48 32.99
C GLY C 365 36.55 18.95 31.80
N ILE C 366 36.30 17.68 31.49
CA ILE C 366 36.97 17.00 30.38
C ILE C 366 35.90 16.44 29.45
N TYR C 367 35.91 16.88 28.20
CA TYR C 367 34.95 16.42 27.19
C TYR C 367 35.63 15.33 26.37
N ASN C 368 35.24 14.08 26.62
CA ASN C 368 35.76 12.96 25.86
C ASN C 368 35.22 12.99 24.44
N GLY C 369 35.66 12.03 23.63
CA GLY C 369 35.16 11.92 22.28
C GLY C 369 33.68 11.55 22.22
N THR C 370 33.13 11.02 23.31
CA THR C 370 31.72 10.70 23.40
C THR C 370 30.96 11.68 24.28
N HIS C 371 31.41 11.89 25.51
CA HIS C 371 30.70 12.76 26.44
C HIS C 371 31.66 13.70 27.16
N VAL C 372 31.18 14.38 28.20
CA VAL C 372 31.96 15.37 28.92
C VAL C 372 31.95 15.03 30.40
N ILE C 373 33.10 15.17 31.04
CA ILE C 373 33.15 15.00 32.50
C ILE C 373 32.27 16.07 33.14
N PRO C 374 31.38 15.70 34.07
CA PRO C 374 30.39 16.65 34.58
C PRO C 374 31.01 17.90 35.21
N ASN C 375 31.82 17.72 36.25
CA ASN C 375 32.41 18.86 36.95
C ASN C 375 33.63 18.40 37.73
N ASP C 376 34.82 18.83 37.29
CA ASP C 376 36.03 18.58 38.07
C ASP C 376 36.12 19.54 39.26
N ARG C 377 35.67 20.77 39.08
CA ARG C 377 35.80 21.81 40.10
C ARG C 377 34.59 22.74 39.98
N LYS C 378 34.68 23.90 40.63
CA LYS C 378 33.62 24.89 40.57
C LYS C 378 33.75 25.75 39.33
N ILE C 379 32.61 26.13 38.76
CA ILE C 379 32.54 26.93 37.54
C ILE C 379 31.96 28.30 37.87
N ILE C 380 32.54 29.34 37.28
CA ILE C 380 32.09 30.70 37.50
C ILE C 380 31.33 31.16 36.26
N TRP C 381 30.65 32.29 36.39
CA TRP C 381 29.84 32.87 35.33
C TRP C 381 30.17 34.35 35.16
N PRO C 382 29.97 34.90 33.96
CA PRO C 382 30.34 36.30 33.74
C PRO C 382 29.64 37.28 34.66
N GLY C 383 28.39 37.00 35.03
CA GLY C 383 27.67 37.83 35.95
C GLY C 383 27.83 37.46 37.40
N GLY C 384 28.72 36.52 37.73
CA GLY C 384 28.92 36.08 39.08
C GLY C 384 27.91 35.07 39.59
N GLU C 385 26.98 34.62 38.73
CA GLU C 385 25.99 33.64 39.15
C GLU C 385 26.66 32.32 39.52
N THR C 386 26.17 31.70 40.59
CA THR C 386 26.75 30.48 41.11
C THR C 386 26.14 29.21 40.52
N GLU C 387 25.21 29.33 39.58
CA GLU C 387 24.55 28.19 38.97
C GLU C 387 24.52 28.38 37.47
N LYS C 388 23.82 27.46 36.78
CA LYS C 388 23.64 27.55 35.34
C LYS C 388 22.31 28.22 35.04
N PRO C 389 22.32 29.51 34.70
CA PRO C 389 21.06 30.22 34.47
C PRO C 389 20.35 29.71 33.21
N ARG C 390 19.05 29.91 33.19
CA ARG C 390 18.25 29.52 32.04
C ARG C 390 18.69 30.32 30.81
N GLY C 391 18.86 29.61 29.69
CA GLY C 391 19.33 30.25 28.47
C GLY C 391 18.31 31.10 27.76
N TYR C 392 17.03 30.93 28.07
CA TYR C 392 15.98 31.72 27.47
C TYR C 392 15.71 32.95 28.35
N GLN C 393 14.74 33.75 27.92
CA GLN C 393 14.28 34.89 28.71
C GLN C 393 12.87 35.21 28.26
N MET C 394 11.88 34.90 29.11
CA MET C 394 10.48 35.11 28.76
C MET C 394 10.20 36.58 28.53
N SER C 395 9.91 36.94 27.28
CA SER C 395 9.64 38.34 26.95
C SER C 395 8.28 38.76 27.46
N THR C 396 8.24 39.89 28.16
CA THR C 396 6.96 40.42 28.61
C THR C 396 6.20 41.08 27.47
N ARG C 397 6.91 41.60 26.47
CA ARG C 397 6.28 42.24 25.32
C ARG C 397 6.01 41.20 24.23
N LEU C 398 4.81 41.23 23.69
CA LEU C 398 4.39 40.33 22.63
C LEU C 398 3.93 41.14 21.43
N LYS C 399 4.34 40.72 20.24
CA LYS C 399 3.85 41.28 18.99
C LYS C 399 2.76 40.35 18.47
N ILE C 400 1.53 40.85 18.41
CA ILE C 400 0.38 40.05 18.03
C ILE C 400 -0.13 40.54 16.68
N VAL C 401 -0.30 39.62 15.74
CA VAL C 401 -0.87 39.90 14.43
C VAL C 401 -2.32 39.42 14.44
N THR C 402 -3.17 40.14 13.73
CA THR C 402 -4.58 39.80 13.66
C THR C 402 -5.15 40.31 12.34
N ILE C 403 -5.95 39.47 11.70
CA ILE C 403 -6.57 39.81 10.43
C ILE C 403 -7.95 40.39 10.69
N HIS C 404 -8.39 41.27 9.81
CA HIS C 404 -9.76 41.77 9.90
C HIS C 404 -10.73 40.70 9.40
N GLN C 405 -11.57 40.22 10.31
CA GLN C 405 -12.61 39.25 9.98
C GLN C 405 -13.84 39.65 10.78
N GLU C 406 -15.00 39.64 10.12
CA GLU C 406 -16.13 40.42 10.60
C GLU C 406 -16.48 40.09 12.05
N PRO C 407 -17.00 38.91 12.40
CA PRO C 407 -17.59 38.75 13.73
C PRO C 407 -16.57 38.60 14.84
N PHE C 408 -15.29 38.66 14.53
CA PHE C 408 -14.25 38.41 15.52
C PHE C 408 -13.33 39.59 15.74
N VAL C 409 -12.90 40.27 14.68
CA VAL C 409 -12.00 41.41 14.78
C VAL C 409 -12.65 42.57 14.03
N TYR C 410 -13.42 43.38 14.74
CA TYR C 410 -13.86 44.67 14.19
C TYR C 410 -12.69 45.62 14.09
N VAL C 411 -12.55 46.28 12.94
CA VAL C 411 -11.56 47.32 12.73
C VAL C 411 -12.26 48.57 12.21
N LYS C 412 -12.02 49.69 12.88
CA LYS C 412 -12.62 50.98 12.54
C LYS C 412 -11.54 52.05 12.53
N PRO C 413 -11.75 53.14 11.79
CA PRO C 413 -10.82 54.26 11.86
C PRO C 413 -10.86 54.93 13.22
N THR C 414 -9.72 55.49 13.62
CA THR C 414 -9.63 56.19 14.89
C THR C 414 -10.40 57.51 14.84
N LEU C 415 -10.49 58.16 16.00
CA LEU C 415 -11.19 59.43 16.09
C LEU C 415 -10.30 60.55 15.55
N SER C 416 -10.76 61.79 15.68
CA SER C 416 -9.99 62.93 15.20
C SER C 416 -8.66 63.05 15.94
N ASP C 417 -8.67 62.84 17.25
CA ASP C 417 -7.46 62.93 18.04
C ASP C 417 -6.64 61.65 18.01
N GLY C 418 -7.09 60.61 17.31
CA GLY C 418 -6.42 59.34 17.30
C GLY C 418 -6.85 58.38 18.38
N THR C 419 -7.83 58.77 19.21
CA THR C 419 -8.33 57.92 20.27
C THR C 419 -9.49 57.07 19.75
N CYS C 420 -10.20 56.41 20.66
CA CYS C 420 -11.30 55.53 20.31
C CYS C 420 -12.58 56.03 20.95
N LYS C 421 -13.69 55.97 20.20
CA LYS C 421 -14.98 56.35 20.73
C LYS C 421 -15.36 55.45 21.89
N GLU C 422 -15.81 56.05 23.00
CA GLU C 422 -16.17 55.30 24.20
C GLU C 422 -17.65 54.93 24.16
N GLU C 423 -17.96 53.98 23.27
CA GLU C 423 -19.32 53.50 23.15
C GLU C 423 -19.61 52.47 24.25
N PHE C 424 -20.87 52.04 24.31
CA PHE C 424 -21.32 51.07 25.29
C PHE C 424 -22.19 50.03 24.61
N THR C 425 -22.24 48.85 25.23
CA THR C 425 -23.10 47.79 24.74
C THR C 425 -24.56 48.07 25.11
N VAL C 426 -25.46 47.21 24.62
CA VAL C 426 -26.87 47.35 24.96
C VAL C 426 -27.09 47.08 26.44
N ASN C 427 -26.27 46.21 27.05
CA ASN C 427 -26.34 45.92 28.47
C ASN C 427 -25.69 47.00 29.33
N GLY C 428 -25.37 48.15 28.77
CA GLY C 428 -24.73 49.21 29.52
C GLY C 428 -23.32 48.87 29.98
N ASP C 429 -22.52 48.26 29.11
CA ASP C 429 -21.14 47.91 29.43
C ASP C 429 -20.23 48.42 28.34
N PRO C 430 -19.00 48.81 28.70
CA PRO C 430 -18.06 49.31 27.70
C PRO C 430 -17.51 48.20 26.84
N VAL C 431 -17.01 48.58 25.67
CA VAL C 431 -16.31 47.68 24.77
C VAL C 431 -14.82 47.95 24.92
N LYS C 432 -14.08 46.97 25.43
CA LYS C 432 -12.65 47.15 25.73
C LYS C 432 -11.89 47.12 24.41
N LYS C 433 -11.90 48.25 23.72
CA LYS C 433 -11.21 48.36 22.44
C LYS C 433 -9.71 48.49 22.66
N VAL C 434 -8.96 48.27 21.57
CA VAL C 434 -7.52 48.47 21.55
C VAL C 434 -7.16 49.25 20.31
N ILE C 435 -5.96 49.83 20.31
CA ILE C 435 -5.47 50.65 19.20
C ILE C 435 -4.30 49.93 18.56
N CYS C 436 -4.34 49.77 17.25
CA CYS C 436 -3.35 49.00 16.51
C CYS C 436 -3.19 49.57 15.11
N THR C 437 -1.95 49.55 14.62
CA THR C 437 -1.65 50.06 13.29
C THR C 437 -1.70 48.92 12.27
N GLY C 438 -1.37 49.24 11.02
CA GLY C 438 -1.35 48.24 9.98
C GLY C 438 -2.25 48.46 8.78
N PRO C 439 -3.51 48.88 8.99
CA PRO C 439 -4.40 49.12 7.85
C PRO C 439 -3.87 50.21 6.93
N ASN C 440 -4.21 50.08 5.66
CA ASN C 440 -3.79 51.06 4.66
C ASN C 440 -5.00 51.68 3.96
N PRO C 447 1.21 49.02 0.55
CA PRO C 447 1.67 50.20 -0.18
C PRO C 447 1.43 51.50 0.60
N ARG C 448 0.18 51.77 0.96
CA ARG C 448 -0.14 52.95 1.74
C ARG C 448 0.41 52.82 3.16
N HIS C 449 0.63 53.96 3.79
CA HIS C 449 1.27 53.99 5.10
C HIS C 449 0.38 53.35 6.17
N THR C 450 0.99 53.07 7.31
CA THR C 450 0.36 52.30 8.38
C THR C 450 -0.41 53.26 9.28
N VAL C 451 -1.68 53.46 8.96
CA VAL C 451 -2.56 54.34 9.73
C VAL C 451 -3.07 53.60 10.97
N PRO C 452 -2.84 54.11 12.17
CA PRO C 452 -3.42 53.47 13.36
C PRO C 452 -4.94 53.51 13.32
N GLN C 453 -5.54 52.47 13.90
CA GLN C 453 -6.98 52.29 13.89
C GLN C 453 -7.40 51.51 15.12
N CYS C 454 -8.69 51.60 15.46
CA CYS C 454 -9.22 50.98 16.66
C CYS C 454 -9.85 49.63 16.32
N CYS C 455 -9.39 48.58 16.99
CA CYS C 455 -9.95 47.24 16.80
C CYS C 455 -10.61 46.77 18.09
N TYR C 456 -11.72 46.07 17.92
CA TYR C 456 -12.48 45.52 19.04
C TYR C 456 -13.35 44.38 18.53
N GLY C 457 -13.53 43.37 19.36
CA GLY C 457 -14.32 42.23 18.97
C GLY C 457 -14.13 41.06 19.93
N PHE C 458 -14.63 39.91 19.50
CA PHE C 458 -14.55 38.71 20.32
C PHE C 458 -13.10 38.29 20.54
N CYS C 459 -12.30 38.30 19.48
CA CYS C 459 -10.89 37.97 19.62
C CYS C 459 -10.18 38.99 20.52
N ILE C 460 -10.53 40.27 20.38
CA ILE C 460 -9.93 41.30 21.22
C ILE C 460 -10.29 41.07 22.69
N ASP C 461 -11.56 40.73 22.96
CA ASP C 461 -11.97 40.44 24.32
C ASP C 461 -11.21 39.25 24.89
N LEU C 462 -11.05 38.19 24.09
CA LEU C 462 -10.30 37.03 24.54
C LEU C 462 -8.85 37.40 24.82
N LEU C 463 -8.26 38.24 23.97
CA LEU C 463 -6.89 38.69 24.19
C LEU C 463 -6.77 39.49 25.48
N ILE C 464 -7.75 40.34 25.76
CA ILE C 464 -7.76 41.11 27.00
C ILE C 464 -7.81 40.15 28.20
N LYS C 465 -8.70 39.16 28.13
CA LYS C 465 -8.83 38.22 29.24
C LYS C 465 -7.53 37.45 29.45
N LEU C 466 -6.89 37.01 28.35
CA LEU C 466 -5.62 36.30 28.48
C LEU C 466 -4.54 37.19 29.06
N ALA C 467 -4.46 38.44 28.57
CA ALA C 467 -3.46 39.36 29.09
C ALA C 467 -3.63 39.59 30.58
N ARG C 468 -4.87 39.62 31.05
CA ARG C 468 -5.08 39.67 32.50
C ARG C 468 -4.67 38.37 33.17
N THR C 469 -4.97 37.23 32.55
CA THR C 469 -4.67 35.95 33.18
C THR C 469 -3.16 35.72 33.27
N MET C 470 -2.45 35.87 32.16
CA MET C 470 -1.00 35.75 32.13
C MET C 470 -0.42 37.14 31.91
N ASN C 471 0.47 37.55 32.83
CA ASN C 471 0.97 38.92 32.81
C ASN C 471 1.64 39.24 31.48
N PHE C 472 1.04 40.15 30.72
CA PHE C 472 1.50 40.51 29.40
C PHE C 472 1.68 42.02 29.29
N THR C 473 2.41 42.41 28.25
CA THR C 473 2.25 43.73 27.65
C THR C 473 2.29 43.51 26.14
N TYR C 474 1.28 44.02 25.45
CA TYR C 474 1.01 43.60 24.09
C TYR C 474 0.78 44.81 23.21
N GLU C 475 1.24 44.71 21.95
CA GLU C 475 0.90 45.68 20.93
C GLU C 475 0.38 44.92 19.71
N VAL C 476 -0.75 45.36 19.19
CA VAL C 476 -1.42 44.67 18.10
C VAL C 476 -1.11 45.41 16.81
N HIS C 477 -1.10 44.67 15.70
CA HIS C 477 -1.02 45.29 14.37
C HIS C 477 -1.51 44.29 13.35
N LEU C 478 -2.41 44.73 12.48
CA LEU C 478 -2.94 43.85 11.46
C LEU C 478 -1.87 43.54 10.41
N VAL C 479 -2.06 42.44 9.70
CA VAL C 479 -1.11 42.03 8.68
C VAL C 479 -1.25 42.91 7.45
N ALA C 480 -0.11 43.35 6.92
CA ALA C 480 -0.13 44.23 5.75
C ALA C 480 -0.74 43.53 4.54
N ASP C 481 -0.42 42.24 4.34
CA ASP C 481 -0.92 41.53 3.18
C ASP C 481 -2.43 41.41 3.20
N GLY C 482 -3.04 41.26 4.38
CA GLY C 482 -4.48 41.12 4.46
C GLY C 482 -5.00 39.82 3.88
N LYS C 483 -4.25 38.73 4.03
CA LYS C 483 -4.68 37.42 3.58
C LYS C 483 -4.35 36.41 4.67
N PHE C 484 -5.12 35.32 4.71
CA PHE C 484 -5.02 34.37 5.81
C PHE C 484 -3.71 33.59 5.80
N GLY C 485 -2.91 33.72 4.76
CA GLY C 485 -1.54 33.25 4.82
C GLY C 485 -1.32 31.75 4.81
N THR C 486 -1.58 31.12 3.67
CA THR C 486 -1.22 29.72 3.48
C THR C 486 0.27 29.59 3.17
N GLN C 487 0.67 28.38 2.79
CA GLN C 487 2.04 28.11 2.36
C GLN C 487 2.04 28.00 0.84
N GLU C 488 2.87 28.81 0.18
CA GLU C 488 2.86 28.90 -1.27
C GLU C 488 4.26 28.67 -1.83
N ARG C 489 4.30 28.07 -3.01
CA ARG C 489 5.55 27.89 -3.74
C ARG C 489 5.95 29.23 -4.37
N VAL C 490 7.09 29.77 -3.95
CA VAL C 490 7.53 31.06 -4.44
C VAL C 490 7.81 30.96 -5.94
N ASN C 491 7.75 32.12 -6.61
CA ASN C 491 8.06 32.16 -8.03
C ASN C 491 9.50 31.73 -8.27
N ASN C 492 9.77 31.34 -9.52
CA ASN C 492 11.07 30.94 -10.08
C ASN C 492 11.96 30.20 -9.08
N SER C 493 11.36 29.28 -8.31
CA SER C 493 12.11 28.45 -7.39
C SER C 493 11.23 27.29 -6.95
N ASN C 494 11.88 26.17 -6.60
CA ASN C 494 11.15 25.01 -6.10
C ASN C 494 10.73 25.18 -4.65
N LYS C 495 11.54 25.86 -3.84
CA LYS C 495 11.25 25.99 -2.43
C LYS C 495 9.99 26.83 -2.20
N LYS C 496 9.27 26.51 -1.13
CA LYS C 496 8.05 27.20 -0.76
C LYS C 496 8.25 27.95 0.55
N GLU C 497 7.31 28.86 0.83
CA GLU C 497 7.41 29.71 2.00
C GLU C 497 6.02 30.07 2.50
N TRP C 498 5.96 30.49 3.76
CA TRP C 498 4.70 30.80 4.42
C TRP C 498 4.20 32.17 3.95
N ASN C 499 3.19 32.16 3.07
CA ASN C 499 2.60 33.38 2.56
C ASN C 499 1.79 34.08 3.65
N GLY C 500 1.50 35.36 3.42
CA GLY C 500 0.50 36.11 4.17
C GLY C 500 0.81 36.29 5.63
N MET C 501 -0.26 36.31 6.44
CA MET C 501 -0.13 36.64 7.85
C MET C 501 0.73 35.64 8.59
N MET C 502 0.80 34.40 8.12
CA MET C 502 1.72 33.43 8.72
C MET C 502 3.17 33.82 8.54
N GLY C 503 3.50 34.63 7.53
CA GLY C 503 4.83 35.21 7.47
C GLY C 503 5.12 36.09 8.68
N GLU C 504 4.08 36.77 9.20
CA GLU C 504 4.26 37.57 10.40
C GLU C 504 4.63 36.77 11.63
N LEU C 505 4.34 35.46 11.63
CA LEU C 505 4.67 34.61 12.76
C LEU C 505 5.95 33.83 12.54
N LEU C 506 6.08 33.17 11.38
CA LEU C 506 7.28 32.37 11.12
C LEU C 506 8.53 33.25 11.00
N SER C 507 8.42 34.39 10.33
CA SER C 507 9.57 35.27 10.13
C SER C 507 9.89 36.11 11.36
N GLY C 508 9.27 35.84 12.50
CA GLY C 508 9.55 36.56 13.71
C GLY C 508 8.94 37.95 13.79
N GLN C 509 8.13 38.34 12.81
CA GLN C 509 7.49 39.66 12.86
C GLN C 509 6.58 39.77 14.07
N ALA C 510 5.82 38.71 14.36
CA ALA C 510 4.96 38.64 15.52
C ALA C 510 5.40 37.46 16.40
N ASP C 511 4.63 37.22 17.46
CA ASP C 511 4.91 36.13 18.37
C ASP C 511 3.69 35.33 18.80
N MET C 512 2.49 35.72 18.39
CA MET C 512 1.27 35.00 18.73
C MET C 512 0.19 35.41 17.75
N ILE C 513 -0.30 34.45 16.96
CA ILE C 513 -1.30 34.72 15.95
C ILE C 513 -2.68 34.57 16.59
N VAL C 514 -3.37 35.68 16.80
CA VAL C 514 -4.73 35.68 17.33
C VAL C 514 -5.65 36.12 16.21
N ALA C 515 -6.47 35.19 15.73
CA ALA C 515 -7.33 35.42 14.59
C ALA C 515 -8.29 34.25 14.45
N PRO C 516 -9.29 34.33 13.58
CA PRO C 516 -10.09 33.14 13.27
C PRO C 516 -9.29 32.10 12.51
N LEU C 517 -8.27 31.53 13.14
CA LEU C 517 -7.39 30.58 12.49
C LEU C 517 -7.98 29.18 12.53
N THR C 518 -8.05 28.53 11.37
CA THR C 518 -8.59 27.19 11.26
C THR C 518 -7.46 26.18 11.32
N ILE C 519 -7.69 25.07 12.02
CA ILE C 519 -6.64 24.06 12.21
C ILE C 519 -6.60 23.13 11.01
N ASN C 520 -5.43 23.00 10.41
CA ASN C 520 -5.24 22.11 9.26
C ASN C 520 -3.83 21.55 9.34
N ASN C 521 -3.42 20.82 8.29
CA ASN C 521 -2.27 19.94 8.41
C ASN C 521 -0.93 20.69 8.42
N GLU C 522 -0.61 21.38 7.32
CA GLU C 522 0.72 21.98 7.22
C GLU C 522 0.90 23.10 8.23
N ARG C 523 -0.17 23.80 8.57
CA ARG C 523 -0.07 24.83 9.60
C ARG C 523 0.34 24.22 10.94
N ALA C 524 -0.28 23.09 11.31
CA ALA C 524 0.16 22.38 12.51
C ALA C 524 1.57 21.83 12.34
N GLN C 525 1.99 21.58 11.09
CA GLN C 525 3.33 21.07 10.86
C GLN C 525 4.39 22.12 11.15
N TYR C 526 4.21 23.34 10.63
CA TYR C 526 5.23 24.36 10.78
C TYR C 526 5.17 25.04 12.14
N ILE C 527 3.99 25.48 12.57
CA ILE C 527 3.83 26.17 13.83
C ILE C 527 3.02 25.29 14.77
N GLU C 528 2.88 25.75 16.01
CA GLU C 528 2.17 25.03 17.05
C GLU C 528 0.87 25.76 17.40
N PHE C 529 -0.11 24.98 17.85
CA PHE C 529 -1.45 25.48 18.15
C PHE C 529 -1.73 25.29 19.64
N SER C 530 -2.97 25.58 20.02
CA SER C 530 -3.46 25.32 21.37
C SER C 530 -4.79 24.58 21.25
N LYS C 531 -5.41 24.31 22.38
CA LYS C 531 -6.74 23.73 22.35
C LYS C 531 -7.71 24.73 21.73
N PRO C 532 -8.66 24.28 20.92
CA PRO C 532 -9.55 25.21 20.23
C PRO C 532 -10.49 25.91 21.20
N PHE C 533 -10.83 27.15 20.87
CA PHE C 533 -11.76 27.94 21.66
C PHE C 533 -13.10 28.16 20.98
N LYS C 534 -13.29 27.65 19.77
CA LYS C 534 -14.57 27.78 19.08
C LYS C 534 -14.64 26.72 17.99
N TYR C 535 -15.60 25.82 18.10
CA TYR C 535 -15.75 24.77 17.10
C TYR C 535 -16.67 25.25 15.99
N GLN C 536 -16.36 24.88 14.76
CA GLN C 536 -17.12 25.34 13.61
C GLN C 536 -16.69 24.55 12.39
N GLY C 537 -17.52 24.60 11.35
CA GLY C 537 -17.25 23.89 10.12
C GLY C 537 -17.27 24.78 8.89
N LEU C 538 -17.37 24.18 7.72
CA LEU C 538 -17.46 24.94 6.47
C LEU C 538 -18.86 24.81 5.91
N THR C 539 -19.40 25.91 5.39
CA THR C 539 -20.83 26.01 5.14
C THR C 539 -21.05 26.86 3.89
N ILE C 540 -22.25 26.73 3.33
CA ILE C 540 -22.61 27.35 2.05
C ILE C 540 -23.46 28.57 2.34
N LEU C 541 -23.12 29.70 1.72
CA LEU C 541 -23.91 30.92 1.77
C LEU C 541 -24.46 31.20 0.37
N VAL C 542 -25.79 31.33 0.27
CA VAL C 542 -26.45 31.62 -0.99
C VAL C 542 -27.57 32.61 -0.76
N LYS C 543 -27.69 33.59 -1.66
CA LYS C 543 -28.81 34.52 -1.61
C LYS C 543 -30.12 33.79 -1.93
N LYS C 544 -31.16 34.11 -1.18
CA LYS C 544 -32.46 33.46 -1.39
C LYS C 544 -33.58 34.44 -1.05
N GLU C 545 -34.58 34.50 -1.92
CA GLU C 545 -35.79 35.28 -1.69
C GLU C 545 -36.93 34.35 -1.30
N ILE C 546 -37.44 34.53 -0.09
CA ILE C 546 -38.49 33.67 0.47
C ILE C 546 -39.88 34.02 -0.05
N PRO C 547 -40.36 35.27 0.10
CA PRO C 547 -41.79 35.51 -0.08
C PRO C 547 -42.25 35.35 -1.52
N ARG C 548 -43.54 35.04 -1.67
CA ARG C 548 -44.20 34.97 -2.96
C ARG C 548 -45.45 35.83 -2.91
N SER C 549 -45.57 36.76 -3.85
CA SER C 549 -46.71 37.67 -3.88
C SER C 549 -47.99 36.93 -4.21
N THR C 550 -49.05 37.24 -3.49
CA THR C 550 -50.35 36.60 -3.69
C THR C 550 -51.23 37.40 -4.65
N LEU C 551 -50.69 37.69 -5.83
CA LEU C 551 -51.42 38.43 -6.87
C LEU C 551 -51.27 37.72 -8.20
N ASP C 552 -52.40 37.42 -8.83
CA ASP C 552 -52.43 36.76 -10.14
C ASP C 552 -51.65 35.45 -10.12
N SER C 553 -51.67 34.77 -8.97
CA SER C 553 -50.97 33.50 -8.81
C SER C 553 -51.88 32.29 -8.98
N PHE C 554 -53.17 32.48 -9.14
CA PHE C 554 -54.12 31.38 -9.18
C PHE C 554 -55.04 31.40 -10.39
N MET C 555 -55.42 32.58 -10.87
CA MET C 555 -56.42 32.70 -11.94
C MET C 555 -55.80 32.53 -13.32
N GLN C 556 -55.02 31.47 -13.52
CA GLN C 556 -54.47 31.20 -14.84
C GLN C 556 -55.52 30.57 -15.76
N PRO C 557 -56.18 29.45 -15.36
CA PRO C 557 -57.20 28.87 -16.26
C PRO C 557 -58.62 29.28 -15.93
N PHE C 558 -58.81 30.00 -14.81
CA PHE C 558 -60.15 30.27 -14.31
C PHE C 558 -60.94 31.14 -15.27
N GLN C 559 -60.36 32.26 -15.71
CA GLN C 559 -61.09 33.17 -16.59
C GLN C 559 -61.29 32.56 -17.96
N SER C 560 -60.39 31.68 -18.40
CA SER C 560 -60.56 31.00 -19.68
C SER C 560 -61.78 30.09 -19.67
N THR C 561 -61.97 29.33 -18.58
CA THR C 561 -63.08 28.41 -18.47
C THR C 561 -64.34 29.05 -17.91
N LEU C 562 -64.27 30.31 -17.46
CA LEU C 562 -65.45 30.97 -16.92
C LEU C 562 -66.54 31.16 -17.97
N TRP C 563 -66.18 31.14 -19.25
CA TRP C 563 -67.17 31.31 -20.32
C TRP C 563 -67.94 30.02 -20.55
N LEU C 601 -86.28 35.24 -13.73
CA LEU C 601 -85.87 35.02 -12.35
C LEU C 601 -84.56 34.24 -12.30
N THR C 602 -84.27 33.50 -13.38
CA THR C 602 -83.06 32.69 -13.42
C THR C 602 -81.80 33.53 -13.49
N LEU C 603 -81.88 34.73 -14.08
CA LEU C 603 -80.69 35.55 -14.24
C LEU C 603 -80.11 35.97 -12.89
N SER C 604 -80.96 36.31 -11.93
CA SER C 604 -80.48 36.64 -10.59
C SER C 604 -80.10 35.39 -9.81
N SER C 605 -80.82 34.29 -10.03
CA SER C 605 -80.55 33.06 -9.29
C SER C 605 -79.17 32.51 -9.64
N ALA C 606 -78.77 32.61 -10.91
CA ALA C 606 -77.46 32.12 -11.31
C ALA C 606 -76.35 32.88 -10.58
N MET C 607 -76.46 34.21 -10.54
CA MET C 607 -75.47 35.01 -9.84
C MET C 607 -75.49 34.73 -8.34
N TRP C 608 -76.69 34.55 -7.77
CA TRP C 608 -76.79 34.32 -6.33
C TRP C 608 -76.16 32.99 -5.94
N PHE C 609 -76.48 31.91 -6.66
CA PHE C 609 -75.93 30.61 -6.32
C PHE C 609 -74.47 30.51 -6.69
N SER C 610 -74.02 31.25 -7.71
CA SER C 610 -72.59 31.34 -7.99
C SER C 610 -71.87 31.99 -6.82
N TRP C 611 -72.48 33.00 -6.20
CA TRP C 611 -71.93 33.68 -5.04
C TRP C 611 -72.44 33.09 -3.73
N GLY C 612 -73.22 32.02 -3.78
CA GLY C 612 -73.76 31.41 -2.57
C GLY C 612 -72.70 30.74 -1.71
N PHE C 627 -91.11 20.40 -10.14
CA PHE C 627 -90.80 20.35 -11.57
C PHE C 627 -89.30 20.14 -11.78
N SER C 628 -88.92 19.88 -13.03
CA SER C 628 -87.52 19.64 -13.35
C SER C 628 -86.68 20.91 -13.30
N ALA C 629 -87.29 22.09 -13.32
CA ALA C 629 -86.53 23.33 -13.26
C ALA C 629 -85.80 23.45 -11.92
N ARG C 630 -86.48 23.13 -10.82
CA ARG C 630 -85.86 23.19 -9.51
C ARG C 630 -84.76 22.14 -9.37
N ILE C 631 -84.97 20.96 -9.94
CA ILE C 631 -83.95 19.91 -9.91
C ILE C 631 -82.71 20.37 -10.68
N LEU C 632 -82.92 20.96 -11.85
CA LEU C 632 -81.80 21.47 -12.63
C LEU C 632 -81.07 22.58 -11.89
N GLY C 633 -81.81 23.47 -11.22
CA GLY C 633 -81.17 24.51 -10.45
C GLY C 633 -80.34 23.96 -9.30
N MET C 634 -80.87 22.96 -8.60
CA MET C 634 -80.14 22.34 -7.50
C MET C 634 -78.87 21.65 -8.00
N VAL C 635 -78.98 20.93 -9.12
CA VAL C 635 -77.80 20.28 -9.69
C VAL C 635 -76.77 21.30 -10.13
N TRP C 636 -77.21 22.41 -10.73
CA TRP C 636 -76.30 23.47 -11.14
C TRP C 636 -75.61 24.10 -9.93
N ALA C 637 -76.35 24.31 -8.83
CA ALA C 637 -75.75 24.83 -7.62
C ALA C 637 -74.71 23.87 -7.05
N GLY C 638 -75.02 22.56 -7.06
CA GLY C 638 -74.04 21.58 -6.61
C GLY C 638 -72.80 21.55 -7.48
N PHE C 639 -72.98 21.68 -8.79
CA PHE C 639 -71.84 21.74 -9.70
C PHE C 639 -70.98 22.97 -9.43
N ALA C 640 -71.63 24.12 -9.19
CA ALA C 640 -70.88 25.33 -8.88
C ALA C 640 -70.12 25.19 -7.57
N MET C 641 -70.73 24.56 -6.56
CA MET C 641 -70.04 24.32 -5.30
C MET C 641 -68.84 23.40 -5.50
N ILE C 642 -68.99 22.35 -6.30
CA ILE C 642 -67.87 21.47 -6.59
C ILE C 642 -66.77 22.23 -7.31
N ILE C 643 -67.14 23.13 -8.23
CA ILE C 643 -66.16 23.90 -8.97
C ILE C 643 -65.38 24.83 -8.06
N VAL C 644 -66.07 25.53 -7.15
CA VAL C 644 -65.36 26.45 -6.26
C VAL C 644 -64.50 25.68 -5.27
N ALA C 645 -64.96 24.50 -4.82
CA ALA C 645 -64.12 23.66 -3.97
C ALA C 645 -62.87 23.20 -4.72
N SER C 646 -63.01 22.83 -5.99
CA SER C 646 -61.85 22.47 -6.79
C SER C 646 -60.91 23.66 -6.95
N TYR C 647 -61.46 24.86 -7.12
CA TYR C 647 -60.63 26.05 -7.24
C TYR C 647 -59.83 26.31 -5.97
N THR C 648 -60.47 26.21 -4.81
CA THR C 648 -59.75 26.46 -3.57
C THR C 648 -58.72 25.38 -3.30
N ALA C 649 -59.03 24.12 -3.61
CA ALA C 649 -58.03 23.06 -3.45
C ALA C 649 -56.87 23.25 -4.42
N ASN C 650 -57.15 23.71 -5.63
CA ASN C 650 -56.08 23.99 -6.59
C ASN C 650 -55.17 25.11 -6.10
N LEU C 651 -55.76 26.17 -5.53
CA LEU C 651 -54.93 27.24 -4.99
C LEU C 651 -54.10 26.73 -3.82
N ALA C 652 -54.68 25.87 -2.98
CA ALA C 652 -53.93 25.27 -1.88
C ALA C 652 -52.76 24.45 -2.39
N ALA C 653 -52.98 23.63 -3.42
CA ALA C 653 -51.92 22.80 -3.98
C ALA C 653 -50.84 23.66 -4.60
N PHE C 654 -51.23 24.72 -5.32
CA PHE C 654 -50.26 25.63 -5.91
C PHE C 654 -49.42 26.30 -4.85
N LEU C 655 -50.05 26.73 -3.75
CA LEU C 655 -49.30 27.34 -2.65
C LEU C 655 -48.36 26.35 -1.99
N VAL C 656 -48.81 25.10 -1.81
CA VAL C 656 -47.93 24.07 -1.27
C VAL C 656 -46.80 23.78 -2.24
N LEU C 657 -47.09 23.83 -3.55
CA LEU C 657 -46.06 23.65 -4.56
C LEU C 657 -45.51 24.99 -5.02
N ILE C 664 -30.28 23.55 -3.53
CA ILE C 664 -29.41 24.07 -2.49
C ILE C 664 -29.07 22.99 -1.47
N THR C 665 -27.83 22.51 -1.50
CA THR C 665 -27.37 21.49 -0.58
C THR C 665 -25.86 21.62 -0.45
N GLY C 666 -25.26 20.82 0.44
CA GLY C 666 -23.85 20.91 0.74
C GLY C 666 -22.92 20.46 -0.38
N ILE C 667 -21.70 20.08 -0.01
CA ILE C 667 -20.70 19.65 -0.98
C ILE C 667 -21.14 18.45 -1.79
N ASN C 668 -22.22 17.76 -1.38
CA ASN C 668 -22.77 16.66 -2.15
C ASN C 668 -23.46 17.10 -3.43
N ASP C 669 -23.67 18.40 -3.62
CA ASP C 669 -24.36 18.88 -4.81
C ASP C 669 -23.58 18.52 -6.06
N PRO C 670 -24.24 17.99 -7.09
CA PRO C 670 -23.50 17.64 -8.32
C PRO C 670 -22.83 18.83 -8.98
N ARG C 671 -23.45 20.00 -8.93
CA ARG C 671 -22.80 21.21 -9.44
C ARG C 671 -21.54 21.51 -8.62
N LEU C 672 -21.61 21.28 -7.31
CA LEU C 672 -20.44 21.46 -6.45
C LEU C 672 -19.42 20.35 -6.61
N ARG C 673 -19.79 19.24 -7.24
CA ARG C 673 -18.86 18.15 -7.52
C ARG C 673 -18.38 18.14 -8.98
N ASN C 674 -19.28 18.42 -9.92
CA ASN C 674 -18.92 18.57 -11.32
C ASN C 674 -18.95 20.04 -11.68
N PRO C 675 -17.83 20.63 -12.10
CA PRO C 675 -17.80 22.08 -12.34
C PRO C 675 -18.83 22.50 -13.38
N SER C 676 -19.45 23.65 -13.14
CA SER C 676 -20.50 24.17 -14.00
C SER C 676 -20.29 25.66 -14.19
N ASP C 677 -20.55 26.14 -15.41
CA ASP C 677 -20.39 27.56 -15.71
C ASP C 677 -21.58 28.40 -15.28
N LYS C 678 -22.71 27.77 -14.96
CA LYS C 678 -23.86 28.54 -14.48
C LYS C 678 -23.68 28.99 -13.04
N PHE C 679 -22.78 28.35 -12.30
CA PHE C 679 -22.52 28.67 -10.90
C PHE C 679 -21.06 29.08 -10.73
N ILE C 680 -20.85 30.16 -9.99
CA ILE C 680 -19.51 30.64 -9.66
C ILE C 680 -19.29 30.28 -8.20
N TYR C 681 -18.69 29.10 -7.97
CA TYR C 681 -18.39 28.62 -6.62
C TYR C 681 -17.04 29.20 -6.22
N ALA C 682 -17.08 30.35 -5.57
CA ALA C 682 -15.87 31.10 -5.23
C ALA C 682 -15.66 31.11 -3.72
N THR C 683 -14.40 31.21 -3.32
CA THR C 683 -14.01 31.23 -1.92
C THR C 683 -12.99 32.32 -1.70
N VAL C 684 -12.43 32.36 -0.50
CA VAL C 684 -11.38 33.32 -0.16
C VAL C 684 -10.03 32.76 -0.60
N LYS C 685 -9.29 33.53 -1.38
CA LYS C 685 -8.00 33.08 -1.87
C LYS C 685 -7.03 32.88 -0.71
N GLN C 686 -6.20 31.85 -0.83
CA GLN C 686 -5.11 31.52 0.10
C GLN C 686 -5.60 31.21 1.51
N SER C 687 -6.91 31.05 1.70
CA SER C 687 -7.46 30.76 3.01
C SER C 687 -7.42 29.26 3.29
N SER C 688 -7.97 28.87 4.43
CA SER C 688 -8.00 27.46 4.82
C SER C 688 -8.88 26.64 3.87
N VAL C 689 -9.94 27.23 3.34
CA VAL C 689 -10.83 26.51 2.44
C VAL C 689 -10.09 26.08 1.18
N ASP C 690 -9.18 26.92 0.69
CA ASP C 690 -8.38 26.54 -0.46
C ASP C 690 -7.49 25.34 -0.14
N ILE C 691 -6.92 25.31 1.07
CA ILE C 691 -6.12 24.16 1.46
C ILE C 691 -6.96 22.90 1.52
N TYR C 692 -8.16 23.00 2.11
CA TYR C 692 -8.99 21.82 2.20
C TYR C 692 -9.38 21.31 0.82
N PHE C 693 -9.65 22.23 -0.11
CA PHE C 693 -10.01 21.83 -1.47
C PHE C 693 -8.82 21.27 -2.25
N ARG C 694 -7.60 21.71 -1.94
CA ARG C 694 -6.43 21.30 -2.69
C ARG C 694 -6.07 19.83 -2.53
N ARG C 695 -6.54 19.16 -1.47
CA ARG C 695 -6.01 17.83 -1.18
C ARG C 695 -6.89 16.72 -1.76
N GLN C 696 -8.21 16.89 -1.73
CA GLN C 696 -9.10 15.85 -2.22
C GLN C 696 -8.98 15.74 -3.75
N VAL C 697 -9.42 14.60 -4.28
CA VAL C 697 -9.10 14.22 -5.65
C VAL C 697 -10.01 14.91 -6.65
N CYS C 698 -11.32 14.63 -6.58
CA CYS C 698 -12.27 15.35 -7.42
C CYS C 698 -12.36 16.81 -7.00
N LEU C 699 -12.24 17.06 -5.70
CA LEU C 699 -12.18 18.42 -5.22
C LEU C 699 -10.96 19.16 -5.75
N SER C 700 -9.94 18.44 -6.23
CA SER C 700 -8.85 19.11 -6.93
C SER C 700 -9.34 19.77 -8.21
N THR C 701 -10.15 19.06 -9.00
CA THR C 701 -10.74 19.66 -10.18
C THR C 701 -11.69 20.78 -9.81
N MET C 702 -12.48 20.58 -8.74
CA MET C 702 -13.36 21.65 -8.29
C MET C 702 -12.57 22.90 -7.88
N TYR C 703 -11.46 22.71 -7.18
CA TYR C 703 -10.60 23.83 -6.80
C TYR C 703 -9.99 24.50 -8.01
N ARG C 704 -9.59 23.73 -9.02
CA ARG C 704 -9.05 24.33 -10.23
C ARG C 704 -10.10 25.20 -10.90
N HIS C 705 -11.36 24.76 -10.88
CA HIS C 705 -12.45 25.63 -11.35
C HIS C 705 -12.60 26.87 -10.47
N MET C 706 -12.58 26.68 -9.15
CA MET C 706 -12.91 27.77 -8.23
C MET C 706 -11.84 28.85 -8.21
N GLU C 707 -10.59 28.49 -8.47
CA GLU C 707 -9.50 29.46 -8.36
C GLU C 707 -9.57 30.57 -9.40
N LYS C 708 -10.42 30.42 -10.41
CA LYS C 708 -10.60 31.49 -11.39
C LYS C 708 -11.57 32.57 -10.92
N HIS C 709 -12.17 32.41 -9.73
CA HIS C 709 -13.10 33.39 -9.19
C HIS C 709 -12.86 33.69 -7.72
N ASN C 710 -11.75 33.22 -7.15
CA ASN C 710 -11.49 33.44 -5.73
C ASN C 710 -11.27 34.93 -5.45
N TYR C 711 -11.96 35.42 -4.42
CA TYR C 711 -11.83 36.81 -4.00
C TYR C 711 -10.63 36.94 -3.06
N GLU C 712 -10.50 38.10 -2.42
CA GLU C 712 -9.35 38.37 -1.56
C GLU C 712 -9.70 38.58 -0.10
N SER C 713 -10.97 38.81 0.24
CA SER C 713 -11.35 39.03 1.63
C SER C 713 -12.84 38.74 1.79
N ALA C 714 -13.26 38.64 3.05
CA ALA C 714 -14.62 38.21 3.35
C ALA C 714 -15.66 39.27 3.01
N ALA C 715 -15.39 40.54 3.35
CA ALA C 715 -16.40 41.58 3.23
C ALA C 715 -16.83 41.78 1.78
N GLU C 716 -15.86 41.82 0.86
CA GLU C 716 -16.19 41.96 -0.55
C GLU C 716 -16.98 40.76 -1.05
N ALA C 717 -16.64 39.56 -0.57
CA ALA C 717 -17.40 38.37 -0.95
C ALA C 717 -18.84 38.47 -0.50
N ILE C 718 -19.07 38.90 0.75
CA ILE C 718 -20.43 39.04 1.26
C ILE C 718 -21.18 40.09 0.45
N GLN C 719 -20.55 41.22 0.16
CA GLN C 719 -21.21 42.26 -0.61
C GLN C 719 -21.58 41.78 -2.00
N ALA C 720 -20.66 41.06 -2.66
CA ALA C 720 -20.93 40.52 -3.99
C ALA C 720 -22.07 39.50 -3.95
N VAL C 721 -22.10 38.67 -2.91
CA VAL C 721 -23.18 37.71 -2.75
C VAL C 721 -24.50 38.43 -2.54
N ARG C 722 -24.48 39.59 -1.86
CA ARG C 722 -25.67 40.42 -1.76
C ARG C 722 -26.11 40.91 -3.13
N ASP C 723 -25.15 41.27 -3.99
CA ASP C 723 -25.43 41.85 -5.29
C ASP C 723 -25.64 40.80 -6.37
N ASN C 724 -25.65 39.52 -6.01
CA ASN C 724 -25.87 38.41 -6.94
C ASN C 724 -24.82 38.35 -8.04
N LYS C 725 -23.63 38.93 -7.79
CA LYS C 725 -22.53 38.78 -8.73
C LYS C 725 -21.90 37.38 -8.66
N LEU C 726 -22.26 36.58 -7.65
CA LEU C 726 -21.76 35.23 -7.49
C LEU C 726 -22.92 34.30 -7.20
N HIS C 727 -22.72 33.02 -7.51
CA HIS C 727 -23.78 32.02 -7.31
C HIS C 727 -23.76 31.45 -5.90
N ALA C 728 -22.65 30.85 -5.48
CA ALA C 728 -22.55 30.18 -4.20
C ALA C 728 -21.24 30.55 -3.51
N PHE C 729 -21.29 30.69 -2.19
CA PHE C 729 -20.13 31.02 -1.38
C PHE C 729 -19.85 29.90 -0.40
N ILE C 730 -18.56 29.61 -0.18
CA ILE C 730 -18.14 28.57 0.75
C ILE C 730 -17.23 29.22 1.77
N TRP C 731 -17.59 29.13 3.05
CA TRP C 731 -16.76 29.79 4.05
C TRP C 731 -17.09 29.25 5.44
N ASP C 732 -16.42 29.79 6.44
CA ASP C 732 -16.49 29.26 7.81
C ASP C 732 -17.90 29.38 8.38
N SER C 733 -18.21 28.48 9.31
CA SER C 733 -19.57 28.40 9.83
C SER C 733 -19.90 29.55 10.77
N ALA C 734 -18.95 29.93 11.64
CA ALA C 734 -19.25 30.95 12.64
C ALA C 734 -19.49 32.31 12.00
N VAL C 735 -18.60 32.72 11.09
CA VAL C 735 -18.74 34.02 10.44
C VAL C 735 -20.03 34.08 9.65
N LEU C 736 -20.35 33.02 8.91
CA LEU C 736 -21.56 33.04 8.10
C LEU C 736 -22.81 32.96 8.96
N GLU C 737 -22.74 32.24 10.08
CA GLU C 737 -23.87 32.23 11.00
C GLU C 737 -24.15 33.63 11.53
N PHE C 738 -23.09 34.36 11.92
CA PHE C 738 -23.27 35.73 12.37
C PHE C 738 -23.82 36.61 11.24
N GLU C 739 -23.29 36.44 10.03
CA GLU C 739 -23.74 37.25 8.90
C GLU C 739 -25.22 37.03 8.61
N ALA C 740 -25.66 35.77 8.60
CA ALA C 740 -27.08 35.47 8.41
C ALA C 740 -27.90 36.02 9.57
N SER C 741 -27.35 36.02 10.78
CA SER C 741 -28.05 36.60 11.92
C SER C 741 -28.14 38.12 11.82
N GLN C 742 -27.27 38.76 11.03
CA GLN C 742 -27.33 40.20 10.83
C GLN C 742 -28.03 40.60 9.53
N LYS C 743 -27.51 40.15 8.40
CA LYS C 743 -27.98 40.58 7.09
C LYS C 743 -28.98 39.56 6.56
N CYS C 744 -30.23 39.70 7.01
CA CYS C 744 -31.27 38.71 6.72
C CYS C 744 -31.75 38.88 5.28
N ASP C 745 -30.83 38.62 4.36
CA ASP C 745 -31.09 38.57 2.93
C ASP C 745 -30.60 37.28 2.30
N LEU C 746 -29.48 36.74 2.77
CA LEU C 746 -28.94 35.48 2.31
C LEU C 746 -29.33 34.36 3.26
N VAL C 747 -28.84 33.15 2.98
CA VAL C 747 -29.16 32.00 3.78
C VAL C 747 -27.95 31.06 3.83
N THR C 748 -27.81 30.38 4.96
CA THR C 748 -26.78 29.38 5.18
C THR C 748 -27.36 28.00 4.99
N THR C 749 -26.55 27.09 4.45
CA THR C 749 -27.05 25.76 4.11
C THR C 749 -25.86 24.80 3.99
N GLY C 750 -26.19 23.52 3.82
CA GLY C 750 -25.19 22.49 3.67
C GLY C 750 -24.77 21.88 4.99
N GLU C 751 -24.48 20.59 4.99
CA GLU C 751 -23.92 19.95 6.17
C GLU C 751 -22.48 20.43 6.36
N LEU C 752 -22.08 20.53 7.63
CA LEU C 752 -20.71 20.93 7.94
C LEU C 752 -19.74 19.92 7.36
N PHE C 753 -18.75 20.42 6.62
CA PHE C 753 -17.85 19.56 5.86
C PHE C 753 -16.44 19.47 6.42
N PHE C 754 -16.09 20.31 7.39
CA PHE C 754 -14.74 20.29 7.97
C PHE C 754 -14.88 20.73 9.42
N ARG C 755 -15.01 19.75 10.31
CA ARG C 755 -15.39 20.01 11.70
C ARG C 755 -14.15 20.13 12.58
N SER C 756 -13.33 21.13 12.26
CA SER C 756 -12.15 21.46 13.04
C SER C 756 -12.34 22.86 13.62
N GLY C 757 -12.16 22.98 14.93
CA GLY C 757 -12.37 24.25 15.58
C GLY C 757 -11.27 25.25 15.28
N PHE C 758 -11.47 26.48 15.77
CA PHE C 758 -10.50 27.53 15.58
C PHE C 758 -9.29 27.29 16.48
N GLY C 759 -8.38 28.26 16.50
CA GLY C 759 -7.24 28.17 17.38
C GLY C 759 -6.44 29.46 17.47
N ILE C 760 -5.77 29.65 18.59
CA ILE C 760 -4.92 30.81 18.82
C ILE C 760 -3.48 30.38 18.54
N GLY C 761 -3.00 30.70 17.34
CA GLY C 761 -1.72 30.19 16.91
C GLY C 761 -0.55 30.89 17.57
N MET C 762 0.59 30.20 17.59
CA MET C 762 1.80 30.73 18.19
C MET C 762 2.99 30.00 17.60
N ARG C 763 4.18 30.56 17.82
CA ARG C 763 5.39 30.00 17.24
C ARG C 763 5.72 28.65 17.86
N LYS C 764 6.35 27.79 17.07
CA LYS C 764 6.60 26.41 17.48
C LYS C 764 7.46 26.34 18.73
N ASP C 765 7.05 25.48 19.66
CA ASP C 765 7.80 25.17 20.88
C ASP C 765 8.01 26.39 21.76
N SER C 766 7.19 27.43 21.59
CA SER C 766 7.28 28.58 22.46
C SER C 766 6.88 28.18 23.88
N PRO C 767 7.48 28.79 24.90
CA PRO C 767 7.15 28.41 26.29
C PRO C 767 5.71 28.69 26.65
N TRP C 768 5.01 29.53 25.89
CA TRP C 768 3.65 29.93 26.22
C TRP C 768 2.58 28.93 25.80
N LYS C 769 2.95 27.86 25.11
CA LYS C 769 1.94 26.95 24.58
C LYS C 769 1.09 26.35 25.71
N GLN C 770 1.76 25.79 26.72
CA GLN C 770 1.03 25.12 27.79
C GLN C 770 0.13 26.08 28.54
N ASN C 771 0.66 27.24 28.93
CA ASN C 771 -0.12 28.19 29.72
C ASN C 771 -1.27 28.77 28.91
N VAL C 772 -1.01 29.13 27.65
CA VAL C 772 -2.05 29.71 26.82
C VAL C 772 -3.18 28.71 26.60
N SER C 773 -2.81 27.46 26.26
CA SER C 773 -3.82 26.43 26.04
C SER C 773 -4.61 26.15 27.31
N LEU C 774 -3.91 26.05 28.44
CA LEU C 774 -4.60 25.76 29.70
C LEU C 774 -5.55 26.88 30.09
N SER C 775 -5.12 28.14 29.93
CA SER C 775 -5.99 29.26 30.27
C SER C 775 -7.19 29.31 29.34
N ILE C 776 -6.98 29.09 28.04
CA ILE C 776 -8.10 29.07 27.11
C ILE C 776 -9.08 27.97 27.48
N LEU C 777 -8.56 26.79 27.82
CA LEU C 777 -9.42 25.67 28.18
C LEU C 777 -10.19 25.96 29.47
N LYS C 778 -9.53 26.57 30.46
CA LYS C 778 -10.21 26.89 31.71
C LYS C 778 -11.31 27.91 31.49
N SER C 779 -11.01 28.98 30.73
CA SER C 779 -12.04 29.99 30.46
C SER C 779 -13.19 29.39 29.67
N HIS C 780 -12.88 28.53 28.70
CA HIS C 780 -13.93 27.87 27.93
C HIS C 780 -14.78 26.97 28.82
N GLU C 781 -14.14 26.24 29.72
CA GLU C 781 -14.84 25.41 30.70
C GLU C 781 -15.67 26.27 31.64
N ASN C 782 -15.15 27.41 32.06
CA ASN C 782 -15.89 28.35 32.88
C ASN C 782 -16.96 29.04 32.04
N GLY C 783 -17.72 29.93 32.67
CA GLY C 783 -18.74 30.66 31.95
C GLY C 783 -18.23 31.82 31.12
N PHE C 784 -16.93 32.09 31.18
CA PHE C 784 -16.38 33.25 30.48
C PHE C 784 -16.57 33.13 28.97
N MET C 785 -16.31 31.96 28.41
CA MET C 785 -16.42 31.80 26.96
C MET C 785 -17.85 31.97 26.49
N GLU C 786 -18.80 31.33 27.19
CA GLU C 786 -20.20 31.47 26.81
C GLU C 786 -20.67 32.91 26.95
N ASP C 787 -20.24 33.60 28.02
CA ASP C 787 -20.61 34.99 28.20
C ASP C 787 -20.06 35.86 27.08
N LEU C 788 -18.76 35.73 26.77
CA LEU C 788 -18.17 36.47 25.67
C LEU C 788 -18.81 36.13 24.34
N ASP C 789 -19.38 34.93 24.20
CA ASP C 789 -20.02 34.53 22.96
C ASP C 789 -21.40 35.18 22.83
N LYS C 790 -22.22 35.08 23.87
CA LYS C 790 -23.60 35.54 23.76
C LYS C 790 -23.68 37.04 23.52
N THR C 791 -22.87 37.83 24.24
CA THR C 791 -22.91 39.28 24.07
C THR C 791 -22.31 39.75 22.75
N TRP C 792 -21.63 38.87 22.02
CA TRP C 792 -20.91 39.29 20.82
C TRP C 792 -21.39 38.60 19.55
N VAL C 793 -21.89 37.37 19.64
CA VAL C 793 -22.42 36.65 18.48
C VAL C 793 -23.71 35.95 18.91
N ARG C 794 -24.53 35.61 17.91
CA ARG C 794 -25.82 34.97 18.11
C ARG C 794 -26.78 35.81 18.95
N TYR C 795 -26.54 37.12 19.02
CA TYR C 795 -27.38 38.03 19.78
C TYR C 795 -28.50 38.63 18.94
N GLN C 796 -28.51 38.38 17.64
CA GLN C 796 -29.53 38.90 16.74
C GLN C 796 -30.19 37.75 15.98
N GLU C 797 -31.51 37.85 15.80
CA GLU C 797 -32.25 36.83 15.09
C GLU C 797 -33.24 37.40 14.08
N CYS C 798 -33.22 38.70 13.83
CA CYS C 798 -34.19 39.36 12.96
C CYS C 798 -35.62 39.09 13.41
N LEU D 51 50.42 42.80 -19.21
CA LEU D 51 49.74 43.29 -20.41
C LEU D 51 49.51 42.17 -21.41
N ASN D 52 50.58 41.45 -21.74
CA ASN D 52 50.50 40.37 -22.71
C ASN D 52 49.77 39.17 -22.10
N VAL D 53 49.52 38.17 -22.95
CA VAL D 53 48.83 36.94 -22.54
C VAL D 53 49.78 35.78 -22.78
N ALA D 54 50.02 34.99 -21.73
CA ALA D 54 50.90 33.84 -21.82
C ALA D 54 50.09 32.58 -22.07
N LEU D 55 50.52 31.80 -23.06
CA LEU D 55 49.84 30.57 -23.45
C LEU D 55 50.74 29.38 -23.11
N VAL D 56 50.23 28.47 -22.27
CA VAL D 56 50.98 27.30 -21.82
C VAL D 56 50.15 26.07 -22.10
N PHE D 57 50.80 25.02 -22.62
CA PHE D 57 50.12 23.78 -22.97
C PHE D 57 50.98 22.60 -22.54
N SER D 58 50.35 21.60 -21.94
CA SER D 58 51.03 20.41 -21.47
C SER D 58 51.15 19.32 -22.53
N GLY D 59 50.60 19.55 -23.72
CA GLY D 59 50.66 18.58 -24.80
C GLY D 59 52.09 18.25 -25.20
N PRO D 60 52.39 16.96 -25.31
CA PRO D 60 53.75 16.56 -25.72
C PRO D 60 54.00 16.75 -27.21
N ALA D 61 52.99 16.45 -28.04
CA ALA D 61 53.14 16.52 -29.49
C ALA D 61 52.22 17.54 -30.13
N TYR D 62 50.91 17.47 -29.86
CA TYR D 62 49.98 18.37 -30.54
C TYR D 62 50.19 19.82 -30.13
N ALA D 63 50.72 20.05 -28.93
CA ALA D 63 50.97 21.42 -28.49
C ALA D 63 51.98 22.13 -29.37
N ALA D 64 52.88 21.38 -30.00
CA ALA D 64 53.84 22.01 -30.92
C ALA D 64 53.14 22.65 -32.10
N GLU D 65 52.27 21.89 -32.78
CA GLU D 65 51.50 22.46 -33.89
C GLU D 65 50.52 23.52 -33.41
N ALA D 66 49.95 23.33 -32.22
CA ALA D 66 49.05 24.34 -31.66
C ALA D 66 49.77 25.67 -31.48
N ALA D 67 50.98 25.64 -30.92
CA ALA D 67 51.76 26.86 -30.76
C ALA D 67 52.21 27.42 -32.10
N ARG D 68 52.51 26.55 -33.06
CA ARG D 68 52.89 27.01 -34.39
C ARG D 68 51.76 27.81 -35.03
N LEU D 69 50.53 27.32 -34.91
CA LEU D 69 49.37 28.04 -35.44
C LEU D 69 48.86 29.11 -34.49
N GLY D 70 49.39 29.18 -33.28
CA GLY D 70 48.96 30.12 -32.27
C GLY D 70 48.84 31.57 -32.69
N PRO D 71 49.98 32.20 -33.02
CA PRO D 71 49.97 33.67 -33.18
C PRO D 71 48.94 34.20 -34.16
N ALA D 72 48.73 33.50 -35.28
CA ALA D 72 47.73 33.95 -36.24
C ALA D 72 46.33 33.92 -35.64
N VAL D 73 45.99 32.84 -34.94
CA VAL D 73 44.67 32.74 -34.31
C VAL D 73 44.51 33.78 -33.22
N ALA D 74 45.56 33.97 -32.40
CA ALA D 74 45.50 34.95 -31.32
C ALA D 74 45.30 36.36 -31.86
N ALA D 75 46.02 36.71 -32.93
CA ALA D 75 45.83 38.01 -33.55
C ALA D 75 44.43 38.14 -34.16
N ALA D 76 43.94 37.05 -34.77
CA ALA D 76 42.64 37.09 -35.41
C ALA D 76 41.53 37.34 -34.39
N VAL D 77 41.60 36.69 -33.23
CA VAL D 77 40.57 36.84 -32.22
C VAL D 77 40.61 38.25 -31.62
N ASP D 83 40.78 46.12 -27.49
CA ASP D 83 42.06 45.71 -26.91
C ASP D 83 43.14 45.63 -27.98
N VAL D 84 44.37 45.96 -27.61
CA VAL D 84 45.50 45.95 -28.54
C VAL D 84 46.65 45.18 -27.91
N ARG D 85 46.38 44.49 -26.81
CA ARG D 85 47.44 43.81 -26.08
C ARG D 85 47.98 42.63 -26.88
N PRO D 86 49.29 42.34 -26.75
CA PRO D 86 49.89 41.26 -27.54
C PRO D 86 49.63 39.88 -26.97
N VAL D 87 50.24 38.86 -27.57
CA VAL D 87 50.08 37.47 -27.16
C VAL D 87 51.46 36.85 -26.95
N ALA D 88 51.46 35.58 -26.56
CA ALA D 88 52.69 34.83 -26.32
C ALA D 88 52.36 33.35 -26.35
N LEU D 89 53.41 32.53 -26.35
CA LEU D 89 53.23 31.07 -26.41
C LEU D 89 54.50 30.39 -25.91
N VAL D 90 54.39 29.67 -24.80
CA VAL D 90 55.48 28.87 -24.25
C VAL D 90 54.92 27.54 -23.77
N LEU D 91 55.56 26.44 -24.15
CA LEU D 91 55.08 25.12 -23.74
C LEU D 91 56.25 24.18 -23.56
N ASN D 92 56.19 23.38 -22.50
CA ASN D 92 57.17 22.34 -22.22
C ASN D 92 56.54 20.98 -21.97
N GLY D 93 55.37 20.93 -21.35
CA GLY D 93 54.71 19.66 -21.06
C GLY D 93 55.26 18.98 -19.82
N ASP D 95 53.77 16.84 -14.21
CA ASP D 95 55.11 17.06 -13.66
C ASP D 95 55.15 18.35 -12.85
N PRO D 96 54.79 18.27 -11.56
CA PRO D 96 54.77 19.49 -10.74
C PRO D 96 56.11 20.21 -10.70
N ARG D 97 57.22 19.46 -10.65
CA ARG D 97 58.54 20.07 -10.76
C ARG D 97 58.65 20.91 -12.03
N SER D 98 58.46 20.26 -13.18
CA SER D 98 58.56 20.95 -14.46
C SER D 98 57.52 22.05 -14.58
N LEU D 99 56.28 21.78 -14.17
CA LEU D 99 55.23 22.79 -14.27
C LEU D 99 55.60 24.06 -13.51
N VAL D 100 55.96 23.90 -12.23
CA VAL D 100 56.27 25.06 -11.39
C VAL D 100 57.48 25.80 -11.93
N LEU D 101 58.55 25.05 -12.27
CA LEU D 101 59.76 25.70 -12.75
C LEU D 101 59.51 26.48 -14.03
N GLN D 102 58.83 25.86 -14.99
CA GLN D 102 58.58 26.51 -16.27
C GLN D 102 57.67 27.72 -16.11
N LEU D 103 56.59 27.60 -15.32
CA LEU D 103 55.67 28.72 -15.18
C LEU D 103 56.34 29.87 -14.46
N CYS D 104 57.12 29.59 -13.41
CA CYS D 104 57.79 30.68 -12.70
C CYS D 104 58.82 31.36 -13.59
N ASP D 105 59.58 30.59 -14.37
CA ASP D 105 60.54 31.18 -15.29
C ASP D 105 59.83 32.05 -16.34
N LEU D 106 58.73 31.54 -16.90
CA LEU D 106 58.02 32.29 -17.93
C LEU D 106 57.45 33.60 -17.36
N LEU D 107 56.85 33.53 -16.18
CA LEU D 107 56.26 34.74 -15.60
C LEU D 107 57.32 35.73 -15.16
N SER D 108 58.49 35.25 -14.69
CA SER D 108 59.58 36.16 -14.36
C SER D 108 60.11 36.85 -15.62
N GLY D 109 60.38 36.06 -16.67
CA GLY D 109 60.93 36.64 -17.89
C GLY D 109 59.94 37.53 -18.62
N LEU D 110 58.68 37.12 -18.69
CA LEU D 110 57.67 37.82 -19.48
C LEU D 110 56.66 38.50 -18.56
N ARG D 111 56.47 39.80 -18.76
CA ARG D 111 55.45 40.55 -18.04
C ARG D 111 54.13 40.40 -18.77
N VAL D 112 53.18 39.70 -18.14
CA VAL D 112 51.91 39.37 -18.77
C VAL D 112 50.77 39.77 -17.86
N HIS D 113 49.58 39.92 -18.45
CA HIS D 113 48.37 40.28 -17.71
C HIS D 113 47.61 39.03 -17.25
N GLY D 114 47.20 38.19 -18.20
CA GLY D 114 46.51 36.96 -17.88
C GLY D 114 47.14 35.80 -18.64
N VAL D 115 46.90 34.61 -18.10
CA VAL D 115 47.51 33.39 -18.63
C VAL D 115 46.44 32.34 -18.87
N VAL D 116 46.51 31.68 -20.02
CA VAL D 116 45.56 30.66 -20.43
C VAL D 116 46.31 29.34 -20.59
N PHE D 117 45.81 28.30 -19.94
CA PHE D 117 46.39 26.96 -20.02
C PHE D 117 45.38 26.03 -20.65
N GLU D 118 45.80 25.30 -21.69
CA GLU D 118 44.92 24.41 -22.44
C GLU D 118 45.54 23.03 -22.52
N ASP D 119 44.77 22.02 -22.10
CA ASP D 119 45.19 20.63 -22.16
C ASP D 119 44.00 19.76 -21.81
N ASP D 120 43.88 18.62 -22.50
CA ASP D 120 42.88 17.61 -22.18
C ASP D 120 43.61 16.29 -21.95
N SER D 121 44.13 16.11 -20.74
CA SER D 121 44.83 14.89 -20.36
C SER D 121 45.06 14.89 -18.85
N ARG D 122 44.69 13.78 -18.18
CA ARG D 122 44.86 13.62 -16.75
C ARG D 122 44.25 14.80 -15.99
N ALA D 123 42.93 14.90 -16.12
CA ALA D 123 42.20 16.06 -15.59
C ALA D 123 42.33 16.25 -14.08
N PRO D 124 42.15 15.22 -13.22
CA PRO D 124 42.01 15.51 -11.79
C PRO D 124 43.32 15.82 -11.06
N ALA D 125 44.39 16.11 -11.79
CA ALA D 125 45.69 16.33 -11.18
C ALA D 125 46.19 17.76 -11.29
N VAL D 126 46.11 18.37 -12.48
CA VAL D 126 46.77 19.65 -12.71
C VAL D 126 46.08 20.78 -11.96
N ALA D 127 44.74 20.76 -11.92
CA ALA D 127 43.97 21.91 -11.45
C ALA D 127 44.37 22.44 -10.08
N PRO D 128 44.53 21.61 -9.04
CA PRO D 128 44.85 22.20 -7.72
C PRO D 128 46.15 22.97 -7.67
N ILE D 129 47.25 22.38 -8.19
CA ILE D 129 48.54 23.06 -8.10
C ILE D 129 48.56 24.30 -8.99
N LEU D 130 47.91 24.23 -10.16
CA LEU D 130 47.81 25.42 -11.00
C LEU D 130 47.05 26.54 -10.29
N ASP D 131 45.94 26.19 -9.63
CA ASP D 131 45.18 27.19 -8.87
C ASP D 131 46.01 27.77 -7.74
N PHE D 132 46.79 26.91 -7.06
CA PHE D 132 47.66 27.40 -6.00
C PHE D 132 48.71 28.36 -6.53
N LEU D 133 49.32 28.04 -7.68
CA LEU D 133 50.29 28.94 -8.28
C LEU D 133 49.66 30.27 -8.64
N SER D 134 48.46 30.24 -9.21
CA SER D 134 47.76 31.48 -9.55
C SER D 134 47.47 32.30 -8.31
N ALA D 135 47.00 31.65 -7.24
CA ALA D 135 46.72 32.36 -6.00
C ALA D 135 47.97 32.97 -5.41
N GLN D 136 49.08 32.23 -5.43
CA GLN D 136 50.34 32.73 -4.90
C GLN D 136 50.82 33.95 -5.69
N THR D 137 50.69 33.89 -7.02
CA THR D 137 51.09 35.03 -7.85
C THR D 137 50.01 36.10 -7.94
N SER D 138 48.75 35.74 -7.68
CA SER D 138 47.62 36.65 -7.84
C SER D 138 47.51 37.14 -9.29
N LEU D 139 47.44 36.18 -10.21
CA LEU D 139 47.26 36.43 -11.64
C LEU D 139 46.05 35.66 -12.17
N PRO D 140 45.38 36.18 -13.19
CA PRO D 140 44.21 35.48 -13.75
C PRO D 140 44.63 34.34 -14.67
N ILE D 141 44.45 33.11 -14.18
CA ILE D 141 44.60 31.91 -14.98
C ILE D 141 43.23 31.51 -15.53
N VAL D 142 43.22 30.98 -16.74
CA VAL D 142 42.02 30.40 -17.33
C VAL D 142 42.40 29.03 -17.90
N ALA D 143 41.76 27.98 -17.40
CA ALA D 143 41.98 26.64 -17.91
C ALA D 143 40.90 26.33 -18.95
N VAL D 144 41.32 25.75 -20.07
CA VAL D 144 40.41 25.50 -21.19
C VAL D 144 40.62 24.10 -21.72
N HIS D 145 39.61 23.64 -22.48
CA HIS D 145 39.66 22.37 -23.20
C HIS D 145 39.85 21.19 -22.25
N GLY D 146 38.97 21.12 -21.26
CA GLY D 146 39.02 20.01 -20.33
C GLY D 146 40.28 20.05 -19.47
N GLY D 147 40.63 18.87 -18.95
CA GLY D 147 41.81 18.74 -18.13
C GLY D 147 41.70 19.49 -16.82
N ALA D 148 42.46 20.57 -16.68
CA ALA D 148 42.42 21.36 -15.45
C ALA D 148 41.04 21.96 -15.23
N ALA D 149 40.43 22.50 -16.28
CA ALA D 149 39.12 23.13 -16.15
C ALA D 149 38.03 22.13 -15.81
N LEU D 150 38.24 20.84 -16.07
CA LEU D 150 37.21 19.84 -15.82
C LEU D 150 36.93 19.72 -14.33
N VAL D 151 37.98 19.77 -13.51
CA VAL D 151 37.82 19.64 -12.06
C VAL D 151 37.32 20.97 -11.50
N LEU D 152 36.24 20.90 -10.71
CA LEU D 152 35.67 22.06 -10.03
C LEU D 152 35.71 21.82 -8.54
N THR D 153 36.28 22.77 -7.80
CA THR D 153 36.43 22.68 -6.36
C THR D 153 36.15 24.03 -5.74
N PRO D 154 35.73 24.08 -4.48
CA PRO D 154 35.64 25.37 -3.78
C PRO D 154 37.00 26.04 -3.72
N LYS D 155 37.00 27.36 -3.91
CA LYS D 155 38.23 28.10 -4.10
C LYS D 155 38.80 28.58 -2.76
N GLU D 156 39.80 29.44 -2.83
CA GLU D 156 40.52 29.94 -1.66
C GLU D 156 40.35 31.45 -1.56
N LYS D 157 41.09 32.07 -0.64
CA LYS D 157 40.93 33.50 -0.38
C LYS D 157 41.34 34.32 -1.61
N GLY D 158 42.61 34.25 -1.98
CA GLY D 158 43.12 34.99 -3.13
C GLY D 158 43.04 34.26 -4.44
N SER D 159 42.40 33.08 -4.47
CA SER D 159 42.38 32.26 -5.68
C SER D 159 41.57 32.94 -6.77
N THR D 160 42.06 32.78 -8.01
CA THR D 160 41.32 33.21 -9.21
C THR D 160 41.68 32.23 -10.31
N PHE D 161 40.85 31.19 -10.46
CA PHE D 161 41.16 30.09 -11.36
C PHE D 161 40.37 30.12 -12.66
N LEU D 162 39.14 30.62 -12.63
CA LEU D 162 38.31 30.79 -13.82
C LEU D 162 38.20 29.48 -14.61
N GLN D 163 37.86 28.41 -13.89
CA GLN D 163 37.68 27.11 -14.52
C GLN D 163 36.53 27.17 -15.52
N LEU D 164 36.76 26.64 -16.72
CA LEU D 164 35.81 26.70 -17.80
C LEU D 164 34.93 25.46 -17.91
N GLY D 165 35.05 24.53 -16.96
CA GLY D 165 34.24 23.33 -17.00
C GLY D 165 32.80 23.58 -16.59
N SER D 166 32.11 22.51 -16.19
CA SER D 166 30.72 22.60 -15.78
C SER D 166 30.55 21.95 -14.41
N SER D 167 29.90 22.64 -13.49
CA SER D 167 29.67 22.12 -12.16
C SER D 167 28.70 20.94 -12.21
N THR D 168 28.86 20.02 -11.26
CA THR D 168 27.96 18.87 -11.20
C THR D 168 26.52 19.31 -10.95
N GLU D 169 26.33 20.43 -10.26
CA GLU D 169 24.98 20.94 -10.06
C GLU D 169 24.32 21.29 -11.38
N GLN D 170 25.04 21.97 -12.27
CA GLN D 170 24.50 22.28 -13.59
C GLN D 170 24.25 21.01 -14.39
N GLN D 171 25.15 20.03 -14.28
CA GLN D 171 24.97 18.77 -14.96
C GLN D 171 23.68 18.08 -14.52
N LEU D 172 23.45 18.03 -13.21
CA LEU D 172 22.24 17.40 -12.70
C LEU D 172 21.00 18.19 -13.10
N GLN D 173 21.08 19.53 -13.09
CA GLN D 173 19.95 20.34 -13.53
C GLN D 173 19.59 20.03 -14.98
N VAL D 174 20.60 19.95 -15.85
CA VAL D 174 20.34 19.65 -17.26
C VAL D 174 19.79 18.24 -17.42
N ILE D 175 20.35 17.27 -16.70
CA ILE D 175 19.88 15.90 -16.80
C ILE D 175 18.42 15.80 -16.36
N PHE D 176 18.07 16.49 -15.28
CA PHE D 176 16.69 16.45 -14.80
C PHE D 176 15.75 17.22 -15.73
N GLU D 177 16.25 18.27 -16.41
CA GLU D 177 15.46 18.91 -17.44
C GLU D 177 15.19 17.97 -18.60
N VAL D 178 16.19 17.17 -18.98
CA VAL D 178 15.97 16.13 -19.99
C VAL D 178 14.97 15.11 -19.47
N LEU D 179 15.10 14.73 -18.21
CA LEU D 179 14.05 13.96 -17.55
C LEU D 179 12.81 14.84 -17.38
N GLU D 180 11.75 14.23 -16.83
CA GLU D 180 10.42 14.85 -16.77
C GLU D 180 9.90 15.11 -18.19
N GLU D 181 10.68 14.65 -19.18
CA GLU D 181 10.29 14.61 -20.57
C GLU D 181 10.45 13.22 -21.16
N TYR D 182 11.26 12.37 -20.55
CA TYR D 182 11.43 10.98 -20.93
C TYR D 182 10.90 10.05 -19.85
N ASP D 183 11.40 10.17 -18.62
CA ASP D 183 10.87 9.45 -17.47
C ASP D 183 10.58 10.43 -16.34
N TRP D 184 9.48 10.21 -15.64
CA TRP D 184 9.15 11.00 -14.46
C TRP D 184 9.90 10.54 -13.22
N THR D 185 10.53 9.37 -13.26
CA THR D 185 11.20 8.80 -12.09
C THR D 185 12.72 8.85 -12.27
N SER D 186 13.40 9.37 -11.26
CA SER D 186 14.86 9.23 -11.12
C SER D 186 15.17 8.01 -10.26
N PHE D 187 14.82 6.85 -10.80
CA PHE D 187 14.59 5.67 -9.97
C PHE D 187 15.85 5.24 -9.22
N VAL D 188 16.96 5.04 -9.93
CA VAL D 188 18.18 4.53 -9.33
C VAL D 188 19.22 5.63 -9.32
N ALA D 189 19.72 5.96 -8.13
CA ALA D 189 20.82 6.91 -7.98
C ALA D 189 21.98 6.19 -7.31
N VAL D 190 23.01 5.84 -8.08
CA VAL D 190 24.12 5.05 -7.57
C VAL D 190 25.39 5.89 -7.59
N THR D 191 26.15 5.81 -6.49
CA THR D 191 27.38 6.56 -6.32
C THR D 191 28.51 5.60 -5.94
N THR D 192 29.74 6.01 -6.23
CA THR D 192 30.92 5.21 -5.99
C THR D 192 31.69 5.65 -4.74
N ARG D 193 31.05 6.43 -3.86
CA ARG D 193 31.71 7.00 -2.69
C ARG D 193 32.86 7.91 -3.10
N ALA D 194 32.66 8.65 -4.18
CA ALA D 194 33.62 9.63 -4.67
C ALA D 194 33.62 10.87 -3.79
N PRO D 195 34.65 11.72 -3.91
CA PRO D 195 34.68 12.94 -3.08
C PRO D 195 33.45 13.80 -3.20
N GLY D 196 32.86 13.91 -4.38
CA GLY D 196 31.69 14.73 -4.60
C GLY D 196 30.35 14.06 -4.36
N HIS D 197 30.35 12.85 -3.80
CA HIS D 197 29.11 12.09 -3.66
C HIS D 197 28.15 12.76 -2.68
N ARG D 198 28.67 13.36 -1.60
CA ARG D 198 27.79 13.98 -0.61
C ARG D 198 27.01 15.14 -1.21
N ALA D 199 27.72 16.06 -1.87
CA ALA D 199 27.04 17.15 -2.56
C ALA D 199 26.12 16.63 -3.67
N PHE D 200 26.50 15.53 -4.30
CA PHE D 200 25.66 14.91 -5.32
C PHE D 200 24.31 14.51 -4.75
N LEU D 201 24.32 13.76 -3.64
CA LEU D 201 23.07 13.34 -3.01
C LEU D 201 22.30 14.54 -2.48
N SER D 202 23.00 15.54 -1.93
CA SER D 202 22.33 16.73 -1.43
C SER D 202 21.58 17.44 -2.56
N TYR D 203 22.24 17.59 -3.72
CA TYR D 203 21.58 18.25 -4.85
C TYR D 203 20.42 17.42 -5.38
N ILE D 204 20.56 16.10 -5.39
CA ILE D 204 19.46 15.23 -5.79
C ILE D 204 18.25 15.44 -4.88
N GLU D 205 18.49 15.47 -3.57
CA GLU D 205 17.40 15.72 -2.64
C GLU D 205 16.82 17.12 -2.80
N VAL D 206 17.66 18.10 -3.17
CA VAL D 206 17.17 19.46 -3.40
C VAL D 206 16.22 19.49 -4.59
N LEU D 207 16.60 18.83 -5.69
CA LEU D 207 15.80 18.89 -6.91
C LEU D 207 14.65 17.89 -6.94
N THR D 208 14.54 17.01 -5.95
CA THR D 208 13.48 16.01 -5.95
C THR D 208 12.22 16.49 -5.25
N ASP D 209 12.25 17.65 -4.59
CA ASP D 209 11.07 18.16 -3.91
C ASP D 209 10.15 18.88 -4.89
N GLY D 210 8.89 19.01 -4.47
CA GLY D 210 7.90 19.71 -5.26
C GLY D 210 7.39 18.91 -6.44
N SER D 211 6.75 19.63 -7.36
CA SER D 211 6.15 19.06 -8.57
C SER D 211 5.16 17.94 -8.22
N VAL D 213 8.95 14.40 -8.14
CA VAL D 213 9.23 13.42 -9.18
C VAL D 213 9.20 12.02 -8.59
N GLY D 214 8.96 11.02 -9.43
CA GLY D 214 9.09 9.65 -9.00
C GLY D 214 10.52 9.32 -8.63
N TRP D 215 10.68 8.37 -7.71
CA TRP D 215 12.00 8.10 -7.18
C TRP D 215 11.95 6.78 -6.42
N GLU D 216 12.94 5.92 -6.67
CA GLU D 216 12.92 4.56 -6.14
C GLU D 216 13.99 4.32 -5.07
N HIS D 217 15.26 4.53 -5.38
CA HIS D 217 16.28 4.25 -4.38
C HIS D 217 17.60 4.89 -4.78
N ARG D 218 18.47 5.04 -3.78
CA ARG D 218 19.84 5.52 -3.94
C ARG D 218 20.77 4.59 -3.17
N GLY D 219 21.90 4.26 -3.79
CA GLY D 219 22.84 3.34 -3.19
C GLY D 219 24.27 3.71 -3.52
N ALA D 220 25.18 3.14 -2.74
CA ALA D 220 26.61 3.33 -2.94
C ALA D 220 27.28 1.98 -3.15
N LEU D 221 28.16 1.90 -4.13
CA LEU D 221 28.88 0.69 -4.47
C LEU D 221 30.34 0.83 -4.08
N THR D 222 30.88 -0.19 -3.43
CA THR D 222 32.27 -0.16 -2.94
C THR D 222 33.19 -0.57 -4.09
N LEU D 223 33.53 0.41 -4.91
CA LEU D 223 34.43 0.19 -6.05
C LEU D 223 35.03 1.51 -6.53
N GLY D 228 34.54 -8.30 -3.79
CA GLY D 228 34.22 -9.05 -4.99
C GLY D 228 33.16 -8.38 -5.84
N GLU D 229 33.29 -8.50 -7.16
CA GLU D 229 32.32 -7.87 -8.06
C GLU D 229 30.94 -8.51 -7.92
N ALA D 230 30.87 -9.77 -7.50
CA ALA D 230 29.58 -10.41 -7.31
C ALA D 230 28.78 -9.75 -6.20
N VAL D 231 29.44 -9.40 -5.09
CA VAL D 231 28.74 -8.79 -3.96
C VAL D 231 28.17 -7.44 -4.37
N LEU D 232 28.98 -6.59 -5.00
CA LEU D 232 28.50 -5.28 -5.41
C LEU D 232 27.47 -5.37 -6.52
N SER D 233 27.59 -6.36 -7.40
CA SER D 233 26.58 -6.56 -8.44
C SER D 233 25.25 -6.96 -7.82
N ALA D 234 25.27 -7.85 -6.82
CA ALA D 234 24.05 -8.24 -6.14
C ALA D 234 23.43 -7.05 -5.40
N GLN D 235 24.27 -6.24 -4.75
CA GLN D 235 23.76 -5.06 -4.08
C GLN D 235 23.14 -4.07 -5.07
N LEU D 236 23.78 -3.91 -6.24
CA LEU D 236 23.26 -3.01 -7.27
C LEU D 236 21.92 -3.51 -7.80
N ARG D 237 21.82 -4.81 -8.08
CA ARG D 237 20.58 -5.39 -8.60
C ARG D 237 19.51 -5.51 -7.52
N SER D 238 19.86 -5.29 -6.25
CA SER D 238 18.87 -5.38 -5.19
C SER D 238 17.81 -4.29 -5.29
N VAL D 239 18.06 -3.26 -6.10
CA VAL D 239 17.09 -2.18 -6.34
C VAL D 239 16.60 -2.32 -7.76
N SER D 240 15.29 -2.43 -7.92
CA SER D 240 14.67 -2.56 -9.23
C SER D 240 14.37 -1.18 -9.80
N ALA D 241 14.97 -0.87 -10.95
CA ALA D 241 14.84 0.46 -11.53
C ALA D 241 15.27 0.46 -12.99
N GLN D 242 14.40 0.94 -13.88
CA GLN D 242 14.76 0.99 -15.30
C GLN D 242 15.83 2.03 -15.57
N ILE D 243 15.76 3.18 -14.89
CA ILE D 243 16.67 4.29 -15.14
C ILE D 243 17.63 4.39 -13.97
N ARG D 244 18.93 4.36 -14.27
CA ARG D 244 19.98 4.47 -13.27
C ARG D 244 20.92 5.59 -13.67
N LEU D 245 21.24 6.46 -12.72
CA LEU D 245 22.23 7.51 -12.91
C LEU D 245 23.37 7.27 -11.93
N LEU D 246 24.59 7.24 -12.46
CA LEU D 246 25.77 6.83 -11.72
C LEU D 246 26.76 7.97 -11.61
N PHE D 247 27.35 8.11 -10.42
CA PHE D 247 28.38 9.12 -10.17
C PHE D 247 29.68 8.39 -9.85
N CYS D 248 30.61 8.39 -10.81
CA CYS D 248 31.86 7.67 -10.62
C CYS D 248 32.93 8.22 -11.55
N ALA D 249 34.18 7.90 -11.23
CA ALA D 249 35.32 8.22 -12.06
C ALA D 249 35.64 7.03 -12.97
N ARG D 250 36.48 7.28 -13.97
CA ARG D 250 36.74 6.30 -15.02
C ARG D 250 37.30 5.00 -14.45
N GLU D 251 38.31 5.12 -13.57
CA GLU D 251 38.93 3.95 -12.98
C GLU D 251 37.94 3.12 -12.18
N GLU D 252 36.90 3.75 -11.66
CA GLU D 252 35.78 3.03 -11.06
C GLU D 252 34.66 2.79 -12.06
N ALA D 253 34.57 3.60 -13.12
CA ALA D 253 33.49 3.44 -14.10
C ALA D 253 33.61 2.10 -14.83
N GLU D 254 34.83 1.75 -15.26
CA GLU D 254 34.98 0.52 -16.04
C GLU D 254 34.62 -0.74 -15.26
N PRO D 255 35.15 -0.97 -14.04
CA PRO D 255 34.73 -2.17 -13.30
C PRO D 255 33.24 -2.20 -12.98
N VAL D 256 32.65 -1.03 -12.70
CA VAL D 256 31.22 -0.99 -12.46
C VAL D 256 30.44 -1.39 -13.69
N PHE D 257 30.88 -0.93 -14.87
CA PHE D 257 30.23 -1.34 -16.12
C PHE D 257 30.36 -2.84 -16.33
N ARG D 258 31.54 -3.40 -16.09
CA ARG D 258 31.71 -4.84 -16.25
C ARG D 258 30.82 -5.62 -15.29
N ALA D 259 30.75 -5.17 -14.04
CA ALA D 259 29.90 -5.85 -13.06
C ALA D 259 28.43 -5.76 -13.42
N ALA D 260 28.00 -4.60 -13.93
CA ALA D 260 26.62 -4.45 -14.36
C ALA D 260 26.32 -5.36 -15.55
N GLU D 261 27.27 -5.48 -16.49
CA GLU D 261 27.09 -6.39 -17.61
C GLU D 261 26.96 -7.83 -17.12
N GLU D 262 27.79 -8.20 -16.13
CA GLU D 262 27.65 -9.52 -15.52
C GLU D 262 26.34 -9.68 -14.75
N ALA D 263 25.74 -8.57 -14.31
CA ALA D 263 24.49 -8.60 -13.59
C ALA D 263 23.27 -8.47 -14.50
N GLY D 264 23.47 -8.30 -15.80
CA GLY D 264 22.37 -8.27 -16.75
C GLY D 264 21.61 -6.97 -16.83
N LEU D 265 22.14 -5.87 -16.29
CA LEU D 265 21.48 -4.58 -16.33
C LEU D 265 21.93 -3.72 -17.49
N THR D 266 22.82 -4.22 -18.35
CA THR D 266 23.36 -3.44 -19.46
C THR D 266 22.57 -3.62 -20.75
N GLY D 267 21.45 -4.31 -20.70
CA GLY D 267 20.62 -4.47 -21.88
C GLY D 267 19.95 -3.17 -22.27
N SER D 268 19.36 -3.17 -23.47
CA SER D 268 18.73 -1.98 -24.01
C SER D 268 17.53 -1.52 -23.20
N GLY D 269 16.99 -2.37 -22.31
CA GLY D 269 15.88 -1.94 -21.48
C GLY D 269 16.25 -0.82 -20.53
N TYR D 270 17.44 -0.90 -19.95
CA TYR D 270 17.89 0.11 -18.99
C TYR D 270 18.68 1.21 -19.67
N VAL D 271 18.69 2.38 -19.04
CA VAL D 271 19.43 3.54 -19.53
C VAL D 271 20.27 4.08 -18.38
N TRP D 272 21.56 4.30 -18.64
CA TRP D 272 22.49 4.84 -17.67
C TRP D 272 22.78 6.30 -17.99
N PHE D 273 22.62 7.16 -17.00
CA PHE D 273 22.92 8.59 -17.13
C PHE D 273 24.15 8.88 -16.26
N MET D 274 25.33 8.68 -16.84
CA MET D 274 26.58 8.90 -16.11
C MET D 274 26.85 10.40 -16.03
N VAL D 275 27.04 10.89 -14.81
CA VAL D 275 27.24 12.32 -14.57
C VAL D 275 28.57 12.62 -13.91
N GLY D 276 29.36 11.61 -13.55
CA GLY D 276 30.64 11.82 -12.90
C GLY D 276 31.59 12.61 -13.79
N PRO D 277 32.52 13.34 -13.16
CA PRO D 277 33.40 14.21 -13.96
C PRO D 277 34.38 13.41 -14.79
N GLN D 278 34.11 13.34 -16.09
CA GLN D 278 34.92 12.59 -17.04
C GLN D 278 34.38 12.86 -18.44
N LEU D 279 35.23 12.66 -19.43
CA LEU D 279 34.86 12.85 -20.84
C LEU D 279 34.33 14.26 -21.10
N PRO D 299 31.11 -4.92 -23.09
CA PRO D 299 31.75 -4.29 -21.94
C PRO D 299 31.18 -2.90 -21.64
N LEU D 300 30.35 -2.40 -22.56
CA LEU D 300 29.75 -1.09 -22.43
C LEU D 300 28.22 -1.22 -22.50
N PRO D 301 27.49 -0.62 -21.57
CA PRO D 301 26.02 -0.71 -21.62
C PRO D 301 25.47 0.03 -22.83
N ALA D 302 24.18 -0.21 -23.08
CA ALA D 302 23.47 0.41 -24.19
C ALA D 302 22.55 1.48 -23.63
N GLY D 303 22.84 2.74 -23.97
CA GLY D 303 22.02 3.84 -23.53
C GLY D 303 22.71 4.80 -22.58
N LEU D 304 24.03 4.90 -22.68
CA LEU D 304 24.76 5.85 -21.87
C LEU D 304 24.38 7.28 -22.25
N PHE D 305 24.17 8.11 -21.23
CA PHE D 305 23.84 9.51 -21.43
C PHE D 305 24.70 10.35 -20.51
N ALA D 306 25.27 11.43 -21.05
CA ALA D 306 26.10 12.33 -20.28
C ALA D 306 25.88 13.75 -20.80
N VAL D 307 26.55 14.70 -20.17
CA VAL D 307 26.41 16.11 -20.53
C VAL D 307 27.79 16.75 -20.57
N ARG D 308 28.00 17.67 -21.51
CA ARG D 308 29.25 18.40 -21.63
C ARG D 308 28.93 19.83 -22.07
N SER D 309 29.97 20.67 -22.12
CA SER D 309 29.78 22.05 -22.53
C SER D 309 29.81 22.19 -24.05
N ALA D 310 30.97 21.91 -24.66
CA ALA D 310 31.17 22.06 -26.09
C ALA D 310 32.54 21.54 -26.48
N GLY D 311 32.87 21.60 -27.79
CA GLY D 311 34.18 21.24 -28.27
C GLY D 311 34.13 20.09 -29.25
N TRP D 312 35.20 19.30 -29.25
CA TRP D 312 35.39 18.15 -30.15
C TRP D 312 34.88 18.41 -31.57
N ASP D 315 36.80 22.24 -30.83
CA ASP D 315 38.04 22.66 -31.49
C ASP D 315 38.99 23.31 -30.49
N LEU D 316 40.27 22.95 -30.58
CA LEU D 316 41.27 23.55 -29.70
C LEU D 316 41.52 25.01 -30.06
N ALA D 317 41.55 25.32 -31.36
CA ALA D 317 41.77 26.70 -31.78
C ALA D 317 40.61 27.60 -31.34
N ARG D 318 39.37 27.11 -31.49
CA ARG D 318 38.23 27.90 -31.05
C ARG D 318 38.23 28.08 -29.54
N ARG D 319 38.61 27.04 -28.80
CA ARG D 319 38.70 27.15 -27.35
C ARG D 319 39.74 28.19 -26.95
N VAL D 320 40.90 28.18 -27.60
CA VAL D 320 41.94 29.16 -27.31
C VAL D 320 41.44 30.56 -27.64
N ALA D 321 40.74 30.71 -28.77
CA ALA D 321 40.21 32.02 -29.14
C ALA D 321 39.22 32.53 -28.10
N ALA D 322 38.33 31.65 -27.63
CA ALA D 322 37.37 32.05 -26.62
C ALA D 322 38.07 32.43 -25.32
N GLY D 323 39.08 31.66 -24.92
CA GLY D 323 39.78 31.96 -23.68
C GLY D 323 40.51 33.30 -23.76
N VAL D 324 41.22 33.54 -24.86
CA VAL D 324 41.94 34.80 -24.99
C VAL D 324 40.97 35.96 -25.12
N ALA D 325 39.82 35.75 -25.77
CA ALA D 325 38.81 36.82 -25.83
C ALA D 325 38.29 37.16 -24.45
N VAL D 326 38.00 36.15 -23.63
CA VAL D 326 37.53 36.40 -22.27
C VAL D 326 38.60 37.13 -21.47
N VAL D 327 39.86 36.69 -21.59
CA VAL D 327 40.94 37.33 -20.85
C VAL D 327 41.10 38.79 -21.27
N ALA D 328 41.04 39.05 -22.59
CA ALA D 328 41.18 40.42 -23.08
C ALA D 328 40.01 41.29 -22.62
N ARG D 329 38.79 40.76 -22.64
CA ARG D 329 37.64 41.53 -22.17
C ARG D 329 37.77 41.85 -20.69
N GLY D 330 38.21 40.88 -19.88
CA GLY D 330 38.41 41.14 -18.47
C GLY D 330 39.50 42.18 -18.22
N ALA D 331 40.61 42.08 -18.96
CA ALA D 331 41.69 43.06 -18.81
C ALA D 331 41.24 44.45 -19.22
N GLN D 332 40.48 44.56 -20.30
CA GLN D 332 39.99 45.87 -20.74
C GLN D 332 39.02 46.44 -19.71
N ALA D 333 38.15 45.60 -19.14
CA ALA D 333 37.26 46.08 -18.09
C ALA D 333 38.05 46.56 -16.88
N LEU D 334 39.10 45.81 -16.51
CA LEU D 334 39.93 46.22 -15.38
C LEU D 334 40.61 47.56 -15.64
N LEU D 335 41.16 47.73 -16.84
CA LEU D 335 41.83 48.99 -17.17
C LEU D 335 40.85 50.14 -17.29
N ARG D 336 39.59 49.86 -17.65
CA ARG D 336 38.58 50.90 -17.68
C ARG D 336 38.15 51.29 -16.27
N ASP D 337 38.08 50.32 -15.36
CA ASP D 337 37.61 50.61 -14.01
C ASP D 337 38.61 51.44 -13.23
N TYR D 338 39.89 51.06 -13.27
CA TYR D 338 40.89 51.77 -12.50
C TYR D 338 42.06 52.28 -13.34
N GLY D 339 42.53 51.49 -14.30
CA GLY D 339 43.61 51.92 -15.16
C GLY D 339 45.00 51.65 -14.58
N PHE D 340 45.28 50.39 -14.26
CA PHE D 340 46.57 50.01 -13.71
C PHE D 340 46.96 48.63 -14.21
N LEU D 341 48.26 48.35 -14.18
CA LEU D 341 48.76 47.08 -14.67
C LEU D 341 48.28 45.94 -13.77
N PRO D 342 47.93 44.79 -14.34
CA PRO D 342 47.22 43.77 -13.55
C PRO D 342 48.09 43.04 -12.54
N GLU D 343 49.32 42.67 -12.91
CA GLU D 343 50.16 41.88 -12.01
C GLU D 343 50.53 42.67 -10.77
N LEU D 344 50.74 41.94 -9.66
CA LEU D 344 51.24 42.52 -8.41
C LEU D 344 52.48 41.73 -8.01
N GLY D 345 53.62 42.07 -8.60
CA GLY D 345 54.89 41.44 -8.29
C GLY D 345 54.84 39.93 -8.19
N HIS D 346 55.09 39.42 -6.98
CA HIS D 346 54.94 38.01 -6.65
C HIS D 346 55.78 37.12 -7.56
N ASP D 347 56.99 37.57 -7.87
CA ASP D 347 57.98 36.72 -8.50
C ASP D 347 58.88 36.06 -7.46
N CYS D 348 59.33 36.83 -6.47
CA CYS D 348 60.09 36.32 -5.33
C CYS D 348 59.61 37.12 -4.11
N ARG D 349 58.61 36.58 -3.42
CA ARG D 349 58.02 37.28 -2.29
C ARG D 349 59.02 37.40 -1.14
N ALA D 350 58.99 38.54 -0.46
CA ALA D 350 59.88 38.78 0.67
C ALA D 350 59.31 39.86 1.59
N SER D 359 42.30 37.37 -5.48
CA SER D 359 41.13 38.06 -4.98
C SER D 359 40.61 39.07 -6.01
N LEU D 360 40.45 38.61 -7.25
CA LEU D 360 39.96 39.47 -8.31
C LEU D 360 38.93 38.77 -9.20
N HIS D 361 38.39 37.63 -8.76
CA HIS D 361 37.43 36.89 -9.58
C HIS D 361 36.04 37.49 -9.46
N ARG D 362 35.94 38.80 -9.72
CA ARG D 362 34.65 39.48 -9.70
C ARG D 362 34.40 40.32 -10.95
N TYR D 363 35.42 40.54 -11.80
CA TYR D 363 35.27 41.29 -13.03
C TYR D 363 35.03 40.37 -14.23
N PHE D 364 34.63 39.13 -13.98
CA PHE D 364 34.33 38.16 -15.04
C PHE D 364 35.52 37.95 -15.96
N ASN D 366 29.56 39.70 -17.10
CA ASN D 366 28.96 40.27 -18.29
C ASN D 366 29.87 40.11 -19.50
N ILE D 367 30.06 38.87 -19.94
CA ILE D 367 30.90 38.53 -21.07
C ILE D 367 30.07 37.78 -22.09
N THR D 368 30.17 38.19 -23.35
CA THR D 368 29.48 37.53 -24.45
C THR D 368 30.48 37.24 -25.57
N TRP D 369 30.40 36.03 -26.12
CA TRP D 369 31.31 35.61 -27.18
C TRP D 369 30.80 34.32 -27.80
N ASP D 370 30.91 34.23 -29.13
CA ASP D 370 30.56 33.02 -29.88
C ASP D 370 29.12 32.59 -29.62
N ASN D 371 28.23 33.57 -29.44
CA ASN D 371 26.81 33.33 -29.22
C ASN D 371 26.57 32.41 -28.01
N ARG D 372 27.39 32.59 -26.98
CA ARG D 372 27.29 31.81 -25.75
C ARG D 372 27.60 32.70 -24.56
N ASP D 373 26.92 32.44 -23.45
CA ASP D 373 27.16 33.19 -22.23
C ASP D 373 28.52 32.84 -21.64
N TYR D 374 29.21 33.84 -21.12
CA TYR D 374 30.53 33.62 -20.53
C TYR D 374 30.70 34.36 -19.21
N SER D 375 29.61 34.73 -18.55
CA SER D 375 29.71 35.31 -17.22
C SER D 375 30.10 34.24 -16.20
N PHE D 376 30.64 34.70 -15.08
CA PHE D 376 31.19 33.80 -14.07
C PHE D 376 30.66 34.17 -12.69
N ASN D 377 30.62 33.17 -11.81
CA ASN D 377 30.21 33.36 -10.43
C ASN D 377 31.43 33.63 -9.56
N GLU D 378 31.22 33.72 -8.24
CA GLU D 378 32.33 33.95 -7.32
C GLU D 378 33.33 32.80 -7.35
N ASP D 379 32.84 31.56 -7.42
CA ASP D 379 33.72 30.40 -7.42
C ASP D 379 34.49 30.24 -8.72
N GLY D 380 34.17 31.01 -9.76
CA GLY D 380 34.93 30.96 -10.99
C GLY D 380 34.46 29.94 -12.00
N PHE D 381 33.22 29.48 -11.91
CA PHE D 381 32.66 28.55 -12.88
C PHE D 381 31.60 29.25 -13.73
N LEU D 382 31.36 28.72 -14.92
CA LEU D 382 30.47 29.36 -15.86
C LEU D 382 29.04 29.41 -15.34
N VAL D 383 28.36 30.53 -15.59
CA VAL D 383 26.99 30.75 -15.16
C VAL D 383 26.11 30.79 -16.40
N ASN D 384 25.02 30.04 -16.36
CA ASN D 384 24.12 29.88 -17.51
C ASN D 384 24.88 29.42 -18.75
N PRO D 385 25.52 28.26 -18.72
CA PRO D 385 26.35 27.84 -19.85
C PRO D 385 25.51 27.32 -21.00
N SER D 386 26.18 27.11 -22.13
CA SER D 386 25.58 26.47 -23.29
C SER D 386 26.04 25.01 -23.29
N LEU D 387 25.15 24.13 -22.86
CA LEU D 387 25.50 22.72 -22.65
C LEU D 387 24.81 21.83 -23.67
N VAL D 388 25.39 20.66 -23.88
CA VAL D 388 24.83 19.66 -24.78
C VAL D 388 24.79 18.32 -24.03
N VAL D 389 23.84 17.49 -24.42
CA VAL D 389 23.70 16.15 -23.87
C VAL D 389 24.07 15.14 -24.96
N ILE D 390 24.89 14.17 -24.61
CA ILE D 390 25.41 13.20 -25.55
C ILE D 390 24.97 11.81 -25.13
N SER D 391 24.84 10.93 -26.12
CA SER D 391 24.40 9.56 -25.90
C SER D 391 25.25 8.61 -26.73
N LEU D 392 25.09 7.32 -26.47
CA LEU D 392 25.86 6.29 -27.14
C LEU D 392 25.07 5.71 -28.31
N THR D 393 25.76 5.48 -29.41
CA THR D 393 25.21 4.85 -30.61
C THR D 393 25.82 3.46 -30.74
N ARG D 394 25.14 2.59 -31.50
CA ARG D 394 25.64 1.25 -31.73
C ARG D 394 27.02 1.24 -32.38
N ASP D 395 27.40 2.33 -33.05
CA ASP D 395 28.75 2.49 -33.58
C ASP D 395 29.73 2.95 -32.51
N ARG D 396 29.32 2.99 -31.24
CA ARG D 396 30.18 3.38 -30.13
C ARG D 396 30.76 4.78 -30.34
N THR D 397 29.90 5.72 -30.72
CA THR D 397 30.28 7.11 -30.94
C THR D 397 29.29 8.03 -30.23
N TRP D 398 29.76 9.22 -29.89
CA TRP D 398 28.95 10.18 -29.14
C TRP D 398 28.25 11.12 -30.12
N GLU D 399 26.93 11.22 -30.01
CA GLU D 399 26.13 12.08 -30.87
C GLU D 399 25.33 13.05 -30.01
N VAL D 400 25.29 14.31 -30.44
CA VAL D 400 24.51 15.32 -29.73
C VAL D 400 23.02 15.00 -29.84
N VAL D 401 22.33 15.05 -28.70
CA VAL D 401 20.92 14.72 -28.63
C VAL D 401 20.07 15.94 -28.31
N GLY D 402 20.57 16.82 -27.44
CA GLY D 402 19.81 18.01 -27.07
C GLY D 402 20.73 19.09 -26.55
N SER D 403 20.26 20.33 -26.67
CA SER D 403 21.01 21.51 -26.30
C SER D 403 20.25 22.31 -25.24
N TRP D 404 20.97 22.73 -24.21
CA TRP D 404 20.41 23.55 -23.15
C TRP D 404 21.13 24.90 -23.16
N GLU D 405 20.34 25.97 -23.25
CA GLU D 405 20.88 27.32 -23.26
C GLU D 405 19.78 28.28 -22.82
N GLN D 406 20.20 29.34 -22.13
CA GLN D 406 19.28 30.36 -21.60
C GLN D 406 18.17 29.72 -20.76
N GLN D 407 18.55 28.71 -19.97
CA GLN D 407 17.63 27.95 -19.14
C GLN D 407 16.47 27.39 -19.95
N THR D 408 16.78 26.91 -21.16
CA THR D 408 15.77 26.31 -22.03
C THR D 408 16.39 25.12 -22.75
N LEU D 409 15.55 24.14 -23.07
CA LEU D 409 15.97 22.91 -23.72
C LEU D 409 15.42 22.82 -25.13
N ARG D 410 16.21 22.20 -26.01
CA ARG D 410 15.77 21.86 -27.37
C ARG D 410 16.39 20.52 -27.72
N LEU D 411 15.54 19.50 -27.90
CA LEU D 411 16.00 18.14 -28.15
C LEU D 411 15.59 17.71 -29.56
N LYS D 412 15.90 16.45 -29.88
CA LYS D 412 15.56 15.85 -31.16
C LYS D 412 14.59 14.70 -30.93
N TYR D 413 13.67 14.51 -31.88
CA TYR D 413 12.54 13.59 -31.78
C TYR D 413 11.96 13.62 -30.37
N PRO D 414 11.29 14.72 -30.01
CA PRO D 414 10.88 14.91 -28.62
C PRO D 414 9.95 13.83 -28.10
N LEU D 415 9.11 13.25 -28.95
CA LEU D 415 8.20 12.21 -28.49
C LEU D 415 9.00 11.00 -28.00
N TRP D 416 8.53 10.41 -26.90
CA TRP D 416 9.21 9.26 -26.32
C TRP D 416 8.17 8.38 -25.65
N SER D 417 8.55 7.12 -25.45
CA SER D 417 7.66 6.12 -24.87
C SER D 417 8.48 5.17 -24.02
N ARG D 418 7.91 4.75 -22.90
CA ARG D 418 8.56 3.83 -21.98
C ARG D 418 8.43 2.41 -22.52
N TYR D 419 9.51 1.91 -23.13
CA TYR D 419 9.46 0.58 -23.72
C TYR D 419 9.29 -0.50 -22.65
N GLY D 420 9.97 -0.34 -21.51
CA GLY D 420 9.77 -1.22 -20.38
C GLY D 420 10.34 -2.61 -20.52
N ARG D 421 10.98 -2.93 -21.64
CA ARG D 421 11.55 -4.25 -21.84
C ARG D 421 12.96 -4.16 -22.40
N THR D 429 4.40 -9.12 -20.90
CA THR D 429 5.13 -7.87 -20.75
C THR D 429 4.34 -6.88 -19.90
N GLN D 430 4.66 -5.60 -20.05
CA GLN D 430 3.96 -4.56 -19.30
C GLN D 430 3.64 -3.34 -20.16
N HIS D 431 3.66 -3.47 -21.48
CA HIS D 431 3.38 -2.36 -22.39
C HIS D 431 2.05 -2.63 -23.09
N LEU D 432 1.04 -1.82 -22.79
CA LEU D 432 -0.28 -1.95 -23.39
C LEU D 432 -0.65 -0.61 -24.01
N THR D 433 -0.98 -0.63 -25.30
CA THR D 433 -1.31 0.59 -26.04
C THR D 433 -2.83 0.77 -26.00
N VAL D 434 -3.30 1.53 -25.01
CA VAL D 434 -4.73 1.77 -24.88
C VAL D 434 -5.18 2.74 -25.95
N ALA D 435 -6.23 2.36 -26.69
CA ALA D 435 -6.82 3.21 -27.72
C ALA D 435 -8.26 3.51 -27.34
N THR D 436 -8.60 4.79 -27.26
CA THR D 436 -9.93 5.24 -26.87
C THR D 436 -10.47 6.18 -27.93
N LEU D 437 -11.74 6.55 -27.77
CA LEU D 437 -12.36 7.60 -28.56
C LEU D 437 -12.83 8.70 -27.63
N GLU D 438 -13.52 9.69 -28.19
CA GLU D 438 -14.02 10.82 -27.42
C GLU D 438 -15.52 10.67 -27.22
N GLU D 439 -15.94 10.58 -25.97
CA GLU D 439 -17.35 10.55 -25.60
C GLU D 439 -17.48 11.34 -24.30
N ARG D 440 -18.08 12.52 -24.38
CA ARG D 440 -18.03 13.49 -23.28
C ARG D 440 -18.45 12.93 -21.93
N PRO D 441 -19.53 12.17 -21.79
CA PRO D 441 -19.87 11.63 -20.46
C PRO D 441 -18.78 10.77 -19.85
N PHE D 442 -18.07 10.00 -20.65
CA PHE D 442 -17.12 9.02 -20.14
C PHE D 442 -15.68 9.49 -20.20
N VAL D 443 -15.19 9.86 -21.38
CA VAL D 443 -13.81 10.28 -21.58
C VAL D 443 -13.83 11.74 -22.02
N ILE D 444 -13.13 12.59 -21.26
CA ILE D 444 -13.03 14.01 -21.54
C ILE D 444 -11.58 14.32 -21.85
N VAL D 445 -11.34 14.92 -23.02
CA VAL D 445 -10.02 15.39 -23.41
C VAL D 445 -10.02 16.91 -23.30
N GLU D 446 -9.03 17.45 -22.61
CA GLU D 446 -8.90 18.88 -22.40
C GLU D 446 -7.50 19.33 -22.79
N PRO D 447 -7.34 20.60 -23.18
CA PRO D 447 -6.00 21.11 -23.46
C PRO D 447 -5.13 21.01 -22.22
N ALA D 448 -3.86 20.71 -22.43
CA ALA D 448 -2.92 20.62 -21.31
C ALA D 448 -2.81 21.98 -20.62
N ASP D 449 -2.59 21.93 -19.32
CA ASP D 449 -2.48 23.17 -18.55
C ASP D 449 -1.21 23.90 -18.94
N PRO D 450 -1.30 25.11 -19.50
CA PRO D 450 -0.09 25.76 -20.01
C PRO D 450 0.78 26.40 -18.95
N ILE D 451 0.21 26.72 -17.77
CA ILE D 451 1.02 27.32 -16.70
C ILE D 451 2.12 26.34 -16.27
N SER D 452 1.75 25.09 -16.04
CA SER D 452 2.72 24.04 -15.74
C SER D 452 3.18 23.29 -16.99
N GLY D 453 2.59 23.56 -18.14
CA GLY D 453 2.97 22.89 -19.37
C GLY D 453 2.80 21.38 -19.30
N THR D 454 1.75 20.92 -18.63
CA THR D 454 1.52 19.49 -18.44
C THR D 454 0.08 19.27 -18.02
N CYS D 455 -0.31 18.01 -17.92
CA CYS D 455 -1.66 17.67 -17.49
C CYS D 455 -1.81 17.87 -16.00
N ILE D 456 -2.99 18.33 -15.58
CA ILE D 456 -3.29 18.54 -14.16
C ILE D 456 -3.46 17.20 -13.48
N ARG D 457 -3.50 17.21 -12.15
CA ARG D 457 -3.72 15.99 -11.39
C ARG D 457 -5.11 15.41 -11.69
N ASP D 458 -5.30 14.15 -11.30
CA ASP D 458 -6.51 13.40 -11.58
C ASP D 458 -6.78 13.34 -13.09
N SER D 459 -5.73 13.12 -13.86
CA SER D 459 -5.84 12.99 -15.31
C SER D 459 -4.65 12.18 -15.81
N VAL D 460 -4.67 11.89 -17.10
CA VAL D 460 -3.61 11.10 -17.73
C VAL D 460 -3.21 11.76 -19.04
N PRO D 461 -1.92 11.84 -19.36
CA PRO D 461 -1.52 12.40 -20.67
C PRO D 461 -2.04 11.53 -21.81
N CYS D 462 -2.41 12.19 -22.90
CA CYS D 462 -2.93 11.51 -24.08
C CYS D 462 -2.34 12.16 -25.32
N ARG D 463 -1.71 11.34 -26.16
CA ARG D 463 -1.16 11.80 -27.43
C ARG D 463 -2.08 11.40 -28.56
N SER D 464 -2.38 12.35 -29.45
CA SER D 464 -3.29 12.09 -30.55
C SER D 464 -2.55 11.33 -31.65
N GLN D 465 -3.23 11.12 -32.77
CA GLN D 465 -2.63 10.42 -33.90
C GLN D 465 -3.33 10.77 -35.20
N PRO D 479 1.14 14.28 -32.01
CA PRO D 479 2.36 14.85 -31.42
C PRO D 479 2.09 15.61 -30.12
N GLU D 480 1.22 16.62 -30.18
CA GLU D 480 0.92 17.41 -28.99
C GLU D 480 0.15 16.56 -27.97
N LYS D 481 0.17 17.03 -26.73
CA LYS D 481 -0.37 16.27 -25.59
C LYS D 481 -1.61 16.97 -25.06
N ARG D 482 -2.64 16.18 -24.78
CA ARG D 482 -3.83 16.64 -24.09
C ARG D 482 -3.97 15.86 -22.79
N CYS D 483 -4.94 16.26 -21.97
CA CYS D 483 -5.22 15.60 -20.69
C CYS D 483 -6.55 14.88 -20.79
N CYS D 484 -6.54 13.56 -20.59
CA CYS D 484 -7.74 12.74 -20.63
C CYS D 484 -8.14 12.36 -19.22
N LYS D 485 -9.43 12.45 -18.92
CA LYS D 485 -9.92 12.16 -17.59
C LYS D 485 -11.40 11.80 -17.65
N GLY D 486 -11.88 11.23 -16.55
CA GLY D 486 -13.29 10.91 -16.47
C GLY D 486 -13.58 9.52 -15.92
N PHE D 487 -14.52 8.82 -16.57
CA PHE D 487 -14.91 7.49 -16.12
C PHE D 487 -13.92 6.44 -16.62
N CYS D 488 -13.77 6.33 -17.94
CA CYS D 488 -12.93 5.29 -18.51
C CYS D 488 -11.47 5.48 -18.11
N ILE D 489 -11.00 6.73 -18.06
CA ILE D 489 -9.62 6.97 -17.66
C ILE D 489 -9.39 6.51 -16.22
N ASP D 490 -10.32 6.84 -15.33
CA ASP D 490 -10.18 6.44 -13.93
C ASP D 490 -10.23 4.93 -13.77
N ILE D 491 -11.16 4.26 -14.46
CA ILE D 491 -11.23 2.82 -14.33
C ILE D 491 -9.98 2.17 -14.93
N LEU D 492 -9.45 2.73 -16.02
CA LEU D 492 -8.24 2.18 -16.61
C LEU D 492 -7.05 2.35 -15.68
N LYS D 493 -6.92 3.50 -15.03
CA LYS D 493 -5.79 3.67 -14.13
C LYS D 493 -5.93 2.80 -12.89
N ARG D 494 -7.16 2.60 -12.39
CA ARG D 494 -7.35 1.67 -11.28
C ARG D 494 -6.99 0.25 -11.70
N LEU D 495 -7.37 -0.15 -12.91
CA LEU D 495 -7.01 -1.47 -13.41
C LEU D 495 -5.50 -1.61 -13.54
N ALA D 496 -4.82 -0.57 -14.05
CA ALA D 496 -3.37 -0.61 -14.16
C ALA D 496 -2.71 -0.72 -12.80
N HIS D 497 -3.23 0.01 -11.81
CA HIS D 497 -2.69 -0.09 -10.46
C HIS D 497 -2.86 -1.50 -9.90
N THR D 498 -4.02 -2.11 -10.13
CA THR D 498 -4.29 -3.43 -9.59
C THR D 498 -3.66 -4.56 -10.39
N ILE D 499 -3.11 -4.27 -11.57
CA ILE D 499 -2.42 -5.27 -12.39
C ILE D 499 -0.96 -4.91 -12.60
N GLY D 500 -0.71 -3.71 -13.14
CA GLY D 500 0.65 -3.26 -13.36
C GLY D 500 1.10 -3.39 -14.79
N PHE D 501 1.08 -2.27 -15.52
CA PHE D 501 1.59 -2.23 -16.89
C PHE D 501 1.75 -0.77 -17.29
N SER D 502 2.48 -0.56 -18.38
CA SER D 502 2.67 0.77 -18.94
C SER D 502 1.61 1.02 -20.01
N TYR D 503 0.73 1.99 -19.77
CA TYR D 503 -0.38 2.29 -20.65
C TYR D 503 -0.18 3.65 -21.28
N ASP D 504 -0.43 3.72 -22.59
CA ASP D 504 -0.36 4.96 -23.34
C ASP D 504 -1.71 5.25 -23.98
N LEU D 505 -2.15 6.50 -23.88
CA LEU D 505 -3.47 6.89 -24.38
C LEU D 505 -3.37 7.29 -25.86
N TYR D 506 -3.18 6.28 -26.69
CA TYR D 506 -3.14 6.43 -28.14
C TYR D 506 -4.53 6.66 -28.68
N LEU D 507 -4.91 7.93 -28.88
CA LEU D 507 -6.22 8.26 -29.40
C LEU D 507 -6.33 7.83 -30.87
N VAL D 508 -7.53 7.95 -31.42
CA VAL D 508 -7.83 7.46 -32.76
C VAL D 508 -8.49 8.57 -33.56
N THR D 509 -8.30 8.53 -34.87
CA THR D 509 -8.89 9.48 -35.81
C THR D 509 -9.64 8.78 -36.94
N ASN D 510 -9.16 7.63 -37.40
CA ASN D 510 -9.75 6.93 -38.54
C ASN D 510 -10.99 6.17 -38.04
N GLY D 511 -12.11 6.86 -37.99
CA GLY D 511 -13.37 6.27 -37.57
C GLY D 511 -13.74 6.66 -36.16
N LYS D 512 -14.91 6.19 -35.74
CA LYS D 512 -15.44 6.47 -34.41
C LYS D 512 -15.53 5.22 -33.54
N HIS D 513 -16.26 4.20 -33.99
CA HIS D 513 -16.46 3.02 -33.16
C HIS D 513 -16.27 1.73 -33.95
N GLY D 514 -16.37 1.81 -35.27
CA GLY D 514 -16.16 0.64 -36.10
C GLY D 514 -17.26 0.36 -37.10
N LYS D 515 -16.86 0.02 -38.33
CA LYS D 515 -17.80 -0.34 -39.38
C LYS D 515 -17.10 -1.29 -40.34
N LYS D 516 -17.88 -2.23 -40.89
CA LYS D 516 -17.34 -3.16 -41.87
C LYS D 516 -17.30 -2.50 -43.25
N ILE D 517 -16.68 -1.33 -43.34
CA ILE D 517 -16.61 -0.62 -44.61
C ILE D 517 -15.65 -1.36 -45.54
N ASP D 518 -16.17 -1.75 -46.71
CA ASP D 518 -15.41 -2.53 -47.69
C ASP D 518 -14.84 -3.80 -47.04
N GLY D 519 -15.63 -4.39 -46.14
CA GLY D 519 -15.17 -5.56 -45.41
C GLY D 519 -13.98 -5.29 -44.51
N VAL D 520 -13.70 -4.04 -44.19
CA VAL D 520 -12.54 -3.66 -43.39
C VAL D 520 -13.02 -2.84 -42.20
N TRP D 521 -12.54 -3.19 -41.02
CA TRP D 521 -12.90 -2.49 -39.80
C TRP D 521 -12.16 -1.15 -39.71
N ASN D 522 -12.72 -0.24 -38.92
CA ASN D 522 -12.09 1.04 -38.63
C ASN D 522 -12.36 1.39 -37.17
N GLY D 523 -12.05 2.63 -36.79
CA GLY D 523 -12.27 3.05 -35.43
C GLY D 523 -11.38 2.32 -34.44
N MET D 524 -11.83 2.28 -33.19
CA MET D 524 -11.09 1.56 -32.16
C MET D 524 -11.07 0.07 -32.45
N ILE D 525 -12.17 -0.47 -32.96
CA ILE D 525 -12.21 -1.89 -33.33
C ILE D 525 -11.20 -2.16 -34.43
N GLY D 526 -11.13 -1.29 -35.42
CA GLY D 526 -10.12 -1.45 -36.46
C GLY D 526 -8.71 -1.37 -35.92
N GLU D 527 -8.46 -0.45 -34.98
CA GLU D 527 -7.14 -0.33 -34.38
C GLU D 527 -6.75 -1.59 -33.62
N VAL D 528 -7.69 -2.16 -32.87
CA VAL D 528 -7.39 -3.37 -32.09
C VAL D 528 -7.22 -4.57 -33.01
N PHE D 529 -8.04 -4.67 -34.05
CA PHE D 529 -8.04 -5.87 -34.89
C PHE D 529 -6.70 -6.06 -35.59
N TYR D 530 -6.12 -4.98 -36.10
CA TYR D 530 -4.86 -5.05 -36.83
C TYR D 530 -3.65 -4.87 -35.92
N GLN D 531 -3.78 -5.18 -34.63
CA GLN D 531 -2.69 -5.21 -33.67
C GLN D 531 -2.02 -3.86 -33.47
N ARG D 532 -2.54 -2.81 -34.08
CA ARG D 532 -1.97 -1.47 -33.88
C ARG D 532 -2.09 -1.04 -32.43
N ALA D 533 -3.23 -1.34 -31.81
CA ALA D 533 -3.49 -1.00 -30.42
C ALA D 533 -3.67 -2.29 -29.62
N ASP D 534 -2.98 -2.38 -28.48
CA ASP D 534 -3.02 -3.60 -27.69
C ASP D 534 -4.42 -3.88 -27.15
N MET D 535 -5.10 -2.86 -26.65
CA MET D 535 -6.45 -3.02 -26.13
C MET D 535 -7.17 -1.69 -26.18
N ALA D 536 -8.49 -1.74 -26.19
CA ALA D 536 -9.33 -0.56 -26.30
C ALA D 536 -10.23 -0.46 -25.08
N ILE D 537 -10.32 0.75 -24.52
CA ILE D 537 -11.21 1.05 -23.41
C ILE D 537 -11.98 2.31 -23.75
N GLY D 538 -13.02 2.57 -22.96
CA GLY D 538 -13.84 3.73 -23.19
C GLY D 538 -15.21 3.38 -23.73
N SER D 539 -15.86 4.33 -24.40
CA SER D 539 -17.20 4.11 -24.91
C SER D 539 -17.15 3.12 -26.08
N LEU D 540 -17.64 1.91 -25.84
CA LEU D 540 -17.69 0.89 -26.87
C LEU D 540 -18.73 -0.15 -26.48
N THR D 541 -19.74 -0.34 -27.32
CA THR D 541 -20.81 -1.29 -27.06
C THR D 541 -20.44 -2.65 -27.65
N ILE D 542 -21.05 -3.70 -27.11
CA ILE D 542 -20.77 -5.07 -27.52
C ILE D 542 -21.88 -5.55 -28.43
N ASN D 543 -21.51 -6.02 -29.63
CA ASN D 543 -22.44 -6.60 -30.58
C ASN D 543 -21.92 -7.96 -31.02
N GLU D 544 -22.76 -8.68 -31.77
CA GLU D 544 -22.41 -10.04 -32.18
C GLU D 544 -21.17 -10.05 -33.07
N GLU D 545 -21.18 -9.22 -34.12
CA GLU D 545 -20.04 -9.17 -35.02
C GLU D 545 -18.78 -8.71 -34.29
N ARG D 546 -18.90 -7.71 -33.43
CA ARG D 546 -17.76 -7.26 -32.66
C ARG D 546 -17.26 -8.35 -31.72
N SER D 547 -18.19 -9.06 -31.07
CA SER D 547 -17.79 -10.11 -30.13
C SER D 547 -17.06 -11.25 -30.84
N GLU D 548 -17.53 -11.63 -32.03
CA GLU D 548 -16.86 -12.72 -32.73
C GLU D 548 -15.55 -12.28 -33.36
N ILE D 549 -15.47 -11.04 -33.86
CA ILE D 549 -14.23 -10.56 -34.46
C ILE D 549 -13.16 -10.35 -33.40
N VAL D 550 -13.53 -9.72 -32.28
CA VAL D 550 -12.58 -9.38 -31.23
C VAL D 550 -13.17 -9.77 -29.89
N ASP D 551 -12.34 -10.32 -29.01
CA ASP D 551 -12.81 -10.73 -27.69
C ASP D 551 -13.21 -9.52 -26.85
N PHE D 552 -14.00 -9.80 -25.81
CA PHE D 552 -14.54 -8.75 -24.95
C PHE D 552 -14.44 -9.16 -23.50
N SER D 553 -14.21 -8.18 -22.63
CA SER D 553 -14.19 -8.42 -21.20
C SER D 553 -15.61 -8.44 -20.64
N VAL D 554 -15.71 -8.48 -19.32
CA VAL D 554 -17.02 -8.50 -18.67
C VAL D 554 -17.63 -7.11 -18.71
N PRO D 555 -18.87 -6.95 -19.15
CA PRO D 555 -19.51 -5.63 -19.13
C PRO D 555 -19.71 -5.14 -17.72
N PHE D 556 -19.60 -3.83 -17.54
CA PHE D 556 -19.77 -3.21 -16.22
C PHE D 556 -20.89 -2.18 -16.19
N VAL D 557 -21.04 -1.38 -17.23
CA VAL D 557 -22.09 -0.37 -17.30
C VAL D 557 -23.09 -0.81 -18.36
N GLU D 558 -24.23 -1.32 -17.92
CA GLU D 558 -25.22 -1.81 -18.88
C GLU D 558 -25.88 -0.66 -19.63
N THR D 559 -26.18 -0.92 -20.90
CA THR D 559 -26.73 0.09 -21.79
C THR D 559 -27.39 -0.61 -22.96
N GLY D 560 -28.00 0.19 -23.84
CA GLY D 560 -28.66 -0.33 -25.02
C GLY D 560 -29.18 0.75 -25.94
N ILE D 561 -30.39 0.57 -26.46
CA ILE D 561 -31.03 1.52 -27.35
C ILE D 561 -32.12 2.23 -26.58
N SER D 562 -32.09 3.56 -26.58
CA SER D 562 -33.01 4.36 -25.81
C SER D 562 -33.54 5.51 -26.64
N VAL D 563 -34.70 6.02 -26.21
CA VAL D 563 -35.45 7.05 -26.92
C VAL D 563 -35.49 8.28 -26.02
N MET D 564 -35.02 9.41 -26.55
CA MET D 564 -35.05 10.69 -25.87
C MET D 564 -36.02 11.61 -26.59
N VAL D 565 -36.90 12.26 -25.82
CA VAL D 565 -37.93 13.12 -26.40
C VAL D 565 -37.77 14.54 -25.88
N ALA D 566 -38.67 15.43 -26.30
CA ALA D 566 -38.59 16.84 -25.96
C ALA D 566 -39.10 17.06 -24.54
N ARG D 567 -39.33 18.34 -24.19
CA ARG D 567 -39.78 18.68 -22.85
C ARG D 567 -41.09 17.98 -22.53
N SER D 568 -41.20 17.50 -21.29
CA SER D 568 -42.41 16.82 -20.85
C SER D 568 -42.38 16.66 -19.33
N VAL D 661 -79.11 17.27 11.07
CA VAL D 661 -79.20 15.85 10.75
C VAL D 661 -78.64 15.59 9.36
N PHE D 662 -79.51 15.68 8.36
CA PHE D 662 -79.07 15.45 6.98
C PHE D 662 -78.07 16.52 6.53
N ALA D 663 -78.33 17.78 6.87
CA ALA D 663 -77.48 18.87 6.38
C ALA D 663 -76.11 18.86 7.06
N PHE D 664 -76.07 18.52 8.35
CA PHE D 664 -74.78 18.43 9.04
C PHE D 664 -73.91 17.34 8.44
N PHE D 665 -74.51 16.17 8.19
CA PHE D 665 -73.77 15.10 7.53
C PHE D 665 -73.35 15.52 6.12
N ALA D 666 -74.22 16.27 5.44
CA ALA D 666 -73.89 16.74 4.09
C ALA D 666 -72.67 17.66 4.09
N VAL D 667 -72.64 18.61 5.01
CA VAL D 667 -71.51 19.54 5.05
C VAL D 667 -70.24 18.82 5.51
N ILE D 668 -70.36 17.86 6.43
CA ILE D 668 -69.20 17.07 6.83
C ILE D 668 -68.66 16.28 5.64
N PHE D 669 -69.56 15.69 4.85
CA PHE D 669 -69.14 14.94 3.67
C PHE D 669 -68.49 15.85 2.64
N LEU D 670 -69.03 17.06 2.47
CA LEU D 670 -68.41 18.02 1.54
C LEU D 670 -67.01 18.40 1.99
N ALA D 671 -66.83 18.64 3.29
CA ALA D 671 -65.51 18.95 3.81
C ALA D 671 -64.55 17.78 3.59
N SER D 672 -65.01 16.56 3.87
CA SER D 672 -64.18 15.38 3.66
C SER D 672 -63.80 15.22 2.19
N TYR D 673 -64.76 15.45 1.29
CA TYR D 673 -64.47 15.35 -0.14
C TYR D 673 -63.45 16.40 -0.58
N THR D 674 -63.60 17.63 -0.10
CA THR D 674 -62.64 18.68 -0.45
C THR D 674 -61.24 18.30 0.00
N ALA D 675 -61.11 17.87 1.26
CA ALA D 675 -59.80 17.48 1.77
C ALA D 675 -59.24 16.28 1.00
N ASN D 676 -60.10 15.30 0.71
CA ASN D 676 -59.66 14.10 0.00
C ASN D 676 -59.15 14.43 -1.39
N LEU D 677 -59.88 15.27 -2.14
CA LEU D 677 -59.42 15.62 -3.48
C LEU D 677 -58.18 16.50 -3.44
N ALA D 678 -58.06 17.38 -2.42
CA ALA D 678 -56.84 18.16 -2.27
C ALA D 678 -55.63 17.26 -2.09
N ALA D 679 -55.72 16.30 -1.15
CA ALA D 679 -54.61 15.39 -0.94
C ALA D 679 -54.43 14.44 -2.13
N PHE D 680 -55.50 14.18 -2.86
CA PHE D 680 -55.42 13.35 -4.06
C PHE D 680 -54.55 14.00 -5.11
N MET D 681 -54.85 15.25 -5.46
CA MET D 681 -54.07 15.93 -6.48
C MET D 681 -52.70 16.39 -5.99
N ILE D 682 -52.55 16.66 -4.69
CA ILE D 682 -51.29 17.16 -4.18
C ILE D 682 -50.18 16.12 -4.37
N GLN D 683 -50.42 14.89 -3.94
CA GLN D 683 -49.45 13.80 -4.12
C GLN D 683 -49.81 13.01 -5.37
N GLU D 684 -49.88 13.71 -6.50
CA GLU D 684 -50.16 13.07 -7.77
C GLU D 684 -49.64 13.88 -8.94
N GLU D 685 -48.51 13.48 -9.50
CA GLU D 685 -47.91 14.16 -10.64
C GLU D 685 -46.93 13.19 -11.30
N TYR D 686 -47.17 12.87 -12.57
CA TYR D 686 -46.31 11.93 -13.28
C TYR D 686 -46.37 12.23 -14.77
N VAL D 687 -45.28 11.91 -15.46
CA VAL D 687 -45.13 12.19 -16.89
C VAL D 687 -44.76 10.91 -17.61
N ASP D 688 -45.47 10.62 -18.70
CA ASP D 688 -45.20 9.41 -19.48
C ASP D 688 -45.31 9.75 -20.96
N THR D 689 -44.70 8.89 -21.79
CA THR D 689 -44.69 9.10 -23.22
C THR D 689 -44.95 7.79 -23.96
N VAL D 690 -44.66 7.77 -25.26
CA VAL D 690 -44.88 6.57 -26.07
C VAL D 690 -44.06 5.40 -25.56
N SER D 691 -44.48 4.19 -25.92
CA SER D 691 -43.86 2.96 -25.43
C SER D 691 -42.53 2.64 -26.12
N GLY D 692 -42.19 3.32 -27.21
CA GLY D 692 -40.93 3.10 -27.87
C GLY D 692 -41.06 2.32 -29.18
N LEU D 693 -39.97 1.65 -29.52
CA LEU D 693 -39.89 0.93 -30.80
C LEU D 693 -40.92 -0.17 -30.92
N SER D 694 -41.43 -0.69 -29.80
CA SER D 694 -42.47 -1.70 -29.85
C SER D 694 -43.77 -1.16 -30.45
N ASP D 695 -43.98 0.15 -30.39
CA ASP D 695 -45.19 0.74 -30.93
C ASP D 695 -45.21 0.65 -32.45
N ARG D 696 -46.43 0.54 -33.00
CA ARG D 696 -46.58 0.54 -34.45
C ARG D 696 -46.21 1.89 -35.05
N LYS D 697 -46.33 2.97 -34.27
CA LYS D 697 -45.92 4.28 -34.77
C LYS D 697 -44.44 4.30 -35.12
N PHE D 698 -43.59 3.78 -34.24
CA PHE D 698 -42.17 3.67 -34.54
C PHE D 698 -41.92 2.64 -35.63
N GLN D 699 -42.70 1.54 -35.62
CA GLN D 699 -42.57 0.55 -36.68
C GLN D 699 -43.01 1.11 -38.03
N ARG D 700 -44.09 1.92 -38.03
CA ARG D 700 -44.67 2.47 -39.25
C ARG D 700 -44.67 3.98 -39.15
N PRO D 701 -43.58 4.65 -39.53
CA PRO D 701 -43.56 6.12 -39.50
C PRO D 701 -44.60 6.76 -40.42
N GLN D 702 -44.91 6.12 -41.54
CA GLN D 702 -45.86 6.69 -42.51
C GLN D 702 -47.25 6.67 -41.90
N GLU D 703 -47.71 7.84 -41.44
CA GLU D 703 -49.00 7.97 -40.79
C GLU D 703 -49.65 9.27 -41.26
N GLN D 704 -50.71 9.69 -40.56
CA GLN D 704 -51.36 10.96 -40.87
C GLN D 704 -50.42 12.13 -40.64
N TYR D 705 -49.64 12.09 -39.57
CA TYR D 705 -48.63 13.10 -39.27
C TYR D 705 -47.32 12.37 -39.01
N PRO D 706 -46.56 12.05 -40.06
CA PRO D 706 -45.36 11.25 -39.88
C PRO D 706 -44.37 11.95 -38.99
N PRO D 707 -43.59 11.20 -38.21
CA PRO D 707 -42.58 11.83 -37.34
C PRO D 707 -41.57 12.61 -38.15
N LEU D 708 -41.10 13.71 -37.56
CA LEU D 708 -40.17 14.59 -38.26
C LEU D 708 -38.90 13.87 -38.66
N LYS D 709 -38.28 13.16 -37.72
CA LYS D 709 -37.07 12.40 -37.97
C LYS D 709 -36.77 11.55 -36.75
N PHE D 710 -35.83 10.62 -36.92
CA PHE D 710 -35.32 9.79 -35.83
C PHE D 710 -33.81 9.97 -35.78
N GLY D 711 -33.31 10.45 -34.65
CA GLY D 711 -31.90 10.79 -34.52
C GLY D 711 -30.99 9.62 -34.23
N THR D 712 -30.71 8.81 -35.23
CA THR D 712 -29.80 7.68 -35.10
C THR D 712 -28.50 8.06 -35.82
N VAL D 713 -27.51 8.50 -35.05
CA VAL D 713 -26.22 8.85 -35.64
C VAL D 713 -25.54 7.58 -36.17
N PRO D 714 -25.12 7.56 -37.43
CA PRO D 714 -24.60 6.31 -38.00
C PRO D 714 -23.21 5.96 -37.49
N ASN D 715 -22.66 4.88 -38.03
CA ASN D 715 -21.36 4.36 -37.62
C ASN D 715 -21.33 4.04 -36.12
N GLY D 716 -22.31 3.25 -35.69
CA GLY D 716 -22.41 2.85 -34.30
C GLY D 716 -23.16 1.54 -34.17
N SER D 717 -23.26 1.07 -32.93
CA SER D 717 -24.01 -0.15 -32.65
C SER D 717 -25.51 0.05 -32.86
N THR D 718 -26.02 1.23 -32.53
CA THR D 718 -27.44 1.51 -32.74
C THR D 718 -27.82 1.41 -34.21
N GLU D 719 -26.98 1.97 -35.08
CA GLU D 719 -27.27 1.91 -36.51
C GLU D 719 -27.29 0.47 -37.00
N LYS D 720 -26.32 -0.34 -36.60
CA LYS D 720 -26.28 -1.74 -37.03
C LYS D 720 -27.50 -2.50 -36.53
N ASN D 721 -27.86 -2.31 -35.26
CA ASN D 721 -29.02 -2.99 -34.71
C ASN D 721 -30.29 -2.58 -35.44
N ILE D 722 -30.50 -1.29 -35.65
CA ILE D 722 -31.73 -0.83 -36.27
C ILE D 722 -31.79 -1.24 -37.74
N ARG D 723 -30.64 -1.33 -38.40
CA ARG D 723 -30.63 -1.79 -39.79
C ARG D 723 -30.92 -3.27 -39.87
N SER D 724 -30.39 -4.07 -38.95
CA SER D 724 -30.62 -5.51 -38.97
C SER D 724 -31.93 -5.91 -38.33
N ASN D 725 -32.68 -4.96 -37.76
CA ASN D 725 -33.98 -5.27 -37.16
C ASN D 725 -35.14 -4.79 -38.03
N TYR D 726 -35.17 -3.51 -38.38
CA TYR D 726 -36.23 -2.94 -39.19
C TYR D 726 -35.62 -2.18 -40.36
N PRO D 727 -35.37 -2.87 -41.48
CA PRO D 727 -34.73 -2.18 -42.62
C PRO D 727 -35.53 -0.98 -43.11
N ASP D 728 -36.86 -1.06 -43.08
CA ASP D 728 -37.68 0.08 -43.50
C ASP D 728 -37.45 1.28 -42.58
N MET D 729 -37.39 1.04 -41.27
CA MET D 729 -37.13 2.13 -40.34
C MET D 729 -35.75 2.72 -40.55
N HIS D 730 -34.75 1.87 -40.78
CA HIS D 730 -33.39 2.36 -41.02
C HIS D 730 -33.32 3.21 -42.28
N SER D 731 -34.01 2.77 -43.34
CA SER D 731 -34.05 3.57 -44.56
C SER D 731 -34.77 4.90 -44.34
N TYR D 732 -35.88 4.87 -43.60
CA TYR D 732 -36.64 6.09 -43.37
C TYR D 732 -35.88 7.09 -42.50
N MET D 733 -35.06 6.60 -41.58
CA MET D 733 -34.38 7.46 -40.63
C MET D 733 -33.11 8.09 -41.20
N VAL D 734 -33.00 8.19 -42.52
CA VAL D 734 -31.82 8.79 -43.14
C VAL D 734 -31.65 10.25 -42.76
N ARG D 735 -32.73 10.91 -42.34
CA ARG D 735 -32.66 12.30 -41.89
C ARG D 735 -32.11 12.36 -40.45
N TYR D 736 -30.89 11.87 -40.31
CA TYR D 736 -30.23 11.76 -39.01
C TYR D 736 -29.12 12.79 -38.87
N ASN D 737 -28.82 13.14 -37.62
CA ASN D 737 -27.79 14.12 -37.33
C ASN D 737 -26.42 13.50 -37.53
N GLN D 738 -25.64 14.08 -38.44
CA GLN D 738 -24.29 13.61 -38.76
C GLN D 738 -23.23 14.06 -37.74
N PRO D 739 -23.13 15.37 -37.42
CA PRO D 739 -21.92 15.85 -36.71
C PRO D 739 -21.66 15.20 -35.36
N ARG D 740 -22.60 15.31 -34.42
CA ARG D 740 -22.34 14.82 -33.07
C ARG D 740 -23.64 14.73 -32.31
N VAL D 741 -23.54 14.25 -31.07
CA VAL D 741 -24.71 14.11 -30.22
C VAL D 741 -25.22 15.48 -29.77
N GLU D 742 -24.30 16.41 -29.47
CA GLU D 742 -24.73 17.69 -28.90
C GLU D 742 -25.56 18.50 -29.89
N GLU D 743 -25.19 18.47 -31.17
CA GLU D 743 -25.97 19.18 -32.18
C GLU D 743 -27.39 18.64 -32.26
N ALA D 744 -27.53 17.32 -32.20
CA ALA D 744 -28.87 16.73 -32.23
C ALA D 744 -29.67 17.11 -30.99
N LEU D 745 -29.04 17.13 -29.83
CA LEU D 745 -29.74 17.54 -28.62
C LEU D 745 -30.22 19.00 -28.72
N THR D 746 -29.36 19.89 -29.22
CA THR D 746 -29.76 21.27 -29.39
C THR D 746 -30.92 21.39 -30.38
N GLN D 747 -30.84 20.64 -31.49
CA GLN D 747 -31.90 20.68 -32.49
C GLN D 747 -33.22 20.18 -31.92
N LEU D 748 -33.18 19.10 -31.14
CA LEU D 748 -34.38 18.58 -30.51
C LEU D 748 -34.94 19.56 -29.50
N LYS D 749 -34.07 20.22 -28.72
CA LYS D 749 -34.51 21.21 -27.77
C LYS D 749 -35.20 22.36 -28.49
N ALA D 750 -34.67 22.78 -29.64
CA ALA D 750 -35.33 23.80 -30.43
C ALA D 750 -36.66 23.29 -30.99
N GLY D 751 -36.64 22.12 -31.64
CA GLY D 751 -37.89 21.51 -32.07
C GLY D 751 -37.92 20.85 -33.44
N LYS D 752 -36.85 20.96 -34.22
CA LYS D 752 -36.84 20.30 -35.52
C LYS D 752 -36.92 18.79 -35.37
N LEU D 753 -36.17 18.22 -34.43
CA LEU D 753 -36.15 16.77 -34.27
C LEU D 753 -37.35 16.30 -33.45
N ASP D 754 -37.91 15.16 -33.84
CA ASP D 754 -39.07 14.59 -33.16
C ASP D 754 -38.64 13.70 -31.99
N ALA D 755 -37.81 12.69 -32.26
CA ALA D 755 -37.35 11.80 -31.22
C ALA D 755 -35.93 11.35 -31.55
N PHE D 756 -35.19 11.01 -30.50
CA PHE D 756 -33.78 10.64 -30.62
C PHE D 756 -33.62 9.17 -30.24
N ILE D 757 -32.91 8.42 -31.07
CA ILE D 757 -32.65 7.01 -30.86
C ILE D 757 -31.15 6.85 -30.72
N TYR D 758 -30.68 6.51 -29.52
CA TYR D 758 -29.23 6.48 -29.35
C TYR D 758 -28.87 5.56 -28.18
N ASP D 759 -27.58 5.54 -27.84
CA ASP D 759 -27.10 4.68 -26.78
C ASP D 759 -27.73 5.07 -25.44
N ALA D 760 -28.09 4.06 -24.66
CA ALA D 760 -28.87 4.29 -23.45
C ALA D 760 -28.08 5.08 -22.41
N ALA D 761 -26.81 4.72 -22.22
CA ALA D 761 -26.03 5.35 -21.14
C ALA D 761 -25.77 6.82 -21.43
N VAL D 762 -25.34 7.14 -22.65
CA VAL D 762 -25.03 8.53 -23.00
C VAL D 762 -26.29 9.38 -22.96
N LEU D 763 -27.40 8.86 -23.51
CA LEU D 763 -28.65 9.60 -23.50
C LEU D 763 -29.14 9.81 -22.07
N ASN D 764 -29.01 8.78 -21.22
CA ASN D 764 -29.45 8.91 -19.83
C ASN D 764 -28.62 9.95 -19.09
N TYR D 765 -27.30 9.95 -19.29
CA TYR D 765 -26.49 10.97 -18.65
C TYR D 765 -26.85 12.37 -19.15
N MET D 766 -27.07 12.50 -20.46
CA MET D 766 -27.45 13.80 -21.01
C MET D 766 -28.76 14.28 -20.42
N ALA D 767 -29.73 13.36 -20.26
CA ALA D 767 -31.00 13.74 -19.63
C ALA D 767 -30.79 14.15 -18.17
N ARG D 768 -30.00 13.38 -17.43
CA ARG D 768 -29.79 13.68 -16.01
C ARG D 768 -28.96 14.93 -15.79
N LYS D 769 -28.20 15.39 -16.78
CA LYS D 769 -27.37 16.58 -16.64
C LYS D 769 -28.01 17.82 -17.25
N ASP D 770 -28.57 17.69 -18.45
CA ASP D 770 -29.15 18.85 -19.12
C ASP D 770 -30.34 19.37 -18.33
N GLU D 771 -30.50 20.69 -18.35
CA GLU D 771 -31.58 21.35 -17.62
C GLU D 771 -32.87 21.25 -18.42
N GLY D 772 -33.89 22.01 -18.00
CA GLY D 772 -35.15 22.00 -18.70
C GLY D 772 -36.02 20.82 -18.35
N CYS D 773 -37.12 20.69 -19.10
CA CYS D 773 -38.10 19.64 -18.87
C CYS D 773 -37.91 18.45 -19.79
N LYS D 774 -36.80 18.38 -20.52
CA LYS D 774 -36.55 17.24 -21.38
C LYS D 774 -36.32 15.98 -20.55
N LEU D 775 -37.01 14.90 -20.90
CA LEU D 775 -36.90 13.65 -20.18
C LEU D 775 -36.79 12.49 -21.18
N VAL D 776 -36.07 11.45 -20.76
CA VAL D 776 -36.05 10.21 -21.52
C VAL D 776 -37.40 9.52 -21.42
N THR D 777 -37.72 8.73 -22.45
CA THR D 777 -38.99 8.02 -22.46
C THR D 777 -39.03 6.97 -21.35
N ILE D 778 -40.23 6.44 -21.12
CA ILE D 778 -40.42 5.41 -20.10
C ILE D 778 -39.63 4.14 -20.40
N GLY D 779 -39.04 4.04 -21.59
CA GLY D 779 -38.22 2.89 -21.93
C GLY D 779 -36.88 2.85 -21.22
N SER D 780 -36.70 3.68 -20.19
CA SER D 780 -35.50 3.60 -19.36
C SER D 780 -35.41 2.22 -18.73
N GLY D 781 -36.48 1.80 -18.05
CA GLY D 781 -36.54 0.44 -17.57
C GLY D 781 -36.66 -0.58 -18.68
N LYS D 782 -37.47 -0.27 -19.70
CA LYS D 782 -37.65 -1.14 -20.85
C LYS D 782 -36.70 -0.79 -21.98
N VAL D 783 -35.41 -0.73 -21.67
CA VAL D 783 -34.41 -0.41 -22.69
C VAL D 783 -34.29 -1.58 -23.67
N PHE D 784 -34.15 -1.26 -24.95
CA PHE D 784 -34.14 -2.27 -25.99
C PHE D 784 -32.74 -2.82 -26.20
N ALA D 785 -32.60 -4.13 -26.18
CA ALA D 785 -31.33 -4.82 -26.43
C ALA D 785 -30.24 -4.33 -25.48
N THR D 786 -30.46 -4.58 -24.19
CA THR D 786 -29.51 -4.14 -23.17
C THR D 786 -28.29 -5.05 -23.17
N THR D 787 -27.15 -4.51 -23.62
CA THR D 787 -25.94 -5.31 -23.79
C THR D 787 -24.83 -4.87 -22.84
N GLY D 788 -24.61 -3.57 -22.69
CA GLY D 788 -23.58 -3.10 -21.79
C GLY D 788 -22.27 -2.82 -22.50
N TYR D 789 -21.45 -1.98 -21.86
CA TYR D 789 -20.17 -1.58 -22.42
C TYR D 789 -19.15 -2.69 -22.19
N GLY D 790 -17.88 -2.39 -22.43
CA GLY D 790 -16.84 -3.37 -22.21
C GLY D 790 -15.48 -2.80 -22.58
N ILE D 791 -14.45 -3.55 -22.22
CA ILE D 791 -13.06 -3.19 -22.51
C ILE D 791 -12.54 -4.25 -23.47
N ALA D 792 -12.63 -3.96 -24.77
CA ALA D 792 -12.20 -4.92 -25.77
C ALA D 792 -10.68 -5.05 -25.78
N LEU D 793 -10.21 -6.29 -25.89
CA LEU D 793 -8.78 -6.58 -25.98
C LEU D 793 -8.55 -7.58 -27.10
N HIS D 794 -7.29 -7.70 -27.51
CA HIS D 794 -6.95 -8.44 -28.72
C HIS D 794 -7.44 -9.89 -28.63
N LYS D 795 -7.73 -10.45 -29.80
CA LYS D 795 -8.34 -11.78 -29.87
C LYS D 795 -7.45 -12.83 -29.22
N GLY D 796 -8.02 -13.59 -28.29
CA GLY D 796 -7.30 -14.65 -27.61
C GLY D 796 -6.11 -14.18 -26.80
N SER D 797 -6.05 -12.90 -26.48
CA SER D 797 -4.93 -12.38 -25.72
C SER D 797 -4.94 -12.92 -24.30
N ARG D 798 -3.74 -13.13 -23.74
CA ARG D 798 -3.60 -13.62 -22.38
C ARG D 798 -4.14 -12.62 -21.36
N TRP D 799 -4.34 -11.37 -21.75
CA TRP D 799 -4.87 -10.35 -20.86
C TRP D 799 -6.34 -10.56 -20.52
N LYS D 800 -7.03 -11.46 -21.22
CA LYS D 800 -8.43 -11.71 -20.93
C LYS D 800 -8.64 -12.17 -19.49
N ARG D 801 -7.92 -13.21 -19.08
CA ARG D 801 -8.16 -13.80 -17.77
C ARG D 801 -7.95 -12.82 -16.62
N PRO D 802 -6.86 -12.04 -16.57
CA PRO D 802 -6.71 -11.10 -15.44
C PRO D 802 -7.79 -10.02 -15.42
N ILE D 803 -7.97 -9.31 -16.53
CA ILE D 803 -8.93 -8.20 -16.57
C ILE D 803 -10.33 -8.72 -16.23
N ASP D 804 -10.72 -9.85 -16.82
CA ASP D 804 -12.01 -10.45 -16.51
C ASP D 804 -12.19 -10.58 -15.01
N LEU D 805 -11.14 -11.03 -14.32
CA LEU D 805 -11.17 -11.03 -12.86
C LEU D 805 -11.24 -9.60 -12.33
N ALA D 806 -10.24 -8.78 -12.65
CA ALA D 806 -10.00 -7.57 -11.90
C ALA D 806 -11.18 -6.61 -11.99
N LEU D 807 -11.62 -6.30 -13.21
CA LEU D 807 -12.79 -5.44 -13.38
C LEU D 807 -13.98 -6.01 -12.64
N LEU D 808 -14.17 -7.33 -12.73
CA LEU D 808 -15.26 -7.97 -12.00
C LEU D 808 -15.07 -7.79 -10.51
N GLN D 809 -13.83 -7.94 -10.03
CA GLN D 809 -13.57 -7.70 -8.61
C GLN D 809 -13.88 -6.26 -8.23
N PHE D 810 -13.76 -5.33 -9.18
CA PHE D 810 -14.19 -3.97 -8.93
C PHE D 810 -15.69 -3.90 -8.73
N LEU D 811 -16.44 -4.65 -9.52
CA LEU D 811 -17.90 -4.59 -9.49
C LEU D 811 -18.48 -5.15 -8.20
N GLY D 812 -17.89 -6.22 -7.67
CA GLY D 812 -18.42 -6.84 -6.46
C GLY D 812 -18.04 -6.09 -5.19
N ASP D 813 -17.79 -4.80 -5.33
CA ASP D 813 -17.39 -3.93 -4.22
C ASP D 813 -18.12 -2.60 -4.40
N ASP D 814 -17.68 -1.60 -3.66
CA ASP D 814 -18.22 -0.25 -3.79
C ASP D 814 -17.41 0.59 -4.79
N GLU D 815 -16.39 0.02 -5.41
CA GLU D 815 -15.51 0.80 -6.27
C GLU D 815 -16.26 1.39 -7.46
N ILE D 816 -16.78 0.52 -8.34
CA ILE D 816 -17.43 1.02 -9.54
C ILE D 816 -18.70 1.78 -9.19
N GLU D 817 -19.43 1.33 -8.17
CA GLU D 817 -20.67 2.01 -7.78
C GLU D 817 -20.37 3.45 -7.35
N MET D 818 -19.40 3.63 -6.44
CA MET D 818 -19.05 4.97 -5.99
C MET D 818 -18.47 5.81 -7.12
N LEU D 819 -17.66 5.20 -7.98
CA LEU D 819 -17.08 5.94 -9.10
C LEU D 819 -18.16 6.44 -10.05
N GLU D 820 -19.16 5.59 -10.33
CA GLU D 820 -20.29 6.01 -11.15
C GLU D 820 -21.08 7.12 -10.48
N ARG D 821 -21.30 6.99 -9.16
CA ARG D 821 -21.97 8.06 -8.43
C ARG D 821 -21.18 9.36 -8.51
N LEU D 822 -19.86 9.27 -8.62
CA LEU D 822 -19.02 10.46 -8.70
C LEU D 822 -19.11 11.12 -10.07
N TRP D 823 -18.80 10.36 -11.13
CA TRP D 823 -18.67 10.97 -12.45
C TRP D 823 -20.03 11.28 -13.06
N LEU D 824 -20.86 10.26 -13.26
CA LEU D 824 -22.14 10.44 -13.93
C LEU D 824 -23.24 10.69 -12.90
N SER D 825 -23.66 11.95 -12.81
CA SER D 825 -24.71 12.38 -11.89
C SER D 825 -25.31 13.68 -12.41
N GLY D 826 -26.05 14.39 -11.57
CA GLY D 826 -26.52 15.72 -11.96
C GLY D 826 -27.90 16.11 -11.48
N ILE D 827 -28.71 15.13 -11.10
CA ILE D 827 -30.05 15.28 -10.52
C ILE D 827 -31.03 15.39 -11.66
N CYS D 828 -31.97 16.34 -11.57
CA CYS D 828 -33.04 16.50 -12.55
C CYS D 828 -33.72 15.16 -12.83
N HIS D 829 -34.13 14.50 -11.73
CA HIS D 829 -34.63 13.13 -11.77
C HIS D 829 -35.69 12.93 -12.84
N ASN D 830 -35.46 11.97 -13.74
CA ASN D 830 -36.35 11.72 -14.87
C ASN D 830 -37.62 11.02 -14.37
N ASP D 831 -38.53 11.84 -13.84
CA ASP D 831 -39.80 11.34 -13.33
C ASP D 831 -40.73 10.93 -14.46
N MET D 836 -49.09 18.08 -14.00
CA MET D 836 -49.78 19.37 -13.94
C MET D 836 -50.70 19.56 -15.14
N SER D 837 -51.99 19.76 -14.86
CA SER D 837 -52.95 20.00 -15.91
C SER D 837 -54.18 20.66 -15.31
N SER D 838 -54.96 21.33 -16.18
CA SER D 838 -56.20 21.96 -15.77
C SER D 838 -57.37 21.67 -16.70
N LYS D 839 -57.13 21.21 -17.93
CA LYS D 839 -58.21 20.97 -18.87
C LYS D 839 -59.08 19.77 -18.48
N LEU D 840 -58.63 18.94 -17.55
CA LEU D 840 -59.47 17.84 -17.08
C LEU D 840 -60.70 18.36 -16.35
N ASP D 841 -60.58 19.51 -15.68
CA ASP D 841 -61.74 20.13 -15.05
C ASP D 841 -62.75 20.59 -16.09
N ILE D 842 -62.27 21.17 -17.19
CA ILE D 842 -63.16 21.57 -18.27
C ILE D 842 -63.82 20.34 -18.90
N ASP D 843 -63.05 19.25 -19.03
CA ASP D 843 -63.64 18.01 -19.53
C ASP D 843 -64.72 17.50 -18.59
N ASN D 844 -64.49 17.58 -17.29
CA ASN D 844 -65.49 17.14 -16.31
C ASN D 844 -66.75 18.00 -16.40
N MET D 845 -66.59 19.31 -16.51
CA MET D 845 -67.78 20.17 -16.57
C MET D 845 -68.54 19.95 -17.88
N ALA D 846 -67.82 19.72 -18.98
CA ALA D 846 -68.48 19.41 -20.24
C ALA D 846 -69.25 18.08 -20.15
N GLY D 847 -68.64 17.07 -19.51
CA GLY D 847 -69.33 15.81 -19.36
C GLY D 847 -70.55 15.89 -18.47
N VAL D 848 -70.46 16.66 -17.38
CA VAL D 848 -71.59 16.80 -16.47
C VAL D 848 -72.71 17.59 -17.13
N PHE D 849 -72.38 18.69 -17.81
CA PHE D 849 -73.40 19.49 -18.48
C PHE D 849 -73.99 18.78 -19.69
N TYR D 850 -73.30 17.77 -20.23
CA TYR D 850 -73.80 17.04 -21.39
C TYR D 850 -75.04 16.22 -21.03
C1 NAG E . 44.99 -50.36 -6.36
C2 NAG E . 44.31 -50.76 -5.05
C3 NAG E . 44.92 -52.03 -4.50
C4 NAG E . 44.89 -53.14 -5.54
C5 NAG E . 45.53 -52.66 -6.84
C6 NAG E . 45.41 -53.65 -7.97
C7 NAG E . 43.39 -48.85 -3.81
C8 NAG E . 43.66 -47.80 -2.77
N2 NAG E . 44.39 -49.69 -4.07
O3 NAG E . 44.21 -52.44 -3.33
O4 NAG E . 45.60 -54.28 -5.08
O5 NAG E . 44.91 -51.45 -7.29
O6 NAG E . 44.06 -54.03 -8.18
O7 NAG E . 42.31 -48.93 -4.38
C1 NAG E . 44.72 -55.34 -4.67
C2 NAG E . 45.55 -56.40 -3.95
C3 NAG E . 44.66 -57.52 -3.43
C4 NAG E . 43.54 -56.95 -2.58
C5 NAG E . 42.77 -55.88 -3.35
C6 NAG E . 41.72 -55.19 -2.52
C7 NAG E . 47.76 -56.35 -5.04
C8 NAG E . 48.69 -57.05 -5.99
N2 NAG E . 46.57 -56.93 -4.85
O3 NAG E . 45.44 -58.43 -2.67
O4 NAG E . 42.63 -57.98 -2.19
O5 NAG E . 43.69 -54.86 -3.79
O6 NAG E . 42.28 -54.29 -1.59
O7 NAG E . 48.07 -55.31 -4.46
C1 NAG F . -18.69 -23.33 -32.54
C2 NAG F . -18.53 -24.82 -32.79
C3 NAG F . -17.68 -25.05 -34.03
C4 NAG F . -18.27 -24.30 -35.22
C5 NAG F . -18.45 -22.83 -34.87
C6 NAG F . -19.15 -22.04 -35.96
C7 NAG F . -18.66 -26.01 -30.64
C8 NAG F . -17.88 -26.65 -29.53
N2 NAG F . -17.93 -25.47 -31.63
O3 NAG F . -17.65 -26.45 -34.32
O4 NAG F . -17.38 -24.40 -36.33
O5 NAG F . -19.27 -22.71 -33.69
O6 NAG F . -20.23 -22.78 -36.52
O7 NAG F . -19.88 -25.98 -30.65
C1 NAG F . -18.01 -25.21 -37.35
C2 NAG F . -17.35 -24.88 -38.70
C3 NAG F . -17.94 -25.76 -39.79
C4 NAG F . -17.85 -27.23 -39.41
C5 NAG F . -18.48 -27.46 -38.03
C6 NAG F . -18.31 -28.87 -37.53
C7 NAG F . -16.67 -22.52 -38.60
C8 NAG F . -16.98 -21.13 -39.05
N2 NAG F . -17.51 -23.48 -39.03
O3 NAG F . -17.25 -25.54 -41.01
O4 NAG F . -18.52 -28.03 -40.37
O5 NAG F . -17.87 -26.60 -37.07
O6 NAG F . -16.99 -29.10 -37.08
O7 NAG F . -15.71 -22.79 -37.89
C1 NAG G . -35.90 -32.60 -0.07
C2 NAG G . -36.32 -31.17 0.27
C3 NAG G . -35.20 -30.45 0.99
C4 NAG G . -34.72 -31.24 2.20
C5 NAG G . -34.40 -32.68 1.79
C6 NAG G . -34.08 -33.57 2.98
C7 NAG G . -37.98 -30.51 -1.43
C8 NAG G . -38.21 -29.70 -2.66
N2 NAG G . -36.73 -30.46 -0.93
O3 NAG G . -35.65 -29.15 1.39
O4 NAG G . -33.57 -30.62 2.74
O5 NAG G . -35.51 -33.27 1.12
O6 NAG G . -35.01 -33.38 4.04
O7 NAG G . -38.86 -31.18 -0.90
C1 NAG G . -33.75 -30.33 4.15
C2 NAG G . -32.36 -30.16 4.78
C3 NAG G . -32.51 -29.83 6.26
C4 NAG G . -33.41 -28.62 6.45
C5 NAG G . -34.74 -28.83 5.74
C6 NAG G . -35.64 -27.61 5.78
C7 NAG G . -30.67 -31.50 3.62
C8 NAG G . -29.92 -32.79 3.58
N2 NAG G . -31.56 -31.35 4.60
O3 NAG G . -31.22 -29.56 6.81
O4 NAG G . -33.65 -28.40 7.84
O5 NAG G . -34.52 -29.13 4.35
O6 NAG G . -34.88 -26.42 5.63
O7 NAG G . -30.48 -30.61 2.79
C1 NAG H . -17.79 6.95 41.61
C2 NAG H . -19.10 6.26 41.82
C3 NAG H . -19.54 6.48 43.27
C4 NAG H . -18.41 6.21 44.25
C5 NAG H . -17.01 6.58 43.76
C6 NAG H . -15.91 5.83 44.48
C7 NAG H . -20.63 5.94 39.94
C8 NAG H . -21.66 6.59 39.06
N2 NAG H . -20.10 6.72 40.89
O3 NAG H . -20.64 5.62 43.53
O4 NAG H . -18.59 7.03 45.40
O5 NAG H . -16.82 6.33 42.35
O6 NAG H . -16.40 4.62 45.05
O7 NAG H . -20.31 4.76 39.82
C1 NAG H . -19.73 6.73 46.23
C2 NAG H . -19.21 6.50 47.64
C3 NAG H . -20.37 6.29 48.61
C4 NAG H . -21.37 7.42 48.51
C5 NAG H . -21.81 7.59 47.06
C6 NAG H . -22.72 8.78 46.85
C7 NAG H . -17.21 5.34 48.49
C8 NAG H . -16.37 4.11 48.40
N2 NAG H . -18.29 5.38 47.69
O3 NAG H . -19.86 6.20 49.94
O4 NAG H . -22.51 7.16 49.32
O5 NAG H . -20.67 7.79 46.22
O6 NAG H . -21.99 9.99 46.76
O7 NAG H . -16.93 6.26 49.24
C1 NAG I . 2.81 29.55 33.43
C2 NAG I . 4.30 29.23 33.29
C3 NAG I . 4.93 29.05 34.66
C4 NAG I . 4.63 30.24 35.55
C5 NAG I . 3.13 30.49 35.61
C6 NAG I . 2.76 31.72 36.41
C7 NAG I . 4.74 28.08 31.17
C8 NAG I . 4.92 26.75 30.48
N2 NAG I . 4.49 28.04 32.48
O3 NAG I . 6.34 28.88 34.51
O4 NAG I . 5.14 30.02 36.86
O5 NAG I . 2.63 30.68 34.28
O6 NAG I . 3.37 32.88 35.88
O7 NAG I . 4.82 29.13 30.55
C1 NAG I . 6.21 30.95 37.09
C2 NAG I . 6.57 30.95 38.57
C3 NAG I . 7.73 31.90 38.83
C4 NAG I . 8.91 31.57 37.92
C5 NAG I . 8.47 31.53 36.46
C6 NAG I . 9.56 31.06 35.52
C7 NAG I . 4.50 30.42 39.77
C8 NAG I . 3.38 30.96 40.62
N2 NAG I . 5.42 31.31 39.39
O3 NAG I . 8.13 31.82 40.20
O4 NAG I . 9.92 32.56 38.08
O5 NAG I . 7.38 30.61 36.31
O6 NAG I . 9.78 29.67 35.64
O7 NAG I . 4.56 29.24 39.46
C1 NAG J . 67.39 6.99 3.34
C2 NAG J . 66.99 7.90 2.18
C3 NAG J . 68.22 8.57 1.57
C4 NAG J . 69.02 9.28 2.64
C5 NAG J . 69.37 8.32 3.77
C6 NAG J . 70.07 8.99 4.93
C7 NAG J . 64.91 7.15 1.11
C8 NAG J . 64.32 6.34 0.00
N2 NAG J . 66.25 7.17 1.17
O3 NAG J . 67.82 9.48 0.56
O4 NAG J . 70.23 9.81 2.08
O5 NAG J . 68.17 7.74 4.30
O6 NAG J . 69.29 10.04 5.47
O7 NAG J . 64.22 7.77 1.91
C1 NAG J . 70.15 11.25 2.06
C2 NAG J . 71.56 11.80 1.88
C3 NAG J . 71.52 13.33 1.80
C4 NAG J . 70.54 13.77 0.72
C5 NAG J . 69.18 13.14 0.95
C6 NAG J . 68.19 13.45 -0.15
C7 NAG J . 73.17 10.27 2.90
C8 NAG J . 74.02 9.98 4.10
N2 NAG J . 72.44 11.37 2.96
O3 NAG J . 72.82 13.82 1.50
O4 NAG J . 70.42 15.19 0.74
O5 NAG J . 69.31 11.71 1.00
O6 NAG J . 68.36 12.59 -1.26
O7 NAG J . 73.16 9.52 1.93
C1 NAG K . -19.80 7.56 -41.01
C2 NAG K . -19.99 9.07 -40.92
C3 NAG K . -19.98 9.67 -42.32
C4 NAG K . -18.73 9.25 -43.09
C5 NAG K . -18.60 7.74 -43.08
C6 NAG K . -17.32 7.24 -43.73
C7 NAG K . -21.24 10.16 -39.12
C8 NAG K . -19.92 10.66 -38.63
N2 NAG K . -21.21 9.41 -40.23
O3 NAG K . -20.05 11.09 -42.22
O4 NAG K . -18.80 9.72 -44.43
O5 NAG K . -18.60 7.25 -41.73
O6 NAG K . -16.28 8.21 -43.62
O7 NAG K . -22.30 10.43 -38.55
C1 NAG K . -17.93 10.86 -44.57
C2 NAG K . -17.42 10.93 -46.01
C3 NAG K . -16.54 12.15 -46.21
C4 NAG K . -17.29 13.41 -45.78
C5 NAG K . -17.82 13.26 -44.36
C6 NAG K . -18.68 14.41 -43.91
C7 NAG K . -17.22 8.74 -47.11
C8 NAG K . -16.33 7.56 -47.37
N2 NAG K . -16.69 9.72 -46.37
O3 NAG K . -16.18 12.25 -47.58
O4 NAG K . -16.42 14.54 -45.84
O5 NAG K . -18.63 12.07 -44.25
O6 NAG K . -19.89 14.46 -44.66
O7 NAG K . -18.37 8.81 -47.55
N GLY L . -27.80 -15.11 -6.90
CA GLY L . -28.04 -16.49 -7.28
C GLY L . -26.88 -17.10 -8.05
O GLY L . -27.00 -18.20 -8.60
OXT GLY L . -25.80 -16.54 -8.13
C1 NAG M . -13.33 -57.27 -14.69
C2 NAG M . -14.47 -57.84 -15.54
C3 NAG M . -15.72 -58.01 -14.71
C4 NAG M . -15.43 -58.84 -13.47
C5 NAG M . -14.24 -58.26 -12.70
C6 NAG M . -13.81 -59.14 -11.54
C7 NAG M . -14.19 -57.22 -17.91
C8 NAG M . -14.59 -56.25 -18.98
N2 NAG M . -14.73 -56.99 -16.70
O3 NAG M . -16.73 -58.63 -15.49
O4 NAG M . -16.57 -58.85 -12.61
O5 NAG M . -13.10 -58.13 -13.57
O6 NAG M . -13.15 -60.31 -12.00
O7 NAG M . -13.45 -58.16 -18.12
C1 NAG N . -27.16 -29.96 -36.87
C2 NAG N . -26.20 -30.49 -37.93
C3 NAG N . -26.63 -30.02 -39.31
C4 NAG N . -28.09 -30.38 -39.57
C5 NAG N . -28.97 -29.90 -38.42
C6 NAG N . -30.41 -30.36 -38.56
C7 NAG N . -24.00 -30.79 -36.88
C8 NAG N . -22.63 -30.22 -36.69
N2 NAG N . -24.83 -30.08 -37.64
O3 NAG N . -25.80 -30.61 -40.30
O4 NAG N . -28.53 -29.81 -40.79
O5 NAG N . -28.49 -30.39 -37.17
O6 NAG N . -30.49 -31.77 -38.60
O7 NAG N . -24.34 -31.84 -36.34
N GLU O . -16.91 11.51 29.13
CA GLU O . -16.71 11.85 30.53
C GLU O . -15.26 12.20 30.80
O GLU O . -14.92 12.75 31.85
CB GLU O . -17.15 10.69 31.43
CG GLU O . -18.65 10.53 31.54
CD GLU O . -19.37 11.86 31.66
OE1 GLU O . -20.21 12.17 30.80
OE2 GLU O . -19.09 12.60 32.63
OXT GLU O . -14.38 11.95 29.97
N GLY P . -10.10 29.75 7.90
CA GLY P . -9.33 30.93 8.26
C GLY P . -8.02 30.60 8.95
O GLY P . -7.35 31.47 9.49
OXT GLY P . -7.60 29.44 9.00
C1 NAG Q . -3.25 47.47 1.26
C2 NAG Q . -3.74 47.87 -0.14
C3 NAG Q . -4.20 46.63 -0.90
C4 NAG Q . -3.12 45.56 -0.91
C5 NAG Q . -2.67 45.26 0.52
C6 NAG Q . -1.50 44.30 0.59
C7 NAG Q . -4.57 50.17 -0.18
C8 NAG Q . -5.78 51.06 -0.08
N2 NAG Q . -4.79 48.86 -0.07
O3 NAG Q . -4.54 46.99 -2.24
O4 NAG Q . -3.61 44.37 -1.50
O5 NAG Q . -2.24 46.47 1.16
O6 NAG Q . -0.29 44.92 0.21
O7 NAG Q . -3.44 50.63 -0.32
C1 NAG R . 4.21 42.07 34.59
C2 NAG R . 4.10 42.66 35.99
C3 NAG R . 4.63 44.09 36.02
C4 NAG R . 6.04 44.14 35.44
C5 NAG R . 6.06 43.49 34.06
C6 NAG R . 7.46 43.41 33.47
C7 NAG R . 2.20 41.56 37.09
C8 NAG R . 0.77 41.68 37.51
N2 NAG R . 2.72 42.62 36.47
O3 NAG R . 4.64 44.58 37.35
O4 NAG R . 6.47 45.49 35.33
O5 NAG R . 5.57 42.15 34.14
O6 NAG R . 8.28 42.54 34.23
O7 NAG R . 2.85 40.53 37.30
C1 NAG S . 30.33 50.66 16.37
C2 NAG S . 29.61 50.86 17.71
C3 NAG S . 28.68 52.07 17.63
C4 NAG S . 29.46 53.29 17.16
C5 NAG S . 30.21 52.99 15.86
C6 NAG S . 31.10 54.13 15.43
C7 NAG S . 29.38 48.69 18.83
C8 NAG S . 28.47 47.53 19.12
N2 NAG S . 28.86 49.67 18.08
O3 NAG S . 28.11 52.31 18.91
O4 NAG S . 28.56 54.37 16.94
O5 NAG S . 31.05 51.84 16.03
O6 NAG S . 32.19 54.31 16.32
O7 NAG S . 30.53 48.73 19.26
N GLU T . -21.65 3.32 -28.13
CA GLU T . -21.71 2.98 -29.54
C GLU T . -20.84 1.77 -29.86
O GLU T . -20.95 1.16 -30.93
CB GLU T . -21.28 4.17 -30.41
CG GLU T . -22.32 5.27 -30.49
CD GLU T . -23.72 4.73 -30.66
OE1 GLU T . -24.57 5.00 -29.78
OE2 GLU T . -23.98 4.02 -31.66
OXT GLU T . -20.02 1.36 -29.04
#